data_8FR7
#
_entry.id   8FR7
#
loop_
_entity.id
_entity.type
_entity.pdbx_description
1 polymer 'Spike glycoprotein'
2 branched alpha-D-mannopyranose-(1-3)-[alpha-D-mannopyranose-(1-6)]alpha-D-mannopyranose-(1-3)-[alpha-D-mannopyranose-(1-6)]beta-D-mannopyranose-(1-4)-2-acetamido-2-deoxy-beta-D-glucopyranose-(1-4)-2-acetamido-2-deoxy-beta-D-glucopyranose
3 branched alpha-D-mannopyranose-(1-3)-[alpha-D-mannopyranose-(1-6)]alpha-D-mannopyranose-(1-6)-[alpha-D-mannopyranose-(1-3)]beta-D-mannopyranose-(1-4)-2-acetamido-2-deoxy-beta-D-glucopyranose-(1-4)-2-acetamido-2-deoxy-beta-D-glucopyranose
4 branched alpha-D-mannopyranose-(1-2)-alpha-D-mannopyranose-(1-2)-[alpha-D-mannopyranose-(1-3)]alpha-D-mannopyranose-(1-3)-[alpha-D-mannopyranose-(1-2)-alpha-D-mannopyranose-(1-6)]beta-D-mannopyranose-(1-4)-2-acetamido-2-deoxy-beta-D-glucopyranose-(1-4)-2-acetamido-2-deoxy-beta-D-glucopyranose
5 branched beta-D-galactopyranose-(1-4)-2-acetamido-2-deoxy-beta-D-glucopyranose-(1-2)-alpha-D-mannopyranose-(1-3)-[beta-D-galactopyranose-(1-4)-2-acetamido-2-deoxy-beta-D-glucopyranose-(1-2)-alpha-D-mannopyranose-(1-6)]beta-D-mannopyranose-(1-4)-2-acetamido-2-deoxy-beta-D-glucopyranose-(1-4)-2-acetamido-2-deoxy-beta-D-glucopyranose
6 branched alpha-D-mannopyranose-(1-2)-alpha-D-mannopyranose-(1-2)-alpha-D-mannopyranose-(1-3)-[alpha-D-mannopyranose-(1-3)-alpha-D-mannopyranose-(1-6)]beta-D-mannopyranose-(1-4)-2-acetamido-2-deoxy-beta-D-glucopyranose-(1-4)-2-acetamido-2-deoxy-beta-D-glucopyranose
7 branched beta-D-galactopyranose-(1-4)-2-acetamido-2-deoxy-beta-D-glucopyranose-(1-4)-beta-D-galactopyranose-(1-4)-2-acetamido-2-deoxy-beta-D-glucopyranose-(1-3)-alpha-D-mannopyranose-(1-6)-[alpha-L-fucopyranose-(1-6)-beta-D-galactopyranose-(1-4)-2-acetamido-2-deoxy-beta-D-glucopyranose-(1-3)-alpha-D-mannopyranose-(1-3)]beta-D-mannopyranose-(1-4)-2-acetamido-2-deoxy-beta-D-glucopyranose-(1-4)-2-acetamido-2-deoxy-beta-D-glucopyranose
8 branched alpha-D-mannopyranose-(1-3)-[alpha-D-mannopyranose-(1-6)]beta-D-mannopyranose-(1-4)-2-acetamido-2-deoxy-beta-D-glucopyranose-(1-4)-2-acetamido-2-deoxy-beta-D-glucopyranose
9 branched 2-acetamido-2-deoxy-beta-D-glucopyranose-(1-4)-2-acetamido-2-deoxy-beta-D-glucopyranose
10 branched alpha-D-mannopyranose-(1-4)-[alpha-D-mannopyranose-(1-6)]alpha-D-mannopyranose-(1-6)-[alpha-D-mannopyranose-(1-4)]beta-D-mannopyranose-(1-4)-2-acetamido-2-deoxy-beta-D-glucopyranose-(1-4)-2-acetamido-2-deoxy-beta-D-glucopyranose
#
_entity_poly.entity_id   1
_entity_poly.type   'polypeptide(L)'
_entity_poly.pdbx_seq_one_letter_code
;MKLFLILLVLPLASCFFTCNSNANLSMLQLGVPDNSSTIVTGLLPTHWFCANQSTSVYSANGFFYIDVGNHRSAFALHTG
YYDANQYYIYVTNEIGLNASVTLKICKFSRNTTFDFLSNASSSFDCIVNLLFTEQLGAPLGITISGETVRLHLYNVTRTF
YVPAAYKLTKLSVKCYFNYSCVFSVVNATVTVNVTTHNGRVVNYTVCDDCNGYTDNIFSVQQDGRIPNGFPFNNWFLLTN
GSTLVDGVSRLYQPLRLTCLWPVPGLKSSTGFVYFNATGSDVNCNGYQHNSVVDVMRYNLNFSANSLDNLKSGVIVFKTL
QYDVLFYCSNSSSGVLDTTIPFGPSSQPYYCFINSTINTTHVSTFVGILPPTVREIVVARTGQFYINGFKYFDLGFIEAV
NFNVTTASATDFWTVAFATFVDVLVNVSATNIQNLLYCDSPFEKLQCEHLQFGLQDGFYSANFLDDNVLPETYVALPIYY
QHTDINFTATASFGGSCYVCKPHQVNISLNGNTSVCVRTSHFSIRYIYNRVKSGSPGDSSWHIYLKSGTCPFSFSKLNNF
QKFKTICFSTVEVPGSCNFPLEATWHYTSYTIVGALYVTWSEGNSITGVPYPVSGIREFSNLVLNNCTKYNIYDYVGTGI
IRSSNQSLAGGITYVSNSGNLLGFKNVSTGNIFIVTPCNQPDQVAVYQQSIIGAMTAVNESRYGLQNLLQLPNFYYVSNG
GNNCTTAVMTYSNFGICADGSLIPVRPRNSSDNGISAIITANLSIPSNWTTSVQVEYLQITSTPIVVDCATYVCNGNPRC
KNLLKQYTSACKTIEDALRLSAHLETNDVSSMLTFDSNAFSLANVTSFGDYNLSSVLPQRNIRSSRIAGRSALEDLLFSK
VVTSGLGTVDVDYKSCTKGLSIADLACAQYYNGIMVLPGVADAERMAMYTGSLIGGMVLGGLTSAAAIPFSLALQARLNY
VALQTDVLQENQKILAASFNKAINNIVASFSSVNDAITQTAEAIHTVTIALNKIQDVVNQQGSALNHLTSQLRHNFQAIS
NSIQAIYDRLDSIQADQQVDRLITGRLAALNAFVSQVLNKYTEVRGSRRLAQQKINECVKSQSNRYGFCGNGTHIFSIVN
SAPDGLLFLHTVLLPTDYKNVKAWSGICVDGIYGYVLRQPNLVLYSDNGVFRVTSRVMFQPRLPVLSDFVQIYNCNVTFV
NISRVELHTVIPDYVDVNKTLQEFAQNLPKYVKPNFDLTPFNLTYLNLSSELKQLEAKTASLFQTTVELQGLIDQINSTY
VDLKLLNRFENYIKWPWWVWLIISVVFVVLLSLLVFCCLSTGCCGCCNCLTSSMRGCCDCGSTKLPYYEFEKVHVQ
;
_entity_poly.pdbx_strand_id   A,C,B
#
# COMPACT_ATOMS: atom_id res chain seq x y z
N ALA A 23 -54.24 -31.96 -19.51
CA ALA A 23 -54.30 -31.20 -20.75
C ALA A 23 -54.10 -32.10 -21.97
N ASN A 24 -54.84 -31.81 -23.04
CA ASN A 24 -54.81 -32.62 -24.25
C ASN A 24 -53.91 -31.93 -25.26
N LEU A 25 -52.64 -31.80 -24.89
CA LEU A 25 -51.76 -30.82 -25.51
C LEU A 25 -50.68 -31.45 -26.39
N SER A 26 -49.79 -30.62 -26.92
CA SER A 26 -48.85 -31.03 -27.95
C SER A 26 -47.89 -32.08 -27.43
N MET A 27 -47.30 -32.83 -28.38
CA MET A 27 -46.36 -33.88 -28.02
C MET A 27 -45.12 -33.30 -27.34
N LEU A 28 -44.58 -32.21 -27.87
CA LEU A 28 -43.33 -31.66 -27.35
C LEU A 28 -43.50 -31.16 -25.93
N GLN A 29 -44.71 -30.72 -25.57
CA GLN A 29 -44.99 -30.33 -24.20
C GLN A 29 -45.05 -31.53 -23.25
N LEU A 30 -45.09 -32.75 -23.79
CA LEU A 30 -45.08 -33.97 -22.99
C LEU A 30 -43.88 -34.86 -23.24
N GLY A 31 -43.31 -34.84 -24.44
CA GLY A 31 -42.14 -35.63 -24.74
C GLY A 31 -42.45 -37.05 -25.15
N VAL A 32 -43.28 -37.20 -26.19
CA VAL A 32 -43.69 -38.51 -26.67
C VAL A 32 -43.46 -38.57 -28.17
N PRO A 33 -42.92 -39.66 -28.71
CA PRO A 33 -42.73 -39.77 -30.16
C PRO A 33 -44.06 -40.10 -30.86
N ASP A 34 -43.99 -40.16 -32.18
CA ASP A 34 -45.18 -40.40 -32.99
C ASP A 34 -45.47 -41.89 -33.10
N ASN A 35 -46.77 -42.22 -33.15
CA ASN A 35 -47.24 -43.60 -33.28
C ASN A 35 -46.66 -44.51 -32.20
N SER A 36 -47.02 -44.20 -30.95
CA SER A 36 -46.52 -44.95 -29.81
C SER A 36 -47.47 -44.77 -28.64
N SER A 37 -47.11 -45.37 -27.51
CA SER A 37 -47.90 -45.27 -26.28
C SER A 37 -46.94 -45.45 -25.11
N THR A 38 -46.61 -44.36 -24.45
CA THR A 38 -45.60 -44.35 -23.40
C THR A 38 -46.25 -44.22 -22.03
N ILE A 39 -45.41 -44.14 -21.00
CA ILE A 39 -45.85 -43.99 -19.62
C ILE A 39 -45.13 -42.75 -19.09
N VAL A 40 -45.78 -41.60 -19.18
CA VAL A 40 -45.20 -40.32 -18.77
C VAL A 40 -45.49 -40.09 -17.30
N THR A 41 -44.47 -39.66 -16.55
CA THR A 41 -44.62 -39.33 -15.13
C THR A 41 -44.01 -37.97 -14.85
N GLY A 42 -44.56 -37.30 -13.86
CA GLY A 42 -44.11 -35.98 -13.45
C GLY A 42 -45.28 -35.12 -13.06
N LEU A 43 -45.07 -33.80 -13.10
CA LEU A 43 -46.11 -32.83 -12.79
C LEU A 43 -46.97 -32.61 -14.03
N LEU A 44 -48.19 -33.12 -14.00
CA LEU A 44 -49.08 -33.04 -15.15
C LEU A 44 -50.46 -32.58 -14.70
N PRO A 45 -51.20 -31.90 -15.59
CA PRO A 45 -52.53 -31.40 -15.22
C PRO A 45 -53.61 -32.44 -15.46
N THR A 46 -54.58 -32.49 -14.54
CA THR A 46 -55.64 -33.49 -14.58
C THR A 46 -57.02 -32.89 -14.76
N HIS A 47 -57.43 -31.93 -13.91
CA HIS A 47 -58.80 -31.48 -13.84
C HIS A 47 -58.89 -29.98 -14.16
N TRP A 48 -59.84 -29.61 -15.00
CA TRP A 48 -60.10 -28.22 -15.32
C TRP A 48 -61.10 -27.62 -14.33
N PHE A 49 -61.18 -26.29 -14.33
CA PHE A 49 -62.11 -25.55 -13.49
C PHE A 49 -62.99 -24.63 -14.34
N CYS A 50 -64.17 -24.33 -13.81
CA CYS A 50 -65.09 -23.35 -14.40
C CYS A 50 -65.69 -22.57 -13.24
N ALA A 51 -65.04 -21.46 -12.88
CA ALA A 51 -65.41 -20.68 -11.71
C ALA A 51 -65.56 -19.21 -12.08
N ASN A 52 -66.34 -18.50 -11.26
CA ASN A 52 -66.58 -17.07 -11.48
C ASN A 52 -66.53 -16.26 -10.19
N GLN A 53 -66.03 -16.81 -9.09
CA GLN A 53 -66.00 -16.11 -7.81
C GLN A 53 -64.98 -14.98 -7.79
N SER A 54 -64.10 -14.89 -8.79
CA SER A 54 -63.19 -13.76 -8.99
C SER A 54 -62.08 -13.69 -7.95
N THR A 55 -62.10 -14.57 -6.94
CA THR A 55 -61.08 -14.54 -5.91
C THR A 55 -61.11 -15.87 -5.15
N SER A 56 -59.97 -16.55 -5.14
CA SER A 56 -59.80 -17.76 -4.33
C SER A 56 -58.32 -18.08 -4.24
N VAL A 57 -57.81 -18.22 -3.02
CA VAL A 57 -56.40 -18.51 -2.80
C VAL A 57 -56.24 -20.03 -2.74
N TYR A 58 -55.44 -20.57 -3.66
CA TYR A 58 -55.22 -22.01 -3.74
C TYR A 58 -53.86 -22.37 -3.18
N SER A 59 -53.59 -23.67 -3.12
CA SER A 59 -52.26 -24.21 -2.83
C SER A 59 -51.90 -25.17 -3.94
N ALA A 60 -50.79 -24.93 -4.62
CA ALA A 60 -50.44 -25.70 -5.81
C ALA A 60 -48.96 -25.51 -6.11
N ASN A 61 -48.54 -26.08 -7.25
CA ASN A 61 -47.17 -25.92 -7.72
C ASN A 61 -47.13 -25.54 -9.20
N GLY A 62 -48.26 -25.28 -9.83
CA GLY A 62 -48.28 -24.92 -11.23
C GLY A 62 -49.69 -24.70 -11.71
N PHE A 63 -49.81 -24.30 -12.97
CA PHE A 63 -51.11 -24.04 -13.55
C PHE A 63 -51.02 -24.09 -15.07
N PHE A 64 -52.11 -24.52 -15.70
CA PHE A 64 -52.28 -24.47 -17.14
C PHE A 64 -53.57 -23.71 -17.45
N TYR A 65 -53.60 -23.02 -18.58
CA TYR A 65 -54.82 -22.29 -18.94
C TYR A 65 -54.87 -22.09 -20.44
N ILE A 66 -56.08 -21.81 -20.93
CA ILE A 66 -56.35 -21.51 -22.33
C ILE A 66 -57.17 -20.23 -22.39
N ASP A 67 -56.74 -19.29 -23.23
CA ASP A 67 -57.44 -18.01 -23.38
C ASP A 67 -57.68 -17.74 -24.86
N VAL A 68 -58.94 -17.45 -25.20
CA VAL A 68 -59.30 -17.04 -26.55
C VAL A 68 -60.23 -15.84 -26.47
N GLY A 69 -60.73 -15.56 -25.27
CA GLY A 69 -61.70 -14.49 -25.11
C GLY A 69 -61.06 -13.11 -25.11
N ASN A 70 -61.92 -12.10 -25.21
CA ASN A 70 -61.50 -10.70 -25.23
C ASN A 70 -61.63 -10.12 -23.82
N HIS A 71 -60.77 -10.60 -22.93
CA HIS A 71 -60.73 -10.10 -21.57
C HIS A 71 -59.32 -10.31 -21.02
N ARG A 72 -59.02 -9.57 -19.96
CA ARG A 72 -57.69 -9.57 -19.37
C ARG A 72 -57.63 -10.62 -18.26
N SER A 73 -56.67 -11.53 -18.36
CA SER A 73 -56.50 -12.62 -17.41
C SER A 73 -55.11 -12.55 -16.82
N ALA A 74 -55.02 -12.72 -15.49
CA ALA A 74 -53.75 -12.63 -14.79
C ALA A 74 -53.63 -13.77 -13.79
N PHE A 75 -52.42 -14.29 -13.64
CA PHE A 75 -52.10 -15.31 -12.66
C PHE A 75 -50.84 -14.91 -11.92
N ALA A 76 -50.68 -15.41 -10.70
CA ALA A 76 -49.54 -15.02 -9.89
C ALA A 76 -49.32 -16.03 -8.77
N LEU A 77 -48.05 -16.29 -8.47
CA LEU A 77 -47.65 -17.19 -7.40
C LEU A 77 -46.98 -16.39 -6.29
N HIS A 78 -47.35 -16.69 -5.05
CA HIS A 78 -46.81 -15.94 -3.91
C HIS A 78 -46.87 -16.80 -2.66
N THR A 79 -46.09 -16.40 -1.66
CA THR A 79 -46.13 -17.06 -0.36
C THR A 79 -47.21 -16.41 0.50
N GLY A 80 -47.26 -16.77 1.77
CA GLY A 80 -48.29 -16.29 2.67
C GLY A 80 -48.04 -14.98 3.37
N TYR A 81 -46.86 -14.38 3.21
CA TYR A 81 -46.54 -13.14 3.90
C TYR A 81 -45.52 -12.35 3.11
N TYR A 82 -45.48 -11.05 3.33
CA TYR A 82 -44.57 -10.17 2.61
C TYR A 82 -43.13 -10.44 3.01
N ASP A 83 -42.23 -10.32 2.02
CA ASP A 83 -40.81 -10.39 2.25
C ASP A 83 -40.11 -9.54 1.20
N ALA A 84 -39.06 -8.85 1.62
CA ALA A 84 -38.32 -7.93 0.75
C ALA A 84 -37.16 -8.61 0.06
N ASN A 85 -36.94 -9.90 0.30
CA ASN A 85 -35.85 -10.65 -0.31
C ASN A 85 -36.38 -11.92 -0.95
N GLN A 86 -37.51 -11.83 -1.65
CA GLN A 86 -38.17 -12.98 -2.24
C GLN A 86 -38.55 -12.66 -3.67
N TYR A 87 -38.50 -13.68 -4.53
CA TYR A 87 -38.87 -13.55 -5.93
C TYR A 87 -40.31 -13.99 -6.13
N TYR A 88 -41.09 -13.15 -6.82
CA TYR A 88 -42.52 -13.40 -7.01
C TYR A 88 -42.80 -13.52 -8.50
N ILE A 89 -43.26 -14.69 -8.92
CA ILE A 89 -43.65 -14.91 -10.31
C ILE A 89 -44.95 -14.19 -10.59
N TYR A 90 -45.12 -13.70 -11.82
CA TYR A 90 -46.30 -12.91 -12.18
C TYR A 90 -46.48 -12.97 -13.69
N VAL A 91 -47.64 -13.44 -14.13
CA VAL A 91 -47.96 -13.60 -15.55
C VAL A 91 -49.23 -12.82 -15.85
N THR A 92 -49.22 -12.11 -16.98
CA THR A 92 -50.39 -11.32 -17.40
C THR A 92 -50.58 -11.45 -18.89
N ASN A 93 -51.74 -11.94 -19.31
CA ASN A 93 -52.10 -11.96 -20.71
C ASN A 93 -52.78 -10.64 -21.09
N GLU A 94 -52.64 -10.27 -22.36
CA GLU A 94 -53.23 -9.04 -22.87
C GLU A 94 -54.02 -9.33 -24.13
N ILE A 95 -55.07 -8.56 -24.35
CA ILE A 95 -55.96 -8.79 -25.50
C ILE A 95 -55.30 -8.26 -26.77
N GLY A 96 -55.29 -9.09 -27.80
CA GLY A 96 -54.79 -8.68 -29.12
C GLY A 96 -55.29 -9.63 -30.18
N LEU A 97 -54.45 -9.89 -31.17
CA LEU A 97 -54.75 -10.91 -32.17
C LEU A 97 -54.03 -12.22 -31.90
N ASN A 98 -52.82 -12.17 -31.36
CA ASN A 98 -52.10 -13.33 -30.86
C ASN A 98 -52.13 -13.31 -29.33
N ALA A 99 -51.40 -14.25 -28.72
CA ALA A 99 -51.31 -14.34 -27.27
C ALA A 99 -50.16 -13.46 -26.80
N SER A 100 -50.49 -12.32 -26.20
CA SER A 100 -49.49 -11.40 -25.65
C SER A 100 -49.27 -11.75 -24.18
N VAL A 101 -48.11 -12.31 -23.87
CA VAL A 101 -47.79 -12.79 -22.54
C VAL A 101 -46.65 -11.97 -21.96
N THR A 102 -46.77 -11.61 -20.69
CA THR A 102 -45.76 -10.81 -20.00
C THR A 102 -45.37 -11.54 -18.72
N LEU A 103 -44.19 -12.16 -18.73
CA LEU A 103 -43.68 -12.87 -17.57
C LEU A 103 -42.70 -11.98 -16.82
N LYS A 104 -42.83 -11.92 -15.49
CA LYS A 104 -41.99 -11.06 -14.67
C LYS A 104 -41.69 -11.81 -13.37
N ILE A 105 -40.40 -11.98 -13.07
CA ILE A 105 -39.97 -12.75 -11.91
C ILE A 105 -38.94 -11.91 -11.17
N CYS A 106 -39.38 -11.09 -10.21
CA CYS A 106 -38.45 -10.29 -9.42
C CYS A 106 -39.13 -9.62 -8.24
N LYS A 107 -38.30 -9.01 -7.41
CA LYS A 107 -38.72 -8.50 -6.11
C LYS A 107 -39.60 -7.27 -6.27
N PHE A 108 -40.32 -6.94 -5.20
CA PHE A 108 -41.29 -5.85 -5.19
C PHE A 108 -41.17 -5.05 -3.89
N SER A 109 -41.43 -3.75 -3.99
CA SER A 109 -41.51 -2.82 -2.87
C SER A 109 -42.96 -2.78 -2.38
N ARG A 110 -43.30 -1.74 -1.60
CA ARG A 110 -44.68 -1.55 -1.18
C ARG A 110 -45.61 -1.75 -2.37
N ASN A 111 -46.64 -2.57 -2.17
CA ASN A 111 -46.99 -3.51 -3.22
C ASN A 111 -48.33 -3.39 -3.93
N THR A 112 -49.43 -3.78 -3.29
CA THR A 112 -50.75 -3.83 -3.93
C THR A 112 -51.73 -4.46 -2.94
N THR A 113 -53.02 -4.47 -3.27
CA THR A 113 -53.93 -5.51 -2.81
C THR A 113 -54.04 -6.61 -3.86
N PHE A 114 -54.56 -6.27 -5.05
CA PHE A 114 -54.55 -7.09 -6.26
C PHE A 114 -55.20 -6.29 -7.38
N ASP A 115 -54.80 -6.57 -8.61
CA ASP A 115 -55.40 -5.91 -9.77
C ASP A 115 -54.84 -6.53 -11.04
N PHE A 116 -55.58 -6.36 -12.12
CA PHE A 116 -55.10 -6.72 -13.45
C PHE A 116 -54.20 -5.63 -14.01
N LEU A 117 -53.54 -5.95 -15.13
CA LEU A 117 -52.80 -4.97 -15.92
C LEU A 117 -51.72 -4.28 -15.08
N SER A 118 -50.69 -5.07 -14.77
CA SER A 118 -49.46 -4.53 -14.16
C SER A 118 -49.75 -3.89 -12.79
N ASN A 119 -50.01 -4.78 -11.82
CA ASN A 119 -50.19 -4.40 -10.43
C ASN A 119 -49.33 -3.23 -9.98
N ALA A 120 -48.01 -3.33 -10.17
CA ALA A 120 -47.10 -2.33 -9.65
C ALA A 120 -45.77 -2.40 -10.40
N SER A 121 -45.24 -1.25 -10.77
CA SER A 121 -43.95 -1.17 -11.44
C SER A 121 -42.85 -0.93 -10.39
N SER A 122 -42.64 -1.95 -9.56
CA SER A 122 -41.62 -1.95 -8.53
C SER A 122 -40.47 -2.87 -8.87
N SER A 123 -40.33 -3.20 -10.15
CA SER A 123 -39.31 -4.14 -10.61
C SER A 123 -37.96 -3.44 -10.66
N PHE A 124 -36.97 -3.99 -9.94
CA PHE A 124 -35.65 -3.37 -9.89
C PHE A 124 -34.50 -4.36 -10.04
N ASP A 125 -34.72 -5.66 -9.87
CA ASP A 125 -33.67 -6.65 -10.10
C ASP A 125 -34.36 -7.92 -10.58
N CYS A 126 -34.48 -8.08 -11.89
CA CYS A 126 -35.33 -9.10 -12.48
C CYS A 126 -34.51 -10.09 -13.30
N ILE A 127 -34.67 -11.38 -12.99
CA ILE A 127 -33.97 -12.42 -13.73
C ILE A 127 -34.47 -12.47 -15.16
N VAL A 128 -35.79 -12.49 -15.35
CA VAL A 128 -36.38 -12.58 -16.67
C VAL A 128 -37.57 -11.62 -16.75
N ASN A 129 -37.67 -10.92 -17.88
CA ASN A 129 -38.79 -10.02 -18.13
C ASN A 129 -38.92 -9.91 -19.64
N LEU A 130 -39.82 -10.69 -20.21
CA LEU A 130 -39.90 -10.85 -21.66
C LEU A 130 -41.29 -10.46 -22.17
N LEU A 131 -41.54 -10.77 -23.44
CA LEU A 131 -42.84 -10.55 -24.06
C LEU A 131 -43.01 -11.61 -25.14
N PHE A 132 -44.04 -12.43 -25.01
CA PHE A 132 -44.27 -13.55 -25.91
C PHE A 132 -45.39 -13.23 -26.90
N THR A 133 -45.22 -13.70 -28.13
CA THR A 133 -46.26 -13.62 -29.15
C THR A 133 -46.28 -14.98 -29.86
N GLU A 134 -47.13 -15.88 -29.38
CA GLU A 134 -47.20 -17.24 -29.88
C GLU A 134 -48.56 -17.49 -30.51
N GLN A 135 -48.70 -18.67 -31.11
CA GLN A 135 -49.94 -19.03 -31.80
C GLN A 135 -51.12 -19.07 -30.83
N LEU A 136 -52.21 -18.43 -31.22
CA LEU A 136 -53.41 -18.44 -30.40
C LEU A 136 -54.06 -19.82 -30.44
N GLY A 137 -54.65 -20.21 -29.31
CA GLY A 137 -55.28 -21.50 -29.18
C GLY A 137 -54.40 -22.61 -28.66
N ALA A 138 -53.32 -22.28 -27.94
CA ALA A 138 -52.41 -23.27 -27.39
C ALA A 138 -52.20 -22.96 -25.91
N PRO A 139 -52.36 -23.95 -25.03
CA PRO A 139 -52.20 -23.70 -23.60
C PRO A 139 -50.75 -23.47 -23.20
N LEU A 140 -50.59 -22.78 -22.08
CA LEU A 140 -49.28 -22.50 -21.50
C LEU A 140 -49.20 -23.14 -20.12
N GLY A 141 -48.07 -22.94 -19.45
CA GLY A 141 -47.89 -23.52 -18.13
C GLY A 141 -46.62 -23.10 -17.41
N ILE A 142 -46.67 -23.16 -16.08
CA ILE A 142 -45.51 -22.90 -15.23
C ILE A 142 -45.44 -24.02 -14.21
N THR A 143 -44.24 -24.53 -13.95
CA THR A 143 -44.03 -25.55 -12.94
C THR A 143 -42.78 -25.23 -12.14
N ILE A 144 -42.75 -25.71 -10.91
CA ILE A 144 -41.64 -25.47 -9.99
C ILE A 144 -41.20 -26.80 -9.39
N SER A 145 -39.89 -27.04 -9.38
CA SER A 145 -39.32 -28.23 -8.77
C SER A 145 -38.01 -27.83 -8.11
N GLY A 146 -37.96 -27.89 -6.79
CA GLY A 146 -36.77 -27.42 -6.09
C GLY A 146 -36.57 -25.94 -6.33
N GLU A 147 -35.38 -25.57 -6.79
CA GLU A 147 -35.08 -24.18 -7.16
C GLU A 147 -35.11 -23.98 -8.67
N THR A 148 -35.83 -24.83 -9.39
CA THR A 148 -35.92 -24.78 -10.84
C THR A 148 -37.33 -24.41 -11.25
N VAL A 149 -37.45 -23.41 -12.11
CA VAL A 149 -38.74 -22.98 -12.65
C VAL A 149 -38.75 -23.29 -14.14
N ARG A 150 -39.68 -24.12 -14.57
CA ARG A 150 -39.78 -24.50 -15.97
C ARG A 150 -40.70 -23.55 -16.72
N LEU A 151 -40.84 -23.78 -18.02
CA LEU A 151 -41.66 -22.93 -18.87
C LEU A 151 -42.01 -23.71 -20.14
N HIS A 152 -43.29 -24.03 -20.30
CA HIS A 152 -43.77 -24.70 -21.50
C HIS A 152 -44.40 -23.68 -22.43
N LEU A 153 -44.06 -23.75 -23.72
CA LEU A 153 -44.51 -22.74 -24.66
C LEU A 153 -45.01 -23.35 -25.97
N TYR A 154 -45.43 -24.61 -25.93
CA TYR A 154 -46.08 -25.31 -27.03
C TYR A 154 -45.09 -25.63 -28.17
N ASN A 155 -43.88 -25.08 -28.09
CA ASN A 155 -42.83 -25.46 -29.03
C ASN A 155 -41.46 -25.61 -28.39
N VAL A 156 -41.22 -25.12 -27.18
CA VAL A 156 -39.92 -25.13 -26.55
C VAL A 156 -40.11 -25.18 -25.04
N THR A 157 -39.07 -25.61 -24.33
CA THR A 157 -39.10 -25.73 -22.88
C THR A 157 -37.88 -25.01 -22.33
N ARG A 158 -38.09 -23.80 -21.79
CA ARG A 158 -37.02 -23.03 -21.18
C ARG A 158 -36.88 -23.38 -19.70
N THR A 159 -35.79 -22.93 -19.10
CA THR A 159 -35.48 -23.25 -17.71
C THR A 159 -34.67 -22.13 -17.10
N PHE A 160 -35.07 -21.66 -15.93
CA PHE A 160 -34.35 -20.66 -15.17
C PHE A 160 -34.12 -21.16 -13.75
N TYR A 161 -33.06 -20.65 -13.12
CA TYR A 161 -32.65 -21.09 -11.78
C TYR A 161 -32.79 -19.91 -10.83
N VAL A 162 -33.99 -19.74 -10.28
CA VAL A 162 -34.27 -18.67 -9.34
C VAL A 162 -34.08 -19.17 -7.91
N PRO A 163 -33.28 -18.51 -7.09
CA PRO A 163 -33.04 -18.98 -5.73
C PRO A 163 -34.27 -18.85 -4.84
N ALA A 164 -34.35 -19.73 -3.85
CA ALA A 164 -35.40 -19.71 -2.84
C ALA A 164 -36.80 -19.74 -3.47
N ALA A 165 -36.99 -20.68 -4.39
CA ALA A 165 -38.26 -20.82 -5.10
C ALA A 165 -39.09 -21.98 -4.59
N TYR A 166 -38.65 -22.65 -3.54
CA TYR A 166 -39.45 -23.72 -2.94
C TYR A 166 -40.50 -23.20 -1.96
N LYS A 167 -40.43 -21.91 -1.59
CA LYS A 167 -41.40 -21.33 -0.68
C LYS A 167 -42.67 -20.88 -1.39
N LEU A 168 -42.65 -20.75 -2.70
CA LEU A 168 -43.81 -20.26 -3.45
C LEU A 168 -44.82 -21.40 -3.55
N THR A 169 -45.74 -21.44 -2.59
CA THR A 169 -46.75 -22.50 -2.51
C THR A 169 -48.14 -22.04 -2.95
N LYS A 170 -48.58 -20.87 -2.49
CA LYS A 170 -49.93 -20.41 -2.81
C LYS A 170 -50.01 -19.96 -4.26
N LEU A 171 -51.26 -19.82 -4.74
CA LEU A 171 -51.52 -19.42 -6.11
C LEU A 171 -52.80 -18.61 -6.16
N SER A 172 -52.73 -17.42 -6.74
CA SER A 172 -53.85 -16.47 -6.78
C SER A 172 -54.30 -16.32 -8.23
N VAL A 173 -55.27 -17.13 -8.64
CA VAL A 173 -55.77 -17.15 -10.01
C VAL A 173 -56.99 -16.24 -10.10
N LYS A 174 -57.04 -15.43 -11.16
CA LYS A 174 -58.14 -14.47 -11.35
C LYS A 174 -58.51 -14.42 -12.83
N CYS A 175 -59.53 -15.19 -13.22
CA CYS A 175 -60.08 -15.12 -14.56
C CYS A 175 -61.53 -15.56 -14.50
N TYR A 176 -62.27 -15.35 -15.59
CA TYR A 176 -63.72 -15.55 -15.58
C TYR A 176 -64.13 -16.52 -16.68
N PHE A 177 -65.17 -17.32 -16.39
CA PHE A 177 -65.58 -18.36 -17.32
C PHE A 177 -66.30 -17.81 -18.55
N ASN A 178 -67.13 -16.78 -18.38
CA ASN A 178 -67.90 -16.29 -19.54
C ASN A 178 -67.01 -15.75 -20.64
N TYR A 179 -65.79 -15.34 -20.33
CA TYR A 179 -64.87 -14.79 -21.32
C TYR A 179 -64.01 -15.87 -21.97
N SER A 180 -64.52 -17.10 -22.07
CA SER A 180 -63.83 -18.21 -22.73
C SER A 180 -62.46 -18.47 -22.09
N CYS A 181 -62.51 -18.81 -20.80
CA CYS A 181 -61.31 -18.93 -19.98
C CYS A 181 -61.51 -20.08 -19.01
N VAL A 182 -60.74 -21.15 -19.21
CA VAL A 182 -60.71 -22.28 -18.29
C VAL A 182 -59.25 -22.58 -17.96
N PHE A 183 -59.03 -23.11 -16.77
CA PHE A 183 -57.67 -23.36 -16.30
C PHE A 183 -57.65 -24.59 -15.42
N SER A 184 -56.51 -25.27 -15.39
CA SER A 184 -56.27 -26.41 -14.52
C SER A 184 -55.28 -26.01 -13.42
N VAL A 185 -54.89 -27.00 -12.63
CA VAL A 185 -54.08 -26.76 -11.45
C VAL A 185 -53.48 -28.11 -11.01
N VAL A 186 -52.25 -28.07 -10.52
CA VAL A 186 -51.46 -29.27 -10.28
C VAL A 186 -51.11 -29.36 -8.80
N ASN A 187 -51.32 -30.53 -8.20
CA ASN A 187 -50.74 -30.83 -6.88
C ASN A 187 -49.35 -31.44 -7.00
N ALA A 188 -49.27 -32.66 -7.55
CA ALA A 188 -48.02 -33.41 -7.52
C ALA A 188 -48.05 -34.71 -8.31
N THR A 189 -46.97 -34.99 -9.05
CA THR A 189 -46.52 -36.32 -9.44
C THR A 189 -47.63 -37.28 -9.88
N VAL A 190 -48.32 -36.96 -10.96
CA VAL A 190 -49.35 -37.83 -11.50
C VAL A 190 -48.77 -38.65 -12.65
N THR A 191 -49.12 -39.93 -12.70
CA THR A 191 -48.70 -40.83 -13.76
C THR A 191 -49.85 -41.02 -14.75
N VAL A 192 -49.52 -40.98 -16.04
CA VAL A 192 -50.52 -40.99 -17.10
C VAL A 192 -50.18 -42.08 -18.12
N ASN A 193 -51.01 -42.18 -19.14
CA ASN A 193 -50.84 -43.12 -20.25
C ASN A 193 -51.33 -42.43 -21.51
N VAL A 194 -50.43 -41.85 -22.29
CA VAL A 194 -50.78 -41.03 -23.44
C VAL A 194 -50.52 -41.80 -24.72
N THR A 195 -51.47 -41.70 -25.66
CA THR A 195 -51.39 -42.36 -26.95
C THR A 195 -51.40 -41.32 -28.05
N THR A 196 -50.50 -41.46 -29.02
CA THR A 196 -50.38 -40.51 -30.12
C THR A 196 -50.62 -41.22 -31.45
N HIS A 197 -51.21 -40.48 -32.39
CA HIS A 197 -51.44 -40.99 -33.74
C HIS A 197 -51.44 -39.82 -34.71
N ASN A 198 -50.60 -39.91 -35.74
CA ASN A 198 -50.51 -38.90 -36.79
C ASN A 198 -50.23 -37.50 -36.21
N GLY A 199 -49.36 -37.47 -35.21
CA GLY A 199 -48.91 -36.21 -34.65
C GLY A 199 -49.84 -35.55 -33.66
N ARG A 200 -50.93 -36.20 -33.28
CA ARG A 200 -51.90 -35.64 -32.34
C ARG A 200 -52.15 -36.62 -31.21
N VAL A 201 -52.24 -36.09 -29.99
CA VAL A 201 -52.59 -36.92 -28.84
C VAL A 201 -54.02 -37.40 -28.99
N VAL A 202 -54.23 -38.71 -28.78
CA VAL A 202 -55.54 -39.32 -28.96
C VAL A 202 -56.23 -39.54 -27.61
N ASN A 203 -55.49 -40.03 -26.61
CA ASN A 203 -56.08 -40.33 -25.32
C ASN A 203 -55.14 -39.92 -24.19
N TYR A 204 -55.72 -39.77 -23.00
CA TYR A 204 -55.00 -39.24 -21.85
C TYR A 204 -55.70 -39.78 -20.60
N THR A 205 -55.11 -40.80 -19.99
CA THR A 205 -55.73 -41.51 -18.87
C THR A 205 -54.74 -41.59 -17.71
N VAL A 206 -55.27 -41.57 -16.49
CA VAL A 206 -54.47 -41.52 -15.27
C VAL A 206 -54.61 -42.84 -14.53
N CYS A 207 -53.47 -43.41 -14.14
CA CYS A 207 -53.47 -44.61 -13.29
C CYS A 207 -53.95 -44.27 -11.88
N ASP A 208 -55.11 -44.81 -11.50
CA ASP A 208 -55.42 -44.95 -10.08
C ASP A 208 -54.65 -46.12 -9.49
N ASP A 209 -54.45 -47.16 -10.28
CA ASP A 209 -53.51 -48.24 -10.03
C ASP A 209 -52.11 -47.73 -10.41
N CYS A 210 -51.17 -48.65 -10.63
CA CYS A 210 -49.80 -48.29 -11.00
C CYS A 210 -49.09 -47.56 -9.86
N ASN A 211 -49.05 -48.24 -8.72
CA ASN A 211 -48.40 -47.69 -7.53
C ASN A 211 -46.89 -47.73 -7.66
N GLY A 212 -46.24 -46.67 -7.17
CA GLY A 212 -44.79 -46.61 -7.14
C GLY A 212 -44.13 -46.24 -8.44
N TYR A 213 -44.88 -46.10 -9.54
CA TYR A 213 -44.28 -45.80 -10.82
C TYR A 213 -43.68 -44.40 -10.87
N THR A 214 -44.05 -43.52 -9.95
CA THR A 214 -43.62 -42.13 -10.01
C THR A 214 -42.17 -41.94 -9.60
N ASP A 215 -41.51 -42.97 -9.05
CA ASP A 215 -40.13 -42.83 -8.60
C ASP A 215 -39.15 -43.72 -9.35
N ASN A 216 -39.60 -44.51 -10.32
CA ASN A 216 -38.69 -45.39 -11.03
C ASN A 216 -38.91 -45.44 -12.53
N ILE A 217 -39.91 -44.76 -13.08
CA ILE A 217 -40.21 -44.81 -14.51
C ILE A 217 -40.24 -43.39 -15.05
N PHE A 218 -39.68 -43.21 -16.24
CA PHE A 218 -39.76 -41.94 -16.95
C PHE A 218 -39.79 -42.23 -18.45
N SER A 219 -39.81 -41.17 -19.25
CA SER A 219 -39.83 -41.28 -20.70
C SER A 219 -38.63 -40.55 -21.27
N VAL A 220 -37.85 -41.25 -22.10
CA VAL A 220 -36.63 -40.67 -22.65
C VAL A 220 -36.98 -39.54 -23.61
N GLN A 221 -36.33 -38.40 -23.42
CA GLN A 221 -36.57 -37.21 -24.23
C GLN A 221 -35.83 -37.33 -25.55
N GLN A 222 -35.79 -36.23 -26.32
CA GLN A 222 -34.98 -36.17 -27.51
C GLN A 222 -33.49 -36.17 -27.14
N ASP A 223 -32.67 -36.73 -28.04
CA ASP A 223 -31.23 -36.82 -27.89
C ASP A 223 -30.81 -37.73 -26.74
N GLY A 224 -31.72 -38.58 -26.27
CA GLY A 224 -31.39 -39.50 -25.19
C GLY A 224 -31.17 -38.85 -23.85
N ARG A 225 -31.72 -37.66 -23.63
CA ARG A 225 -31.57 -36.99 -22.35
C ARG A 225 -32.40 -37.69 -21.27
N ILE A 226 -32.31 -37.15 -20.07
CA ILE A 226 -33.12 -37.60 -18.93
C ILE A 226 -34.01 -36.44 -18.49
N PRO A 227 -35.31 -36.65 -18.32
CA PRO A 227 -36.21 -35.53 -18.04
C PRO A 227 -35.87 -34.85 -16.71
N ASN A 228 -36.16 -33.56 -16.67
CA ASN A 228 -35.95 -32.77 -15.46
C ASN A 228 -37.01 -33.13 -14.41
N GLY A 229 -36.69 -32.81 -13.16
CA GLY A 229 -37.61 -33.08 -12.07
C GLY A 229 -37.76 -34.54 -11.72
N PHE A 230 -36.77 -35.36 -12.05
CA PHE A 230 -36.82 -36.79 -11.76
C PHE A 230 -36.02 -37.06 -10.49
N PRO A 231 -36.64 -37.46 -9.40
CA PRO A 231 -35.88 -37.77 -8.18
C PRO A 231 -35.12 -39.08 -8.34
N PHE A 232 -33.80 -39.00 -8.46
CA PHE A 232 -32.97 -40.16 -8.71
C PHE A 232 -33.05 -41.08 -7.50
N ASN A 233 -33.75 -42.21 -7.66
CA ASN A 233 -34.01 -43.09 -6.53
C ASN A 233 -32.80 -44.00 -6.24
N ASN A 234 -32.43 -44.84 -7.20
CA ASN A 234 -31.34 -45.79 -7.04
C ASN A 234 -30.31 -45.61 -8.13
N TRP A 235 -29.97 -44.36 -8.46
CA TRP A 235 -28.98 -44.04 -9.47
C TRP A 235 -27.74 -43.53 -8.73
N PHE A 236 -26.76 -44.42 -8.55
CA PHE A 236 -25.55 -44.11 -7.82
C PHE A 236 -24.48 -43.52 -8.74
N LEU A 237 -23.49 -42.89 -8.12
CA LEU A 237 -22.37 -42.33 -8.85
C LEU A 237 -21.25 -43.37 -8.93
N LEU A 238 -20.90 -43.78 -10.14
CA LEU A 238 -19.83 -44.74 -10.34
C LEU A 238 -18.49 -44.12 -9.98
N THR A 239 -17.60 -44.93 -9.42
CA THR A 239 -16.30 -44.44 -8.99
C THR A 239 -15.28 -45.57 -9.03
N ASN A 240 -14.01 -45.17 -9.15
CA ASN A 240 -12.88 -46.09 -9.06
C ASN A 240 -12.15 -45.98 -7.72
N GLY A 241 -12.38 -44.91 -6.97
CA GLY A 241 -11.68 -44.66 -5.72
C GLY A 241 -12.59 -44.26 -4.58
N SER A 242 -12.33 -43.09 -4.00
CA SER A 242 -13.09 -42.62 -2.84
C SER A 242 -14.52 -42.27 -3.24
N THR A 243 -15.30 -41.85 -2.25
CA THR A 243 -16.71 -41.54 -2.43
C THR A 243 -16.96 -40.06 -2.13
N LEU A 244 -17.65 -39.39 -3.03
CA LEU A 244 -18.02 -38.00 -2.82
C LEU A 244 -19.15 -37.90 -1.80
N VAL A 245 -19.17 -36.79 -1.06
CA VAL A 245 -20.12 -36.57 0.02
C VAL A 245 -20.99 -35.35 -0.25
N ASP A 246 -20.38 -34.21 -0.58
CA ASP A 246 -21.13 -32.98 -0.74
C ASP A 246 -20.39 -32.03 -1.69
N GLY A 247 -21.12 -31.06 -2.22
CA GLY A 247 -20.56 -30.02 -3.04
C GLY A 247 -20.76 -30.28 -4.53
N VAL A 248 -20.74 -29.19 -5.30
CA VAL A 248 -20.89 -29.27 -6.75
C VAL A 248 -19.58 -29.77 -7.34
N SER A 249 -19.67 -30.79 -8.19
CA SER A 249 -18.49 -31.40 -8.78
C SER A 249 -18.78 -31.79 -10.23
N ARG A 250 -18.03 -31.21 -11.16
CA ARG A 250 -18.11 -31.65 -12.54
C ARG A 250 -17.55 -33.07 -12.66
N LEU A 251 -18.18 -33.88 -13.51
CA LEU A 251 -17.88 -35.30 -13.53
C LEU A 251 -17.93 -35.82 -14.96
N TYR A 252 -17.84 -37.14 -15.10
CA TYR A 252 -17.89 -37.82 -16.40
C TYR A 252 -18.54 -39.19 -16.14
N GLN A 253 -19.85 -39.25 -16.33
CA GLN A 253 -20.65 -40.38 -15.91
C GLN A 253 -21.55 -40.84 -17.04
N PRO A 254 -21.98 -42.11 -17.02
CA PRO A 254 -22.92 -42.62 -18.05
C PRO A 254 -24.38 -42.25 -17.76
N LEU A 255 -24.77 -41.05 -18.18
CA LEU A 255 -26.11 -40.54 -17.96
C LEU A 255 -26.73 -40.04 -19.26
N ARG A 256 -26.60 -40.84 -20.32
CA ARG A 256 -27.27 -40.56 -21.58
C ARG A 256 -27.78 -41.88 -22.14
N LEU A 257 -29.09 -42.09 -22.06
CA LEU A 257 -29.68 -43.37 -22.36
C LEU A 257 -29.96 -43.51 -23.85
N THR A 258 -29.99 -44.76 -24.33
CA THR A 258 -30.46 -45.08 -25.66
C THR A 258 -31.71 -45.93 -25.67
N CYS A 259 -32.09 -46.51 -24.53
CA CYS A 259 -33.35 -47.23 -24.40
C CYS A 259 -33.67 -47.36 -22.93
N LEU A 260 -34.88 -47.82 -22.64
CA LEU A 260 -35.31 -48.04 -21.26
C LEU A 260 -36.38 -49.12 -21.28
N TRP A 261 -36.23 -50.12 -20.42
CA TRP A 261 -37.11 -51.28 -20.41
C TRP A 261 -37.88 -51.31 -19.09
N PRO A 262 -39.09 -50.75 -19.05
CA PRO A 262 -39.80 -50.64 -17.77
C PRO A 262 -40.54 -51.94 -17.44
N VAL A 263 -40.38 -52.40 -16.20
CA VAL A 263 -40.97 -53.65 -15.71
C VAL A 263 -40.61 -54.78 -16.64
N PRO A 264 -39.34 -55.22 -16.67
CA PRO A 264 -38.97 -56.29 -17.60
C PRO A 264 -39.55 -57.64 -17.23
N GLY A 265 -39.59 -57.98 -15.94
CA GLY A 265 -40.09 -59.27 -15.53
C GLY A 265 -39.23 -60.41 -16.02
N LEU A 266 -37.93 -60.33 -15.79
CA LEU A 266 -37.01 -61.38 -16.23
C LEU A 266 -37.34 -62.70 -15.52
N LYS A 267 -37.23 -63.79 -16.27
CA LYS A 267 -37.60 -65.11 -15.78
C LYS A 267 -36.36 -66.01 -15.74
N SER A 268 -36.61 -67.29 -15.44
CA SER A 268 -35.54 -68.29 -15.42
C SER A 268 -35.29 -68.92 -16.78
N SER A 269 -36.08 -68.57 -17.79
CA SER A 269 -35.95 -69.13 -19.14
C SER A 269 -35.99 -68.01 -20.18
N THR A 270 -35.23 -66.95 -19.93
CA THR A 270 -35.16 -65.83 -20.87
C THR A 270 -33.98 -65.98 -21.83
N GLY A 271 -32.76 -66.05 -21.29
CA GLY A 271 -31.58 -66.17 -22.11
C GLY A 271 -30.53 -65.13 -21.79
N PHE A 272 -29.83 -64.66 -22.83
CA PHE A 272 -28.79 -63.65 -22.67
C PHE A 272 -29.31 -62.28 -23.10
N VAL A 273 -28.57 -61.24 -22.73
CA VAL A 273 -28.86 -59.87 -23.15
C VAL A 273 -27.59 -59.31 -23.78
N TYR A 274 -27.71 -58.75 -24.98
CA TYR A 274 -26.55 -58.55 -25.86
C TYR A 274 -26.20 -57.09 -26.07
N PHE A 275 -26.39 -56.22 -25.07
CA PHE A 275 -25.93 -54.84 -25.11
C PHE A 275 -26.55 -54.00 -26.23
N ASN A 276 -27.67 -54.42 -26.82
CA ASN A 276 -28.36 -53.57 -27.77
C ASN A 276 -29.85 -53.86 -27.73
N ALA A 277 -30.64 -52.80 -27.90
CA ALA A 277 -32.10 -52.90 -27.81
C ALA A 277 -32.75 -53.08 -29.18
N THR A 278 -32.37 -54.14 -29.89
CA THR A 278 -32.96 -54.46 -31.18
C THR A 278 -33.38 -55.92 -31.25
N GLY A 279 -33.66 -56.53 -30.11
CA GLY A 279 -34.05 -57.93 -30.05
C GLY A 279 -35.54 -58.12 -30.25
N SER A 280 -36.05 -59.26 -29.79
CA SER A 280 -37.46 -59.58 -29.90
C SER A 280 -38.24 -59.34 -28.62
N ASP A 281 -37.57 -59.16 -27.48
CA ASP A 281 -38.24 -58.94 -26.21
C ASP A 281 -38.12 -57.52 -25.69
N VAL A 282 -37.23 -56.71 -26.26
CA VAL A 282 -37.03 -55.35 -25.76
C VAL A 282 -38.21 -54.49 -26.19
N ASN A 283 -38.83 -53.83 -25.23
CA ASN A 283 -39.91 -52.87 -25.47
C ASN A 283 -39.49 -51.55 -24.84
N CYS A 284 -38.76 -50.74 -25.60
CA CYS A 284 -38.25 -49.49 -25.08
C CYS A 284 -39.41 -48.53 -24.78
N ASN A 285 -39.09 -47.46 -24.07
CA ASN A 285 -40.07 -46.47 -23.64
C ASN A 285 -39.62 -45.11 -24.13
N GLY A 286 -40.54 -44.37 -24.74
CA GLY A 286 -40.22 -43.08 -25.30
C GLY A 286 -39.37 -43.19 -26.55
N TYR A 287 -38.40 -42.30 -26.72
CA TYR A 287 -37.52 -42.36 -27.87
C TYR A 287 -36.60 -43.57 -27.77
N GLN A 288 -36.15 -44.05 -28.93
CA GLN A 288 -35.36 -45.28 -28.98
C GLN A 288 -34.42 -45.17 -30.18
N HIS A 289 -33.16 -44.84 -29.91
CA HIS A 289 -32.15 -44.78 -30.95
C HIS A 289 -31.54 -46.16 -31.16
N ASN A 290 -30.51 -46.23 -32.00
CA ASN A 290 -29.79 -47.47 -32.26
C ASN A 290 -28.30 -47.16 -32.31
N SER A 291 -27.54 -47.73 -31.39
CA SER A 291 -26.10 -47.57 -31.33
C SER A 291 -25.53 -48.74 -30.53
N VAL A 292 -24.27 -48.62 -30.12
CA VAL A 292 -23.63 -49.58 -29.23
C VAL A 292 -23.36 -48.88 -27.90
N VAL A 293 -23.62 -49.58 -26.81
CA VAL A 293 -23.62 -48.97 -25.48
C VAL A 293 -22.40 -49.42 -24.69
N ASP A 294 -22.20 -48.84 -23.53
CA ASP A 294 -21.05 -49.15 -22.69
C ASP A 294 -21.41 -49.78 -21.35
N VAL A 295 -22.60 -49.52 -20.82
CA VAL A 295 -23.00 -50.07 -19.53
C VAL A 295 -24.39 -50.70 -19.66
N MET A 296 -24.88 -51.30 -18.59
CA MET A 296 -26.24 -51.81 -18.54
C MET A 296 -26.70 -51.76 -17.09
N ARG A 297 -27.45 -50.71 -16.74
CA ARG A 297 -27.81 -50.44 -15.35
C ARG A 297 -29.02 -51.28 -14.95
N TYR A 298 -28.91 -52.00 -13.85
CA TYR A 298 -30.04 -52.71 -13.28
C TYR A 298 -30.67 -51.89 -12.15
N ASN A 299 -31.79 -52.40 -11.63
CA ASN A 299 -32.46 -51.73 -10.52
C ASN A 299 -33.30 -52.76 -9.78
N LEU A 300 -33.11 -52.84 -8.47
CA LEU A 300 -33.70 -53.90 -7.66
C LEU A 300 -34.93 -53.42 -6.93
N ASN A 301 -35.99 -54.22 -6.97
CA ASN A 301 -37.25 -53.94 -6.28
C ASN A 301 -37.30 -54.81 -5.03
N PHE A 302 -37.30 -54.16 -3.86
CA PHE A 302 -37.32 -54.86 -2.59
C PHE A 302 -38.31 -54.18 -1.66
N SER A 303 -38.78 -54.96 -0.68
CA SER A 303 -39.69 -54.46 0.34
C SER A 303 -38.98 -54.44 1.70
N ALA A 304 -39.54 -53.65 2.62
CA ALA A 304 -38.96 -53.54 3.95
C ALA A 304 -38.93 -54.88 4.69
N ASN A 305 -39.84 -55.79 4.35
CA ASN A 305 -39.81 -57.12 4.95
C ASN A 305 -38.56 -57.87 4.49
N SER A 306 -37.95 -58.60 5.41
CA SER A 306 -36.76 -59.40 5.13
C SER A 306 -37.10 -60.89 5.08
N LEU A 307 -38.29 -61.21 4.59
CA LEU A 307 -38.77 -62.59 4.54
C LEU A 307 -38.43 -63.26 3.21
N ASP A 308 -38.89 -62.69 2.10
CA ASP A 308 -38.70 -63.27 0.77
C ASP A 308 -37.83 -62.38 -0.11
N ASN A 309 -36.84 -61.71 0.49
CA ASN A 309 -35.83 -60.97 -0.25
C ASN A 309 -34.55 -61.78 -0.42
N LEU A 310 -34.69 -63.10 -0.50
CA LEU A 310 -33.55 -64.02 -0.57
C LEU A 310 -33.75 -64.88 -1.82
N LYS A 311 -33.26 -64.39 -2.96
CA LYS A 311 -33.46 -65.05 -4.24
C LYS A 311 -32.30 -65.99 -4.54
N SER A 312 -32.62 -67.21 -4.94
CA SER A 312 -31.62 -68.24 -5.22
C SER A 312 -31.29 -68.22 -6.70
N GLY A 313 -30.05 -67.89 -7.03
CA GLY A 313 -29.64 -67.86 -8.43
C GLY A 313 -28.21 -67.41 -8.55
N VAL A 314 -27.74 -67.37 -9.80
CA VAL A 314 -26.37 -66.99 -10.12
C VAL A 314 -26.38 -65.99 -11.28
N ILE A 315 -25.21 -65.46 -11.61
CA ILE A 315 -25.04 -64.60 -12.77
C ILE A 315 -24.02 -65.25 -13.69
N VAL A 316 -24.38 -65.42 -14.95
CA VAL A 316 -23.52 -66.06 -15.93
C VAL A 316 -23.08 -65.00 -16.93
N PHE A 317 -21.78 -64.69 -16.94
CA PHE A 317 -21.23 -63.78 -17.93
C PHE A 317 -20.87 -64.54 -19.19
N LYS A 318 -20.28 -63.85 -20.16
CA LYS A 318 -19.85 -64.50 -21.41
C LYS A 318 -18.59 -63.79 -21.88
N THR A 319 -17.44 -64.33 -21.50
CA THR A 319 -16.15 -63.80 -21.92
C THR A 319 -15.75 -64.48 -23.23
N LEU A 320 -14.71 -63.95 -23.89
CA LEU A 320 -14.28 -64.48 -25.17
C LEU A 320 -13.80 -65.92 -25.09
N GLN A 321 -13.38 -66.39 -23.91
CA GLN A 321 -12.83 -67.73 -23.76
C GLN A 321 -13.70 -68.63 -22.90
N TYR A 322 -13.98 -68.23 -21.67
CA TYR A 322 -14.71 -69.08 -20.73
C TYR A 322 -15.71 -68.25 -19.95
N ASP A 323 -16.79 -68.90 -19.53
CA ASP A 323 -17.82 -68.24 -18.74
C ASP A 323 -17.35 -68.03 -17.31
N VAL A 324 -17.93 -67.04 -16.65
CA VAL A 324 -17.62 -66.72 -15.26
C VAL A 324 -18.90 -66.75 -14.45
N LEU A 325 -18.88 -67.46 -13.33
CA LEU A 325 -20.06 -67.66 -12.49
C LEU A 325 -19.87 -66.92 -11.18
N PHE A 326 -20.88 -66.15 -10.78
CA PHE A 326 -20.81 -65.30 -9.60
C PHE A 326 -21.98 -65.62 -8.67
N TYR A 327 -21.67 -65.83 -7.39
CA TYR A 327 -22.70 -66.15 -6.41
C TYR A 327 -22.21 -65.74 -5.03
N CYS A 328 -23.14 -65.65 -4.09
CA CYS A 328 -22.83 -65.24 -2.73
C CYS A 328 -23.48 -66.20 -1.73
N SER A 329 -22.86 -66.33 -0.57
CA SER A 329 -23.36 -67.20 0.49
C SER A 329 -23.05 -66.56 1.84
N ASN A 330 -23.55 -67.17 2.90
CA ASN A 330 -23.36 -66.65 4.25
C ASN A 330 -22.36 -67.44 5.07
N SER A 331 -21.63 -68.37 4.46
CA SER A 331 -20.61 -69.15 5.14
C SER A 331 -19.27 -68.95 4.46
N SER A 332 -18.19 -69.08 5.24
CA SER A 332 -16.85 -68.89 4.69
C SER A 332 -16.56 -69.88 3.57
N SER A 333 -16.93 -71.14 3.76
CA SER A 333 -16.79 -72.15 2.72
C SER A 333 -18.07 -72.16 1.89
N GLY A 334 -18.04 -71.47 0.75
CA GLY A 334 -19.20 -71.34 -0.09
C GLY A 334 -19.49 -72.56 -0.93
N VAL A 335 -19.94 -73.64 -0.28
CA VAL A 335 -20.21 -74.89 -0.96
C VAL A 335 -21.66 -75.33 -0.83
N LEU A 336 -22.35 -74.94 0.25
CA LEU A 336 -23.68 -75.46 0.55
C LEU A 336 -24.81 -74.50 0.24
N ASP A 337 -24.53 -73.33 -0.36
CA ASP A 337 -25.58 -72.33 -0.53
C ASP A 337 -25.33 -71.55 -1.81
N THR A 338 -26.41 -70.96 -2.33
CA THR A 338 -26.34 -70.12 -3.52
C THR A 338 -27.53 -69.18 -3.49
N THR A 339 -27.29 -67.93 -3.09
CA THR A 339 -28.35 -66.94 -2.93
C THR A 339 -27.80 -65.55 -3.24
N ILE A 340 -28.72 -64.61 -3.47
CA ILE A 340 -28.38 -63.20 -3.62
C ILE A 340 -29.43 -62.38 -2.89
N PRO A 341 -29.06 -61.63 -1.86
CA PRO A 341 -30.06 -60.85 -1.12
C PRO A 341 -30.36 -59.51 -1.79
N PHE A 342 -31.57 -59.04 -1.58
CA PHE A 342 -31.99 -57.72 -2.02
C PHE A 342 -32.41 -56.90 -0.81
N GLY A 343 -32.16 -55.59 -0.88
CA GLY A 343 -32.55 -54.69 0.19
C GLY A 343 -31.77 -54.95 1.47
N PRO A 344 -32.35 -54.58 2.60
CA PRO A 344 -31.65 -54.75 3.89
C PRO A 344 -31.46 -56.20 4.25
N SER A 345 -30.36 -56.46 4.95
CA SER A 345 -29.99 -57.79 5.43
C SER A 345 -29.66 -57.70 6.92
N SER A 346 -29.24 -58.83 7.49
CA SER A 346 -28.96 -58.90 8.92
C SER A 346 -27.62 -59.55 9.27
N GLN A 347 -27.02 -60.31 8.37
CA GLN A 347 -25.76 -60.99 8.65
C GLN A 347 -24.85 -60.85 7.44
N PRO A 348 -23.54 -60.94 7.63
CA PRO A 348 -22.61 -60.75 6.50
C PRO A 348 -22.75 -61.85 5.47
N TYR A 349 -22.48 -61.50 4.22
CA TYR A 349 -22.48 -62.44 3.11
C TYR A 349 -21.16 -62.38 2.36
N TYR A 350 -20.66 -63.53 1.95
CA TYR A 350 -19.42 -63.64 1.19
C TYR A 350 -19.73 -64.03 -0.24
N CYS A 351 -18.99 -63.48 -1.19
CA CYS A 351 -19.22 -63.71 -2.61
C CYS A 351 -17.97 -64.28 -3.27
N PHE A 352 -18.19 -65.13 -4.27
CA PHE A 352 -17.12 -65.89 -4.90
C PHE A 352 -17.23 -65.79 -6.42
N ILE A 353 -16.28 -66.41 -7.11
CA ILE A 353 -16.24 -66.47 -8.57
C ILE A 353 -15.79 -67.86 -9.00
N ASN A 354 -16.52 -68.49 -9.92
CA ASN A 354 -16.17 -69.82 -10.40
C ASN A 354 -15.86 -69.79 -11.88
N SER A 355 -14.96 -70.68 -12.29
CA SER A 355 -14.58 -70.81 -13.69
C SER A 355 -13.95 -72.19 -13.89
N THR A 356 -13.89 -72.62 -15.15
CA THR A 356 -13.37 -73.94 -15.48
C THR A 356 -12.38 -73.83 -16.62
N ILE A 357 -11.26 -74.55 -16.49
CA ILE A 357 -10.22 -74.59 -17.53
C ILE A 357 -9.79 -76.06 -17.63
N ASN A 358 -10.32 -76.78 -18.62
CA ASN A 358 -10.11 -78.21 -18.78
C ASN A 358 -10.39 -78.97 -17.48
N THR A 359 -11.67 -78.95 -17.08
CA THR A 359 -12.17 -79.76 -15.97
C THR A 359 -11.37 -79.45 -14.70
N THR A 360 -11.08 -78.17 -14.48
CA THR A 360 -10.32 -77.71 -13.32
C THR A 360 -11.09 -76.53 -12.72
N HIS A 361 -12.03 -76.83 -11.82
CA HIS A 361 -12.89 -75.81 -11.25
C HIS A 361 -12.06 -74.94 -10.31
N VAL A 362 -12.04 -73.64 -10.59
CA VAL A 362 -11.24 -72.67 -9.83
C VAL A 362 -12.19 -71.67 -9.19
N SER A 363 -12.03 -71.46 -7.89
CA SER A 363 -12.86 -70.51 -7.15
C SER A 363 -11.98 -69.60 -6.32
N THR A 364 -12.46 -68.39 -6.09
CA THR A 364 -11.72 -67.40 -5.32
C THR A 364 -12.70 -66.51 -4.56
N PHE A 365 -12.16 -65.73 -3.64
CA PHE A 365 -12.95 -64.86 -2.77
C PHE A 365 -12.75 -63.42 -3.22
N VAL A 366 -13.86 -62.67 -3.31
CA VAL A 366 -13.87 -61.33 -3.86
C VAL A 366 -14.09 -60.27 -2.79
N GLY A 367 -15.14 -60.42 -1.98
CA GLY A 367 -15.42 -59.44 -0.96
C GLY A 367 -16.73 -59.71 -0.27
N ILE A 368 -17.24 -58.68 0.42
CA ILE A 368 -18.46 -58.75 1.20
C ILE A 368 -19.44 -57.72 0.67
N LEU A 369 -20.70 -58.12 0.51
CA LEU A 369 -21.73 -57.21 0.06
C LEU A 369 -21.97 -56.11 1.10
N PRO A 370 -22.35 -54.92 0.66
CA PRO A 370 -22.69 -53.85 1.59
C PRO A 370 -23.94 -54.21 2.38
N PRO A 371 -24.28 -53.43 3.42
CA PRO A 371 -25.49 -53.75 4.20
C PRO A 371 -26.77 -53.75 3.39
N THR A 372 -26.85 -52.98 2.30
CA THR A 372 -28.08 -52.90 1.50
C THR A 372 -27.70 -52.88 0.03
N VAL A 373 -28.09 -53.92 -0.70
CA VAL A 373 -27.82 -54.02 -2.14
C VAL A 373 -29.05 -53.51 -2.88
N ARG A 374 -28.87 -52.48 -3.70
CA ARG A 374 -30.01 -51.91 -4.42
C ARG A 374 -29.76 -51.75 -5.91
N GLU A 375 -28.51 -51.54 -6.33
CA GLU A 375 -28.18 -51.33 -7.73
C GLU A 375 -26.99 -52.18 -8.13
N ILE A 376 -27.00 -52.64 -9.38
CA ILE A 376 -25.91 -53.44 -9.95
C ILE A 376 -25.63 -52.91 -11.35
N VAL A 377 -24.37 -52.62 -11.64
CA VAL A 377 -23.95 -52.08 -12.93
C VAL A 377 -22.88 -52.99 -13.52
N VAL A 378 -23.03 -53.33 -14.80
CA VAL A 378 -22.08 -54.20 -15.50
C VAL A 378 -21.60 -53.45 -16.73
N ALA A 379 -20.34 -53.00 -16.70
CA ALA A 379 -19.76 -52.34 -17.85
C ALA A 379 -19.48 -53.35 -18.95
N ARG A 380 -19.13 -52.85 -20.13
CA ARG A 380 -18.92 -53.72 -21.28
C ARG A 380 -17.46 -54.10 -21.46
N THR A 381 -16.53 -53.34 -20.86
CA THR A 381 -15.11 -53.63 -20.94
C THR A 381 -14.63 -54.58 -19.85
N GLY A 382 -15.52 -55.08 -19.00
CA GLY A 382 -15.20 -56.10 -18.01
C GLY A 382 -15.53 -55.71 -16.58
N GLN A 383 -15.51 -54.42 -16.27
CA GLN A 383 -15.67 -53.99 -14.89
C GLN A 383 -17.06 -54.32 -14.37
N PHE A 384 -17.13 -54.57 -13.06
CA PHE A 384 -18.38 -54.95 -12.40
C PHE A 384 -18.50 -54.14 -11.12
N TYR A 385 -19.57 -53.37 -10.98
CA TYR A 385 -19.80 -52.52 -9.82
C TYR A 385 -21.04 -52.96 -9.07
N ILE A 386 -20.98 -52.88 -7.74
CA ILE A 386 -22.14 -53.03 -6.88
C ILE A 386 -22.25 -51.78 -6.02
N ASN A 387 -23.42 -51.13 -6.07
CA ASN A 387 -23.65 -49.87 -5.36
C ASN A 387 -22.64 -48.80 -5.73
N GLY A 388 -22.06 -48.91 -6.93
CA GLY A 388 -21.04 -47.97 -7.35
C GLY A 388 -19.69 -48.21 -6.71
N PHE A 389 -19.19 -49.44 -6.79
CA PHE A 389 -17.87 -49.77 -6.28
C PHE A 389 -17.36 -51.01 -6.98
N LYS A 390 -16.17 -50.91 -7.58
CA LYS A 390 -15.63 -52.02 -8.37
C LYS A 390 -15.17 -53.15 -7.46
N TYR A 391 -15.54 -54.38 -7.83
CA TYR A 391 -15.12 -55.57 -7.10
C TYR A 391 -14.05 -56.37 -7.84
N PHE A 392 -14.32 -56.76 -9.09
CA PHE A 392 -13.31 -57.45 -9.89
C PHE A 392 -13.36 -56.86 -11.29
N ASP A 393 -12.68 -57.52 -12.23
CA ASP A 393 -12.57 -57.00 -13.58
C ASP A 393 -12.21 -58.13 -14.52
N LEU A 394 -13.10 -58.42 -15.47
CA LEU A 394 -12.83 -59.41 -16.49
C LEU A 394 -12.11 -58.74 -17.67
N GLY A 395 -11.96 -59.45 -18.77
CA GLY A 395 -11.32 -58.88 -19.94
C GLY A 395 -12.28 -58.23 -20.91
N PHE A 396 -13.32 -58.96 -21.30
CA PHE A 396 -14.25 -58.48 -22.31
C PHE A 396 -15.55 -59.26 -22.16
N ILE A 397 -16.65 -58.56 -21.90
CA ILE A 397 -17.96 -59.17 -21.71
C ILE A 397 -18.82 -58.91 -22.94
N GLU A 398 -19.52 -59.94 -23.40
CA GLU A 398 -20.41 -59.83 -24.55
C GLU A 398 -21.88 -59.87 -24.19
N ALA A 399 -22.26 -60.64 -23.17
CA ALA A 399 -23.66 -60.76 -22.78
C ALA A 399 -23.72 -61.17 -21.32
N VAL A 400 -24.84 -60.86 -20.67
CA VAL A 400 -25.06 -61.15 -19.27
C VAL A 400 -26.39 -61.88 -19.13
N ASN A 401 -26.37 -63.01 -18.43
CA ASN A 401 -27.57 -63.79 -18.14
C ASN A 401 -27.74 -63.83 -16.62
N PHE A 402 -28.77 -63.15 -16.12
CA PHE A 402 -28.94 -62.95 -14.68
C PHE A 402 -29.98 -63.96 -14.19
N ASN A 403 -29.51 -65.18 -13.93
CA ASN A 403 -30.38 -66.32 -13.64
C ASN A 403 -30.85 -66.26 -12.19
N VAL A 404 -32.13 -65.97 -11.98
CA VAL A 404 -32.73 -66.00 -10.66
C VAL A 404 -34.06 -66.73 -10.75
N THR A 405 -34.26 -67.72 -9.89
CA THR A 405 -35.53 -68.46 -9.85
C THR A 405 -36.54 -67.68 -9.03
N THR A 406 -37.71 -67.43 -9.63
CA THR A 406 -38.76 -66.67 -8.97
C THR A 406 -40.12 -67.18 -9.41
N ALA A 407 -41.13 -66.98 -8.57
CA ALA A 407 -42.47 -67.48 -8.83
C ALA A 407 -43.37 -66.47 -9.54
N SER A 408 -42.85 -65.29 -9.85
CA SER A 408 -43.63 -64.25 -10.53
C SER A 408 -42.66 -63.41 -11.36
N ALA A 409 -43.11 -62.22 -11.74
CA ALA A 409 -42.30 -61.32 -12.56
C ALA A 409 -41.90 -60.06 -11.81
N THR A 410 -41.78 -60.14 -10.49
CA THR A 410 -41.50 -58.98 -9.65
C THR A 410 -40.09 -59.06 -9.06
N ASP A 411 -39.10 -58.59 -9.82
CA ASP A 411 -37.77 -58.45 -9.26
C ASP A 411 -37.14 -57.11 -9.59
N PHE A 412 -37.48 -56.53 -10.75
CA PHE A 412 -36.79 -55.36 -11.25
C PHE A 412 -37.76 -54.23 -11.55
N TRP A 413 -37.25 -53.00 -11.51
CA TRP A 413 -37.98 -51.82 -11.92
C TRP A 413 -37.69 -51.46 -13.38
N THR A 414 -36.43 -51.22 -13.70
CA THR A 414 -36.02 -50.87 -15.06
C THR A 414 -34.68 -51.53 -15.36
N VAL A 415 -34.40 -51.66 -16.66
CA VAL A 415 -33.07 -52.04 -17.15
C VAL A 415 -32.71 -51.04 -18.24
N ALA A 416 -31.63 -50.29 -18.04
CA ALA A 416 -31.29 -49.16 -18.90
C ALA A 416 -29.92 -49.36 -19.52
N PHE A 417 -29.78 -48.94 -20.77
CA PHE A 417 -28.51 -48.91 -21.49
C PHE A 417 -28.06 -47.46 -21.63
N ALA A 418 -26.76 -47.22 -21.47
CA ALA A 418 -26.28 -45.85 -21.40
C ALA A 418 -24.87 -45.76 -21.99
N THR A 419 -24.40 -44.52 -22.13
CA THR A 419 -23.05 -44.24 -22.61
C THR A 419 -22.48 -43.07 -21.82
N PHE A 420 -21.15 -42.98 -21.81
CA PHE A 420 -20.47 -41.96 -21.02
C PHE A 420 -20.65 -40.58 -21.64
N VAL A 421 -21.07 -39.60 -20.83
CA VAL A 421 -21.26 -38.23 -21.27
C VAL A 421 -20.84 -37.29 -20.14
N ASP A 422 -20.16 -36.20 -20.48
CA ASP A 422 -19.75 -35.20 -19.50
C ASP A 422 -20.98 -34.48 -18.96
N VAL A 423 -21.08 -34.38 -17.62
CA VAL A 423 -22.23 -33.75 -16.98
C VAL A 423 -21.75 -32.83 -15.85
N LEU A 424 -22.70 -32.23 -15.14
CA LEU A 424 -22.43 -31.41 -13.96
C LEU A 424 -23.47 -31.74 -12.91
N VAL A 425 -23.02 -32.12 -11.71
CA VAL A 425 -23.87 -32.77 -10.72
C VAL A 425 -23.85 -31.97 -9.43
N ASN A 426 -25.00 -31.91 -8.75
CA ASN A 426 -25.14 -31.32 -7.43
C ASN A 426 -25.34 -32.47 -6.44
N VAL A 427 -24.25 -32.92 -5.83
CA VAL A 427 -24.28 -34.07 -4.93
C VAL A 427 -24.64 -33.61 -3.53
N SER A 428 -25.54 -34.34 -2.88
CA SER A 428 -25.89 -34.09 -1.49
C SER A 428 -26.19 -35.42 -0.81
N ALA A 429 -25.52 -35.66 0.32
CA ALA A 429 -25.69 -36.89 1.10
C ALA A 429 -25.42 -38.14 0.24
N THR A 430 -24.37 -38.06 -0.58
CA THR A 430 -23.99 -39.15 -1.48
C THR A 430 -25.12 -39.54 -2.42
N ASN A 431 -25.86 -38.54 -2.89
CA ASN A 431 -26.95 -38.74 -3.84
C ASN A 431 -26.84 -37.69 -4.94
N ILE A 432 -27.78 -37.74 -5.87
CA ILE A 432 -27.82 -36.81 -7.01
C ILE A 432 -29.08 -35.98 -6.90
N GLN A 433 -28.93 -34.65 -6.86
CA GLN A 433 -30.06 -33.74 -6.80
C GLN A 433 -30.45 -33.23 -8.18
N ASN A 434 -29.54 -32.56 -8.88
CA ASN A 434 -29.81 -31.97 -10.18
C ASN A 434 -28.88 -32.56 -11.23
N LEU A 435 -28.96 -32.03 -12.44
CA LEU A 435 -28.16 -32.49 -13.56
C LEU A 435 -28.18 -31.43 -14.64
N LEU A 436 -27.05 -31.23 -15.31
CA LEU A 436 -26.95 -30.19 -16.32
C LEU A 436 -25.94 -30.64 -17.37
N TYR A 437 -26.45 -31.09 -18.52
CA TYR A 437 -25.58 -31.52 -19.60
C TYR A 437 -24.84 -30.33 -20.20
N CYS A 438 -23.56 -30.52 -20.49
CA CYS A 438 -22.71 -29.45 -21.01
C CYS A 438 -22.61 -29.58 -22.53
N ASP A 439 -23.67 -29.13 -23.22
CA ASP A 439 -23.71 -29.20 -24.67
C ASP A 439 -23.99 -27.86 -25.34
N SER A 440 -24.89 -27.05 -24.79
CA SER A 440 -25.30 -25.80 -25.39
C SER A 440 -24.23 -24.74 -25.21
N PRO A 441 -24.19 -23.74 -26.11
CA PRO A 441 -23.21 -22.65 -25.95
C PRO A 441 -23.33 -21.91 -24.62
N PHE A 442 -24.54 -21.70 -24.10
CA PHE A 442 -24.68 -21.13 -22.78
C PHE A 442 -24.55 -22.14 -21.67
N GLU A 443 -24.89 -23.40 -21.92
CA GLU A 443 -24.70 -24.45 -20.91
C GLU A 443 -23.24 -24.77 -20.68
N LYS A 444 -22.34 -24.26 -21.52
CA LYS A 444 -20.92 -24.46 -21.31
C LYS A 444 -20.30 -23.40 -20.41
N LEU A 445 -20.83 -22.17 -20.40
CA LEU A 445 -20.33 -21.17 -19.47
C LEU A 445 -20.54 -21.59 -18.03
N GLN A 446 -21.75 -22.03 -17.68
CA GLN A 446 -22.01 -22.54 -16.35
C GLN A 446 -21.16 -23.76 -16.04
N CYS A 447 -21.02 -24.66 -17.01
CA CYS A 447 -20.24 -25.87 -16.83
C CYS A 447 -18.76 -25.57 -16.61
N GLU A 448 -18.27 -24.44 -17.14
CA GLU A 448 -16.89 -24.03 -16.93
C GLU A 448 -16.69 -23.27 -15.63
N HIS A 449 -17.67 -22.46 -15.21
CA HIS A 449 -17.54 -21.67 -14.00
C HIS A 449 -18.04 -22.37 -12.76
N LEU A 450 -18.57 -23.60 -12.89
CA LEU A 450 -19.07 -24.39 -11.77
C LEU A 450 -20.13 -23.61 -10.98
N GLN A 451 -21.21 -23.27 -11.68
CA GLN A 451 -22.26 -22.47 -11.07
C GLN A 451 -23.57 -22.75 -11.78
N PHE A 452 -24.66 -22.83 -11.00
CA PHE A 452 -26.00 -23.04 -11.55
C PHE A 452 -26.64 -21.68 -11.69
N GLY A 453 -26.72 -21.18 -12.92
CA GLY A 453 -27.25 -19.84 -13.16
C GLY A 453 -26.19 -18.77 -12.96
N LEU A 454 -26.21 -17.73 -13.79
CA LEU A 454 -25.18 -16.71 -13.77
C LEU A 454 -25.79 -15.33 -13.70
N GLN A 455 -25.01 -14.37 -13.21
CA GLN A 455 -25.46 -13.01 -13.03
C GLN A 455 -25.40 -12.26 -14.37
N ASP A 456 -25.56 -10.94 -14.30
CA ASP A 456 -25.47 -10.09 -15.48
C ASP A 456 -24.12 -9.37 -15.49
N GLY A 457 -23.52 -9.28 -16.67
CA GLY A 457 -22.25 -8.63 -16.83
C GLY A 457 -21.41 -9.34 -17.88
N PHE A 458 -20.12 -9.06 -17.85
CA PHE A 458 -19.16 -9.59 -18.82
C PHE A 458 -18.42 -10.77 -18.24
N TYR A 459 -18.20 -11.79 -19.06
CA TYR A 459 -17.54 -13.01 -18.62
C TYR A 459 -16.49 -13.41 -19.64
N SER A 460 -15.41 -14.03 -19.15
CA SER A 460 -14.34 -14.51 -20.01
C SER A 460 -14.55 -15.98 -20.34
N ALA A 461 -14.38 -16.31 -21.62
CA ALA A 461 -14.64 -17.67 -22.07
C ALA A 461 -13.59 -18.09 -23.09
N ASN A 462 -13.08 -19.30 -22.95
CA ASN A 462 -12.11 -19.86 -23.88
C ASN A 462 -12.24 -21.38 -23.80
N PHE A 463 -12.95 -21.98 -24.75
CA PHE A 463 -13.26 -23.40 -24.71
C PHE A 463 -12.18 -24.16 -25.48
N LEU A 464 -11.38 -24.94 -24.76
CA LEU A 464 -10.38 -25.78 -25.39
C LEU A 464 -11.02 -27.04 -25.95
N ASP A 465 -10.18 -27.90 -26.52
CA ASP A 465 -10.64 -29.18 -27.05
C ASP A 465 -9.50 -30.18 -27.01
N ASP A 466 -9.73 -31.31 -26.35
CA ASP A 466 -8.74 -32.38 -26.28
C ASP A 466 -8.83 -33.24 -27.53
N ASN A 467 -7.67 -33.52 -28.12
CA ASN A 467 -7.60 -34.28 -29.36
C ASN A 467 -6.20 -34.88 -29.47
N VAL A 468 -5.87 -35.41 -30.65
CA VAL A 468 -4.55 -35.94 -30.93
C VAL A 468 -3.91 -35.06 -31.99
N LEU A 469 -2.61 -34.82 -31.84
CA LEU A 469 -1.92 -33.87 -32.70
C LEU A 469 -0.65 -34.49 -33.26
N PRO A 470 -0.28 -34.12 -34.49
CA PRO A 470 1.00 -34.56 -35.04
C PRO A 470 2.16 -33.87 -34.34
N GLU A 471 3.35 -34.42 -34.52
CA GLU A 471 4.53 -33.98 -33.77
C GLU A 471 5.65 -33.63 -34.73
N THR A 472 6.34 -32.52 -34.45
CA THR A 472 7.44 -32.03 -35.28
C THR A 472 8.71 -31.97 -34.45
N TYR A 473 9.85 -32.15 -35.12
CA TYR A 473 11.14 -32.23 -34.44
C TYR A 473 12.21 -31.61 -35.32
N VAL A 474 12.86 -30.57 -34.82
CA VAL A 474 13.94 -29.89 -35.52
C VAL A 474 15.11 -29.75 -34.56
N ALA A 475 16.30 -30.19 -35.00
CA ALA A 475 17.49 -30.16 -34.16
C ALA A 475 18.70 -29.81 -35.00
N LEU A 476 19.80 -29.51 -34.31
CA LEU A 476 21.05 -29.17 -34.99
C LEU A 476 21.56 -30.38 -35.77
N PRO A 477 22.30 -30.16 -36.86
CA PRO A 477 22.61 -31.26 -37.78
C PRO A 477 23.41 -32.38 -37.11
N ILE A 478 23.05 -33.62 -37.43
CA ILE A 478 23.75 -34.80 -36.95
C ILE A 478 23.33 -35.97 -37.83
N TYR A 479 24.13 -37.02 -37.85
CA TYR A 479 23.80 -38.18 -38.66
C TYR A 479 22.83 -39.09 -37.91
N TYR A 480 22.36 -40.13 -38.58
CA TYR A 480 21.30 -40.99 -38.07
C TYR A 480 21.82 -42.40 -37.86
N GLN A 481 21.53 -42.97 -36.69
CA GLN A 481 21.93 -44.33 -36.37
C GLN A 481 20.95 -44.88 -35.34
N HIS A 482 20.42 -46.08 -35.58
CA HIS A 482 19.31 -46.59 -34.79
C HIS A 482 19.65 -47.95 -34.19
N THR A 483 18.88 -48.32 -33.16
CA THR A 483 18.96 -49.62 -32.52
C THR A 483 17.60 -49.94 -31.92
N ASP A 484 17.33 -51.23 -31.74
CA ASP A 484 16.05 -51.70 -31.23
C ASP A 484 16.27 -52.56 -29.99
N ILE A 485 15.40 -52.39 -28.99
CA ILE A 485 15.47 -53.14 -27.75
C ILE A 485 14.08 -53.67 -27.43
N ASN A 486 13.96 -54.99 -27.28
CA ASN A 486 12.73 -55.64 -26.86
C ASN A 486 12.76 -55.86 -25.35
N PHE A 487 11.62 -56.26 -24.81
CA PHE A 487 11.54 -56.65 -23.40
C PHE A 487 10.43 -57.71 -23.30
N THR A 488 10.83 -58.97 -23.36
CA THR A 488 9.89 -60.08 -23.42
C THR A 488 9.66 -60.67 -22.05
N ALA A 489 8.60 -61.47 -21.94
CA ALA A 489 8.24 -62.11 -20.68
C ALA A 489 7.32 -63.28 -20.98
N THR A 490 7.75 -64.50 -20.65
CA THR A 490 6.96 -65.70 -20.83
C THR A 490 6.65 -66.32 -19.47
N ALA A 491 5.57 -67.10 -19.41
CA ALA A 491 5.13 -67.63 -18.14
C ALA A 491 4.40 -68.95 -18.32
N SER A 492 4.31 -69.70 -17.23
CA SER A 492 3.54 -70.93 -17.15
C SER A 492 2.78 -70.94 -15.85
N PHE A 493 1.71 -71.73 -15.80
CA PHE A 493 0.80 -71.73 -14.66
C PHE A 493 0.39 -73.15 -14.29
N GLY A 494 -0.13 -73.29 -13.08
CA GLY A 494 -0.83 -74.51 -12.69
C GLY A 494 -0.12 -75.44 -11.75
N GLY A 495 0.64 -74.91 -10.80
CA GLY A 495 1.39 -75.80 -9.93
C GLY A 495 0.55 -76.59 -8.94
N SER A 496 0.01 -75.91 -7.93
CA SER A 496 -0.90 -76.50 -6.96
C SER A 496 -2.13 -75.61 -6.82
N CYS A 497 -1.94 -74.31 -7.01
CA CYS A 497 -3.00 -73.32 -6.99
C CYS A 497 -2.77 -72.28 -8.09
N TYR A 498 -3.87 -71.83 -8.69
CA TYR A 498 -3.80 -70.87 -9.79
C TYR A 498 -3.82 -69.42 -9.30
N VAL A 499 -4.91 -69.01 -8.64
CA VAL A 499 -5.13 -67.60 -8.33
C VAL A 499 -4.12 -67.05 -7.35
N CYS A 500 -3.18 -67.86 -6.87
CA CYS A 500 -2.18 -67.44 -5.90
C CYS A 500 -0.96 -66.82 -6.59
N LYS A 501 -0.25 -67.60 -7.41
CA LYS A 501 0.99 -67.14 -8.03
C LYS A 501 1.22 -67.93 -9.30
N PRO A 502 1.94 -67.36 -10.28
CA PRO A 502 2.31 -68.12 -11.47
C PRO A 502 3.40 -69.13 -11.15
N HIS A 503 3.55 -70.10 -12.07
CA HIS A 503 4.52 -71.16 -11.87
C HIS A 503 5.95 -70.67 -12.09
N GLN A 504 6.21 -70.01 -13.21
CA GLN A 504 7.55 -69.54 -13.54
C GLN A 504 7.45 -68.41 -14.56
N VAL A 505 8.33 -67.43 -14.42
CA VAL A 505 8.35 -66.27 -15.32
C VAL A 505 9.80 -65.98 -15.71
N ASN A 506 10.04 -65.77 -17.00
CA ASN A 506 11.36 -65.48 -17.53
C ASN A 506 11.41 -64.07 -18.10
N ILE A 507 12.46 -63.32 -17.77
CA ILE A 507 12.66 -61.97 -18.26
C ILE A 507 14.00 -61.91 -18.96
N SER A 508 14.03 -61.33 -20.15
CA SER A 508 15.28 -61.24 -20.92
C SER A 508 15.19 -60.06 -21.88
N LEU A 509 16.32 -59.38 -22.07
CA LEU A 509 16.44 -58.27 -23.00
C LEU A 509 17.14 -58.76 -24.27
N ASN A 510 16.39 -58.87 -25.36
CA ASN A 510 16.91 -59.29 -26.65
C ASN A 510 17.58 -60.66 -26.60
N GLY A 511 17.21 -61.49 -25.62
CA GLY A 511 17.86 -62.77 -25.42
C GLY A 511 19.04 -62.74 -24.48
N ASN A 512 19.60 -61.57 -24.20
CA ASN A 512 20.70 -61.42 -23.27
C ASN A 512 20.15 -61.04 -21.90
N THR A 513 21.03 -60.68 -20.97
CA THR A 513 20.63 -60.17 -19.67
C THR A 513 21.00 -58.70 -19.48
N SER A 514 21.79 -58.12 -20.37
CA SER A 514 22.16 -56.72 -20.28
C SER A 514 22.59 -56.24 -21.66
N VAL A 515 21.89 -55.24 -22.18
CA VAL A 515 22.17 -54.70 -23.51
C VAL A 515 22.05 -53.19 -23.44
N CYS A 516 23.05 -52.48 -23.97
CA CYS A 516 22.96 -51.03 -24.05
C CYS A 516 23.68 -50.48 -25.27
N VAL A 517 23.57 -49.16 -25.41
CA VAL A 517 23.62 -48.48 -26.69
C VAL A 517 24.93 -47.74 -26.83
N ARG A 518 25.63 -47.99 -27.94
CA ARG A 518 26.77 -47.20 -28.36
C ARG A 518 26.42 -46.22 -29.47
N THR A 519 25.15 -46.10 -29.81
CA THR A 519 24.69 -45.33 -30.96
C THR A 519 23.98 -44.06 -30.49
N SER A 520 23.41 -43.33 -31.45
CA SER A 520 22.86 -42.00 -31.19
C SER A 520 21.34 -41.98 -31.04
N HIS A 521 20.64 -43.02 -31.45
CA HIS A 521 19.19 -43.06 -31.31
C HIS A 521 18.77 -44.47 -30.89
N PHE A 522 17.65 -44.55 -30.18
CA PHE A 522 17.17 -45.81 -29.65
C PHE A 522 15.67 -45.76 -29.44
N SER A 523 15.07 -46.92 -29.23
CA SER A 523 13.65 -47.05 -28.93
C SER A 523 13.43 -48.39 -28.26
N ILE A 524 12.51 -48.43 -27.30
CA ILE A 524 12.28 -49.61 -26.48
C ILE A 524 10.80 -49.94 -26.46
N ARG A 525 10.50 -51.23 -26.28
CA ARG A 525 9.12 -51.71 -26.25
C ARG A 525 8.88 -52.62 -25.06
N TYR A 526 7.71 -53.24 -25.01
CA TYR A 526 7.39 -54.26 -24.01
C TYR A 526 6.49 -55.29 -24.65
N ILE A 527 6.94 -56.54 -24.70
CA ILE A 527 6.23 -57.60 -25.40
C ILE A 527 5.89 -58.70 -24.40
N TYR A 528 4.62 -59.08 -24.36
CA TYR A 528 4.14 -60.19 -23.55
C TYR A 528 3.67 -61.30 -24.49
N ASN A 529 4.22 -62.49 -24.31
CA ASN A 529 3.96 -63.61 -25.21
C ASN A 529 2.76 -64.40 -24.72
N ARG A 530 1.69 -64.41 -25.53
CA ARG A 530 0.45 -65.08 -25.17
C ARG A 530 0.20 -66.36 -25.96
N VAL A 531 1.17 -66.82 -26.75
CA VAL A 531 0.98 -68.00 -27.59
C VAL A 531 1.91 -69.07 -27.04
N LYS A 532 2.15 -69.04 -25.73
CA LYS A 532 3.03 -70.01 -25.11
C LYS A 532 2.47 -71.43 -25.23
N SER A 533 1.18 -71.59 -25.00
CA SER A 533 0.54 -72.91 -25.03
C SER A 533 -0.22 -73.18 -26.33
N GLY A 534 -0.01 -72.36 -27.35
CA GLY A 534 -0.77 -72.50 -28.58
C GLY A 534 -2.15 -71.90 -28.43
N SER A 535 -3.00 -72.56 -27.66
CA SER A 535 -4.27 -71.97 -27.26
C SER A 535 -3.98 -70.86 -26.25
N PRO A 536 -4.51 -69.66 -26.45
CA PRO A 536 -4.15 -68.53 -25.56
C PRO A 536 -4.74 -68.66 -24.18
N GLY A 537 -4.11 -69.47 -23.33
CA GLY A 537 -4.55 -69.59 -21.95
C GLY A 537 -4.25 -68.38 -21.10
N ASP A 538 -3.48 -67.43 -21.62
CA ASP A 538 -3.13 -66.20 -20.91
C ASP A 538 -4.29 -65.21 -20.87
N SER A 539 -5.48 -65.60 -21.31
CA SER A 539 -6.61 -64.68 -21.33
C SER A 539 -7.00 -64.20 -19.95
N SER A 540 -6.70 -64.98 -18.91
CA SER A 540 -7.06 -64.61 -17.55
C SER A 540 -5.99 -63.78 -16.86
N TRP A 541 -4.73 -64.14 -17.03
CA TRP A 541 -3.64 -63.49 -16.31
C TRP A 541 -3.28 -62.16 -16.97
N HIS A 542 -3.18 -61.11 -16.16
CA HIS A 542 -2.76 -59.79 -16.62
C HIS A 542 -1.41 -59.48 -16.01
N ILE A 543 -0.42 -59.17 -16.85
CA ILE A 543 0.93 -58.85 -16.41
C ILE A 543 1.33 -57.53 -17.03
N TYR A 544 1.84 -56.61 -16.22
CA TYR A 544 2.17 -55.26 -16.69
C TYR A 544 3.21 -54.64 -15.77
N LEU A 545 3.83 -53.57 -16.25
CA LEU A 545 4.82 -52.84 -15.48
C LEU A 545 4.13 -51.84 -14.55
N LYS A 546 4.77 -51.60 -13.41
CA LYS A 546 4.34 -50.58 -12.47
C LYS A 546 5.23 -49.35 -12.61
N SER A 547 5.06 -48.39 -11.72
CA SER A 547 5.87 -47.18 -11.69
C SER A 547 6.88 -47.29 -10.57
N GLY A 548 8.17 -47.19 -10.91
CA GLY A 548 9.22 -47.37 -9.93
C GLY A 548 9.67 -46.07 -9.29
N THR A 549 10.98 -45.94 -9.06
CA THR A 549 11.54 -44.77 -8.42
C THR A 549 12.31 -43.87 -9.38
N CYS A 550 12.42 -44.27 -10.65
CA CYS A 550 13.12 -43.43 -11.62
C CYS A 550 12.33 -42.15 -11.90
N PRO A 551 13.01 -41.06 -12.23
CA PRO A 551 12.30 -39.82 -12.54
C PRO A 551 11.84 -39.74 -13.99
N PHE A 552 11.27 -40.82 -14.50
CA PHE A 552 10.62 -40.83 -15.81
C PHE A 552 9.70 -42.05 -15.85
N SER A 553 9.22 -42.39 -17.04
CA SER A 553 8.31 -43.50 -17.22
C SER A 553 8.77 -44.38 -18.37
N PHE A 554 8.39 -45.65 -18.31
CA PHE A 554 8.80 -46.60 -19.34
C PHE A 554 8.07 -46.35 -20.66
N SER A 555 6.81 -45.96 -20.62
CA SER A 555 6.04 -45.75 -21.83
C SER A 555 6.34 -44.42 -22.51
N LYS A 556 7.03 -43.50 -21.82
CA LYS A 556 7.37 -42.20 -22.39
C LYS A 556 8.86 -42.06 -22.67
N LEU A 557 9.61 -43.15 -22.65
CA LEU A 557 11.01 -43.11 -23.04
C LEU A 557 11.18 -42.98 -24.54
N ASN A 558 10.20 -43.42 -25.33
CA ASN A 558 10.29 -43.30 -26.78
C ASN A 558 10.13 -41.89 -27.27
N ASN A 559 9.57 -40.99 -26.46
CA ASN A 559 9.49 -39.59 -26.83
C ASN A 559 10.89 -39.00 -26.91
N PHE A 560 10.96 -37.74 -27.32
CA PHE A 560 12.25 -37.10 -27.56
C PHE A 560 12.87 -36.72 -26.22
N GLN A 561 13.45 -37.73 -25.57
CA GLN A 561 14.16 -37.58 -24.31
C GLN A 561 15.65 -37.80 -24.54
N LYS A 562 16.47 -37.03 -23.85
CA LYS A 562 17.90 -36.99 -24.11
C LYS A 562 18.69 -37.40 -22.87
N PHE A 563 19.72 -38.22 -23.08
CA PHE A 563 20.52 -38.79 -22.00
C PHE A 563 21.98 -38.78 -22.43
N LYS A 564 22.82 -39.49 -21.68
CA LYS A 564 24.19 -39.76 -22.08
C LYS A 564 24.44 -41.26 -22.26
N THR A 565 24.16 -42.06 -21.24
CA THR A 565 24.19 -43.52 -21.32
C THR A 565 23.04 -44.07 -20.48
N ILE A 566 22.59 -45.27 -20.82
CA ILE A 566 21.47 -45.86 -20.07
C ILE A 566 21.85 -47.21 -19.47
N CYS A 567 22.12 -48.19 -20.33
CA CYS A 567 22.58 -49.52 -19.93
C CYS A 567 21.58 -50.20 -18.97
N PHE A 568 20.43 -50.53 -19.54
CA PHE A 568 19.45 -51.40 -18.89
C PHE A 568 20.10 -52.72 -18.47
N SER A 569 19.50 -53.36 -17.48
CA SER A 569 19.90 -54.71 -17.07
C SER A 569 18.77 -55.35 -16.28
N THR A 570 18.81 -56.68 -16.20
CA THR A 570 17.80 -57.43 -15.47
C THR A 570 18.35 -58.07 -14.20
N VAL A 571 19.50 -57.60 -13.72
CA VAL A 571 20.08 -58.06 -12.46
C VAL A 571 20.45 -56.85 -11.63
N GLU A 572 20.56 -57.05 -10.33
CA GLU A 572 20.80 -55.96 -9.39
C GLU A 572 22.23 -55.46 -9.53
N VAL A 573 22.38 -54.14 -9.69
CA VAL A 573 23.68 -53.48 -9.68
C VAL A 573 23.58 -52.25 -8.78
N PRO A 574 24.65 -51.87 -8.08
CA PRO A 574 24.55 -50.74 -7.16
C PRO A 574 24.27 -49.43 -7.89
N GLY A 575 23.49 -48.56 -7.23
CA GLY A 575 23.14 -47.27 -7.78
C GLY A 575 22.29 -47.35 -9.04
N SER A 576 21.05 -47.83 -8.90
CA SER A 576 20.19 -48.00 -10.06
C SER A 576 18.75 -48.12 -9.61
N CYS A 577 17.86 -47.37 -10.23
CA CYS A 577 16.43 -47.49 -9.97
C CYS A 577 15.86 -48.66 -10.75
N ASN A 578 14.58 -48.96 -10.52
CA ASN A 578 13.98 -50.14 -11.13
C ASN A 578 12.48 -49.95 -11.31
N PHE A 579 11.91 -50.72 -12.25
CA PHE A 579 10.48 -50.87 -12.51
C PHE A 579 10.03 -52.24 -12.07
N PRO A 580 9.12 -52.37 -11.12
CA PRO A 580 8.65 -53.68 -10.68
C PRO A 580 7.76 -54.32 -11.74
N LEU A 581 7.41 -55.58 -11.51
CA LEU A 581 6.53 -56.33 -12.40
C LEU A 581 5.42 -56.97 -11.57
N GLU A 582 4.23 -57.08 -12.15
CA GLU A 582 3.06 -57.51 -11.42
C GLU A 582 2.29 -58.58 -12.19
N ALA A 583 1.67 -59.49 -11.45
CA ALA A 583 0.87 -60.56 -12.03
C ALA A 583 -0.44 -60.67 -11.27
N THR A 584 -1.54 -60.88 -11.98
CA THR A 584 -2.85 -60.80 -11.36
C THR A 584 -3.84 -61.67 -12.12
N TRP A 585 -4.85 -62.17 -11.42
CA TRP A 585 -5.91 -63.00 -12.00
C TRP A 585 -7.23 -62.25 -11.87
N HIS A 586 -7.68 -61.62 -12.97
CA HIS A 586 -8.95 -60.88 -13.01
C HIS A 586 -9.01 -59.78 -11.96
N TYR A 587 -7.86 -59.21 -11.61
CA TYR A 587 -7.79 -58.05 -10.71
C TYR A 587 -8.39 -58.35 -9.33
N THR A 588 -8.08 -59.53 -8.79
CA THR A 588 -8.48 -59.89 -7.44
C THR A 588 -7.34 -59.72 -6.45
N SER A 589 -6.20 -60.37 -6.70
CA SER A 589 -5.05 -60.32 -5.81
C SER A 589 -3.80 -60.01 -6.61
N TYR A 590 -2.92 -59.18 -6.05
CA TYR A 590 -1.71 -58.75 -6.72
C TYR A 590 -0.48 -59.44 -6.14
N THR A 591 0.56 -59.55 -6.96
CA THR A 591 1.83 -60.12 -6.55
C THR A 591 2.94 -59.56 -7.41
N ILE A 592 4.16 -59.56 -6.87
CA ILE A 592 5.33 -59.04 -7.56
C ILE A 592 6.15 -60.21 -8.06
N VAL A 593 6.61 -60.13 -9.31
CA VAL A 593 7.31 -61.24 -9.97
C VAL A 593 8.78 -60.91 -10.19
N GLY A 594 9.06 -59.82 -10.90
CA GLY A 594 10.44 -59.46 -11.19
C GLY A 594 10.67 -57.96 -11.21
N ALA A 595 11.70 -57.51 -11.94
CA ALA A 595 11.98 -56.09 -12.04
C ALA A 595 12.90 -55.86 -13.22
N LEU A 596 13.00 -54.59 -13.63
CA LEU A 596 13.93 -54.15 -14.67
C LEU A 596 14.77 -53.03 -14.10
N TYR A 597 16.09 -53.21 -14.10
CA TYR A 597 17.01 -52.25 -13.50
C TYR A 597 17.62 -51.38 -14.58
N VAL A 598 17.55 -50.07 -14.38
CA VAL A 598 18.02 -49.10 -15.37
C VAL A 598 18.92 -48.08 -14.68
N THR A 599 20.04 -47.75 -15.32
CA THR A 599 20.91 -46.66 -14.91
C THR A 599 20.83 -45.54 -15.94
N TRP A 600 21.48 -44.42 -15.64
CA TRP A 600 21.53 -43.31 -16.58
C TRP A 600 22.55 -42.29 -16.08
N SER A 601 22.72 -41.23 -16.85
CA SER A 601 23.60 -40.12 -16.52
C SER A 601 23.25 -38.95 -17.43
N GLU A 602 23.19 -37.76 -16.86
CA GLU A 602 22.71 -36.61 -17.61
C GLU A 602 23.63 -36.29 -18.78
N GLY A 603 23.03 -35.99 -19.92
CA GLY A 603 23.79 -35.70 -21.11
C GLY A 603 22.90 -35.18 -22.22
N ASN A 604 23.52 -34.93 -23.37
CA ASN A 604 22.81 -34.41 -24.53
C ASN A 604 23.27 -35.12 -25.81
N SER A 605 23.40 -36.44 -25.76
CA SER A 605 23.97 -37.19 -26.86
C SER A 605 23.03 -38.24 -27.42
N ILE A 606 22.25 -38.91 -26.58
CA ILE A 606 21.39 -40.02 -27.00
C ILE A 606 19.94 -39.58 -26.89
N THR A 607 19.16 -39.79 -27.95
CA THR A 607 17.77 -39.35 -28.01
C THR A 607 16.88 -40.52 -28.41
N GLY A 608 15.74 -40.64 -27.73
CA GLY A 608 14.76 -41.64 -28.12
C GLY A 608 13.94 -41.22 -29.32
N VAL A 609 13.35 -42.21 -29.98
CA VAL A 609 12.60 -41.97 -31.22
C VAL A 609 11.32 -42.81 -31.20
N PRO A 610 10.17 -42.26 -31.59
CA PRO A 610 8.93 -43.05 -31.56
C PRO A 610 8.97 -44.32 -32.40
N TYR A 611 9.59 -44.28 -33.59
CA TYR A 611 9.62 -45.46 -34.43
C TYR A 611 10.74 -45.37 -35.46
N PRO A 612 11.35 -46.49 -35.83
CA PRO A 612 12.56 -46.44 -36.67
C PRO A 612 12.31 -46.14 -38.14
N VAL A 613 12.24 -44.86 -38.49
CA VAL A 613 12.18 -44.48 -39.90
C VAL A 613 13.46 -44.95 -40.59
N SER A 614 13.30 -45.70 -41.67
CA SER A 614 14.42 -46.28 -42.39
C SER A 614 14.51 -45.68 -43.79
N GLY A 615 15.75 -45.45 -44.24
CA GLY A 615 16.00 -44.85 -45.53
C GLY A 615 16.31 -43.38 -45.50
N ILE A 616 16.36 -42.76 -44.32
CA ILE A 616 16.63 -41.35 -44.18
C ILE A 616 18.07 -41.17 -43.73
N ARG A 617 18.62 -39.98 -44.00
CA ARG A 617 19.99 -39.66 -43.62
C ARG A 617 20.09 -38.60 -42.54
N GLU A 618 18.99 -37.92 -42.23
CA GLU A 618 18.97 -36.93 -41.16
C GLU A 618 17.54 -36.79 -40.68
N PHE A 619 17.26 -37.30 -39.47
CA PHE A 619 15.89 -37.41 -38.98
C PHE A 619 15.34 -36.03 -38.66
N SER A 620 14.32 -35.61 -39.41
CA SER A 620 13.64 -34.34 -39.17
C SER A 620 12.21 -34.44 -39.68
N ASN A 621 11.35 -33.58 -39.16
CA ASN A 621 9.95 -33.57 -39.55
C ASN A 621 9.35 -32.21 -39.20
N LEU A 622 8.43 -31.74 -40.04
CA LEU A 622 7.84 -30.43 -39.87
C LEU A 622 6.44 -30.42 -40.49
N VAL A 623 5.45 -29.99 -39.70
CA VAL A 623 4.06 -29.97 -40.13
C VAL A 623 3.54 -28.54 -40.01
N LEU A 624 2.97 -28.01 -41.09
CA LEU A 624 2.59 -26.61 -41.16
C LEU A 624 1.08 -26.44 -41.15
N ASN A 625 0.66 -25.20 -40.86
CA ASN A 625 -0.67 -24.67 -41.15
C ASN A 625 -1.78 -25.08 -40.20
N ASN A 626 -1.50 -25.93 -39.21
CA ASN A 626 -2.43 -26.14 -38.12
C ASN A 626 -1.75 -26.84 -36.94
N CYS A 627 -2.44 -26.82 -35.80
CA CYS A 627 -1.80 -26.97 -34.50
C CYS A 627 -1.02 -28.27 -34.40
N THR A 628 0.20 -28.18 -33.86
CA THR A 628 1.08 -29.32 -33.66
C THR A 628 1.67 -29.29 -32.25
N LYS A 629 2.63 -30.17 -31.98
CA LYS A 629 3.33 -30.22 -30.70
C LYS A 629 4.82 -30.25 -31.01
N TYR A 630 5.44 -29.09 -31.08
CA TYR A 630 6.78 -28.97 -31.62
C TYR A 630 7.85 -29.28 -30.57
N ASN A 631 9.03 -29.66 -31.07
CA ASN A 631 10.23 -29.81 -30.27
C ASN A 631 11.35 -29.19 -31.10
N ILE A 632 11.58 -27.89 -30.91
CA ILE A 632 12.41 -27.09 -31.79
C ILE A 632 13.53 -26.48 -30.96
N TYR A 633 14.75 -26.97 -31.16
CA TYR A 633 15.94 -26.47 -30.45
C TYR A 633 15.70 -26.47 -28.94
N ASP A 634 15.14 -27.58 -28.44
CA ASP A 634 14.84 -27.75 -27.02
C ASP A 634 13.80 -26.75 -26.52
N TYR A 635 12.75 -26.58 -27.32
CA TYR A 635 11.58 -25.81 -26.94
C TYR A 635 10.34 -26.65 -27.23
N VAL A 636 9.42 -26.71 -26.27
CA VAL A 636 8.25 -27.57 -26.37
C VAL A 636 6.99 -26.73 -26.13
N GLY A 637 5.92 -27.07 -26.84
CA GLY A 637 4.67 -26.34 -26.70
C GLY A 637 3.69 -26.75 -27.78
N THR A 638 2.78 -25.82 -28.11
CA THR A 638 1.79 -26.04 -29.15
C THR A 638 1.60 -24.73 -29.92
N GLY A 639 1.10 -24.87 -31.13
CA GLY A 639 0.82 -23.70 -31.96
C GLY A 639 0.84 -24.07 -33.43
N ILE A 640 0.60 -23.05 -34.25
CA ILE A 640 0.56 -23.20 -35.71
C ILE A 640 1.81 -22.59 -36.30
N ILE A 641 2.46 -23.32 -37.21
CA ILE A 641 3.70 -22.89 -37.84
C ILE A 641 3.39 -22.53 -39.28
N ARG A 642 3.64 -21.27 -39.65
CA ARG A 642 3.45 -20.79 -41.00
C ARG A 642 4.74 -20.23 -41.55
N SER A 643 4.86 -20.24 -42.87
CA SER A 643 6.02 -19.69 -43.55
C SER A 643 5.83 -18.20 -43.82
N SER A 644 6.95 -17.52 -44.02
CA SER A 644 6.94 -16.08 -44.28
C SER A 644 8.24 -15.73 -45.00
N ASN A 645 8.50 -14.43 -45.15
CA ASN A 645 9.73 -13.97 -45.78
C ASN A 645 10.09 -12.61 -45.19
N GLN A 646 11.04 -12.61 -44.26
CA GLN A 646 11.58 -11.39 -43.67
C GLN A 646 13.09 -11.37 -43.85
N SER A 647 13.64 -10.16 -43.87
CA SER A 647 15.07 -9.96 -44.07
C SER A 647 15.70 -9.69 -42.70
N LEU A 648 16.24 -10.73 -42.08
CA LEU A 648 16.89 -10.61 -40.78
C LEU A 648 18.14 -11.48 -40.78
N ALA A 649 19.25 -10.92 -40.34
CA ALA A 649 20.50 -11.65 -40.21
C ALA A 649 20.92 -11.72 -38.75
N GLY A 650 21.35 -12.89 -38.32
CA GLY A 650 21.74 -13.09 -36.95
C GLY A 650 21.37 -14.44 -36.39
N GLY A 651 20.65 -14.46 -35.26
CA GLY A 651 20.36 -15.69 -34.58
C GLY A 651 19.36 -16.55 -35.32
N ILE A 652 19.18 -17.77 -34.80
CA ILE A 652 18.25 -18.73 -35.37
C ILE A 652 17.12 -19.05 -34.39
N THR A 653 16.85 -18.15 -33.45
CA THR A 653 15.78 -18.35 -32.47
C THR A 653 15.43 -17.01 -31.86
N TYR A 654 14.17 -16.61 -31.99
CA TYR A 654 13.68 -15.34 -31.43
C TYR A 654 12.63 -15.68 -30.37
N VAL A 655 13.01 -15.55 -29.10
CA VAL A 655 12.10 -15.83 -28.01
C VAL A 655 11.61 -14.52 -27.42
N SER A 656 10.49 -14.59 -26.71
CA SER A 656 9.97 -13.43 -25.99
C SER A 656 10.72 -13.29 -24.67
N ASN A 657 10.27 -12.38 -23.81
CA ASN A 657 10.85 -12.24 -22.49
C ASN A 657 10.14 -13.07 -21.43
N SER A 658 9.40 -14.10 -21.86
CA SER A 658 8.76 -15.04 -20.95
C SER A 658 9.04 -16.49 -21.34
N GLY A 659 10.05 -16.72 -22.17
CA GLY A 659 10.49 -18.07 -22.47
C GLY A 659 9.76 -18.77 -23.60
N ASN A 660 8.85 -18.10 -24.29
CA ASN A 660 8.08 -18.70 -25.36
C ASN A 660 8.70 -18.39 -26.72
N LEU A 661 8.58 -19.32 -27.65
CA LEU A 661 9.07 -19.09 -29.00
C LEU A 661 8.17 -18.12 -29.76
N LEU A 662 8.78 -17.41 -30.70
CA LEU A 662 8.05 -16.59 -31.64
C LEU A 662 8.43 -16.83 -33.09
N GLY A 663 9.59 -17.45 -33.36
CA GLY A 663 9.98 -17.76 -34.71
C GLY A 663 11.40 -18.26 -34.79
N PHE A 664 11.62 -19.28 -35.61
CA PHE A 664 12.95 -19.87 -35.80
C PHE A 664 13.36 -19.69 -37.26
N LYS A 665 14.49 -20.30 -37.61
CA LYS A 665 15.05 -20.12 -38.95
C LYS A 665 15.78 -21.38 -39.37
N ASN A 666 15.45 -21.87 -40.56
CA ASN A 666 16.17 -23.02 -41.11
C ASN A 666 17.60 -22.61 -41.42
N VAL A 667 18.56 -23.43 -41.01
CA VAL A 667 19.96 -23.04 -41.05
C VAL A 667 20.56 -23.13 -42.46
N SER A 668 20.10 -24.06 -43.28
CA SER A 668 20.66 -24.25 -44.62
C SER A 668 20.05 -23.30 -45.65
N THR A 669 19.21 -22.37 -45.22
CA THR A 669 18.64 -21.36 -46.09
C THR A 669 18.43 -20.09 -45.29
N GLY A 670 17.65 -19.16 -45.83
CA GLY A 670 17.42 -17.90 -45.16
C GLY A 670 15.98 -17.69 -44.72
N ASN A 671 15.10 -18.63 -45.05
CA ASN A 671 13.69 -18.50 -44.71
C ASN A 671 13.48 -18.63 -43.20
N ILE A 672 12.50 -17.91 -42.70
CA ILE A 672 12.13 -18.00 -41.28
C ILE A 672 10.73 -18.57 -41.18
N PHE A 673 10.25 -18.77 -39.96
CA PHE A 673 8.92 -19.30 -39.73
C PHE A 673 8.31 -18.61 -38.52
N ILE A 674 6.98 -18.65 -38.42
CA ILE A 674 6.23 -17.97 -37.39
C ILE A 674 5.44 -18.99 -36.59
N VAL A 675 5.43 -18.84 -35.27
CA VAL A 675 4.73 -19.77 -34.38
C VAL A 675 3.77 -18.96 -33.52
N THR A 676 2.47 -19.28 -33.62
CA THR A 676 1.44 -18.62 -32.84
C THR A 676 0.51 -19.65 -32.22
N PRO A 677 -0.01 -19.40 -31.03
CA PRO A 677 -0.97 -20.33 -30.44
C PRO A 677 -2.30 -20.29 -31.19
N CYS A 678 -3.05 -21.38 -31.06
CA CYS A 678 -4.31 -21.54 -31.79
C CYS A 678 -5.49 -21.63 -30.83
N ASN A 679 -5.50 -20.81 -29.79
CA ASN A 679 -6.68 -20.66 -28.93
C ASN A 679 -6.59 -19.30 -28.25
N GLN A 680 -7.36 -18.34 -28.73
CA GLN A 680 -7.32 -16.99 -28.18
C GLN A 680 -8.54 -16.73 -27.31
N PRO A 681 -8.37 -16.19 -26.11
CA PRO A 681 -9.52 -15.94 -25.25
C PRO A 681 -10.40 -14.82 -25.78
N ASP A 682 -11.67 -14.84 -25.38
CA ASP A 682 -12.63 -13.84 -25.82
C ASP A 682 -13.33 -13.18 -24.63
N GLN A 683 -14.35 -12.38 -24.91
CA GLN A 683 -15.13 -11.71 -23.87
C GLN A 683 -16.61 -11.86 -24.21
N VAL A 684 -17.37 -12.49 -23.32
CA VAL A 684 -18.78 -12.78 -23.55
C VAL A 684 -19.61 -11.97 -22.57
N ALA A 685 -20.74 -11.44 -23.06
CA ALA A 685 -21.67 -10.66 -22.25
C ALA A 685 -22.92 -11.49 -22.01
N VAL A 686 -23.33 -11.60 -20.74
CA VAL A 686 -24.47 -12.40 -20.33
C VAL A 686 -25.53 -11.49 -19.76
N TYR A 687 -26.76 -11.62 -20.25
CA TYR A 687 -27.88 -10.78 -19.81
C TYR A 687 -29.15 -11.62 -19.81
N GLN A 688 -29.81 -11.68 -18.65
CA GLN A 688 -31.07 -12.41 -18.49
C GLN A 688 -30.93 -13.87 -18.92
N GLN A 689 -29.91 -14.53 -18.39
CA GLN A 689 -29.67 -15.96 -18.62
C GLN A 689 -29.55 -16.29 -20.11
N SER A 690 -28.89 -15.41 -20.86
CA SER A 690 -28.66 -15.65 -22.28
C SER A 690 -27.44 -14.85 -22.70
N ILE A 691 -26.88 -15.22 -23.84
CA ILE A 691 -25.70 -14.55 -24.40
C ILE A 691 -26.17 -13.48 -25.38
N ILE A 692 -25.68 -12.26 -25.18
CA ILE A 692 -26.08 -11.12 -26.00
C ILE A 692 -25.10 -10.96 -27.16
N GLY A 693 -23.83 -10.76 -26.85
CA GLY A 693 -22.83 -10.58 -27.88
C GLY A 693 -21.46 -10.92 -27.33
N ALA A 694 -20.48 -10.93 -28.23
CA ALA A 694 -19.12 -11.32 -27.87
C ALA A 694 -18.14 -10.32 -28.46
N MET A 695 -16.98 -10.22 -27.82
CA MET A 695 -15.89 -9.34 -28.25
C MET A 695 -14.70 -10.21 -28.59
N THR A 696 -14.63 -10.68 -29.83
CA THR A 696 -13.62 -11.63 -30.24
C THR A 696 -12.45 -10.91 -30.91
N ALA A 697 -11.46 -11.68 -31.36
CA ALA A 697 -10.34 -11.14 -32.11
C ALA A 697 -10.09 -11.93 -33.40
N VAL A 698 -11.00 -12.81 -33.78
CA VAL A 698 -10.88 -13.64 -34.98
C VAL A 698 -12.04 -13.30 -35.91
N ASN A 699 -11.73 -13.10 -37.19
CA ASN A 699 -12.72 -12.66 -38.17
C ASN A 699 -13.51 -13.86 -38.69
N GLU A 700 -14.50 -14.27 -37.91
CA GLU A 700 -15.41 -15.34 -38.30
C GLU A 700 -16.62 -15.32 -37.39
N SER A 701 -17.55 -16.23 -37.64
CA SER A 701 -18.72 -16.38 -36.79
C SER A 701 -18.32 -17.00 -35.46
N ARG A 702 -19.26 -17.00 -34.52
CA ARG A 702 -18.93 -17.35 -33.15
C ARG A 702 -20.15 -17.99 -32.49
N TYR A 703 -20.21 -17.99 -31.15
CA TYR A 703 -21.00 -18.93 -30.37
C TYR A 703 -22.48 -18.65 -30.58
N GLY A 704 -23.02 -19.16 -31.68
CA GLY A 704 -24.41 -19.01 -32.01
C GLY A 704 -24.80 -17.67 -32.61
N LEU A 705 -23.84 -16.77 -32.79
CA LEU A 705 -24.13 -15.45 -33.32
C LEU A 705 -23.73 -15.35 -34.79
N GLN A 706 -24.35 -14.42 -35.50
CA GLN A 706 -24.20 -14.35 -36.95
C GLN A 706 -23.53 -13.07 -37.44
N ASN A 707 -24.04 -11.90 -37.06
CA ASN A 707 -23.55 -10.65 -37.62
C ASN A 707 -22.15 -10.35 -37.11
N LEU A 708 -21.48 -9.42 -37.80
CA LEU A 708 -20.07 -9.12 -37.51
C LEU A 708 -19.78 -7.69 -37.89
N LEU A 709 -19.47 -6.85 -36.91
CA LEU A 709 -19.04 -5.48 -37.15
C LEU A 709 -17.52 -5.44 -37.22
N GLN A 710 -16.96 -4.23 -37.23
CA GLN A 710 -15.50 -4.08 -37.23
C GLN A 710 -15.16 -2.81 -36.46
N LEU A 711 -14.87 -2.96 -35.18
CA LEU A 711 -14.48 -1.85 -34.33
C LEU A 711 -13.02 -1.48 -34.58
N PRO A 712 -12.60 -0.29 -34.15
CA PRO A 712 -11.23 0.16 -34.46
C PRO A 712 -10.12 -0.74 -33.95
N ASN A 713 -10.34 -1.51 -32.88
CA ASN A 713 -9.25 -2.33 -32.35
C ASN A 713 -9.62 -3.79 -32.11
N PHE A 714 -10.86 -4.20 -32.40
CA PHE A 714 -11.23 -5.61 -32.35
C PHE A 714 -12.55 -5.78 -33.09
N TYR A 715 -12.99 -7.03 -33.21
CA TYR A 715 -14.23 -7.35 -33.87
C TYR A 715 -15.35 -7.51 -32.85
N TYR A 716 -16.57 -7.22 -33.27
CA TYR A 716 -17.76 -7.39 -32.44
C TYR A 716 -18.74 -8.30 -33.17
N VAL A 717 -19.24 -9.31 -32.45
CA VAL A 717 -20.13 -10.31 -33.02
C VAL A 717 -21.42 -10.32 -32.20
N SER A 718 -22.54 -10.13 -32.89
CA SER A 718 -23.85 -10.15 -32.25
C SER A 718 -24.88 -10.58 -33.29
N ASN A 719 -26.15 -10.62 -32.90
CA ASN A 719 -27.20 -11.00 -33.83
C ASN A 719 -28.45 -10.13 -33.68
N GLY A 720 -28.34 -8.95 -33.07
CA GLY A 720 -29.46 -8.07 -32.90
C GLY A 720 -29.66 -7.14 -34.08
N GLY A 721 -30.60 -6.22 -33.92
CA GLY A 721 -30.89 -5.22 -34.93
C GLY A 721 -30.00 -4.00 -34.80
N ASN A 722 -30.52 -2.86 -35.26
CA ASN A 722 -29.81 -1.60 -35.13
C ASN A 722 -30.76 -0.47 -34.74
N ASN A 723 -31.83 -0.81 -34.03
CA ASN A 723 -32.89 0.14 -33.64
C ASN A 723 -33.18 -0.10 -32.16
N CYS A 724 -32.42 0.55 -31.29
CA CYS A 724 -32.54 0.18 -29.88
C CYS A 724 -32.69 1.38 -28.95
N THR A 725 -31.99 2.48 -29.21
CA THR A 725 -32.13 3.78 -28.56
C THR A 725 -32.10 3.73 -27.02
N THR A 726 -31.60 2.64 -26.45
CA THR A 726 -31.50 2.50 -25.00
C THR A 726 -30.16 1.89 -24.63
N ALA A 727 -29.91 1.76 -23.33
CA ALA A 727 -28.70 1.16 -22.82
C ALA A 727 -28.98 0.36 -21.55
N VAL A 728 -28.43 -0.84 -21.48
CA VAL A 728 -28.54 -1.66 -20.28
C VAL A 728 -27.19 -2.06 -19.71
N MET A 729 -26.12 -2.08 -20.50
CA MET A 729 -24.79 -2.38 -20.01
C MET A 729 -23.83 -1.34 -20.57
N THR A 730 -22.71 -1.17 -19.87
CA THR A 730 -21.72 -0.16 -20.25
C THR A 730 -20.35 -0.80 -20.27
N TYR A 731 -19.50 -0.29 -21.17
CA TYR A 731 -18.15 -0.80 -21.33
C TYR A 731 -17.23 0.41 -21.51
N SER A 732 -16.03 0.16 -22.03
CA SER A 732 -15.01 1.19 -22.12
C SER A 732 -15.55 2.49 -22.71
N ASN A 733 -16.04 2.44 -23.96
CA ASN A 733 -16.52 3.64 -24.62
C ASN A 733 -17.79 3.40 -25.43
N PHE A 734 -18.62 2.44 -25.02
CA PHE A 734 -19.85 2.14 -25.72
C PHE A 734 -20.82 1.44 -24.77
N GLY A 735 -22.08 1.38 -25.16
CA GLY A 735 -23.09 0.71 -24.37
C GLY A 735 -23.88 -0.33 -25.15
N ILE A 736 -23.77 -1.59 -24.75
CA ILE A 736 -24.54 -2.67 -25.36
C ILE A 736 -25.93 -2.69 -24.74
N CYS A 737 -26.96 -2.59 -25.57
CA CYS A 737 -28.32 -2.51 -25.08
C CYS A 737 -28.95 -3.91 -25.06
N ALA A 738 -30.28 -3.97 -24.95
CA ALA A 738 -30.96 -5.22 -24.64
C ALA A 738 -30.78 -6.29 -25.71
N ASP A 739 -30.88 -5.93 -27.00
CA ASP A 739 -30.90 -6.94 -28.06
C ASP A 739 -29.54 -7.17 -28.70
N GLY A 740 -28.52 -6.38 -28.35
CA GLY A 740 -27.18 -6.66 -28.86
C GLY A 740 -26.52 -5.53 -29.61
N SER A 741 -27.31 -4.59 -30.12
CA SER A 741 -26.76 -3.52 -30.93
C SER A 741 -25.89 -2.58 -30.10
N LEU A 742 -24.91 -1.98 -30.76
CA LEU A 742 -24.01 -1.02 -30.12
C LEU A 742 -24.59 0.38 -30.20
N ILE A 743 -24.35 1.17 -29.16
CA ILE A 743 -24.79 2.55 -29.11
C ILE A 743 -23.67 3.40 -28.52
N PRO A 744 -23.20 4.44 -29.21
CA PRO A 744 -22.14 5.28 -28.64
C PRO A 744 -22.64 6.12 -27.48
N VAL A 745 -21.72 6.48 -26.60
CA VAL A 745 -22.03 7.27 -25.42
C VAL A 745 -21.90 8.75 -25.76
N ARG A 746 -22.80 9.56 -25.21
CA ARG A 746 -22.86 10.98 -25.52
C ARG A 746 -22.47 11.81 -24.30
N PRO A 747 -21.89 12.99 -24.51
CA PRO A 747 -21.54 13.87 -23.39
C PRO A 747 -22.77 14.54 -22.80
N ARG A 748 -22.55 15.18 -21.66
CA ARG A 748 -23.63 15.86 -20.94
C ARG A 748 -23.72 17.32 -21.38
N ASN A 749 -24.95 17.78 -21.59
CA ASN A 749 -25.20 19.17 -21.97
C ASN A 749 -25.24 20.05 -20.73
N SER A 750 -24.63 21.22 -20.84
CA SER A 750 -24.65 22.20 -19.74
C SER A 750 -24.24 23.55 -20.30
N SER A 751 -25.04 24.57 -20.04
CA SER A 751 -24.81 25.92 -20.54
C SER A 751 -24.53 26.88 -19.39
N ASP A 752 -23.71 27.89 -19.66
CA ASP A 752 -23.31 28.85 -18.65
C ASP A 752 -23.14 30.22 -19.31
N ASN A 753 -23.32 31.27 -18.51
CA ASN A 753 -23.12 32.64 -18.95
C ASN A 753 -22.03 33.27 -18.08
N GLY A 754 -21.07 33.93 -18.72
CA GLY A 754 -19.91 34.43 -18.02
C GLY A 754 -20.21 35.62 -17.14
N ILE A 755 -19.15 36.16 -16.55
CA ILE A 755 -19.28 37.29 -15.64
C ILE A 755 -19.66 38.55 -16.42
N SER A 756 -20.35 39.46 -15.74
CA SER A 756 -20.76 40.71 -16.36
C SER A 756 -19.55 41.62 -16.56
N ALA A 757 -19.66 42.52 -17.53
CA ALA A 757 -18.58 43.42 -17.89
C ALA A 757 -19.09 44.85 -17.93
N ILE A 758 -18.17 45.80 -17.70
CA ILE A 758 -18.50 47.22 -17.71
C ILE A 758 -18.62 47.67 -19.16
N ILE A 759 -19.85 47.96 -19.61
CA ILE A 759 -20.09 48.31 -21.00
C ILE A 759 -21.46 48.97 -21.07
N THR A 760 -21.65 49.84 -22.06
CA THR A 760 -22.93 50.49 -22.32
C THR A 760 -23.73 49.61 -23.28
N ALA A 761 -24.39 48.61 -22.72
CA ALA A 761 -25.14 47.64 -23.52
C ALA A 761 -26.32 47.16 -22.68
N ASN A 762 -26.92 46.05 -23.11
CA ASN A 762 -28.04 45.44 -22.41
C ASN A 762 -27.57 44.20 -21.66
N LEU A 763 -27.90 44.13 -20.37
CA LEU A 763 -27.47 43.04 -19.51
C LEU A 763 -28.68 42.24 -19.05
N SER A 764 -28.41 41.06 -18.50
CA SER A 764 -29.44 40.18 -17.95
C SER A 764 -29.09 39.89 -16.49
N ILE A 765 -29.98 40.21 -15.59
CA ILE A 765 -29.78 40.05 -14.14
C ILE A 765 -30.83 39.09 -13.62
N PRO A 766 -30.46 38.07 -12.85
CA PRO A 766 -31.47 37.16 -12.30
C PRO A 766 -32.45 37.89 -11.40
N SER A 767 -33.72 37.50 -11.48
CA SER A 767 -34.79 38.16 -10.75
C SER A 767 -35.45 37.27 -9.70
N ASN A 768 -35.94 36.09 -10.10
CA ASN A 768 -36.60 35.17 -9.17
C ASN A 768 -35.65 34.02 -8.85
N TRP A 769 -35.89 33.40 -7.69
CA TRP A 769 -35.00 32.37 -7.18
C TRP A 769 -35.79 31.17 -6.68
N THR A 770 -35.11 30.02 -6.69
CA THR A 770 -35.63 28.79 -6.12
C THR A 770 -34.49 28.06 -5.43
N THR A 771 -34.84 27.10 -4.59
CA THR A 771 -33.87 26.37 -3.79
C THR A 771 -33.77 24.93 -4.25
N SER A 772 -32.69 24.27 -3.83
CA SER A 772 -32.48 22.86 -4.12
C SER A 772 -31.51 22.32 -3.09
N VAL A 773 -31.50 21.00 -2.94
CA VAL A 773 -30.71 20.33 -1.91
C VAL A 773 -29.86 19.25 -2.57
N GLN A 774 -28.58 19.23 -2.22
CA GLN A 774 -27.63 18.24 -2.71
C GLN A 774 -26.90 17.61 -1.53
N VAL A 775 -26.46 16.37 -1.70
CA VAL A 775 -25.84 15.61 -0.62
C VAL A 775 -24.44 15.19 -1.02
N GLU A 776 -23.69 14.71 -0.02
CA GLU A 776 -22.32 14.26 -0.23
C GLU A 776 -21.94 13.36 0.95
N TYR A 777 -21.13 12.35 0.67
CA TYR A 777 -20.74 11.36 1.68
C TYR A 777 -19.24 11.33 1.84
N LEU A 778 -18.79 11.28 3.10
CA LEU A 778 -17.37 11.17 3.42
C LEU A 778 -17.18 10.09 4.48
N GLN A 779 -16.01 9.47 4.46
CA GLN A 779 -15.65 8.42 5.40
C GLN A 779 -14.67 8.98 6.41
N ILE A 780 -14.94 8.75 7.70
CA ILE A 780 -14.09 9.29 8.75
C ILE A 780 -13.43 8.23 9.62
N THR A 781 -13.85 6.97 9.55
CA THR A 781 -13.24 5.94 10.39
C THR A 781 -13.47 4.58 9.76
N SER A 782 -12.68 3.60 10.20
CA SER A 782 -12.84 2.21 9.78
C SER A 782 -12.99 1.33 11.02
N THR A 783 -13.04 0.02 10.82
CA THR A 783 -13.21 -0.91 11.93
C THR A 783 -11.87 -1.47 12.35
N PRO A 784 -11.60 -1.58 13.66
CA PRO A 784 -10.31 -2.13 14.11
C PRO A 784 -10.35 -3.65 14.14
N ILE A 785 -9.26 -4.27 13.71
CA ILE A 785 -9.10 -5.72 13.72
C ILE A 785 -7.90 -6.08 14.59
N VAL A 786 -8.09 -7.01 15.50
CA VAL A 786 -7.01 -7.54 16.34
C VAL A 786 -6.98 -9.05 16.14
N VAL A 787 -5.81 -9.58 15.80
CA VAL A 787 -5.67 -10.99 15.47
C VAL A 787 -4.76 -11.64 16.51
N ASP A 788 -4.92 -12.96 16.66
CA ASP A 788 -4.11 -13.75 17.57
C ASP A 788 -3.13 -14.61 16.78
N CYS A 789 -1.87 -14.60 17.18
CA CYS A 789 -0.83 -15.30 16.43
C CYS A 789 -0.95 -16.81 16.60
N ALA A 790 -0.84 -17.29 17.84
CA ALA A 790 -0.75 -18.72 18.10
C ALA A 790 -2.00 -19.49 17.72
N THR A 791 -3.18 -18.86 17.75
CA THR A 791 -4.41 -19.53 17.37
C THR A 791 -4.60 -19.59 15.87
N TYR A 792 -4.31 -18.48 15.16
CA TYR A 792 -4.43 -18.51 13.71
C TYR A 792 -3.39 -19.41 13.07
N VAL A 793 -2.16 -19.42 13.60
CA VAL A 793 -1.12 -20.23 12.99
C VAL A 793 -1.48 -21.71 13.04
N CYS A 794 -1.96 -22.18 14.19
CA CYS A 794 -2.48 -23.53 14.27
C CYS A 794 -3.58 -23.57 15.33
N ASN A 795 -4.57 -24.43 15.12
CA ASN A 795 -5.79 -24.42 15.92
C ASN A 795 -5.55 -25.14 17.23
N GLY A 796 -4.95 -24.41 18.18
CA GLY A 796 -4.88 -24.86 19.56
C GLY A 796 -4.11 -26.13 19.80
N ASN A 797 -3.21 -26.51 18.90
CA ASN A 797 -2.42 -27.70 19.16
C ASN A 797 -1.34 -27.39 20.19
N PRO A 798 -1.20 -28.19 21.24
CA PRO A 798 -0.18 -27.88 22.25
C PRO A 798 1.22 -28.27 21.82
N ARG A 799 1.40 -28.59 20.53
CA ARG A 799 2.70 -28.94 20.01
C ARG A 799 3.31 -27.86 19.12
N CYS A 800 2.50 -26.96 18.57
CA CYS A 800 3.07 -25.85 17.81
C CYS A 800 3.93 -24.96 18.70
N LYS A 801 3.47 -24.69 19.92
CA LYS A 801 4.15 -23.74 20.80
C LYS A 801 5.58 -24.15 21.09
N ASN A 802 5.91 -25.44 20.97
CA ASN A 802 7.30 -25.85 21.11
C ASN A 802 8.13 -25.49 19.89
N LEU A 803 7.48 -25.22 18.75
CA LEU A 803 8.19 -24.85 17.55
C LEU A 803 8.16 -23.35 17.27
N LEU A 804 7.12 -22.65 17.72
CA LEU A 804 7.04 -21.21 17.53
C LEU A 804 7.97 -20.44 18.45
N LYS A 805 8.56 -21.09 19.46
CA LYS A 805 9.52 -20.42 20.31
C LYS A 805 10.74 -19.96 19.53
N GLN A 806 11.14 -20.73 18.52
CA GLN A 806 12.23 -20.29 17.65
C GLN A 806 11.84 -19.12 16.76
N TYR A 807 10.55 -18.82 16.65
CA TYR A 807 10.05 -17.67 15.93
C TYR A 807 9.44 -16.66 16.90
N THR A 808 10.03 -16.55 18.09
CA THR A 808 9.44 -15.73 19.15
C THR A 808 9.34 -14.25 18.78
N SER A 809 10.20 -13.77 17.88
CA SER A 809 10.12 -12.39 17.41
C SER A 809 9.38 -12.28 16.08
N ALA A 810 8.88 -13.38 15.54
CA ALA A 810 8.20 -13.34 14.25
C ALA A 810 6.83 -12.71 14.33
N CYS A 811 6.04 -13.04 15.37
CA CYS A 811 4.70 -12.48 15.51
C CYS A 811 4.54 -11.68 16.80
N LYS A 812 5.61 -11.49 17.57
CA LYS A 812 5.57 -10.49 18.63
C LYS A 812 5.48 -9.09 18.03
N THR A 813 5.94 -8.92 16.80
CA THR A 813 5.91 -7.65 16.11
C THR A 813 4.65 -7.45 15.28
N ILE A 814 3.67 -8.34 15.38
CA ILE A 814 2.42 -8.20 14.64
C ILE A 814 1.31 -7.68 15.54
N GLU A 815 1.14 -8.29 16.71
CA GLU A 815 0.05 -7.90 17.60
C GLU A 815 0.19 -6.44 18.02
N ASP A 816 1.38 -6.03 18.42
CA ASP A 816 1.62 -4.64 18.78
C ASP A 816 1.56 -3.71 17.57
N ALA A 817 2.03 -4.14 16.41
CA ALA A 817 1.92 -3.33 15.21
C ALA A 817 0.47 -3.05 14.84
N LEU A 818 -0.43 -3.97 15.13
CA LEU A 818 -1.86 -3.74 14.92
C LEU A 818 -2.49 -2.90 16.03
N ARG A 819 -2.22 -3.23 17.29
CA ARG A 819 -2.82 -2.52 18.41
C ARG A 819 -2.34 -1.09 18.54
N LEU A 820 -1.16 -0.75 18.00
CA LEU A 820 -0.70 0.63 18.03
C LEU A 820 -1.54 1.51 17.12
N SER A 821 -1.78 1.08 15.88
CA SER A 821 -2.67 1.83 15.00
C SER A 821 -4.11 1.82 15.50
N ALA A 822 -4.57 0.69 16.05
CA ALA A 822 -5.90 0.65 16.62
C ALA A 822 -6.06 1.64 17.77
N HIS A 823 -5.02 1.85 18.56
CA HIS A 823 -5.07 2.85 19.63
C HIS A 823 -4.94 4.26 19.10
N LEU A 824 -4.12 4.47 18.07
CA LEU A 824 -3.96 5.80 17.48
C LEU A 824 -5.24 6.29 16.82
N GLU A 825 -6.04 5.38 16.26
CA GLU A 825 -7.29 5.81 15.62
C GLU A 825 -8.24 6.47 16.61
N THR A 826 -8.39 5.88 17.81
CA THR A 826 -9.35 6.40 18.78
C THR A 826 -8.90 7.74 19.38
N ASN A 827 -7.60 7.96 19.52
CA ASN A 827 -7.12 9.23 20.03
C ASN A 827 -7.41 10.39 19.09
N ASP A 828 -7.63 10.11 17.81
CA ASP A 828 -7.97 11.14 16.83
C ASP A 828 -9.46 11.24 16.56
N VAL A 829 -10.17 10.11 16.53
CA VAL A 829 -11.61 10.16 16.28
C VAL A 829 -12.33 10.85 17.44
N SER A 830 -11.92 10.56 18.67
CA SER A 830 -12.58 11.12 19.84
C SER A 830 -12.12 12.54 20.15
N SER A 831 -11.14 13.07 19.43
CA SER A 831 -10.67 14.43 19.67
C SER A 831 -11.49 15.47 18.94
N MET A 832 -12.32 15.07 17.98
CA MET A 832 -13.13 16.02 17.23
C MET A 832 -14.60 16.00 17.64
N LEU A 833 -15.07 14.92 18.27
CA LEU A 833 -16.48 14.79 18.65
C LEU A 833 -16.71 15.50 19.97
N THR A 834 -16.89 16.82 19.87
CA THR A 834 -17.16 17.66 21.03
C THR A 834 -18.65 17.57 21.39
N PHE A 835 -19.09 18.44 22.29
CA PHE A 835 -20.48 18.45 22.73
C PHE A 835 -20.77 19.78 23.40
N ASP A 836 -21.96 20.31 23.15
CA ASP A 836 -22.43 21.54 23.77
C ASP A 836 -23.78 21.29 24.42
N SER A 837 -24.02 21.96 25.56
CA SER A 837 -25.23 21.75 26.32
C SER A 837 -26.32 22.77 26.02
N ASN A 838 -25.97 24.06 25.95
CA ASN A 838 -26.97 25.08 25.67
C ASN A 838 -27.48 24.97 24.24
N ALA A 839 -26.59 24.85 23.26
CA ALA A 839 -27.01 24.71 21.87
C ALA A 839 -27.79 23.43 21.63
N PHE A 840 -27.58 22.40 22.46
CA PHE A 840 -28.33 21.16 22.31
C PHE A 840 -29.81 21.38 22.57
N SER A 841 -30.15 22.18 23.57
CA SER A 841 -31.54 22.38 23.95
C SER A 841 -32.35 23.15 22.92
N LEU A 842 -31.70 23.79 21.96
CA LEU A 842 -32.39 24.56 20.93
C LEU A 842 -32.69 23.74 19.68
N ALA A 843 -32.36 22.45 19.69
CA ALA A 843 -32.56 21.59 18.53
C ALA A 843 -34.00 21.09 18.40
N ASN A 844 -34.94 21.71 19.10
CA ASN A 844 -36.32 21.26 19.07
C ASN A 844 -37.04 21.79 17.83
N VAL A 845 -38.05 21.05 17.39
CA VAL A 845 -38.77 21.38 16.17
C VAL A 845 -39.62 22.64 16.30
N THR A 846 -39.89 23.09 17.53
CA THR A 846 -40.72 24.27 17.72
C THR A 846 -40.00 25.57 17.44
N SER A 847 -38.68 25.54 17.25
CA SER A 847 -37.87 26.74 17.06
C SER A 847 -37.26 26.79 15.67
N PHE A 848 -38.03 26.43 14.65
CA PHE A 848 -37.53 26.47 13.29
C PHE A 848 -38.53 27.08 12.31
N GLY A 849 -39.36 28.02 12.76
CA GLY A 849 -40.28 28.71 11.87
C GLY A 849 -41.24 27.75 11.19
N ASP A 850 -41.41 27.94 9.88
CA ASP A 850 -42.30 27.12 9.07
C ASP A 850 -41.53 26.18 8.14
N TYR A 851 -40.27 25.90 8.45
CA TYR A 851 -39.45 24.99 7.65
C TYR A 851 -39.56 23.61 8.29
N ASN A 852 -40.30 22.71 7.63
CA ASN A 852 -40.49 21.38 8.22
C ASN A 852 -39.22 20.57 8.12
N LEU A 853 -38.41 20.59 9.17
CA LEU A 853 -37.13 19.89 9.22
C LEU A 853 -37.18 18.73 10.21
N SER A 854 -38.39 18.32 10.58
CA SER A 854 -38.58 17.33 11.64
C SER A 854 -38.07 15.95 11.29
N SER A 855 -37.73 15.68 10.04
CA SER A 855 -37.21 14.38 9.65
C SER A 855 -35.69 14.28 9.82
N VAL A 856 -35.06 15.31 10.38
CA VAL A 856 -33.62 15.35 10.57
C VAL A 856 -33.24 15.40 12.05
N LEU A 857 -34.01 16.12 12.86
CA LEU A 857 -33.66 16.30 14.26
C LEU A 857 -33.67 14.96 14.99
N PRO A 858 -32.79 14.79 15.97
CA PRO A 858 -32.76 13.52 16.72
C PRO A 858 -34.01 13.32 17.56
N GLN A 859 -34.35 12.05 17.77
CA GLN A 859 -35.50 11.70 18.59
C GLN A 859 -35.14 11.78 20.07
N ARG A 860 -36.06 12.32 20.87
CA ARG A 860 -35.73 12.68 22.25
C ARG A 860 -35.80 11.49 23.19
N ASN A 861 -36.99 10.90 23.33
CA ASN A 861 -37.23 9.89 24.37
C ASN A 861 -37.26 8.51 23.77
N ILE A 862 -36.47 7.60 24.34
CA ILE A 862 -36.42 6.21 23.92
C ILE A 862 -36.86 5.30 25.09
N ARG A 863 -37.26 5.92 26.21
CA ARG A 863 -37.61 5.20 27.43
C ARG A 863 -36.46 4.33 27.93
N SER A 864 -35.25 4.88 27.86
CA SER A 864 -34.05 4.20 28.31
C SER A 864 -33.10 5.25 28.89
N SER A 865 -31.87 4.83 29.20
CA SER A 865 -30.86 5.71 29.75
C SER A 865 -30.01 6.31 28.63
N ARG A 866 -30.70 6.92 27.66
CA ARG A 866 -30.05 7.54 26.51
C ARG A 866 -30.60 8.94 26.32
N ILE A 867 -29.69 9.91 26.18
CA ILE A 867 -30.12 11.30 26.03
C ILE A 867 -30.78 11.51 24.66
N ALA A 868 -30.20 10.93 23.62
CA ALA A 868 -30.75 11.10 22.28
C ALA A 868 -30.35 9.89 21.43
N GLY A 869 -31.26 9.48 20.55
CA GLY A 869 -31.04 8.34 19.68
C GLY A 869 -30.82 8.76 18.24
N ARG A 870 -30.99 7.78 17.34
CA ARG A 870 -30.84 8.06 15.93
C ARG A 870 -31.94 8.99 15.44
N SER A 871 -31.65 9.68 14.35
CA SER A 871 -32.61 10.60 13.76
C SER A 871 -33.65 9.81 12.96
N ALA A 872 -34.62 10.51 12.39
CA ALA A 872 -35.63 9.86 11.56
C ALA A 872 -35.10 9.47 10.18
N LEU A 873 -33.90 9.93 9.83
CA LEU A 873 -33.31 9.62 8.52
C LEU A 873 -32.22 8.56 8.60
N GLU A 874 -31.48 8.49 9.71
CA GLU A 874 -30.41 7.51 9.85
C GLU A 874 -30.96 6.09 9.83
N ASP A 875 -32.15 5.87 10.37
CA ASP A 875 -32.73 4.54 10.38
C ASP A 875 -32.97 4.03 8.96
N LEU A 876 -33.45 4.90 8.07
CA LEU A 876 -33.63 4.50 6.68
C LEU A 876 -32.31 4.15 6.01
N LEU A 877 -31.22 4.81 6.38
CA LEU A 877 -29.92 4.47 5.83
C LEU A 877 -29.43 3.12 6.36
N PHE A 878 -29.53 2.91 7.67
CA PHE A 878 -29.08 1.66 8.24
C PHE A 878 -29.94 0.47 7.83
N SER A 879 -31.20 0.71 7.45
CA SER A 879 -32.04 -0.38 6.97
C SER A 879 -31.58 -0.91 5.61
N LYS A 880 -30.65 -0.21 4.95
CA LYS A 880 -30.28 -0.56 3.58
C LYS A 880 -29.15 -1.59 3.54
N VAL A 881 -28.00 -1.24 4.11
CA VAL A 881 -26.75 -1.94 3.84
C VAL A 881 -26.21 -2.65 5.07
N VAL A 882 -26.12 -1.94 6.19
CA VAL A 882 -25.38 -2.46 7.35
C VAL A 882 -25.97 -3.77 7.86
N THR A 883 -27.27 -4.00 7.64
CA THR A 883 -27.87 -5.27 8.02
C THR A 883 -27.36 -6.44 7.18
N SER A 884 -26.66 -6.17 6.07
CA SER A 884 -26.14 -7.21 5.20
C SER A 884 -24.64 -7.42 5.37
N GLY A 885 -23.99 -6.65 6.25
CA GLY A 885 -22.57 -6.86 6.50
C GLY A 885 -22.30 -8.21 7.16
N LEU A 886 -23.04 -8.49 8.24
CA LEU A 886 -23.09 -9.81 8.88
C LEU A 886 -21.78 -10.21 9.55
N GLY A 887 -20.73 -9.41 9.41
CA GLY A 887 -19.45 -9.82 9.98
C GLY A 887 -18.58 -8.71 10.53
N THR A 888 -19.11 -7.47 10.58
CA THR A 888 -18.31 -6.33 11.00
C THR A 888 -19.00 -5.39 11.99
N VAL A 889 -20.24 -5.65 12.38
CA VAL A 889 -21.00 -4.70 13.18
C VAL A 889 -21.58 -5.40 14.40
N ASP A 890 -21.40 -4.75 15.56
CA ASP A 890 -22.06 -5.07 16.84
C ASP A 890 -22.25 -6.57 17.05
N VAL A 891 -21.18 -7.33 16.83
CA VAL A 891 -21.19 -8.76 17.12
C VAL A 891 -21.02 -8.98 18.61
N ASP A 892 -21.72 -9.97 19.14
CA ASP A 892 -21.63 -10.32 20.56
C ASP A 892 -20.97 -11.68 20.69
N TYR A 893 -19.92 -11.75 21.52
CA TYR A 893 -19.16 -12.98 21.70
C TYR A 893 -19.67 -13.81 22.86
N LYS A 894 -20.75 -13.38 23.52
CA LYS A 894 -21.31 -14.16 24.61
C LYS A 894 -22.04 -15.40 24.12
N SER A 895 -22.32 -15.50 22.83
CA SER A 895 -23.09 -16.61 22.28
C SER A 895 -22.27 -17.59 21.47
N CYS A 896 -21.03 -17.25 21.11
CA CYS A 896 -20.19 -18.15 20.33
C CYS A 896 -19.50 -19.21 21.16
N THR A 897 -19.95 -19.45 22.39
CA THR A 897 -19.31 -20.40 23.28
C THR A 897 -20.33 -21.25 24.02
N LYS A 898 -21.52 -21.43 23.44
CA LYS A 898 -22.56 -22.24 24.06
C LYS A 898 -23.09 -23.37 23.19
N GLY A 899 -22.76 -23.41 21.90
CA GLY A 899 -23.26 -24.46 21.04
C GLY A 899 -24.75 -24.39 20.81
N LEU A 900 -25.40 -25.55 20.77
CA LEU A 900 -26.84 -25.69 20.60
C LEU A 900 -27.34 -25.16 19.26
N SER A 901 -26.45 -24.84 18.34
CA SER A 901 -26.81 -24.33 17.02
C SER A 901 -25.56 -24.27 16.17
N ILE A 902 -25.77 -24.33 14.85
CA ILE A 902 -24.65 -24.17 13.92
C ILE A 902 -24.09 -22.77 14.03
N ALA A 903 -22.77 -22.66 14.05
CA ALA A 903 -22.12 -21.38 14.30
C ALA A 903 -22.42 -20.39 13.17
N ASP A 904 -22.59 -19.13 13.56
CA ASP A 904 -22.82 -18.06 12.60
C ASP A 904 -21.51 -17.71 11.89
N LEU A 905 -21.61 -16.84 10.89
CA LEU A 905 -20.42 -16.40 10.17
C LEU A 905 -19.49 -15.60 11.09
N ALA A 906 -20.06 -14.74 11.93
CA ALA A 906 -19.23 -13.95 12.83
C ALA A 906 -18.52 -14.82 13.86
N CYS A 907 -19.21 -15.82 14.42
CA CYS A 907 -18.59 -16.72 15.37
C CYS A 907 -17.65 -17.72 14.69
N ALA A 908 -17.79 -17.94 13.38
CA ALA A 908 -16.90 -18.84 12.68
C ALA A 908 -15.48 -18.31 12.58
N GLN A 909 -15.31 -16.99 12.58
CA GLN A 909 -13.99 -16.40 12.53
C GLN A 909 -13.36 -16.25 13.91
N TYR A 910 -14.17 -16.13 14.96
CA TYR A 910 -13.63 -16.03 16.31
C TYR A 910 -12.87 -17.29 16.72
N TYR A 911 -13.18 -18.43 16.11
CA TYR A 911 -12.41 -19.65 16.35
C TYR A 911 -11.04 -19.61 15.69
N ASN A 912 -10.78 -18.62 14.85
CA ASN A 912 -9.49 -18.46 14.17
C ASN A 912 -8.74 -17.23 14.68
N GLY A 913 -9.16 -16.68 15.82
CA GLY A 913 -8.44 -15.63 16.48
C GLY A 913 -8.75 -14.22 16.01
N ILE A 914 -9.59 -14.06 14.98
CA ILE A 914 -9.88 -12.74 14.44
C ILE A 914 -10.99 -12.11 15.28
N MET A 915 -10.68 -10.99 15.92
CA MET A 915 -11.61 -10.28 16.79
C MET A 915 -11.79 -8.85 16.32
N VAL A 916 -13.02 -8.36 16.37
CA VAL A 916 -13.36 -7.00 15.93
C VAL A 916 -13.70 -6.18 17.17
N LEU A 917 -12.90 -5.16 17.44
CA LEU A 917 -13.12 -4.31 18.59
C LEU A 917 -14.29 -3.36 18.33
N PRO A 918 -14.97 -2.93 19.39
CA PRO A 918 -16.02 -1.91 19.22
C PRO A 918 -15.43 -0.55 18.91
N GLY A 919 -16.23 0.28 18.23
CA GLY A 919 -15.81 1.62 17.90
C GLY A 919 -16.11 2.62 19.01
N VAL A 920 -15.55 3.82 18.85
CA VAL A 920 -15.80 4.88 19.82
C VAL A 920 -17.11 5.59 19.52
N ALA A 921 -17.36 5.89 18.24
CA ALA A 921 -18.57 6.62 17.84
C ALA A 921 -19.74 5.65 17.82
N ASP A 922 -20.47 5.59 18.92
CA ASP A 922 -21.66 4.78 19.01
C ASP A 922 -22.87 5.61 18.60
N ALA A 923 -24.07 5.09 18.84
CA ALA A 923 -25.28 5.77 18.39
C ALA A 923 -25.53 7.05 19.18
N GLU A 924 -25.03 7.14 20.41
CA GLU A 924 -25.35 8.29 21.25
C GLU A 924 -24.46 9.49 20.96
N ARG A 925 -23.15 9.28 20.89
CA ARG A 925 -22.24 10.40 20.70
C ARG A 925 -22.48 11.10 19.36
N MET A 926 -22.75 10.33 18.30
CA MET A 926 -23.08 10.93 17.02
C MET A 926 -24.37 11.72 17.07
N ALA A 927 -25.28 11.39 17.98
CA ALA A 927 -26.52 12.16 18.16
C ALA A 927 -26.35 13.35 19.08
N MET A 928 -25.21 13.45 19.78
CA MET A 928 -24.91 14.62 20.59
C MET A 928 -23.99 15.60 19.88
N TYR A 929 -23.17 15.13 18.95
CA TYR A 929 -22.31 16.02 18.18
C TYR A 929 -23.06 16.65 17.00
N THR A 930 -23.92 15.89 16.34
CA THR A 930 -24.67 16.42 15.20
C THR A 930 -25.77 17.37 15.68
N GLY A 931 -26.49 17.00 16.74
CA GLY A 931 -27.53 17.86 17.27
C GLY A 931 -27.01 19.19 17.80
N SER A 932 -25.77 19.22 18.27
CA SER A 932 -25.15 20.46 18.70
C SER A 932 -24.70 21.34 17.54
N LEU A 933 -24.64 20.80 16.33
CA LEU A 933 -24.36 21.60 15.15
C LEU A 933 -25.63 22.06 14.45
N ILE A 934 -26.66 21.22 14.40
CA ILE A 934 -27.92 21.65 13.81
C ILE A 934 -28.56 22.76 14.64
N GLY A 935 -28.42 22.71 15.97
CA GLY A 935 -29.03 23.71 16.81
C GLY A 935 -28.29 25.02 16.85
N GLY A 936 -27.09 25.09 16.29
CA GLY A 936 -26.32 26.31 16.34
C GLY A 936 -26.72 27.38 15.35
N MET A 937 -27.61 27.06 14.40
CA MET A 937 -28.00 28.05 13.40
C MET A 937 -28.89 29.12 14.00
N VAL A 938 -29.86 28.72 14.84
CA VAL A 938 -30.79 29.67 15.42
C VAL A 938 -30.19 30.46 16.58
N LEU A 939 -28.99 30.10 17.02
CA LEU A 939 -28.35 30.77 18.14
C LEU A 939 -27.68 32.04 17.63
N GLY A 940 -28.42 33.14 17.68
CA GLY A 940 -27.90 34.42 17.24
C GLY A 940 -26.98 35.05 18.27
N GLY A 941 -26.48 36.23 17.93
CA GLY A 941 -25.58 36.94 18.82
C GLY A 941 -26.29 37.77 19.87
N LEU A 942 -27.35 37.22 20.45
CA LEU A 942 -28.11 37.89 21.48
C LEU A 942 -27.45 37.63 22.83
N THR A 943 -28.14 37.91 23.93
CA THR A 943 -27.61 37.72 25.27
C THR A 943 -27.64 36.24 25.63
N SER A 944 -27.44 35.94 26.92
CA SER A 944 -27.04 34.63 27.40
C SER A 944 -27.63 33.45 26.63
N ALA A 945 -28.95 33.35 26.59
CA ALA A 945 -29.56 32.16 26.00
C ALA A 945 -30.75 32.49 25.12
N ALA A 946 -30.80 33.70 24.57
CA ALA A 946 -31.89 34.05 23.68
C ALA A 946 -31.70 33.38 22.31
N ALA A 947 -32.82 33.09 21.67
CA ALA A 947 -32.83 32.44 20.36
C ALA A 947 -33.65 33.29 19.40
N ILE A 948 -33.01 33.79 18.35
CA ILE A 948 -33.67 34.57 17.31
C ILE A 948 -34.51 33.64 16.45
N PRO A 949 -35.63 34.11 15.90
CA PRO A 949 -36.42 33.26 15.00
C PRO A 949 -35.63 32.87 13.76
N PHE A 950 -35.93 31.67 13.26
CA PHE A 950 -35.21 31.16 12.10
C PHE A 950 -35.52 31.92 10.82
N SER A 951 -36.65 32.62 10.75
CA SER A 951 -36.92 33.47 9.59
C SER A 951 -35.93 34.63 9.51
N LEU A 952 -35.28 34.98 10.61
CA LEU A 952 -34.29 36.05 10.63
C LEU A 952 -32.87 35.54 10.45
N ALA A 953 -32.61 34.27 10.75
CA ALA A 953 -31.28 33.71 10.57
C ALA A 953 -30.89 33.56 9.11
N LEU A 954 -31.85 33.64 8.19
CA LEU A 954 -31.55 33.67 6.77
C LEU A 954 -31.40 35.07 6.21
N GLN A 955 -31.99 36.08 6.87
CA GLN A 955 -31.78 37.45 6.44
C GLN A 955 -30.34 37.88 6.63
N ALA A 956 -29.68 37.39 7.69
CA ALA A 956 -28.27 37.68 7.89
C ALA A 956 -27.37 36.88 6.97
N ARG A 957 -27.83 35.76 6.42
CA ARG A 957 -27.06 34.97 5.48
C ARG A 957 -27.32 35.33 4.04
N LEU A 958 -28.28 36.22 3.77
CA LEU A 958 -28.50 36.73 2.42
C LEU A 958 -27.83 38.08 2.18
N ASN A 959 -27.68 38.89 3.22
CA ASN A 959 -26.96 40.16 3.08
C ASN A 959 -25.50 39.96 2.74
N TYR A 960 -24.95 38.77 3.01
CA TYR A 960 -23.59 38.46 2.61
C TYR A 960 -23.45 38.48 1.09
N VAL A 961 -24.47 38.02 0.37
CA VAL A 961 -24.43 38.01 -1.09
C VAL A 961 -24.64 39.42 -1.64
N ALA A 962 -25.79 40.03 -1.32
CA ALA A 962 -26.08 41.39 -1.74
C ALA A 962 -27.06 41.99 -0.75
N LEU A 963 -26.94 43.31 -0.55
CA LEU A 963 -27.78 44.00 0.41
C LEU A 963 -29.23 44.00 -0.06
N GLN A 964 -30.12 43.41 0.75
CA GLN A 964 -31.53 43.33 0.38
C GLN A 964 -32.18 44.70 0.57
N THR A 965 -32.79 45.21 -0.50
CA THR A 965 -33.44 46.52 -0.49
C THR A 965 -34.95 46.38 -0.67
N ASP A 966 -35.54 45.37 -0.05
CA ASP A 966 -36.98 45.17 -0.05
C ASP A 966 -37.47 45.12 1.39
N VAL A 967 -38.34 46.06 1.75
CA VAL A 967 -38.82 46.13 3.13
C VAL A 967 -39.62 44.89 3.51
N LEU A 968 -40.51 44.42 2.63
CA LEU A 968 -41.32 43.24 2.89
C LEU A 968 -40.62 42.01 2.34
N GLN A 969 -40.62 40.93 3.12
CA GLN A 969 -39.95 39.69 2.73
C GLN A 969 -40.92 38.86 1.90
N GLU A 970 -40.66 38.79 0.60
CA GLU A 970 -41.44 37.95 -0.29
C GLU A 970 -40.71 36.69 -0.71
N ASN A 971 -39.38 36.68 -0.63
CA ASN A 971 -38.63 35.49 -1.03
C ASN A 971 -38.87 34.32 -0.09
N GLN A 972 -38.99 34.59 1.21
CA GLN A 972 -39.19 33.54 2.20
C GLN A 972 -40.53 32.84 2.06
N LYS A 973 -41.49 33.43 1.35
CA LYS A 973 -42.76 32.75 1.12
C LYS A 973 -42.62 31.65 0.07
N ILE A 974 -41.72 31.83 -0.89
CA ILE A 974 -41.53 30.80 -1.92
C ILE A 974 -40.43 29.82 -1.51
N LEU A 975 -39.42 30.29 -0.76
CA LEU A 975 -38.32 29.42 -0.38
C LEU A 975 -38.78 28.26 0.48
N ALA A 976 -39.67 28.52 1.45
CA ALA A 976 -40.18 27.44 2.29
C ALA A 976 -40.93 26.39 1.48
N ALA A 977 -41.79 26.85 0.57
CA ALA A 977 -42.55 25.94 -0.28
C ALA A 977 -41.66 25.12 -1.20
N SER A 978 -40.58 25.71 -1.70
CA SER A 978 -39.66 24.97 -2.56
C SER A 978 -38.68 24.10 -1.79
N PHE A 979 -38.52 24.34 -0.48
CA PHE A 979 -37.62 23.52 0.33
C PHE A 979 -38.32 22.32 0.94
N ASN A 980 -39.58 22.49 1.35
CA ASN A 980 -40.32 21.38 1.94
C ASN A 980 -40.51 20.25 0.95
N LYS A 981 -40.79 20.54 -0.32
CA LYS A 981 -40.88 19.52 -1.34
C LYS A 981 -39.54 18.84 -1.60
N ALA A 982 -38.44 19.59 -1.57
CA ALA A 982 -37.12 19.00 -1.77
C ALA A 982 -36.77 18.02 -0.66
N ILE A 983 -37.13 18.33 0.58
CA ILE A 983 -36.88 17.39 1.67
C ILE A 983 -37.68 16.11 1.45
N ASN A 984 -38.95 16.23 1.08
CA ASN A 984 -39.79 15.06 0.86
C ASN A 984 -39.28 14.21 -0.29
N ASN A 985 -38.81 14.82 -1.36
CA ASN A 985 -38.25 14.05 -2.47
C ASN A 985 -37.04 13.23 -2.05
N ILE A 986 -36.15 13.79 -1.24
CA ILE A 986 -34.97 13.04 -0.79
C ILE A 986 -35.37 11.90 0.14
N VAL A 987 -36.27 12.17 1.09
CA VAL A 987 -36.66 11.10 2.00
C VAL A 987 -37.44 10.01 1.28
N ALA A 988 -38.13 10.35 0.18
CA ALA A 988 -38.77 9.31 -0.64
C ALA A 988 -37.74 8.55 -1.47
N SER A 989 -36.71 9.24 -1.96
CA SER A 989 -35.67 8.58 -2.73
C SER A 989 -34.86 7.59 -1.91
N PHE A 990 -34.64 7.88 -0.63
CA PHE A 990 -34.01 6.89 0.24
C PHE A 990 -34.89 5.66 0.50
N SER A 991 -36.17 5.70 0.13
CA SER A 991 -37.08 4.60 0.42
C SER A 991 -37.06 3.51 -0.65
N SER A 992 -36.01 3.48 -1.47
CA SER A 992 -35.73 2.47 -2.50
C SER A 992 -36.72 2.53 -3.67
N VAL A 993 -37.70 3.43 -3.65
CA VAL A 993 -38.59 3.63 -4.78
C VAL A 993 -37.84 4.51 -5.77
N ASN A 994 -37.20 3.90 -6.76
CA ASN A 994 -36.22 4.58 -7.61
C ASN A 994 -36.82 5.01 -8.95
N ASP A 995 -37.30 4.06 -9.75
CA ASP A 995 -37.70 4.36 -11.12
C ASP A 995 -38.97 5.20 -11.21
N ALA A 996 -39.79 5.23 -10.16
CA ALA A 996 -41.02 6.01 -10.22
C ALA A 996 -40.74 7.50 -10.15
N ILE A 997 -39.63 7.90 -9.52
CA ILE A 997 -39.30 9.30 -9.32
C ILE A 997 -38.09 9.72 -10.16
N THR A 998 -37.59 8.83 -11.02
CA THR A 998 -36.51 9.21 -11.92
C THR A 998 -36.96 10.25 -12.94
N GLN A 999 -38.25 10.34 -13.22
CA GLN A 999 -38.77 11.34 -14.16
C GLN A 999 -38.91 12.71 -13.52
N THR A 1000 -38.87 12.79 -12.19
CA THR A 1000 -39.15 14.06 -11.50
C THR A 1000 -38.08 15.11 -11.79
N ALA A 1001 -36.84 14.84 -11.38
CA ALA A 1001 -35.77 15.82 -11.52
C ALA A 1001 -34.44 15.08 -11.52
N GLU A 1002 -33.36 15.83 -11.34
CA GLU A 1002 -32.00 15.28 -11.33
C GLU A 1002 -31.46 15.12 -9.91
N ALA A 1003 -32.32 15.18 -8.90
CA ALA A 1003 -31.87 14.93 -7.53
C ALA A 1003 -31.44 13.48 -7.35
N ILE A 1004 -31.89 12.57 -8.22
CA ILE A 1004 -31.45 11.19 -8.16
C ILE A 1004 -29.98 11.05 -8.53
N HIS A 1005 -29.46 11.95 -9.37
CA HIS A 1005 -28.10 11.85 -9.86
C HIS A 1005 -27.07 11.87 -8.75
N THR A 1006 -27.39 12.48 -7.60
CA THR A 1006 -26.46 12.52 -6.49
C THR A 1006 -26.72 11.41 -5.50
N VAL A 1007 -27.98 11.10 -5.23
CA VAL A 1007 -28.33 10.05 -4.28
C VAL A 1007 -27.87 8.67 -4.74
N THR A 1008 -27.92 8.39 -6.06
CA THR A 1008 -27.42 7.11 -6.52
C THR A 1008 -25.93 6.93 -6.25
N ILE A 1009 -25.12 7.95 -6.53
CA ILE A 1009 -23.70 7.88 -6.23
C ILE A 1009 -23.47 7.75 -4.72
N ALA A 1010 -24.22 8.51 -3.92
CA ALA A 1010 -24.09 8.42 -2.47
C ALA A 1010 -24.41 7.02 -1.95
N LEU A 1011 -25.40 6.35 -2.54
CA LEU A 1011 -25.73 4.99 -2.12
C LEU A 1011 -24.69 3.98 -2.58
N ASN A 1012 -24.20 4.12 -3.82
CA ASN A 1012 -23.18 3.22 -4.33
C ASN A 1012 -21.89 3.30 -3.51
N LYS A 1013 -21.49 4.49 -3.10
CA LYS A 1013 -20.30 4.63 -2.26
C LYS A 1013 -20.44 3.88 -0.94
N ILE A 1014 -21.60 4.01 -0.29
CA ILE A 1014 -21.81 3.33 0.99
C ILE A 1014 -21.85 1.82 0.80
N GLN A 1015 -22.43 1.35 -0.30
CA GLN A 1015 -22.40 -0.09 -0.56
C GLN A 1015 -20.97 -0.60 -0.76
N ASP A 1016 -20.18 0.14 -1.54
CA ASP A 1016 -18.82 -0.28 -1.83
C ASP A 1016 -17.94 -0.29 -0.59
N VAL A 1017 -18.09 0.70 0.29
CA VAL A 1017 -17.23 0.76 1.48
C VAL A 1017 -17.46 -0.44 2.41
N VAL A 1018 -18.62 -1.08 2.32
CA VAL A 1018 -18.88 -2.28 3.13
C VAL A 1018 -18.43 -3.53 2.39
N ASN A 1019 -18.69 -3.60 1.09
CA ASN A 1019 -18.25 -4.77 0.33
C ASN A 1019 -16.74 -4.94 0.36
N GLN A 1020 -15.99 -3.85 0.21
CA GLN A 1020 -14.53 -3.94 0.26
C GLN A 1020 -14.05 -4.39 1.63
N GLN A 1021 -14.67 -3.90 2.71
CA GLN A 1021 -14.28 -4.36 4.04
C GLN A 1021 -14.56 -5.85 4.23
N GLY A 1022 -15.68 -6.34 3.74
CA GLY A 1022 -15.98 -7.76 3.86
C GLY A 1022 -15.03 -8.66 3.11
N SER A 1023 -14.71 -8.28 1.87
CA SER A 1023 -13.87 -9.12 1.02
C SER A 1023 -12.47 -9.32 1.60
N ALA A 1024 -11.92 -8.33 2.30
CA ALA A 1024 -10.57 -8.46 2.84
C ALA A 1024 -10.47 -9.59 3.85
N LEU A 1025 -11.43 -9.69 4.77
CA LEU A 1025 -11.42 -10.78 5.73
C LEU A 1025 -11.82 -12.09 5.08
N ASN A 1026 -12.76 -12.05 4.12
CA ASN A 1026 -13.11 -13.28 3.42
C ASN A 1026 -11.92 -13.89 2.69
N HIS A 1027 -11.00 -13.05 2.20
CA HIS A 1027 -9.79 -13.58 1.58
C HIS A 1027 -8.78 -14.08 2.60
N LEU A 1028 -8.66 -13.43 3.75
CA LEU A 1028 -7.69 -13.88 4.75
C LEU A 1028 -8.08 -15.23 5.34
N THR A 1029 -9.36 -15.42 5.67
CA THR A 1029 -9.75 -16.67 6.28
C THR A 1029 -9.76 -17.84 5.31
N SER A 1030 -9.59 -17.60 4.01
CA SER A 1030 -9.68 -18.65 3.01
C SER A 1030 -8.32 -19.24 2.63
N GLN A 1031 -7.23 -18.75 3.20
CA GLN A 1031 -5.90 -19.25 2.86
C GLN A 1031 -5.42 -20.35 3.79
N LEU A 1032 -6.25 -20.77 4.75
CA LEU A 1032 -5.91 -21.92 5.57
C LEU A 1032 -6.21 -23.24 4.88
N ARG A 1033 -6.99 -23.21 3.80
CA ARG A 1033 -7.33 -24.44 3.10
C ARG A 1033 -6.15 -24.97 2.28
N HIS A 1034 -5.32 -24.07 1.77
CA HIS A 1034 -4.22 -24.46 0.89
C HIS A 1034 -3.13 -25.13 1.72
N ASN A 1035 -3.04 -26.45 1.63
CA ASN A 1035 -1.90 -27.14 2.21
C ASN A 1035 -0.66 -26.88 1.36
N PHE A 1036 0.43 -26.53 2.02
CA PHE A 1036 1.69 -26.31 1.33
C PHE A 1036 2.33 -27.67 1.04
N GLN A 1037 3.61 -27.70 0.69
CA GLN A 1037 4.22 -28.94 0.26
C GLN A 1037 4.38 -29.87 1.46
N ALA A 1038 3.26 -30.35 1.98
CA ALA A 1038 3.23 -31.22 3.15
C ALA A 1038 2.22 -32.32 2.89
N ILE A 1039 1.89 -33.09 3.92
CA ILE A 1039 0.96 -34.20 3.77
C ILE A 1039 -0.47 -33.69 3.70
N SER A 1040 -0.88 -32.88 4.67
CA SER A 1040 -2.24 -32.38 4.72
C SER A 1040 -2.24 -31.00 5.37
N ASN A 1041 -3.40 -30.35 5.35
CA ASN A 1041 -3.57 -29.00 5.88
C ASN A 1041 -4.05 -28.98 7.32
N SER A 1042 -4.22 -30.14 7.95
CA SER A 1042 -4.63 -30.22 9.34
C SER A 1042 -3.50 -30.86 10.14
N ILE A 1043 -3.04 -30.16 11.18
CA ILE A 1043 -1.87 -30.60 11.93
C ILE A 1043 -2.14 -31.86 12.75
N GLN A 1044 -3.35 -32.01 13.30
CA GLN A 1044 -3.67 -33.21 14.04
C GLN A 1044 -3.51 -34.47 13.20
N ALA A 1045 -3.74 -34.37 11.89
CA ALA A 1045 -3.48 -35.49 10.99
C ALA A 1045 -2.00 -35.75 10.80
N ILE A 1046 -1.19 -34.69 10.71
CA ILE A 1046 0.25 -34.87 10.55
C ILE A 1046 0.85 -35.55 11.78
N TYR A 1047 0.43 -35.13 12.98
CA TYR A 1047 0.95 -35.74 14.19
C TYR A 1047 0.31 -37.09 14.50
N ASP A 1048 -0.71 -37.49 13.75
CA ASP A 1048 -1.32 -38.79 13.94
C ASP A 1048 -0.67 -39.89 13.11
N ARG A 1049 -0.01 -39.53 12.00
CA ARG A 1049 0.60 -40.50 11.12
C ARG A 1049 2.09 -40.71 11.39
N LEU A 1050 2.87 -39.64 11.35
CA LEU A 1050 4.32 -39.74 11.54
C LEU A 1050 4.69 -39.60 13.01
N ASP A 1051 5.94 -39.94 13.32
CA ASP A 1051 6.44 -39.86 14.68
C ASP A 1051 6.88 -38.43 14.97
N SER A 1052 7.49 -38.21 16.13
CA SER A 1052 7.85 -36.86 16.54
C SER A 1052 9.05 -36.31 15.79
N ILE A 1053 9.97 -37.18 15.38
CA ILE A 1053 11.18 -36.71 14.72
C ILE A 1053 10.97 -36.36 13.25
N GLN A 1054 9.85 -36.77 12.65
CA GLN A 1054 9.59 -36.52 11.25
C GLN A 1054 8.49 -35.50 11.00
N ALA A 1055 7.67 -35.18 12.01
CA ALA A 1055 6.58 -34.23 11.81
C ALA A 1055 7.06 -32.79 11.93
N ASP A 1056 8.24 -32.57 12.53
CA ASP A 1056 8.76 -31.22 12.68
C ASP A 1056 9.27 -30.65 11.37
N GLN A 1057 9.66 -31.49 10.41
CA GLN A 1057 10.01 -31.02 9.09
C GLN A 1057 8.80 -30.75 8.22
N GLN A 1058 7.62 -31.18 8.66
CA GLN A 1058 6.39 -30.91 7.92
C GLN A 1058 5.61 -29.73 8.49
N VAL A 1059 5.58 -29.58 9.81
CA VAL A 1059 4.77 -28.52 10.41
C VAL A 1059 5.32 -27.14 10.02
N ASP A 1060 6.64 -26.98 10.02
CA ASP A 1060 7.24 -25.70 9.68
C ASP A 1060 6.92 -25.25 8.26
N ARG A 1061 6.68 -26.18 7.34
CA ARG A 1061 6.29 -25.80 5.99
C ARG A 1061 4.96 -25.07 5.96
N LEU A 1062 4.01 -25.45 6.82
CA LEU A 1062 2.78 -24.70 6.99
C LEU A 1062 2.98 -23.43 7.80
N ILE A 1063 3.85 -23.48 8.80
CA ILE A 1063 4.07 -22.32 9.67
C ILE A 1063 4.62 -21.15 8.86
N THR A 1064 5.63 -21.41 8.02
CA THR A 1064 6.22 -20.35 7.22
C THR A 1064 5.23 -19.75 6.23
N GLY A 1065 4.38 -20.57 5.62
CA GLY A 1065 3.36 -20.02 4.73
C GLY A 1065 2.37 -19.14 5.46
N ARG A 1066 1.89 -19.60 6.62
CA ARG A 1066 0.87 -18.83 7.32
C ARG A 1066 1.42 -17.53 7.90
N LEU A 1067 2.67 -17.53 8.36
CA LEU A 1067 3.26 -16.28 8.84
C LEU A 1067 3.37 -15.25 7.71
N ALA A 1068 3.82 -15.69 6.52
CA ALA A 1068 3.87 -14.80 5.38
C ALA A 1068 2.49 -14.34 4.94
N ALA A 1069 1.47 -15.18 5.10
CA ALA A 1069 0.11 -14.75 4.85
C ALA A 1069 -0.36 -13.67 5.81
N LEU A 1070 0.00 -13.78 7.10
CA LEU A 1070 -0.35 -12.73 8.06
C LEU A 1070 0.36 -11.42 7.76
N ASN A 1071 1.63 -11.49 7.36
CA ASN A 1071 2.40 -10.27 7.11
C ASN A 1071 1.77 -9.44 6.00
N ALA A 1072 1.35 -10.07 4.90
CA ALA A 1072 0.75 -9.33 3.80
C ALA A 1072 -0.57 -8.68 4.20
N PHE A 1073 -1.34 -9.31 5.09
CA PHE A 1073 -2.57 -8.72 5.61
C PHE A 1073 -2.30 -7.52 6.49
N VAL A 1074 -1.29 -7.61 7.36
CA VAL A 1074 -0.94 -6.46 8.19
C VAL A 1074 -0.47 -5.30 7.33
N SER A 1075 0.37 -5.58 6.33
CA SER A 1075 0.87 -4.53 5.44
C SER A 1075 -0.24 -3.89 4.61
N GLN A 1076 -1.38 -4.56 4.44
CA GLN A 1076 -2.52 -3.96 3.76
C GLN A 1076 -3.40 -3.16 4.70
N VAL A 1077 -3.61 -3.65 5.93
CA VAL A 1077 -4.40 -2.89 6.90
C VAL A 1077 -3.72 -1.57 7.23
N LEU A 1078 -2.39 -1.58 7.38
CA LEU A 1078 -1.68 -0.34 7.65
C LEU A 1078 -1.81 0.67 6.53
N ASN A 1079 -1.78 0.22 5.27
CA ASN A 1079 -2.02 1.12 4.16
C ASN A 1079 -3.46 1.62 4.14
N LYS A 1080 -4.41 0.77 4.52
CA LYS A 1080 -5.82 1.18 4.55
C LYS A 1080 -6.07 2.29 5.57
N TYR A 1081 -5.43 2.21 6.74
CA TYR A 1081 -5.63 3.28 7.73
C TYR A 1081 -5.13 4.63 7.24
N THR A 1082 -4.16 4.66 6.34
CA THR A 1082 -3.57 5.94 5.93
C THR A 1082 -4.55 6.79 5.13
N GLU A 1083 -5.36 6.18 4.28
CA GLU A 1083 -6.30 6.95 3.47
C GLU A 1083 -7.36 7.63 4.32
N VAL A 1084 -7.75 7.01 5.44
CA VAL A 1084 -8.83 7.56 6.26
C VAL A 1084 -8.42 8.87 6.93
N ARG A 1085 -7.17 8.98 7.39
CA ARG A 1085 -6.74 10.23 8.00
C ARG A 1085 -6.66 11.34 6.96
N GLY A 1086 -6.33 11.00 5.71
CA GLY A 1086 -6.38 11.98 4.65
C GLY A 1086 -7.78 12.39 4.27
N SER A 1087 -8.74 11.48 4.43
CA SER A 1087 -10.15 11.80 4.20
C SER A 1087 -10.77 12.60 5.33
N ARG A 1088 -10.27 12.47 6.55
CA ARG A 1088 -10.80 13.22 7.68
C ARG A 1088 -10.47 14.70 7.64
N ARG A 1089 -9.34 15.07 7.03
CA ARG A 1089 -9.02 16.49 6.92
C ARG A 1089 -10.06 17.24 6.11
N LEU A 1090 -10.52 16.64 5.01
CA LEU A 1090 -11.58 17.26 4.21
C LEU A 1090 -12.87 17.37 5.00
N ALA A 1091 -13.22 16.35 5.78
CA ALA A 1091 -14.42 16.40 6.59
C ALA A 1091 -14.36 17.52 7.62
N GLN A 1092 -13.23 17.65 8.31
CA GLN A 1092 -13.06 18.76 9.25
C GLN A 1092 -13.10 20.12 8.56
N GLN A 1093 -12.45 20.24 7.40
CA GLN A 1093 -12.43 21.52 6.69
C GLN A 1093 -13.82 21.94 6.24
N LYS A 1094 -14.61 21.00 5.71
CA LYS A 1094 -15.98 21.32 5.33
C LYS A 1094 -16.84 21.71 6.52
N ILE A 1095 -16.70 21.03 7.65
CA ILE A 1095 -17.43 21.42 8.85
C ILE A 1095 -17.05 22.83 9.26
N ASN A 1096 -15.76 23.16 9.22
CA ASN A 1096 -15.31 24.48 9.62
C ASN A 1096 -15.74 25.57 8.64
N GLU A 1097 -15.90 25.26 7.36
CA GLU A 1097 -16.14 26.29 6.37
C GLU A 1097 -17.57 26.45 5.90
N CYS A 1098 -18.37 25.38 5.85
CA CYS A 1098 -19.73 25.50 5.35
C CYS A 1098 -20.80 25.43 6.43
N VAL A 1099 -20.48 24.88 7.59
CA VAL A 1099 -21.50 24.76 8.64
C VAL A 1099 -21.49 25.96 9.58
N LYS A 1100 -20.36 26.64 9.74
CA LYS A 1100 -20.25 27.73 10.69
C LYS A 1100 -19.88 29.07 10.07
N SER A 1101 -19.55 29.12 8.77
CA SER A 1101 -19.02 30.35 8.21
C SER A 1101 -19.65 30.80 6.91
N GLN A 1102 -20.36 29.95 6.17
CA GLN A 1102 -20.97 30.31 4.89
C GLN A 1102 -19.90 30.80 3.90
N SER A 1103 -19.03 29.86 3.53
CA SER A 1103 -17.94 30.16 2.62
C SER A 1103 -18.46 30.60 1.26
N ASN A 1104 -17.62 31.34 0.53
CA ASN A 1104 -18.00 31.92 -0.74
C ASN A 1104 -17.14 31.44 -1.91
N ARG A 1105 -16.37 30.37 -1.73
CA ARG A 1105 -15.56 29.86 -2.82
C ARG A 1105 -16.43 29.10 -3.81
N TYR A 1106 -16.29 29.43 -5.09
CA TYR A 1106 -17.07 28.77 -6.13
C TYR A 1106 -16.68 27.31 -6.26
N GLY A 1107 -17.66 26.49 -6.64
CA GLY A 1107 -17.39 25.07 -6.84
C GLY A 1107 -17.15 24.29 -5.58
N PHE A 1108 -17.24 24.94 -4.43
CA PHE A 1108 -17.07 24.30 -3.13
C PHE A 1108 -18.49 23.89 -2.77
N CYS A 1109 -18.85 23.68 -1.50
CA CYS A 1109 -20.16 23.11 -1.15
C CYS A 1109 -21.29 23.65 -2.02
N GLY A 1110 -21.94 22.76 -2.80
CA GLY A 1110 -22.99 23.15 -3.72
C GLY A 1110 -22.46 23.88 -4.94
N ASN A 1111 -23.03 23.69 -6.13
CA ASN A 1111 -22.45 24.32 -7.30
C ASN A 1111 -22.96 25.74 -7.50
N GLY A 1112 -23.90 26.19 -6.67
CA GLY A 1112 -24.47 27.52 -6.80
C GLY A 1112 -24.05 28.45 -5.68
N THR A 1113 -25.00 29.20 -5.15
CA THR A 1113 -24.73 30.13 -4.05
C THR A 1113 -25.13 29.47 -2.75
N HIS A 1114 -24.16 29.30 -1.85
CA HIS A 1114 -24.40 28.59 -0.61
C HIS A 1114 -25.27 29.42 0.34
N ILE A 1115 -26.06 28.72 1.14
CA ILE A 1115 -26.88 29.37 2.17
C ILE A 1115 -26.56 28.77 3.53
N PHE A 1116 -26.80 27.47 3.70
CA PHE A 1116 -26.42 26.77 4.92
C PHE A 1116 -26.26 25.28 4.59
N SER A 1117 -26.05 24.48 5.63
CA SER A 1117 -25.84 23.05 5.45
C SER A 1117 -26.30 22.32 6.71
N ILE A 1118 -26.64 21.04 6.54
CA ILE A 1118 -27.09 20.19 7.63
C ILE A 1118 -26.31 18.89 7.59
N VAL A 1119 -25.92 18.39 8.76
CA VAL A 1119 -25.09 17.20 8.88
C VAL A 1119 -25.93 16.07 9.46
N ASN A 1120 -25.60 14.84 9.06
CA ASN A 1120 -26.21 13.64 9.62
C ASN A 1120 -25.20 12.51 9.56
N SER A 1121 -25.43 11.49 10.37
CA SER A 1121 -24.50 10.36 10.44
C SER A 1121 -24.88 9.29 9.43
N ALA A 1122 -23.95 8.37 9.20
CA ALA A 1122 -24.08 7.31 8.21
C ALA A 1122 -23.14 6.18 8.63
N PRO A 1123 -23.16 5.01 7.96
CA PRO A 1123 -22.20 3.96 8.34
C PRO A 1123 -20.76 4.44 8.28
N ASP A 1124 -20.14 4.52 9.45
CA ASP A 1124 -18.77 5.03 9.65
C ASP A 1124 -18.46 6.20 8.71
N GLY A 1125 -19.30 7.21 8.77
CA GLY A 1125 -19.12 8.39 7.94
C GLY A 1125 -20.19 9.42 8.21
N LEU A 1126 -20.08 10.52 7.48
CA LEU A 1126 -21.01 11.64 7.59
C LEU A 1126 -21.70 11.87 6.25
N LEU A 1127 -22.91 12.44 6.32
CA LEU A 1127 -23.70 12.74 5.14
C LEU A 1127 -24.16 14.19 5.22
N PHE A 1128 -23.74 15.01 4.25
CA PHE A 1128 -24.06 16.42 4.25
C PHE A 1128 -25.35 16.69 3.48
N LEU A 1129 -25.92 17.87 3.71
CA LEU A 1129 -27.13 18.32 3.03
C LEU A 1129 -26.95 19.80 2.69
N HIS A 1130 -26.41 20.08 1.51
CA HIS A 1130 -26.22 21.46 1.11
C HIS A 1130 -27.53 22.09 0.67
N THR A 1131 -27.57 23.42 0.69
CA THR A 1131 -28.75 24.17 0.29
C THR A 1131 -28.29 25.36 -0.53
N VAL A 1132 -28.67 25.40 -1.81
CA VAL A 1132 -28.20 26.42 -2.73
C VAL A 1132 -29.38 27.15 -3.37
N LEU A 1133 -29.09 28.17 -4.17
CA LEU A 1133 -30.10 28.90 -4.90
C LEU A 1133 -29.90 28.72 -6.40
N LEU A 1134 -30.99 28.79 -7.16
CA LEU A 1134 -30.93 28.68 -8.60
C LEU A 1134 -31.85 29.70 -9.24
N PRO A 1135 -31.37 30.47 -10.21
CA PRO A 1135 -32.22 31.46 -10.86
C PRO A 1135 -33.27 30.81 -11.76
N THR A 1136 -34.41 31.48 -11.87
CA THR A 1136 -35.49 31.02 -12.73
C THR A 1136 -35.81 32.00 -13.84
N ASP A 1137 -36.04 33.27 -13.51
CA ASP A 1137 -36.38 34.29 -14.50
C ASP A 1137 -35.31 35.37 -14.53
N TYR A 1138 -35.19 36.02 -15.69
CA TYR A 1138 -34.20 37.06 -15.89
C TYR A 1138 -34.93 38.35 -16.26
N LYS A 1139 -34.22 39.46 -16.12
CA LYS A 1139 -34.72 40.76 -16.52
C LYS A 1139 -33.69 41.49 -17.37
N ASN A 1140 -34.17 42.26 -18.33
CA ASN A 1140 -33.33 43.01 -19.24
C ASN A 1140 -33.17 44.43 -18.72
N VAL A 1141 -31.92 44.90 -18.66
CA VAL A 1141 -31.57 46.16 -18.04
C VAL A 1141 -30.73 46.97 -19.02
N LYS A 1142 -31.08 48.24 -19.21
CA LYS A 1142 -30.32 49.15 -20.06
C LYS A 1142 -29.22 49.79 -19.23
N ALA A 1143 -28.00 49.27 -19.36
CA ALA A 1143 -26.90 49.71 -18.52
C ALA A 1143 -26.26 50.98 -19.06
N TRP A 1144 -25.33 51.53 -18.28
CA TRP A 1144 -24.51 52.66 -18.69
C TRP A 1144 -23.10 52.41 -18.18
N SER A 1145 -22.26 53.44 -18.24
CA SER A 1145 -20.89 53.30 -17.78
C SER A 1145 -20.36 54.49 -17.00
N GLY A 1146 -21.18 55.51 -16.74
CA GLY A 1146 -20.73 56.67 -15.99
C GLY A 1146 -21.43 57.92 -16.45
N ILE A 1147 -21.20 58.99 -15.71
CA ILE A 1147 -21.79 60.29 -15.98
C ILE A 1147 -20.66 61.29 -16.24
N CYS A 1148 -20.71 61.96 -17.39
CA CYS A 1148 -19.72 62.97 -17.77
C CYS A 1148 -20.43 64.31 -17.86
N VAL A 1149 -20.11 65.20 -16.93
CA VAL A 1149 -20.74 66.52 -16.87
C VAL A 1149 -19.79 67.55 -17.47
N ASP A 1150 -20.32 68.38 -18.38
CA ASP A 1150 -19.59 69.47 -19.00
C ASP A 1150 -18.38 68.98 -19.80
N GLY A 1151 -18.40 67.72 -20.20
CA GLY A 1151 -17.40 67.19 -21.11
C GLY A 1151 -16.04 66.92 -20.52
N ILE A 1152 -15.74 67.42 -19.33
CA ILE A 1152 -14.40 67.23 -18.76
C ILE A 1152 -14.47 66.48 -17.44
N TYR A 1153 -15.43 66.83 -16.58
CA TYR A 1153 -15.59 66.15 -15.30
C TYR A 1153 -16.47 64.91 -15.50
N GLY A 1154 -16.00 63.78 -15.01
CA GLY A 1154 -16.72 62.52 -15.13
C GLY A 1154 -16.83 61.81 -13.80
N TYR A 1155 -17.93 61.09 -13.61
CA TYR A 1155 -18.17 60.32 -12.40
C TYR A 1155 -18.38 58.85 -12.76
N VAL A 1156 -17.79 57.96 -11.98
CA VAL A 1156 -18.01 56.53 -12.12
C VAL A 1156 -18.28 55.94 -10.74
N LEU A 1157 -18.90 54.76 -10.74
CA LEU A 1157 -19.22 54.07 -9.50
C LEU A 1157 -17.95 53.49 -8.88
N ARG A 1158 -17.82 53.67 -7.56
CA ARG A 1158 -16.61 53.22 -6.88
C ARG A 1158 -16.55 51.70 -6.81
N GLN A 1159 -17.52 51.09 -6.16
CA GLN A 1159 -17.50 49.64 -6.02
C GLN A 1159 -17.78 48.99 -7.38
N PRO A 1160 -17.01 47.96 -7.75
CA PRO A 1160 -17.19 47.37 -9.08
C PRO A 1160 -18.32 46.36 -9.16
N ASN A 1161 -19.20 46.34 -8.16
CA ASN A 1161 -20.32 45.41 -8.12
C ASN A 1161 -21.67 46.12 -8.21
N LEU A 1162 -21.69 47.31 -8.79
CA LEU A 1162 -22.93 48.07 -8.94
C LEU A 1162 -23.09 48.47 -10.39
N VAL A 1163 -24.34 48.50 -10.85
CA VAL A 1163 -24.68 48.86 -12.22
C VAL A 1163 -25.56 50.09 -12.18
N LEU A 1164 -25.14 51.15 -12.86
CA LEU A 1164 -25.97 52.32 -13.03
C LEU A 1164 -26.80 52.17 -14.30
N TYR A 1165 -28.11 52.20 -14.16
CA TYR A 1165 -28.99 51.95 -15.29
C TYR A 1165 -30.14 52.94 -15.27
N SER A 1166 -30.82 53.05 -16.41
CA SER A 1166 -31.89 54.02 -16.56
C SER A 1166 -32.97 53.42 -17.45
N ASP A 1167 -34.20 53.39 -16.95
CA ASP A 1167 -35.36 52.94 -17.73
C ASP A 1167 -36.30 54.13 -17.85
N ASN A 1168 -36.74 54.39 -19.09
CA ASN A 1168 -37.74 55.40 -19.46
C ASN A 1168 -37.66 56.67 -18.59
N GLY A 1169 -36.43 57.16 -18.43
CA GLY A 1169 -36.21 58.48 -17.87
C GLY A 1169 -35.81 58.54 -16.41
N VAL A 1170 -35.78 57.42 -15.70
CA VAL A 1170 -35.40 57.41 -14.30
C VAL A 1170 -34.19 56.50 -14.12
N PHE A 1171 -33.23 56.96 -13.31
CA PHE A 1171 -31.98 56.25 -13.07
C PHE A 1171 -32.03 55.54 -11.72
N ARG A 1172 -31.53 54.30 -11.70
CA ARG A 1172 -31.48 53.51 -10.47
C ARG A 1172 -30.18 52.72 -10.45
N VAL A 1173 -29.83 52.23 -9.27
CA VAL A 1173 -28.61 51.47 -9.06
C VAL A 1173 -28.97 50.15 -8.40
N THR A 1174 -28.50 49.05 -8.97
CA THR A 1174 -28.72 47.72 -8.44
C THR A 1174 -27.41 46.94 -8.43
N SER A 1175 -27.47 45.71 -7.93
CA SER A 1175 -26.31 44.84 -7.88
C SER A 1175 -26.16 44.07 -9.19
N ARG A 1176 -25.12 43.24 -9.27
CA ARG A 1176 -24.89 42.41 -10.44
C ARG A 1176 -25.25 40.94 -10.24
N VAL A 1177 -25.55 40.53 -9.01
CA VAL A 1177 -25.89 39.14 -8.73
C VAL A 1177 -27.40 38.98 -8.59
N MET A 1178 -28.03 39.82 -7.79
CA MET A 1178 -29.48 39.85 -7.64
C MET A 1178 -30.04 41.12 -8.25
N PHE A 1179 -31.35 41.29 -8.16
CA PHE A 1179 -32.03 42.48 -8.67
C PHE A 1179 -32.70 43.19 -7.49
N GLN A 1180 -31.99 44.14 -6.89
CA GLN A 1180 -32.48 44.91 -5.76
C GLN A 1180 -32.31 46.39 -6.08
N PRO A 1181 -33.24 47.00 -6.80
CA PRO A 1181 -33.11 48.41 -7.17
C PRO A 1181 -33.31 49.34 -5.98
N ARG A 1182 -32.71 50.52 -6.08
CA ARG A 1182 -32.86 51.57 -5.09
C ARG A 1182 -32.49 52.89 -5.76
N LEU A 1183 -32.39 53.95 -4.95
CA LEU A 1183 -32.07 55.24 -5.53
C LEU A 1183 -30.60 55.56 -5.35
N PRO A 1184 -29.97 56.18 -6.36
CA PRO A 1184 -28.56 56.55 -6.24
C PRO A 1184 -28.37 57.72 -5.28
N VAL A 1185 -27.19 57.75 -4.66
CA VAL A 1185 -26.81 58.81 -3.73
C VAL A 1185 -25.40 59.27 -4.07
N LEU A 1186 -25.07 60.48 -3.59
CA LEU A 1186 -23.77 61.09 -3.90
C LEU A 1186 -22.61 60.31 -3.31
N SER A 1187 -22.85 59.48 -2.31
CA SER A 1187 -21.79 58.75 -1.63
C SER A 1187 -21.29 57.54 -2.41
N ASP A 1188 -21.64 57.41 -3.69
CA ASP A 1188 -21.24 56.24 -4.46
C ASP A 1188 -20.44 56.59 -5.71
N PHE A 1189 -19.99 57.83 -5.85
CA PHE A 1189 -19.32 58.29 -7.06
C PHE A 1189 -17.96 58.88 -6.73
N VAL A 1190 -16.98 58.58 -7.59
CA VAL A 1190 -15.66 59.18 -7.51
C VAL A 1190 -15.47 60.05 -8.76
N GLN A 1191 -14.34 60.74 -8.86
CA GLN A 1191 -14.10 61.66 -9.95
C GLN A 1191 -13.03 61.08 -10.86
N ILE A 1192 -13.38 60.92 -12.15
CA ILE A 1192 -12.66 60.06 -13.08
C ILE A 1192 -12.21 60.87 -14.29
N TYR A 1193 -11.79 62.11 -14.05
CA TYR A 1193 -11.64 63.18 -15.04
C TYR A 1193 -11.12 62.75 -16.42
N ASN A 1194 -11.61 63.45 -17.45
CA ASN A 1194 -11.36 63.21 -18.88
C ASN A 1194 -12.22 62.09 -19.48
N CYS A 1195 -13.40 61.88 -18.90
CA CYS A 1195 -14.62 61.67 -19.68
C CYS A 1195 -14.53 60.78 -20.93
N ASN A 1196 -14.34 59.47 -20.76
CA ASN A 1196 -14.46 58.56 -21.91
C ASN A 1196 -15.77 58.83 -22.66
N VAL A 1197 -15.73 58.56 -23.97
CA VAL A 1197 -16.76 59.06 -24.87
C VAL A 1197 -18.13 58.40 -24.63
N THR A 1198 -18.18 57.11 -24.30
CA THR A 1198 -19.46 56.41 -24.18
C THR A 1198 -20.11 56.62 -22.82
N PHE A 1199 -20.18 57.88 -22.39
CA PHE A 1199 -20.80 58.26 -21.13
C PHE A 1199 -22.16 58.88 -21.39
N VAL A 1200 -22.77 59.43 -20.35
CA VAL A 1200 -24.06 60.12 -20.44
C VAL A 1200 -23.79 61.62 -20.52
N ASN A 1201 -24.28 62.26 -21.57
CA ASN A 1201 -24.11 63.69 -21.77
C ASN A 1201 -25.17 64.43 -20.96
N ILE A 1202 -24.73 65.21 -19.97
CA ILE A 1202 -25.64 65.99 -19.13
C ILE A 1202 -24.92 67.20 -18.57
N SER A 1203 -25.60 68.34 -18.53
CA SER A 1203 -25.02 69.55 -17.98
C SER A 1203 -25.18 69.59 -16.47
N ARG A 1204 -24.37 70.43 -15.82
CA ARG A 1204 -24.38 70.50 -14.36
C ARG A 1204 -25.65 71.14 -13.81
N VAL A 1205 -26.36 71.95 -14.60
CA VAL A 1205 -27.57 72.57 -14.10
C VAL A 1205 -28.68 71.55 -13.90
N GLU A 1206 -28.59 70.37 -14.51
CA GLU A 1206 -29.61 69.34 -14.41
C GLU A 1206 -29.06 68.04 -13.83
N LEU A 1207 -28.02 68.12 -13.00
CA LEU A 1207 -27.46 66.92 -12.41
C LEU A 1207 -28.37 66.32 -11.33
N HIS A 1208 -29.25 67.12 -10.75
CA HIS A 1208 -30.12 66.62 -9.69
C HIS A 1208 -31.17 65.64 -10.19
N THR A 1209 -31.38 65.54 -11.51
CA THR A 1209 -32.37 64.62 -12.05
C THR A 1209 -31.86 63.18 -12.13
N VAL A 1210 -30.56 62.96 -11.95
CA VAL A 1210 -30.00 61.62 -11.91
C VAL A 1210 -29.48 61.28 -10.52
N ILE A 1211 -28.93 62.25 -9.81
CA ILE A 1211 -28.46 62.08 -8.44
C ILE A 1211 -29.30 62.98 -7.54
N PRO A 1212 -30.30 62.47 -6.85
CA PRO A 1212 -31.01 63.26 -5.85
C PRO A 1212 -30.11 63.50 -4.65
N ASP A 1213 -30.57 64.37 -3.75
CA ASP A 1213 -29.81 64.74 -2.56
C ASP A 1213 -28.48 65.39 -2.93
N TYR A 1214 -28.46 66.09 -4.06
CA TYR A 1214 -27.27 66.82 -4.50
C TYR A 1214 -27.72 68.16 -5.06
N VAL A 1215 -27.19 69.25 -4.51
CA VAL A 1215 -27.44 70.59 -5.03
C VAL A 1215 -26.14 71.37 -4.95
N ASP A 1216 -25.92 72.24 -5.93
CA ASP A 1216 -24.75 73.10 -5.91
C ASP A 1216 -24.90 74.11 -4.79
N VAL A 1217 -23.85 74.25 -3.98
CA VAL A 1217 -23.93 75.10 -2.81
C VAL A 1217 -23.61 76.56 -3.14
N ASN A 1218 -22.67 76.81 -4.05
CA ASN A 1218 -22.22 78.17 -4.32
C ASN A 1218 -22.99 78.82 -5.47
N LYS A 1219 -23.43 78.04 -6.46
CA LYS A 1219 -24.22 78.60 -7.54
C LYS A 1219 -25.59 79.07 -7.06
N THR A 1220 -26.21 78.33 -6.13
CA THR A 1220 -27.45 78.80 -5.53
C THR A 1220 -27.25 80.09 -4.76
N LEU A 1221 -26.07 80.28 -4.17
CA LEU A 1221 -25.78 81.55 -3.51
C LEU A 1221 -25.83 82.70 -4.51
N GLN A 1222 -25.29 82.49 -5.70
CA GLN A 1222 -25.36 83.51 -6.74
C GLN A 1222 -26.79 83.72 -7.21
N GLU A 1223 -27.53 82.62 -7.41
CA GLU A 1223 -28.90 82.70 -7.89
C GLU A 1223 -29.84 83.14 -6.78
N PHE A 1224 -29.90 82.37 -5.69
CA PHE A 1224 -30.67 82.81 -4.53
C PHE A 1224 -29.91 83.96 -3.87
N ALA A 1225 -30.32 85.18 -4.20
CA ALA A 1225 -29.64 86.41 -3.81
C ALA A 1225 -30.45 87.56 -4.38
N GLN A 1226 -30.52 87.64 -5.71
CA GLN A 1226 -31.49 88.49 -6.39
C GLN A 1226 -32.85 87.81 -6.52
N ASN A 1227 -32.95 86.52 -6.20
CA ASN A 1227 -34.14 85.73 -6.49
C ASN A 1227 -34.94 85.31 -5.26
N LEU A 1228 -34.55 85.76 -4.07
CA LEU A 1228 -35.36 85.54 -2.87
C LEU A 1228 -36.78 86.07 -3.00
N PRO A 1229 -37.02 87.23 -3.62
CA PRO A 1229 -38.41 87.69 -3.77
C PRO A 1229 -39.30 86.72 -4.54
N LYS A 1230 -38.72 85.79 -5.30
CA LYS A 1230 -39.54 84.77 -5.95
C LYS A 1230 -40.04 83.71 -4.97
N TYR A 1231 -39.19 83.26 -4.04
CA TYR A 1231 -39.55 82.12 -3.20
C TYR A 1231 -38.85 82.29 -1.85
N VAL A 1232 -39.55 82.86 -0.88
CA VAL A 1232 -40.94 83.30 -1.02
C VAL A 1232 -41.03 84.83 -0.92
N LYS A 1233 -42.02 85.42 -1.59
CA LYS A 1233 -42.18 86.86 -1.72
C LYS A 1233 -42.23 87.53 -0.34
N PRO A 1234 -41.37 88.52 -0.07
CA PRO A 1234 -41.48 89.28 1.19
C PRO A 1234 -42.72 90.17 1.23
N ASN A 1235 -43.16 90.53 2.42
CA ASN A 1235 -44.32 91.39 2.58
C ASN A 1235 -43.96 92.83 2.20
N PHE A 1236 -44.85 93.47 1.43
CA PHE A 1236 -44.66 94.87 1.06
C PHE A 1236 -44.99 95.79 2.22
N ASP A 1237 -44.43 97.00 2.18
CA ASP A 1237 -44.64 98.08 3.14
C ASP A 1237 -44.19 97.70 4.54
N LEU A 1238 -43.36 96.67 4.70
CA LEU A 1238 -42.92 96.20 6.00
C LEU A 1238 -41.44 96.47 6.17
N THR A 1239 -41.07 96.99 7.33
CA THR A 1239 -39.66 97.23 7.62
C THR A 1239 -38.90 95.91 7.67
N PRO A 1240 -37.65 95.89 7.17
CA PRO A 1240 -36.99 96.98 6.47
C PRO A 1240 -36.92 96.78 4.95
N PHE A 1241 -37.90 96.08 4.39
CA PHE A 1241 -37.91 95.81 2.95
C PHE A 1241 -38.23 97.08 2.17
N ASN A 1242 -39.20 97.85 2.63
CA ASN A 1242 -39.75 99.01 1.93
C ASN A 1242 -39.54 100.27 2.74
N LEU A 1243 -40.21 101.34 2.29
CA LEU A 1243 -40.36 102.61 2.99
C LEU A 1243 -39.04 103.30 3.33
N THR A 1244 -38.02 103.09 2.49
CA THR A 1244 -36.80 103.89 2.55
C THR A 1244 -36.79 104.84 1.36
N TYR A 1245 -36.12 105.97 1.55
CA TYR A 1245 -36.02 107.06 0.58
C TYR A 1245 -37.36 107.80 0.45
N LEU A 1246 -38.41 107.25 1.08
CA LEU A 1246 -39.70 107.94 1.08
C LEU A 1246 -39.82 108.89 2.26
N ASN A 1247 -38.86 108.89 3.18
CA ASN A 1247 -38.99 109.70 4.38
C ASN A 1247 -38.52 111.12 4.16
N LEU A 1248 -37.64 111.34 3.18
CA LEU A 1248 -37.38 112.70 2.73
C LEU A 1248 -38.65 113.30 2.12
N SER A 1249 -39.38 112.52 1.33
CA SER A 1249 -40.65 112.97 0.79
C SER A 1249 -41.68 113.20 1.91
N SER A 1250 -41.67 112.34 2.93
CA SER A 1250 -42.55 112.53 4.08
C SER A 1250 -42.22 113.82 4.82
N GLU A 1251 -40.94 114.13 5.01
CA GLU A 1251 -40.54 115.39 5.62
C GLU A 1251 -41.00 116.57 4.77
N LEU A 1252 -40.85 116.46 3.45
CA LEU A 1252 -41.30 117.53 2.56
C LEU A 1252 -42.81 117.75 2.67
N LYS A 1253 -43.58 116.66 2.70
CA LYS A 1253 -45.02 116.78 2.84
C LYS A 1253 -45.40 117.37 4.20
N GLN A 1254 -44.69 116.96 5.26
CA GLN A 1254 -44.94 117.53 6.58
C GLN A 1254 -44.67 119.03 6.59
N LEU A 1255 -43.57 119.46 5.97
CA LEU A 1255 -43.27 120.89 5.90
C LEU A 1255 -44.32 121.62 5.10
N GLU A 1256 -44.77 121.05 3.98
CA GLU A 1256 -45.80 121.69 3.17
C GLU A 1256 -47.10 121.84 3.95
N ALA A 1257 -47.51 120.78 4.65
CA ALA A 1257 -48.73 120.85 5.45
C ALA A 1257 -48.62 121.86 6.60
N LYS A 1258 -47.48 121.87 7.28
CA LYS A 1258 -47.28 122.84 8.36
C LYS A 1258 -47.31 124.27 7.83
N THR A 1259 -46.64 124.51 6.70
CA THR A 1259 -46.65 125.84 6.11
C THR A 1259 -48.05 126.26 5.70
N ALA A 1260 -48.81 125.35 5.09
CA ALA A 1260 -50.17 125.67 4.67
C ALA A 1260 -51.06 125.97 5.88
N SER A 1261 -50.95 125.16 6.94
CA SER A 1261 -51.76 125.39 8.13
C SER A 1261 -51.42 126.71 8.80
N LEU A 1262 -50.12 127.02 8.91
CA LEU A 1262 -49.71 128.28 9.52
C LEU A 1262 -50.13 129.47 8.67
N PHE A 1263 -50.04 129.32 7.34
CA PHE A 1263 -50.48 130.39 6.45
C PHE A 1263 -51.99 130.63 6.58
N GLN A 1264 -52.77 129.56 6.67
CA GLN A 1264 -54.21 129.70 6.87
C GLN A 1264 -54.53 130.37 8.20
N THR A 1265 -53.83 129.97 9.26
CA THR A 1265 -54.05 130.60 10.56
C THR A 1265 -53.69 132.07 10.53
N THR A 1266 -52.56 132.41 9.89
CA THR A 1266 -52.16 133.81 9.79
C THR A 1266 -53.16 134.62 8.96
N VAL A 1267 -53.68 134.02 7.88
CA VAL A 1267 -54.68 134.71 7.07
C VAL A 1267 -55.95 134.96 7.88
N GLU A 1268 -56.40 133.97 8.65
CA GLU A 1268 -57.58 134.18 9.49
C GLU A 1268 -57.33 135.26 10.53
N LEU A 1269 -56.15 135.25 11.15
CA LEU A 1269 -55.82 136.25 12.15
C LEU A 1269 -55.78 137.65 11.54
N GLN A 1270 -55.18 137.78 10.35
CA GLN A 1270 -55.12 139.08 9.69
C GLN A 1270 -56.51 139.57 9.27
N GLY A 1271 -57.36 138.65 8.80
CA GLY A 1271 -58.73 139.04 8.48
C GLY A 1271 -59.49 139.50 9.71
N LEU A 1272 -59.26 138.85 10.85
CA LEU A 1272 -59.86 139.31 12.09
C LEU A 1272 -59.34 140.69 12.47
N ILE A 1273 -58.03 140.90 12.35
CA ILE A 1273 -57.43 142.18 12.76
C ILE A 1273 -57.94 143.32 11.90
N ASP A 1274 -58.10 143.08 10.59
CA ASP A 1274 -58.60 144.12 9.70
C ASP A 1274 -59.99 144.56 10.12
N GLN A 1275 -60.88 143.61 10.40
CA GLN A 1275 -62.24 143.93 10.83
C GLN A 1275 -62.22 144.66 12.16
N ILE A 1276 -61.40 144.18 13.11
CA ILE A 1276 -61.29 144.84 14.41
C ILE A 1276 -60.85 146.29 14.24
N ASN A 1277 -59.87 146.51 13.38
CA ASN A 1277 -59.23 147.81 13.32
C ASN A 1277 -60.13 148.81 12.58
N SER A 1278 -60.81 148.32 11.54
CA SER A 1278 -61.82 149.14 10.87
C SER A 1278 -62.98 149.48 11.80
N THR A 1279 -63.39 148.51 12.64
CA THR A 1279 -64.46 148.78 13.59
C THR A 1279 -64.03 149.81 14.63
N TYR A 1280 -62.77 149.74 15.08
CA TYR A 1280 -62.26 150.75 16.01
C TYR A 1280 -62.24 152.13 15.36
N VAL A 1281 -61.83 152.21 14.09
CA VAL A 1281 -61.85 153.49 13.39
C VAL A 1281 -63.27 154.02 13.28
N ASP A 1282 -64.23 153.15 12.95
CA ASP A 1282 -65.61 153.57 12.82
C ASP A 1282 -66.16 154.08 14.16
N LEU A 1283 -65.86 153.37 15.25
CA LEU A 1283 -66.33 153.78 16.56
C LEU A 1283 -65.72 155.11 16.98
N LYS A 1284 -64.41 155.28 16.75
CA LYS A 1284 -63.76 156.52 17.15
C LYS A 1284 -64.22 157.70 16.30
N LEU A 1285 -64.59 157.46 15.04
CA LEU A 1285 -65.14 158.54 14.22
C LEU A 1285 -66.45 159.06 14.81
N LEU A 1286 -67.35 158.14 15.19
CA LEU A 1286 -68.61 158.54 15.79
C LEU A 1286 -68.39 159.21 17.14
N ASN A 1287 -67.44 158.70 17.93
CA ASN A 1287 -67.15 159.32 19.21
C ASN A 1287 -66.64 160.74 19.05
N ARG A 1288 -65.73 160.96 18.08
CA ARG A 1288 -65.22 162.31 17.83
C ARG A 1288 -66.32 163.22 17.31
N PHE A 1289 -67.20 162.70 16.45
CA PHE A 1289 -68.31 163.51 15.93
C PHE A 1289 -69.25 163.93 17.07
N GLU A 1290 -69.55 163.01 17.97
CA GLU A 1290 -70.40 163.34 19.11
C GLU A 1290 -69.72 164.25 20.11
N ASN A 1291 -68.39 164.19 20.20
CA ASN A 1291 -67.67 165.12 21.08
C ASN A 1291 -67.65 166.52 20.50
N TYR A 1292 -67.51 166.64 19.17
CA TYR A 1292 -67.47 167.95 18.54
C TYR A 1292 -68.82 168.67 18.67
N ILE A 1293 -69.91 167.96 18.44
CA ILE A 1293 -71.25 168.56 18.44
C ILE A 1293 -71.81 168.49 19.86
N LYS A 1294 -72.40 169.60 20.31
CA LYS A 1294 -72.96 169.65 21.65
C LYS A 1294 -74.17 168.72 21.76
N TRP A 1295 -74.40 168.25 22.98
CA TRP A 1295 -75.49 167.31 23.25
C TRP A 1295 -76.87 167.83 22.88
N PRO A 1296 -77.26 169.07 23.21
CA PRO A 1296 -78.61 169.52 22.85
C PRO A 1296 -78.86 169.49 21.35
N TRP A 1297 -80.07 169.14 20.97
CA TRP A 1297 -80.46 169.07 19.56
C TRP A 1297 -80.86 170.45 19.03
N ALA B 23 48.73 4.13 -45.46
CA ALA B 23 49.47 5.17 -44.76
C ALA B 23 50.81 4.65 -44.27
N ASN B 24 51.80 5.53 -44.24
CA ASN B 24 53.16 5.16 -43.83
C ASN B 24 53.34 5.58 -42.36
N LEU B 25 52.52 4.97 -41.50
CA LEU B 25 52.26 5.55 -40.19
C LEU B 25 52.91 4.77 -39.05
N SER B 26 52.62 5.17 -37.82
CA SER B 26 53.33 4.69 -36.65
C SER B 26 53.17 3.19 -36.46
N MET B 27 54.11 2.60 -35.74
CA MET B 27 54.09 1.16 -35.48
C MET B 27 52.86 0.77 -34.68
N LEU B 28 52.58 1.50 -33.59
CA LEU B 28 51.51 1.09 -32.69
C LEU B 28 50.14 1.25 -33.33
N GLN B 29 50.02 2.16 -34.31
CA GLN B 29 48.79 2.25 -35.08
C GLN B 29 48.57 1.03 -35.97
N LEU B 30 49.58 0.18 -36.12
CA LEU B 30 49.45 -1.05 -36.90
C LEU B 30 49.70 -2.31 -36.08
N GLY B 31 50.54 -2.24 -35.04
CA GLY B 31 50.77 -3.40 -34.20
C GLY B 31 51.85 -4.33 -34.71
N VAL B 32 53.06 -3.79 -34.93
CA VAL B 32 54.18 -4.57 -35.45
C VAL B 32 55.39 -4.32 -34.55
N PRO B 33 56.18 -5.34 -34.22
CA PRO B 33 57.36 -5.13 -33.38
C PRO B 33 58.56 -4.67 -34.20
N ASP B 34 59.67 -4.45 -33.52
CA ASP B 34 60.90 -3.99 -34.17
C ASP B 34 61.56 -5.10 -34.96
N ASN B 35 62.18 -4.73 -36.08
CA ASN B 35 63.05 -5.61 -36.85
C ASN B 35 62.36 -6.92 -37.21
N SER B 36 61.28 -6.79 -37.98
CA SER B 36 60.47 -7.93 -38.37
C SER B 36 59.70 -7.59 -39.63
N SER B 37 58.91 -8.55 -40.11
CA SER B 37 58.09 -8.36 -41.31
C SER B 37 56.86 -9.25 -41.15
N THR B 38 55.72 -8.65 -40.84
CA THR B 38 54.50 -9.37 -40.53
C THR B 38 53.52 -9.29 -41.70
N ILE B 39 52.36 -9.88 -41.51
CA ILE B 39 51.27 -9.88 -42.49
C ILE B 39 50.05 -9.32 -41.78
N VAL B 40 49.83 -8.01 -41.90
CA VAL B 40 48.74 -7.33 -41.22
C VAL B 40 47.52 -7.32 -42.13
N THR B 41 46.36 -7.62 -41.56
CA THR B 41 45.11 -7.62 -42.29
C THR B 41 44.05 -6.83 -41.51
N GLY B 42 43.12 -6.24 -42.25
CA GLY B 42 42.05 -5.46 -41.67
C GLY B 42 41.76 -4.25 -42.51
N LEU B 43 41.11 -3.26 -41.90
CA LEU B 43 40.76 -2.02 -42.57
C LEU B 43 41.99 -1.11 -42.55
N LEU B 44 42.63 -0.95 -43.71
CA LEU B 44 43.85 -0.17 -43.81
C LEU B 44 43.77 0.78 -44.98
N PRO B 45 44.44 1.93 -44.91
CA PRO B 45 44.39 2.91 -46.01
C PRO B 45 45.43 2.62 -47.08
N THR B 46 45.03 2.83 -48.34
CA THR B 46 45.90 2.50 -49.47
C THR B 46 46.25 3.72 -50.31
N HIS B 47 45.26 4.50 -50.76
CA HIS B 47 45.48 5.53 -51.76
C HIS B 47 45.09 6.90 -51.22
N TRP B 48 45.96 7.88 -51.44
CA TRP B 48 45.70 9.26 -51.05
C TRP B 48 44.98 10.00 -52.17
N PHE B 49 44.38 11.13 -51.81
CA PHE B 49 43.68 12.00 -52.76
C PHE B 49 44.25 13.41 -52.70
N CYS B 50 44.06 14.14 -53.81
CA CYS B 50 44.45 15.56 -53.92
C CYS B 50 43.34 16.23 -54.73
N ALA B 51 42.34 16.76 -54.03
CA ALA B 51 41.15 17.31 -54.68
C ALA B 51 40.86 18.71 -54.16
N ASN B 52 40.13 19.47 -54.97
CA ASN B 52 39.78 20.85 -54.62
C ASN B 52 38.34 21.21 -54.96
N GLN B 53 37.50 20.22 -55.28
CA GLN B 53 36.11 20.48 -55.65
C GLN B 53 35.25 20.92 -54.48
N SER B 54 35.76 20.83 -53.25
CA SER B 54 35.13 21.37 -52.06
C SER B 54 33.87 20.63 -51.64
N THR B 55 33.43 19.66 -52.43
CA THR B 55 32.24 18.89 -52.09
C THR B 55 32.18 17.63 -52.93
N SER B 56 32.07 16.48 -52.26
CA SER B 56 31.85 15.22 -52.94
C SER B 56 31.41 14.19 -51.91
N VAL B 57 30.27 13.55 -52.15
CA VAL B 57 29.72 12.57 -51.23
C VAL B 57 30.28 11.20 -51.63
N TYR B 58 30.96 10.54 -50.68
CA TYR B 58 31.58 9.26 -50.93
C TYR B 58 30.80 8.15 -50.22
N SER B 59 31.22 6.91 -50.45
CA SER B 59 30.77 5.76 -49.68
C SER B 59 32.00 5.04 -49.16
N ALA B 60 32.07 4.87 -47.84
CA ALA B 60 33.29 4.35 -47.22
C ALA B 60 32.98 3.87 -45.82
N ASN B 61 34.04 3.54 -45.08
CA ASN B 61 33.91 3.12 -43.69
C ASN B 61 34.97 3.75 -42.79
N GLY B 62 35.80 4.64 -43.30
CA GLY B 62 36.82 5.28 -42.49
C GLY B 62 37.60 6.27 -43.32
N PHE B 63 38.50 6.98 -42.66
CA PHE B 63 39.31 7.97 -43.33
C PHE B 63 40.56 8.26 -42.53
N PHE B 64 41.65 8.58 -43.23
CA PHE B 64 42.89 9.05 -42.65
C PHE B 64 43.25 10.37 -43.29
N TYR B 65 43.93 11.24 -42.54
CA TYR B 65 44.31 12.53 -43.08
C TYR B 65 45.50 13.10 -42.31
N ILE B 66 46.18 14.05 -42.94
CA ILE B 66 47.29 14.78 -42.34
C ILE B 66 47.04 16.26 -42.57
N ASP B 67 47.16 17.05 -41.51
CA ASP B 67 46.95 18.50 -41.58
C ASP B 67 48.13 19.21 -40.94
N VAL B 68 48.74 20.13 -41.69
CA VAL B 68 49.81 20.97 -41.16
C VAL B 68 49.55 22.41 -41.57
N GLY B 69 48.64 22.61 -42.52
CA GLY B 69 48.37 23.94 -43.02
C GLY B 69 47.53 24.77 -42.07
N ASN B 70 47.48 26.07 -42.37
CA ASN B 70 46.74 27.03 -41.56
C ASN B 70 45.39 27.28 -42.20
N HIS B 71 44.50 26.31 -42.04
CA HIS B 71 43.14 26.42 -42.58
C HIS B 71 42.23 25.51 -41.79
N ARG B 72 40.93 25.75 -41.93
CA ARG B 72 39.90 24.99 -41.23
C ARG B 72 39.54 23.74 -42.04
N SER B 73 39.61 22.58 -41.40
CA SER B 73 39.33 21.31 -42.04
C SER B 73 38.39 20.50 -41.16
N ALA B 74 37.39 19.87 -41.78
CA ALA B 74 36.39 19.11 -41.05
C ALA B 74 35.94 17.91 -41.88
N PHE B 75 35.64 16.82 -41.19
CA PHE B 75 35.12 15.61 -41.81
C PHE B 75 33.89 15.15 -41.02
N ALA B 76 33.04 14.38 -41.68
CA ALA B 76 31.79 13.97 -41.05
C ALA B 76 31.25 12.72 -41.73
N LEU B 77 30.66 11.83 -40.93
CA LEU B 77 30.03 10.61 -41.42
C LEU B 77 28.53 10.69 -41.16
N HIS B 78 27.74 10.29 -42.16
CA HIS B 78 26.29 10.37 -42.07
C HIS B 78 25.65 9.35 -43.00
N THR B 79 24.38 9.08 -42.76
CA THR B 79 23.59 8.22 -43.64
C THR B 79 22.97 9.08 -44.75
N GLY B 80 22.05 8.48 -45.51
CA GLY B 80 21.45 9.14 -46.64
C GLY B 80 20.21 9.97 -46.36
N TYR B 81 19.69 9.97 -45.15
CA TYR B 81 18.48 10.71 -44.84
C TYR B 81 18.48 11.09 -43.36
N TYR B 82 17.69 12.12 -43.04
CA TYR B 82 17.61 12.58 -41.66
C TYR B 82 16.90 11.56 -40.78
N ASP B 83 17.38 11.45 -39.54
CA ASP B 83 16.74 10.62 -38.54
C ASP B 83 17.01 11.24 -37.17
N ALA B 84 15.99 11.24 -36.33
CA ALA B 84 16.07 11.85 -35.00
C ALA B 84 16.51 10.86 -33.94
N ASN B 85 16.76 9.61 -34.31
CA ASN B 85 17.21 8.59 -33.38
C ASN B 85 18.49 7.93 -33.88
N GLN B 86 19.39 8.73 -34.46
CA GLN B 86 20.61 8.23 -35.08
C GLN B 86 21.80 9.03 -34.58
N TYR B 87 22.94 8.36 -34.46
CA TYR B 87 24.17 8.99 -34.00
C TYR B 87 25.02 9.37 -35.21
N TYR B 88 25.50 10.61 -35.22
CA TYR B 88 26.25 11.15 -36.35
C TYR B 88 27.65 11.55 -35.87
N ILE B 89 28.67 10.94 -36.45
CA ILE B 89 30.05 11.27 -36.11
C ILE B 89 30.44 12.57 -36.78
N TYR B 90 31.33 13.33 -36.14
CA TYR B 90 31.71 14.65 -36.63
C TYR B 90 33.04 15.05 -36.00
N VAL B 91 34.04 15.29 -36.85
CA VAL B 91 35.38 15.66 -36.42
C VAL B 91 35.77 16.98 -37.06
N THR B 92 36.31 17.89 -36.26
CA THR B 92 36.72 19.20 -36.76
C THR B 92 38.09 19.55 -36.21
N ASN B 93 39.05 19.79 -37.11
CA ASN B 93 40.35 20.31 -36.72
C ASN B 93 40.31 21.83 -36.63
N GLU B 94 41.17 22.40 -35.79
CA GLU B 94 41.22 23.84 -35.62
C GLU B 94 42.68 24.30 -35.70
N ILE B 95 42.86 25.52 -36.19
CA ILE B 95 44.21 26.06 -36.38
C ILE B 95 44.81 26.45 -35.04
N GLY B 96 46.04 26.02 -34.81
CA GLY B 96 46.79 26.41 -33.62
C GLY B 96 48.26 26.13 -33.81
N LEU B 97 48.93 25.75 -32.72
CA LEU B 97 50.31 25.29 -32.80
C LEU B 97 50.41 23.77 -32.77
N ASN B 98 49.51 23.09 -32.06
CA ASN B 98 49.36 21.64 -32.10
C ASN B 98 48.10 21.31 -32.88
N ALA B 99 47.76 20.02 -32.89
CA ALA B 99 46.55 19.55 -33.57
C ALA B 99 45.39 19.62 -32.60
N SER B 100 44.50 20.59 -32.82
CA SER B 100 43.31 20.76 -32.00
C SER B 100 42.15 20.00 -32.66
N VAL B 101 41.74 18.91 -32.03
CA VAL B 101 40.73 18.02 -32.59
C VAL B 101 39.51 18.02 -31.68
N THR B 102 38.33 18.02 -32.28
CA THR B 102 37.06 18.04 -31.55
C THR B 102 36.16 16.95 -32.12
N LEU B 103 36.04 15.84 -31.40
CA LEU B 103 35.19 14.73 -31.80
C LEU B 103 33.85 14.82 -31.06
N LYS B 104 32.76 14.62 -31.79
CA LYS B 104 31.42 14.72 -31.23
C LYS B 104 30.55 13.63 -31.84
N ILE B 105 29.92 12.83 -31.00
CA ILE B 105 29.13 11.68 -31.44
C ILE B 105 27.77 11.77 -30.73
N CYS B 106 26.78 12.40 -31.37
CA CYS B 106 25.45 12.44 -30.77
C CYS B 106 24.41 12.99 -31.74
N LYS B 107 23.15 12.87 -31.31
CA LYS B 107 22.00 13.18 -32.14
C LYS B 107 21.90 14.68 -32.38
N PHE B 108 21.14 15.05 -33.41
CA PHE B 108 20.99 16.43 -33.83
C PHE B 108 19.52 16.75 -34.14
N SER B 109 19.13 17.98 -33.85
CA SER B 109 17.83 18.54 -34.17
C SER B 109 17.90 19.17 -35.56
N ARG B 110 16.93 20.03 -35.89
CA ARG B 110 16.99 20.76 -37.15
C ARG B 110 18.38 21.34 -37.35
N ASN B 111 18.93 21.09 -38.54
CA ASN B 111 20.34 20.72 -38.60
C ASN B 111 21.34 21.65 -39.28
N THR B 112 21.37 21.70 -40.61
CA THR B 112 22.38 22.44 -41.37
C THR B 112 22.16 22.15 -42.85
N THR B 113 22.90 22.85 -43.71
CA THR B 113 23.28 22.29 -45.01
C THR B 113 24.68 21.68 -44.94
N PHE B 114 25.70 22.51 -44.68
CA PHE B 114 27.05 22.10 -44.34
C PHE B 114 27.87 23.35 -44.04
N ASP B 115 28.83 23.22 -43.13
CA ASP B 115 29.74 24.33 -42.82
C ASP B 115 30.83 23.83 -41.89
N PHE B 116 31.93 24.58 -41.84
CA PHE B 116 33.01 24.31 -40.91
C PHE B 116 32.75 25.02 -39.58
N LEU B 117 33.55 24.66 -38.58
CA LEU B 117 33.52 25.30 -37.26
C LEU B 117 32.13 25.19 -36.63
N SER B 118 31.82 23.96 -36.22
CA SER B 118 30.64 23.70 -35.39
C SER B 118 29.34 24.06 -36.14
N ASN B 119 29.03 23.21 -37.13
CA ASN B 119 27.77 23.27 -37.86
C ASN B 119 26.57 23.71 -37.02
N ALA B 120 26.32 23.02 -35.90
CA ALA B 120 25.13 23.29 -35.10
C ALA B 120 25.35 22.77 -33.69
N SER B 121 24.95 23.58 -32.71
CA SER B 121 25.04 23.19 -31.31
C SER B 121 23.70 22.59 -30.86
N SER B 122 23.37 21.46 -31.46
CA SER B 122 22.17 20.69 -31.14
C SER B 122 22.51 19.44 -30.35
N SER B 123 23.69 19.42 -29.74
CA SER B 123 24.17 18.27 -29.00
C SER B 123 23.46 18.21 -27.65
N PHE B 124 22.75 17.11 -27.39
CA PHE B 124 22.00 16.98 -26.15
C PHE B 124 22.19 15.64 -25.43
N ASP B 125 22.68 14.61 -26.13
CA ASP B 125 22.98 13.33 -25.46
C ASP B 125 24.16 12.70 -26.21
N CYS B 126 25.37 12.98 -25.74
CA CYS B 126 26.58 12.65 -26.48
C CYS B 126 27.40 11.63 -25.72
N ILE B 127 27.74 10.53 -26.39
CA ILE B 127 28.58 9.50 -25.80
C ILE B 127 29.99 10.03 -25.57
N VAL B 128 30.57 10.65 -26.60
CA VAL B 128 31.92 11.19 -26.51
C VAL B 128 31.91 12.63 -27.00
N ASN B 129 32.53 13.52 -26.23
CA ASN B 129 32.71 14.91 -26.63
C ASN B 129 33.99 15.41 -25.96
N LEU B 130 35.09 15.33 -26.68
CA LEU B 130 36.42 15.55 -26.11
C LEU B 130 37.14 16.69 -26.82
N LEU B 131 38.43 16.81 -26.51
CA LEU B 131 39.30 17.79 -27.16
C LEU B 131 40.72 17.27 -27.06
N PHE B 132 41.37 17.07 -28.21
CA PHE B 132 42.70 16.49 -28.27
C PHE B 132 43.73 17.57 -28.57
N THR B 133 44.92 17.41 -27.97
CA THR B 133 46.08 18.24 -28.31
C THR B 133 47.27 17.28 -28.41
N GLU B 134 47.53 16.81 -29.63
CA GLU B 134 48.58 15.82 -29.87
C GLU B 134 49.67 16.42 -30.75
N GLN B 135 50.72 15.65 -30.96
CA GLN B 135 51.87 16.11 -31.74
C GLN B 135 51.47 16.40 -33.17
N LEU B 136 51.88 17.57 -33.67
CA LEU B 136 51.62 17.93 -35.06
C LEU B 136 52.48 17.10 -36.00
N GLY B 137 51.93 16.77 -37.16
CA GLY B 137 52.61 15.96 -38.13
C GLY B 137 52.36 14.47 -38.02
N ALA B 138 51.26 14.06 -37.38
CA ALA B 138 50.93 12.65 -37.21
C ALA B 138 49.50 12.44 -37.69
N PRO B 139 49.26 11.47 -38.57
CA PRO B 139 47.91 11.24 -39.08
C PRO B 139 47.00 10.63 -38.04
N LEU B 140 45.70 10.86 -38.24
CA LEU B 140 44.65 10.31 -37.39
C LEU B 140 43.74 9.41 -38.23
N GLY B 141 42.73 8.84 -37.59
CA GLY B 141 41.81 7.97 -38.30
C GLY B 141 40.65 7.47 -37.45
N ILE B 142 39.53 7.19 -38.10
CA ILE B 142 38.35 6.62 -37.47
C ILE B 142 37.84 5.50 -38.35
N THR B 143 37.51 4.36 -37.75
CA THR B 143 37.01 3.21 -38.49
C THR B 143 35.82 2.63 -37.77
N ILE B 144 34.96 1.94 -38.53
CA ILE B 144 33.73 1.36 -38.00
C ILE B 144 33.69 -0.11 -38.36
N SER B 145 33.37 -0.96 -37.38
CA SER B 145 33.20 -2.40 -37.59
C SER B 145 32.02 -2.86 -36.75
N GLY B 146 30.93 -3.25 -37.39
CA GLY B 146 29.74 -3.62 -36.64
C GLY B 146 29.20 -2.41 -35.89
N GLU B 147 28.99 -2.59 -34.58
CA GLU B 147 28.58 -1.50 -33.71
C GLU B 147 29.74 -0.94 -32.91
N THR B 148 30.98 -1.19 -33.37
CA THR B 148 32.18 -0.76 -32.68
C THR B 148 32.85 0.35 -33.49
N VAL B 149 33.22 1.43 -32.81
CA VAL B 149 33.89 2.56 -33.44
C VAL B 149 35.28 2.66 -32.83
N ARG B 150 36.31 2.53 -33.66
CA ARG B 150 37.68 2.64 -33.19
C ARG B 150 38.17 4.08 -33.33
N LEU B 151 39.34 4.35 -32.75
CA LEU B 151 39.91 5.69 -32.80
C LEU B 151 41.43 5.57 -32.62
N HIS B 152 42.16 5.71 -33.72
CA HIS B 152 43.62 5.71 -33.68
C HIS B 152 44.12 7.13 -33.37
N LEU B 153 45.14 7.22 -32.52
CA LEU B 153 45.62 8.54 -32.08
C LEU B 153 47.14 8.61 -32.04
N TYR B 154 47.81 7.73 -32.78
CA TYR B 154 49.26 7.74 -32.97
C TYR B 154 50.02 7.32 -31.71
N ASN B 155 49.31 7.18 -30.58
CA ASN B 155 49.90 6.59 -29.40
C ASN B 155 48.98 5.67 -28.62
N VAL B 156 47.67 5.67 -28.89
CA VAL B 156 46.71 4.85 -28.16
C VAL B 156 45.58 4.50 -29.11
N THR B 157 44.82 3.47 -28.76
CA THR B 157 43.69 3.02 -29.57
C THR B 157 42.48 2.88 -28.63
N ARG B 158 41.56 3.84 -28.74
CA ARG B 158 40.36 3.82 -27.93
C ARG B 158 39.23 3.10 -28.66
N THR B 159 38.16 2.80 -27.94
CA THR B 159 37.04 2.05 -28.50
C THR B 159 35.77 2.46 -27.77
N PHE B 160 34.73 2.77 -28.54
CA PHE B 160 33.41 3.08 -28.01
C PHE B 160 32.37 2.20 -28.68
N TYR B 161 31.28 1.95 -27.96
CA TYR B 161 30.21 1.05 -28.42
C TYR B 161 28.95 1.88 -28.63
N VAL B 162 28.81 2.46 -29.82
CA VAL B 162 27.65 3.28 -30.17
C VAL B 162 26.63 2.43 -30.91
N PRO B 163 25.38 2.38 -30.44
CA PRO B 163 24.38 1.54 -31.09
C PRO B 163 23.99 2.05 -32.46
N ALA B 164 23.58 1.11 -33.31
CA ALA B 164 23.09 1.40 -34.67
C ALA B 164 24.10 2.23 -35.45
N ALA B 165 25.34 1.73 -35.50
CA ALA B 165 26.43 2.41 -36.20
C ALA B 165 26.81 1.72 -37.49
N TYR B 166 26.08 0.67 -37.88
CA TYR B 166 26.35 0.02 -39.16
C TYR B 166 25.65 0.70 -40.32
N LYS B 167 24.75 1.65 -40.06
CA LYS B 167 24.08 2.38 -41.12
C LYS B 167 24.90 3.55 -41.65
N LEU B 168 25.93 3.97 -40.94
CA LEU B 168 26.73 5.12 -41.35
C LEU B 168 27.65 4.69 -42.48
N THR B 169 27.16 4.84 -43.71
CA THR B 169 27.89 4.42 -44.89
C THR B 169 28.53 5.57 -45.66
N LYS B 170 27.79 6.67 -45.86
CA LYS B 170 28.31 7.79 -46.62
C LYS B 170 29.36 8.55 -45.81
N LEU B 171 30.10 9.41 -46.51
CA LEU B 171 31.16 10.20 -45.89
C LEU B 171 31.31 11.51 -46.66
N SER B 172 31.22 12.63 -45.94
CA SER B 172 31.23 13.97 -46.53
C SER B 172 32.53 14.66 -46.12
N VAL B 173 33.57 14.53 -46.94
CA VAL B 173 34.88 15.09 -46.66
C VAL B 173 34.98 16.46 -47.30
N LYS B 174 35.55 17.42 -46.57
CA LYS B 174 35.67 18.80 -47.05
C LYS B 174 37.01 19.37 -46.58
N CYS B 175 38.01 19.35 -47.47
CA CYS B 175 39.28 20.02 -47.22
C CYS B 175 39.92 20.33 -48.57
N TYR B 176 40.97 21.17 -48.54
CA TYR B 176 41.54 21.70 -49.76
C TYR B 176 43.02 21.35 -49.87
N PHE B 177 43.48 21.13 -51.10
CA PHE B 177 44.86 20.69 -51.30
C PHE B 177 45.88 21.80 -51.07
N ASN B 178 45.59 23.02 -51.51
CA ASN B 178 46.60 24.09 -51.40
C ASN B 178 46.98 24.38 -49.95
N TYR B 179 46.11 24.05 -48.99
CA TYR B 179 46.38 24.31 -47.58
C TYR B 179 47.11 23.17 -46.90
N SER B 180 47.90 22.40 -47.64
CA SER B 180 48.70 21.29 -47.10
C SER B 180 47.81 20.26 -46.40
N CYS B 181 46.93 19.67 -47.21
CA CYS B 181 45.89 18.78 -46.70
C CYS B 181 45.68 17.65 -47.72
N VAL B 182 46.08 16.45 -47.35
CA VAL B 182 45.84 15.25 -48.14
C VAL B 182 45.22 14.20 -47.24
N PHE B 183 44.32 13.40 -47.82
CA PHE B 183 43.59 12.42 -47.04
C PHE B 183 43.36 11.17 -47.89
N SER B 184 43.30 10.03 -47.21
CA SER B 184 42.97 8.75 -47.82
C SER B 184 41.57 8.33 -47.40
N VAL B 185 41.17 7.14 -47.82
CA VAL B 185 39.83 6.63 -47.57
C VAL B 185 39.84 5.13 -47.79
N VAL B 186 38.97 4.41 -47.09
CA VAL B 186 39.03 2.95 -47.00
C VAL B 186 37.73 2.37 -47.50
N ASN B 187 37.80 1.33 -48.33
CA ASN B 187 36.63 0.49 -48.61
C ASN B 187 36.52 -0.67 -47.61
N ALA B 188 37.47 -1.61 -47.66
CA ALA B 188 37.34 -2.84 -46.90
C ALA B 188 38.57 -3.73 -46.93
N THR B 189 38.92 -4.30 -45.78
CA THR B 189 39.68 -5.55 -45.65
C THR B 189 40.86 -5.72 -46.60
N VAL B 190 41.85 -4.84 -46.52
CA VAL B 190 43.05 -4.94 -47.35
C VAL B 190 44.13 -5.67 -46.58
N THR B 191 44.84 -6.56 -47.27
CA THR B 191 45.97 -7.30 -46.70
C THR B 191 47.27 -6.67 -47.18
N VAL B 192 48.20 -6.46 -46.26
CA VAL B 192 49.44 -5.73 -46.54
C VAL B 192 50.64 -6.54 -46.07
N ASN B 193 51.82 -5.97 -46.28
CA ASN B 193 53.09 -6.57 -45.88
C ASN B 193 54.01 -5.43 -45.45
N VAL B 194 54.12 -5.23 -44.14
CA VAL B 194 54.83 -4.08 -43.58
C VAL B 194 56.16 -4.54 -43.01
N THR B 195 57.21 -3.76 -43.29
CA THR B 195 58.56 -4.03 -42.80
C THR B 195 59.02 -2.88 -41.93
N THR B 196 59.56 -3.19 -40.75
CA THR B 196 60.01 -2.19 -39.81
C THR B 196 61.52 -2.33 -39.58
N HIS B 197 62.16 -1.19 -39.30
CA HIS B 197 63.58 -1.17 -38.98
C HIS B 197 63.86 0.05 -38.12
N ASN B 198 64.47 -0.19 -36.95
CA ASN B 198 64.87 0.87 -36.02
C ASN B 198 63.68 1.75 -35.64
N GLY B 199 62.53 1.11 -35.43
CA GLY B 199 61.35 1.80 -34.94
C GLY B 199 60.57 2.57 -35.98
N ARG B 200 60.94 2.51 -37.25
CA ARG B 200 60.25 3.23 -38.30
C ARG B 200 59.85 2.27 -39.41
N VAL B 201 58.63 2.42 -39.91
CA VAL B 201 58.16 1.59 -41.02
C VAL B 201 58.97 1.93 -42.27
N VAL B 202 59.41 0.88 -42.96
CA VAL B 202 60.27 1.04 -44.14
C VAL B 202 59.49 0.87 -45.43
N ASN B 203 58.65 -0.16 -45.51
CA ASN B 203 57.92 -0.45 -46.73
C ASN B 203 56.48 -0.85 -46.41
N TYR B 204 55.63 -0.72 -47.43
CA TYR B 204 54.20 -0.89 -47.26
C TYR B 204 53.62 -1.33 -48.61
N THR B 205 53.34 -2.63 -48.76
CA THR B 205 52.93 -3.21 -50.02
C THR B 205 51.67 -4.03 -49.82
N VAL B 206 50.83 -4.08 -50.86
CA VAL B 206 49.53 -4.73 -50.81
C VAL B 206 49.53 -5.93 -51.74
N CYS B 207 49.10 -7.08 -51.22
CA CYS B 207 48.92 -8.26 -52.05
C CYS B 207 47.75 -8.08 -53.02
N ASP B 208 48.05 -8.08 -54.32
CA ASP B 208 47.03 -8.36 -55.30
C ASP B 208 46.74 -9.86 -55.37
N ASP B 209 47.79 -10.66 -55.19
CA ASP B 209 47.69 -12.09 -54.89
C ASP B 209 47.36 -12.25 -53.41
N CYS B 210 47.63 -13.44 -52.85
CA CYS B 210 47.38 -13.72 -51.44
C CYS B 210 45.88 -13.73 -51.15
N ASN B 211 45.17 -14.58 -51.91
CA ASN B 211 43.73 -14.70 -51.76
C ASN B 211 43.36 -15.43 -50.49
N GLY B 212 42.26 -14.99 -49.86
CA GLY B 212 41.72 -15.66 -48.69
C GLY B 212 42.42 -15.32 -47.38
N TYR B 213 43.51 -14.57 -47.42
CA TYR B 213 44.26 -14.26 -46.20
C TYR B 213 43.48 -13.37 -45.24
N THR B 214 42.44 -12.70 -45.72
CA THR B 214 41.72 -11.73 -44.91
C THR B 214 40.82 -12.37 -43.86
N ASP B 215 40.59 -13.69 -43.92
CA ASP B 215 39.69 -14.35 -42.99
C ASP B 215 40.37 -15.37 -42.09
N ASN B 216 41.67 -15.60 -42.24
CA ASN B 216 42.34 -16.58 -41.41
C ASN B 216 43.71 -16.16 -40.89
N ILE B 217 44.21 -14.98 -41.23
CA ILE B 217 45.53 -14.54 -40.79
C ILE B 217 45.40 -13.18 -40.12
N PHE B 218 46.11 -13.01 -39.01
CA PHE B 218 46.16 -11.72 -38.33
C PHE B 218 47.54 -11.59 -37.67
N SER B 219 47.75 -10.50 -36.95
CA SER B 219 48.99 -10.24 -36.25
C SER B 219 48.71 -10.09 -34.76
N VAL B 220 49.40 -10.87 -33.94
CA VAL B 220 49.15 -10.84 -32.51
C VAL B 220 49.59 -9.51 -31.92
N GLN B 221 48.70 -8.88 -31.16
CA GLN B 221 48.96 -7.56 -30.59
C GLN B 221 49.83 -7.71 -29.35
N GLN B 222 49.99 -6.60 -28.62
CA GLN B 222 50.69 -6.65 -27.34
C GLN B 222 49.88 -7.45 -26.32
N ASP B 223 50.59 -8.11 -25.41
CA ASP B 223 50.01 -8.92 -24.34
C ASP B 223 49.29 -10.16 -24.86
N GLY B 224 49.56 -10.55 -26.10
CA GLY B 224 48.94 -11.75 -26.64
C GLY B 224 47.46 -11.64 -26.93
N ARG B 225 46.94 -10.43 -27.07
CA ARG B 225 45.54 -10.25 -27.39
C ARG B 225 45.25 -10.67 -28.83
N ILE B 226 43.98 -10.64 -29.19
CA ILE B 226 43.51 -10.90 -30.55
C ILE B 226 42.98 -9.58 -31.10
N PRO B 227 43.38 -9.18 -32.31
CA PRO B 227 42.99 -7.86 -32.82
C PRO B 227 41.49 -7.75 -32.99
N ASN B 228 41.00 -6.52 -32.80
CA ASN B 228 39.59 -6.23 -32.97
C ASN B 228 39.20 -6.28 -34.45
N GLY B 229 37.91 -6.52 -34.69
CA GLY B 229 37.41 -6.57 -36.05
C GLY B 229 37.80 -7.80 -36.83
N PHE B 230 38.13 -8.90 -36.15
CA PHE B 230 38.51 -10.12 -36.81
C PHE B 230 37.28 -11.01 -36.95
N PRO B 231 36.82 -11.32 -38.16
CA PRO B 231 35.69 -12.25 -38.29
C PRO B 231 36.12 -13.67 -38.01
N PHE B 232 35.69 -14.20 -36.87
CA PHE B 232 36.11 -15.53 -36.42
C PHE B 232 35.56 -16.57 -37.38
N ASN B 233 36.44 -17.17 -38.18
CA ASN B 233 36.00 -18.07 -39.24
C ASN B 233 35.70 -19.47 -38.70
N ASN B 234 36.72 -20.13 -38.15
CA ASN B 234 36.59 -21.49 -37.66
C ASN B 234 37.06 -21.59 -36.21
N TRP B 235 36.74 -20.58 -35.40
CA TRP B 235 37.13 -20.55 -34.00
C TRP B 235 35.90 -20.88 -33.16
N PHE B 236 35.81 -22.14 -32.74
CA PHE B 236 34.64 -22.66 -32.04
C PHE B 236 34.77 -22.46 -30.54
N LEU B 237 33.64 -22.58 -29.85
CA LEU B 237 33.59 -22.50 -28.40
C LEU B 237 33.74 -23.90 -27.81
N LEU B 238 34.79 -24.10 -27.02
CA LEU B 238 35.01 -25.37 -26.36
C LEU B 238 33.98 -25.58 -25.26
N THR B 239 33.54 -26.83 -25.11
CA THR B 239 32.53 -27.14 -24.11
C THR B 239 32.66 -28.59 -23.67
N ASN B 240 32.22 -28.84 -22.43
CA ASN B 240 32.16 -30.18 -21.87
C ASN B 240 30.76 -30.76 -21.89
N GLY B 241 29.74 -29.94 -22.13
CA GLY B 241 28.35 -30.37 -22.10
C GLY B 241 27.54 -29.90 -23.29
N SER B 242 26.45 -29.19 -23.01
CA SER B 242 25.55 -28.71 -24.05
C SER B 242 26.22 -27.61 -24.86
N THR B 243 25.50 -27.11 -25.87
CA THR B 243 26.00 -26.11 -26.79
C THR B 243 25.18 -24.83 -26.66
N LEU B 244 25.87 -23.69 -26.57
CA LEU B 244 25.20 -22.40 -26.52
C LEU B 244 24.69 -22.03 -27.91
N VAL B 245 23.58 -21.30 -27.93
CA VAL B 245 22.91 -20.92 -29.18
C VAL B 245 22.89 -19.42 -29.38
N ASP B 246 22.49 -18.66 -28.36
CA ASP B 246 22.36 -17.22 -28.50
C ASP B 246 22.49 -16.55 -27.15
N GLY B 247 22.74 -15.24 -27.18
CA GLY B 247 22.77 -14.42 -26.00
C GLY B 247 24.19 -14.18 -25.49
N VAL B 248 24.34 -13.09 -24.74
CA VAL B 248 25.61 -12.73 -24.13
C VAL B 248 25.88 -13.65 -22.95
N SER B 249 27.07 -14.24 -22.91
CA SER B 249 27.42 -15.19 -21.88
C SER B 249 28.88 -15.01 -21.50
N ARG B 250 29.14 -14.70 -20.23
CA ARG B 250 30.50 -14.71 -19.72
C ARG B 250 31.02 -16.14 -19.68
N LEU B 251 32.30 -16.30 -20.03
CA LEU B 251 32.84 -17.63 -20.24
C LEU B 251 34.29 -17.67 -19.75
N TYR B 252 34.95 -18.80 -20.01
CA TYR B 252 36.35 -19.02 -19.63
C TYR B 252 36.96 -19.93 -20.71
N GLN B 253 37.59 -19.30 -21.69
CA GLN B 253 38.01 -19.98 -22.91
C GLN B 253 39.46 -19.66 -23.22
N PRO B 254 40.14 -20.53 -23.97
CA PRO B 254 41.54 -20.26 -24.40
C PRO B 254 41.63 -19.31 -25.59
N LEU B 255 41.61 -18.01 -25.30
CA LEU B 255 41.65 -16.98 -26.34
C LEU B 255 42.73 -15.94 -26.02
N ARG B 256 43.92 -16.42 -25.68
CA ARG B 256 45.09 -15.55 -25.51
C ARG B 256 46.30 -16.27 -26.08
N LEU B 257 46.75 -15.83 -27.24
CA LEU B 257 47.78 -16.53 -27.98
C LEU B 257 49.17 -16.16 -27.44
N THR B 258 50.13 -17.06 -27.67
CA THR B 258 51.54 -16.77 -27.46
C THR B 258 52.36 -16.87 -28.73
N CYS B 259 51.81 -17.45 -29.79
CA CYS B 259 52.46 -17.46 -31.10
C CYS B 259 51.41 -17.77 -32.14
N LEU B 260 51.80 -17.66 -33.40
CA LEU B 260 50.91 -17.99 -34.51
C LEU B 260 51.77 -18.41 -35.69
N TRP B 261 51.38 -19.49 -36.37
CA TRP B 261 52.16 -20.08 -37.44
C TRP B 261 51.35 -20.02 -38.72
N PRO B 262 51.45 -18.97 -39.52
CA PRO B 262 50.59 -18.83 -40.70
C PRO B 262 51.12 -19.65 -41.87
N VAL B 263 50.21 -20.39 -42.51
CA VAL B 263 50.54 -21.27 -43.63
C VAL B 263 51.68 -22.20 -43.23
N PRO B 264 51.44 -23.17 -42.34
CA PRO B 264 52.56 -24.00 -41.87
C PRO B 264 53.10 -24.94 -42.93
N GLY B 265 52.22 -25.51 -43.76
CA GLY B 265 52.67 -26.45 -44.77
C GLY B 265 53.28 -27.71 -44.18
N LEU B 266 52.57 -28.33 -43.25
CA LEU B 266 53.05 -29.56 -42.64
C LEU B 266 53.16 -30.66 -43.68
N LYS B 267 54.22 -31.44 -43.59
CA LYS B 267 54.50 -32.50 -44.56
C LYS B 267 54.49 -33.86 -43.84
N SER B 268 54.86 -34.90 -44.58
CA SER B 268 54.91 -36.25 -44.04
C SER B 268 56.23 -36.57 -43.36
N SER B 269 57.20 -35.66 -43.40
CA SER B 269 58.52 -35.87 -42.81
C SER B 269 58.92 -34.67 -41.96
N THR B 270 58.00 -34.22 -41.11
CA THR B 270 58.28 -33.11 -40.21
C THR B 270 58.70 -33.59 -38.83
N GLY B 271 57.87 -34.41 -38.19
CA GLY B 271 58.18 -34.92 -36.86
C GLY B 271 57.14 -34.57 -35.83
N PHE B 272 57.59 -34.31 -34.60
CA PHE B 272 56.70 -33.96 -33.50
C PHE B 272 56.72 -32.46 -33.28
N VAL B 273 55.72 -31.97 -32.55
CA VAL B 273 55.63 -30.57 -32.16
C VAL B 273 55.37 -30.54 -30.65
N TYR B 274 56.14 -29.74 -29.92
CA TYR B 274 56.34 -29.94 -28.49
C TYR B 274 55.73 -28.85 -27.62
N PHE B 275 54.61 -28.26 -28.02
CA PHE B 275 53.86 -27.29 -27.20
C PHE B 275 54.67 -26.05 -26.83
N ASN B 276 55.72 -25.72 -27.57
CA ASN B 276 56.37 -24.43 -27.39
C ASN B 276 56.96 -23.97 -28.71
N ALA B 277 56.87 -22.67 -28.96
CA ALA B 277 57.31 -22.08 -30.23
C ALA B 277 58.74 -21.56 -30.16
N THR B 278 59.67 -22.43 -29.75
CA THR B 278 61.08 -22.08 -29.67
C THR B 278 61.94 -23.09 -30.44
N GLY B 279 61.35 -23.76 -31.42
CA GLY B 279 62.06 -24.74 -32.23
C GLY B 279 62.82 -24.11 -33.38
N SER B 280 63.02 -24.90 -34.43
CA SER B 280 63.75 -24.44 -35.61
C SER B 280 62.86 -24.20 -36.82
N ASP B 281 61.62 -24.72 -36.82
CA ASP B 281 60.71 -24.52 -37.94
C ASP B 281 59.62 -23.51 -37.66
N VAL B 282 59.42 -23.11 -36.42
CA VAL B 282 58.35 -22.18 -36.07
C VAL B 282 58.72 -20.80 -36.56
N ASN B 283 57.80 -20.15 -37.26
CA ASN B 283 57.94 -18.76 -37.71
C ASN B 283 56.73 -18.00 -37.19
N CYS B 284 56.83 -17.50 -35.97
CA CYS B 284 55.71 -16.79 -35.37
C CYS B 284 55.44 -15.50 -36.12
N ASN B 285 54.21 -14.99 -35.97
CA ASN B 285 53.76 -13.79 -36.66
C ASN B 285 53.44 -12.73 -35.62
N GLY B 286 53.98 -11.53 -35.82
CA GLY B 286 53.76 -10.46 -34.87
C GLY B 286 54.54 -10.67 -33.58
N TYR B 287 53.93 -10.34 -32.45
CA TYR B 287 54.59 -10.54 -31.16
C TYR B 287 54.73 -12.03 -30.86
N GLN B 288 55.72 -12.36 -30.04
CA GLN B 288 56.03 -13.75 -29.74
C GLN B 288 56.68 -13.81 -28.36
N HIS B 289 55.91 -14.22 -27.36
CA HIS B 289 56.43 -14.39 -26.01
C HIS B 289 57.01 -15.79 -25.85
N ASN B 290 57.33 -16.16 -24.62
CA ASN B 290 57.85 -17.48 -24.30
C ASN B 290 57.24 -17.95 -22.99
N SER B 291 56.45 -19.02 -23.05
CA SER B 291 55.82 -19.60 -21.88
C SER B 291 55.46 -21.05 -22.21
N VAL B 292 54.63 -21.66 -21.37
CA VAL B 292 54.11 -23.00 -21.62
C VAL B 292 52.61 -22.88 -21.87
N VAL B 293 52.14 -23.55 -22.92
CA VAL B 293 50.79 -23.38 -23.42
C VAL B 293 49.92 -24.57 -23.01
N ASP B 294 48.62 -24.46 -23.25
CA ASP B 294 47.68 -25.50 -22.85
C ASP B 294 46.96 -26.17 -24.02
N VAL B 295 46.78 -25.48 -25.14
CA VAL B 295 46.07 -26.06 -26.28
C VAL B 295 46.87 -25.85 -27.55
N MET B 296 46.43 -26.46 -28.64
CA MET B 296 47.01 -26.24 -29.97
C MET B 296 45.85 -26.26 -30.95
N ARG B 297 45.39 -25.08 -31.35
CA ARG B 297 44.24 -24.98 -32.23
C ARG B 297 44.70 -25.14 -33.68
N TYR B 298 44.26 -26.21 -34.34
CA TYR B 298 44.51 -26.39 -35.75
C TYR B 298 43.44 -25.68 -36.57
N ASN B 299 43.60 -25.71 -37.89
CA ASN B 299 42.64 -25.08 -38.79
C ASN B 299 42.74 -25.75 -40.15
N LEU B 300 41.60 -26.21 -40.66
CA LEU B 300 41.56 -27.02 -41.86
C LEU B 300 41.15 -26.18 -43.06
N ASN B 301 41.88 -26.34 -44.16
CA ASN B 301 41.60 -25.65 -45.42
C ASN B 301 40.95 -26.65 -46.37
N PHE B 302 39.69 -26.40 -46.74
CA PHE B 302 38.95 -27.29 -47.61
C PHE B 302 38.21 -26.47 -48.66
N SER B 303 37.91 -27.12 -49.78
CA SER B 303 37.18 -26.51 -50.88
C SER B 303 35.77 -27.11 -50.97
N ALA B 304 34.89 -26.40 -51.67
CA ALA B 304 33.51 -26.83 -51.80
C ALA B 304 33.38 -28.18 -52.50
N ASN B 305 34.18 -28.43 -53.53
CA ASN B 305 34.18 -29.74 -54.17
C ASN B 305 34.75 -30.80 -53.24
N SER B 306 34.30 -32.05 -53.43
CA SER B 306 34.67 -33.16 -52.56
C SER B 306 35.43 -34.25 -53.31
N LEU B 307 36.40 -33.86 -54.14
CA LEU B 307 37.16 -34.81 -54.92
C LEU B 307 38.47 -35.21 -54.25
N ASP B 308 39.18 -34.25 -53.66
CA ASP B 308 40.44 -34.52 -52.97
C ASP B 308 40.41 -34.02 -51.52
N ASN B 309 39.23 -34.03 -50.90
CA ASN B 309 39.09 -33.72 -49.48
C ASN B 309 39.17 -34.99 -48.64
N LEU B 310 39.85 -36.02 -49.14
CA LEU B 310 39.93 -37.31 -48.47
C LEU B 310 41.42 -37.63 -48.31
N LYS B 311 42.00 -37.16 -47.20
CA LYS B 311 43.42 -37.31 -46.95
C LYS B 311 43.67 -38.59 -46.17
N SER B 312 44.70 -39.33 -46.59
CA SER B 312 45.05 -40.61 -45.97
C SER B 312 46.20 -40.38 -44.99
N GLY B 313 45.95 -40.62 -43.72
CA GLY B 313 46.97 -40.43 -42.70
C GLY B 313 46.43 -40.75 -41.33
N VAL B 314 47.31 -40.66 -40.33
CA VAL B 314 46.95 -40.96 -38.96
C VAL B 314 47.41 -39.83 -38.05
N ILE B 315 47.05 -39.91 -36.78
CA ILE B 315 47.51 -38.97 -35.75
C ILE B 315 48.20 -39.76 -34.67
N VAL B 316 49.45 -39.40 -34.37
CA VAL B 316 50.27 -40.10 -33.39
C VAL B 316 50.49 -39.18 -32.20
N PHE B 317 49.94 -39.55 -31.06
CA PHE B 317 50.18 -38.82 -29.83
C PHE B 317 51.43 -39.35 -29.14
N LYS B 318 51.73 -38.80 -27.96
CA LYS B 318 52.90 -39.27 -27.20
C LYS B 318 52.56 -39.15 -25.71
N THR B 319 52.10 -40.27 -25.15
CA THR B 319 51.78 -40.35 -23.73
C THR B 319 53.03 -40.80 -22.98
N LEU B 320 52.99 -40.68 -21.65
CA LEU B 320 54.14 -41.04 -20.82
C LEU B 320 54.53 -42.51 -20.94
N GLN B 321 53.60 -43.38 -21.35
CA GLN B 321 53.87 -44.81 -21.41
C GLN B 321 53.85 -45.34 -22.84
N TYR B 322 52.73 -45.18 -23.55
CA TYR B 322 52.58 -45.77 -24.87
C TYR B 322 51.89 -44.79 -25.81
N ASP B 323 52.20 -44.91 -27.10
CA ASP B 323 51.63 -44.04 -28.10
C ASP B 323 50.19 -44.44 -28.40
N VAL B 324 49.42 -43.50 -28.92
CA VAL B 324 48.02 -43.72 -29.27
C VAL B 324 47.82 -43.32 -30.73
N LEU B 325 47.20 -44.19 -31.51
CA LEU B 325 46.99 -44.00 -32.93
C LEU B 325 45.52 -43.75 -33.20
N PHE B 326 45.22 -42.70 -33.95
CA PHE B 326 43.84 -42.29 -34.22
C PHE B 326 43.62 -42.25 -35.72
N TYR B 327 42.53 -42.89 -36.18
CA TYR B 327 42.20 -42.91 -37.60
C TYR B 327 40.71 -43.13 -37.74
N CYS B 328 40.19 -42.85 -38.93
CA CYS B 328 38.77 -43.00 -39.21
C CYS B 328 38.56 -43.74 -40.52
N SER B 329 37.41 -44.41 -40.63
CA SER B 329 37.07 -45.19 -41.80
C SER B 329 35.56 -45.10 -42.05
N ASN B 330 35.11 -45.63 -43.18
CA ASN B 330 33.71 -45.59 -43.54
C ASN B 330 33.01 -46.93 -43.41
N SER B 331 33.66 -47.92 -42.79
CA SER B 331 33.07 -49.23 -42.57
C SER B 331 33.12 -49.57 -41.08
N SER B 332 32.16 -50.38 -40.63
CA SER B 332 32.10 -50.75 -39.22
C SER B 332 33.36 -51.48 -38.78
N SER B 333 33.88 -52.39 -39.59
CA SER B 333 35.13 -53.08 -39.30
C SER B 333 36.26 -52.24 -39.90
N GLY B 334 36.88 -51.42 -39.07
CA GLY B 334 37.92 -50.52 -39.52
C GLY B 334 39.25 -51.21 -39.74
N VAL B 335 39.33 -52.04 -40.78
CA VAL B 335 40.55 -52.78 -41.07
C VAL B 335 41.12 -52.47 -42.45
N LEU B 336 40.29 -52.06 -43.41
CA LEU B 336 40.72 -51.94 -44.80
C LEU B 336 40.97 -50.51 -45.25
N ASP B 337 40.87 -49.52 -44.36
CA ASP B 337 40.97 -48.13 -44.79
C ASP B 337 41.56 -47.28 -43.69
N THR B 338 42.09 -46.13 -44.08
CA THR B 338 42.63 -45.15 -43.13
C THR B 338 42.58 -43.78 -43.80
N THR B 339 41.57 -42.98 -43.43
CA THR B 339 41.36 -41.68 -44.04
C THR B 339 40.81 -40.71 -43.00
N ILE B 340 40.95 -39.42 -43.29
CA ILE B 340 40.35 -38.36 -42.49
C ILE B 340 39.75 -37.32 -43.43
N PRO B 341 38.43 -37.19 -43.50
CA PRO B 341 37.84 -36.22 -44.43
C PRO B 341 37.91 -34.80 -43.90
N PHE B 342 37.95 -33.86 -44.84
CA PHE B 342 37.88 -32.44 -44.53
C PHE B 342 36.66 -31.84 -45.20
N GLY B 343 36.07 -30.84 -44.56
CA GLY B 343 34.92 -30.15 -45.10
C GLY B 343 33.70 -31.06 -45.16
N PRO B 344 32.78 -30.75 -46.07
CA PRO B 344 31.55 -31.53 -46.18
C PRO B 344 31.80 -32.93 -46.72
N SER B 345 30.96 -33.87 -46.28
CA SER B 345 31.01 -35.25 -46.68
C SER B 345 29.61 -35.72 -47.05
N SER B 346 29.50 -36.99 -47.44
CA SER B 346 28.23 -37.53 -47.91
C SER B 346 27.77 -38.80 -47.19
N GLN B 347 28.64 -39.51 -46.51
CA GLN B 347 28.29 -40.77 -45.85
C GLN B 347 28.92 -40.80 -44.47
N PRO B 348 28.37 -41.55 -43.53
CA PRO B 348 28.93 -41.57 -42.18
C PRO B 348 30.33 -42.16 -42.15
N TYR B 349 31.14 -41.67 -41.22
CA TYR B 349 32.48 -42.18 -40.99
C TYR B 349 32.63 -42.58 -39.53
N TYR B 350 33.32 -43.70 -39.30
CA TYR B 350 33.58 -44.21 -37.96
C TYR B 350 35.06 -44.02 -37.62
N CYS B 351 35.34 -43.77 -36.34
CA CYS B 351 36.70 -43.51 -35.89
C CYS B 351 37.05 -44.45 -34.74
N PHE B 352 38.34 -44.78 -34.64
CA PHE B 352 38.83 -45.78 -33.70
C PHE B 352 40.08 -45.27 -32.99
N ILE B 353 40.61 -46.10 -32.10
CA ILE B 353 41.86 -45.82 -31.38
C ILE B 353 42.68 -47.11 -31.31
N ASN B 354 43.97 -47.02 -31.59
CA ASN B 354 44.86 -48.18 -31.54
C ASN B 354 45.98 -47.95 -30.53
N SER B 355 46.41 -49.05 -29.91
CA SER B 355 47.47 -49.01 -28.90
C SER B 355 48.05 -50.40 -28.77
N THR B 356 49.23 -50.48 -28.16
CA THR B 356 49.94 -51.75 -28.01
C THR B 356 50.50 -51.86 -26.60
N ILE B 357 50.32 -53.02 -25.98
CA ILE B 357 50.88 -53.32 -24.65
C ILE B 357 51.41 -54.74 -24.72
N ASN B 358 52.72 -54.88 -24.91
CA ASN B 358 53.38 -56.18 -25.12
C ASN B 358 52.71 -56.99 -26.22
N THR B 359 52.79 -56.46 -27.45
CA THR B 359 52.34 -57.16 -28.65
C THR B 359 50.89 -57.60 -28.50
N THR B 360 50.04 -56.67 -28.04
CA THR B 360 48.62 -56.92 -27.86
C THR B 360 47.90 -55.70 -28.41
N HIS B 361 47.60 -55.72 -29.71
CA HIS B 361 46.97 -54.58 -30.37
C HIS B 361 45.53 -54.47 -29.90
N VAL B 362 45.20 -53.32 -29.31
CA VAL B 362 43.88 -53.07 -28.74
C VAL B 362 43.22 -51.96 -29.51
N SER B 363 41.97 -52.18 -29.94
CA SER B 363 41.21 -51.18 -30.67
C SER B 363 39.83 -51.03 -30.05
N THR B 364 39.28 -49.83 -30.17
CA THR B 364 37.97 -49.54 -29.62
C THR B 364 37.29 -48.50 -30.49
N PHE B 365 35.97 -48.39 -30.34
CA PHE B 365 35.15 -47.48 -31.13
C PHE B 365 34.83 -46.24 -30.31
N VAL B 366 35.01 -45.07 -30.92
CA VAL B 366 34.92 -43.80 -30.23
C VAL B 366 33.64 -43.05 -30.59
N GLY B 367 33.38 -42.86 -31.87
CA GLY B 367 32.18 -42.13 -32.27
C GLY B 367 32.16 -41.89 -33.76
N ILE B 368 31.31 -40.95 -34.17
CA ILE B 368 31.10 -40.60 -35.58
C ILE B 368 31.41 -39.13 -35.77
N LEU B 369 32.15 -38.82 -36.84
CA LEU B 369 32.48 -37.44 -37.13
C LEU B 369 31.22 -36.65 -37.49
N PRO B 370 31.19 -35.36 -37.20
CA PRO B 370 30.05 -34.52 -37.60
C PRO B 370 30.00 -34.40 -39.11
N PRO B 371 28.92 -33.85 -39.67
CA PRO B 371 28.83 -33.71 -41.12
C PRO B 371 29.94 -32.88 -41.75
N THR B 372 30.55 -31.95 -41.00
CA THR B 372 31.59 -31.09 -41.54
C THR B 372 32.67 -30.91 -40.49
N VAL B 373 33.87 -31.40 -40.79
CA VAL B 373 35.02 -31.27 -39.89
C VAL B 373 35.86 -30.09 -40.34
N ARG B 374 36.02 -29.10 -39.48
CA ARG B 374 36.76 -27.89 -39.87
C ARG B 374 37.85 -27.51 -38.88
N GLU B 375 37.69 -27.82 -37.61
CA GLU B 375 38.67 -27.46 -36.59
C GLU B 375 38.97 -28.64 -35.69
N ILE B 376 40.22 -28.74 -35.25
CA ILE B 376 40.67 -29.80 -34.34
C ILE B 376 41.50 -29.15 -33.25
N VAL B 377 41.19 -29.45 -32.00
CA VAL B 377 41.91 -28.90 -30.84
C VAL B 377 42.42 -30.04 -29.99
N VAL B 378 43.67 -29.97 -29.59
CA VAL B 378 44.30 -30.96 -28.72
C VAL B 378 44.80 -30.25 -27.49
N ALA B 379 44.19 -30.54 -26.34
CA ALA B 379 44.66 -29.98 -25.09
C ALA B 379 45.96 -30.64 -24.67
N ARG B 380 46.51 -30.19 -23.54
CA ARG B 380 47.77 -30.73 -23.07
C ARG B 380 47.58 -31.71 -21.91
N THR B 381 46.44 -31.65 -21.22
CA THR B 381 46.14 -32.56 -20.13
C THR B 381 45.44 -33.83 -20.58
N GLY B 382 45.27 -34.03 -21.89
CA GLY B 382 44.77 -35.28 -22.44
C GLY B 382 43.57 -35.13 -23.35
N GLN B 383 42.70 -34.16 -23.05
CA GLN B 383 41.43 -34.06 -23.76
C GLN B 383 41.64 -33.78 -25.25
N PHE B 384 40.72 -34.30 -26.05
CA PHE B 384 40.77 -34.16 -27.51
C PHE B 384 39.40 -33.75 -28.01
N TYR B 385 39.31 -32.59 -28.66
CA TYR B 385 38.06 -32.03 -29.13
C TYR B 385 38.02 -32.00 -30.65
N ILE B 386 36.86 -32.31 -31.22
CA ILE B 386 36.58 -32.08 -32.63
C ILE B 386 35.33 -31.21 -32.72
N ASN B 387 35.46 -30.07 -33.42
CA ASN B 387 34.38 -29.10 -33.52
C ASN B 387 33.88 -28.65 -32.15
N GLY B 388 34.80 -28.56 -31.18
CA GLY B 388 34.43 -28.17 -29.83
C GLY B 388 33.57 -29.19 -29.12
N PHE B 389 33.92 -30.47 -29.20
CA PHE B 389 33.20 -31.51 -28.48
C PHE B 389 34.16 -32.62 -28.11
N LYS B 390 34.25 -32.94 -26.83
CA LYS B 390 35.18 -33.95 -26.36
C LYS B 390 34.76 -35.33 -26.81
N TYR B 391 35.72 -36.13 -27.28
CA TYR B 391 35.47 -37.50 -27.67
C TYR B 391 36.06 -38.52 -26.69
N PHE B 392 37.35 -38.44 -26.40
CA PHE B 392 37.98 -39.31 -25.42
C PHE B 392 38.91 -38.46 -24.57
N ASP B 393 39.73 -39.11 -23.75
CA ASP B 393 40.61 -38.40 -22.84
C ASP B 393 41.78 -39.29 -22.45
N LEU B 394 42.98 -38.89 -22.82
CA LEU B 394 44.18 -39.60 -22.40
C LEU B 394 44.59 -39.10 -21.02
N GLY B 395 45.78 -39.50 -20.58
CA GLY B 395 46.28 -39.07 -19.28
C GLY B 395 47.13 -37.82 -19.36
N PHE B 396 48.13 -37.83 -20.24
CA PHE B 396 49.08 -36.72 -20.33
C PHE B 396 49.73 -36.79 -21.70
N ILE B 397 49.65 -35.69 -22.46
CA ILE B 397 50.20 -35.62 -23.81
C ILE B 397 51.41 -34.69 -23.80
N GLU B 398 52.46 -35.09 -24.52
CA GLU B 398 53.69 -34.31 -24.63
C GLU B 398 53.90 -33.71 -26.01
N ALA B 399 53.49 -34.41 -27.07
CA ALA B 399 53.68 -33.92 -28.42
C ALA B 399 52.69 -34.59 -29.35
N VAL B 400 52.42 -33.95 -30.48
CA VAL B 400 51.45 -34.43 -31.45
C VAL B 400 52.11 -34.45 -32.83
N ASN B 401 51.94 -35.55 -33.55
CA ASN B 401 52.45 -35.70 -34.91
C ASN B 401 51.28 -35.92 -35.84
N PHE B 402 51.00 -34.93 -36.68
CA PHE B 402 49.85 -34.97 -37.59
C PHE B 402 50.33 -35.51 -38.94
N ASN B 403 50.47 -36.83 -39.01
CA ASN B 403 51.00 -37.49 -40.20
C ASN B 403 49.92 -37.53 -41.27
N VAL B 404 50.04 -36.65 -42.27
CA VAL B 404 49.11 -36.60 -43.39
C VAL B 404 49.93 -36.65 -44.67
N THR B 405 49.61 -37.61 -45.54
CA THR B 405 50.29 -37.74 -46.82
C THR B 405 49.65 -36.79 -47.83
N THR B 406 50.46 -35.90 -48.40
CA THR B 406 49.97 -34.90 -49.33
C THR B 406 51.04 -34.59 -50.36
N ALA B 407 50.60 -34.14 -51.54
CA ALA B 407 51.49 -33.85 -52.65
C ALA B 407 51.94 -32.40 -52.69
N SER B 408 51.51 -31.58 -51.73
CA SER B 408 51.87 -30.17 -51.69
C SER B 408 51.89 -29.73 -50.23
N ALA B 409 51.82 -28.41 -50.02
CA ALA B 409 51.84 -27.84 -48.68
C ALA B 409 50.52 -27.19 -48.30
N THR B 410 49.43 -27.59 -48.94
CA THR B 410 48.12 -26.95 -48.75
C THR B 410 47.19 -27.88 -47.97
N ASP B 411 47.27 -27.80 -46.65
CA ASP B 411 46.29 -28.51 -45.83
C ASP B 411 45.75 -27.64 -44.70
N PHE B 412 46.57 -26.72 -44.18
CA PHE B 412 46.23 -25.98 -42.98
C PHE B 412 46.38 -24.49 -43.20
N TRP B 413 45.62 -23.72 -42.43
CA TRP B 413 45.69 -22.27 -42.43
C TRP B 413 46.63 -21.74 -41.35
N THR B 414 46.35 -22.07 -40.09
CA THR B 414 47.17 -21.61 -38.97
C THR B 414 47.29 -22.73 -37.96
N VAL B 415 48.31 -22.62 -37.11
CA VAL B 415 48.48 -23.47 -35.94
C VAL B 415 48.81 -22.55 -34.78
N ALA B 416 47.87 -22.39 -33.85
CA ALA B 416 47.98 -21.39 -32.80
C ALA B 416 48.02 -22.05 -31.44
N PHE B 417 48.93 -21.56 -30.59
CA PHE B 417 49.02 -21.97 -29.20
C PHE B 417 48.31 -20.95 -28.33
N ALA B 418 47.69 -21.39 -27.25
CA ALA B 418 46.88 -20.49 -26.44
C ALA B 418 46.84 -20.96 -24.99
N THR B 419 46.26 -20.13 -24.14
CA THR B 419 46.07 -20.42 -22.72
C THR B 419 44.70 -19.91 -22.29
N PHE B 420 44.18 -20.50 -21.21
CA PHE B 420 42.85 -20.17 -20.73
C PHE B 420 42.82 -18.78 -20.12
N VAL B 421 41.86 -17.96 -20.54
CA VAL B 421 41.71 -16.58 -20.07
C VAL B 421 40.22 -16.26 -20.00
N ASP B 422 39.82 -15.57 -18.93
CA ASP B 422 38.43 -15.16 -18.77
C ASP B 422 38.07 -14.09 -19.79
N VAL B 423 36.96 -14.28 -20.51
CA VAL B 423 36.54 -13.35 -21.55
C VAL B 423 35.03 -13.10 -21.45
N LEU B 424 34.50 -12.31 -22.38
CA LEU B 424 33.07 -12.06 -22.50
C LEU B 424 32.71 -12.09 -23.98
N VAL B 425 31.76 -12.95 -24.33
CA VAL B 425 31.51 -13.31 -25.73
C VAL B 425 30.08 -12.97 -26.10
N ASN B 426 29.88 -12.50 -27.32
CA ASN B 426 28.55 -12.26 -27.90
C ASN B 426 28.28 -13.36 -28.92
N VAL B 427 27.59 -14.40 -28.49
CA VAL B 427 27.36 -15.59 -29.32
C VAL B 427 26.13 -15.36 -30.17
N SER B 428 26.22 -15.74 -31.46
CA SER B 428 25.07 -15.71 -32.35
C SER B 428 25.19 -16.86 -33.33
N ALA B 429 24.17 -17.72 -33.36
CA ALA B 429 24.13 -18.88 -34.24
C ALA B 429 25.35 -19.79 -34.03
N THR B 430 25.68 -20.02 -32.76
CA THR B 430 26.80 -20.87 -32.35
C THR B 430 28.12 -20.37 -32.96
N ASN B 431 28.29 -19.06 -32.99
CA ASN B 431 29.50 -18.42 -33.48
C ASN B 431 29.93 -17.34 -32.50
N ILE B 432 31.00 -16.64 -32.84
CA ILE B 432 31.56 -15.58 -32.01
C ILE B 432 31.49 -14.29 -32.80
N GLN B 433 30.83 -13.27 -32.23
CA GLN B 433 30.74 -11.96 -32.85
C GLN B 433 31.79 -11.00 -32.31
N ASN B 434 31.79 -10.75 -31.00
CA ASN B 434 32.70 -9.81 -30.37
C ASN B 434 33.53 -10.53 -29.30
N LEU B 435 34.31 -9.74 -28.57
CA LEU B 435 35.18 -10.26 -27.53
C LEU B 435 35.64 -9.10 -26.68
N LEU B 436 35.72 -9.32 -25.36
CA LEU B 436 36.07 -8.24 -24.44
C LEU B 436 36.83 -8.86 -23.27
N TYR B 437 38.16 -8.70 -23.28
CA TYR B 437 38.98 -9.21 -22.18
C TYR B 437 38.72 -8.42 -20.92
N CYS B 438 38.61 -9.12 -19.79
CA CYS B 438 38.29 -8.51 -18.51
C CYS B 438 39.57 -8.29 -17.72
N ASP B 439 40.31 -7.24 -18.09
CA ASP B 439 41.55 -6.90 -17.40
C ASP B 439 41.60 -5.47 -16.90
N SER B 440 41.10 -4.50 -17.66
CA SER B 440 41.16 -3.10 -17.30
C SER B 440 40.16 -2.81 -16.17
N PRO B 441 40.44 -1.78 -15.35
CA PRO B 441 39.49 -1.42 -14.29
C PRO B 441 38.10 -1.06 -14.79
N PHE B 442 37.98 -0.41 -15.95
CA PHE B 442 36.68 -0.17 -16.53
C PHE B 442 36.14 -1.34 -17.32
N GLU B 443 37.02 -2.17 -17.90
CA GLU B 443 36.57 -3.36 -18.61
C GLU B 443 35.98 -4.41 -17.68
N LYS B 444 36.13 -4.24 -16.37
CA LYS B 444 35.55 -5.18 -15.42
C LYS B 444 34.12 -4.84 -15.05
N LEU B 445 33.77 -3.54 -15.00
CA LEU B 445 32.39 -3.17 -14.74
C LEU B 445 31.46 -3.70 -15.82
N GLN B 446 31.84 -3.54 -17.09
CA GLN B 446 31.10 -4.18 -18.16
C GLN B 446 31.10 -5.69 -18.02
N CYS B 447 32.26 -6.26 -17.68
CA CYS B 447 32.39 -7.70 -17.48
C CYS B 447 31.60 -8.20 -16.28
N GLU B 448 31.25 -7.32 -15.35
CA GLU B 448 30.48 -7.70 -14.18
C GLU B 448 28.98 -7.52 -14.38
N HIS B 449 28.56 -6.50 -15.11
CA HIS B 449 27.15 -6.23 -15.33
C HIS B 449 26.60 -6.91 -16.58
N LEU B 450 27.45 -7.62 -17.33
CA LEU B 450 27.04 -8.33 -18.54
C LEU B 450 26.40 -7.37 -19.55
N GLN B 451 27.19 -6.38 -19.98
CA GLN B 451 26.68 -5.35 -20.86
C GLN B 451 27.83 -4.78 -21.67
N PHE B 452 27.60 -4.56 -22.96
CA PHE B 452 28.56 -3.94 -23.85
C PHE B 452 28.27 -2.44 -23.87
N GLY B 453 29.14 -1.65 -23.24
CA GLY B 453 28.91 -0.23 -23.14
C GLY B 453 27.94 0.11 -22.03
N LEU B 454 28.16 1.23 -21.34
CA LEU B 454 27.38 1.58 -20.17
C LEU B 454 26.89 3.01 -20.25
N GLN B 455 25.80 3.29 -19.55
CA GLN B 455 25.20 4.62 -19.52
C GLN B 455 25.97 5.51 -18.55
N ASP B 456 25.39 6.67 -18.26
CA ASP B 456 25.97 7.60 -17.29
C ASP B 456 25.21 7.53 -15.97
N GLY B 457 25.95 7.68 -14.88
CA GLY B 457 25.37 7.65 -13.55
C GLY B 457 26.28 6.94 -12.59
N PHE B 458 25.72 6.57 -11.44
CA PHE B 458 26.46 5.90 -10.38
C PHE B 458 26.20 4.41 -10.42
N TYR B 459 27.26 3.62 -10.22
CA TYR B 459 27.17 2.17 -10.27
C TYR B 459 27.84 1.58 -9.05
N SER B 460 27.34 0.42 -8.62
CA SER B 460 27.92 -0.29 -7.50
C SER B 460 28.91 -1.33 -7.99
N ALA B 461 30.04 -1.43 -7.30
CA ALA B 461 31.10 -2.34 -7.70
C ALA B 461 31.76 -2.95 -6.46
N ASN B 462 32.02 -4.25 -6.52
CA ASN B 462 32.74 -4.94 -5.45
C ASN B 462 33.36 -6.18 -6.09
N PHE B 463 34.66 -6.11 -6.38
CA PHE B 463 35.36 -7.17 -7.10
C PHE B 463 35.95 -8.14 -6.10
N LEU B 464 35.42 -9.36 -6.06
CA LEU B 464 35.97 -10.40 -5.20
C LEU B 464 37.18 -11.04 -5.87
N ASP B 465 37.78 -12.00 -5.18
CA ASP B 465 38.92 -12.73 -5.70
C ASP B 465 38.93 -14.13 -5.12
N ASP B 466 39.04 -15.13 -5.99
CA ASP B 466 39.12 -16.52 -5.56
C ASP B 466 40.56 -16.89 -5.27
N ASN B 467 40.78 -17.52 -4.13
CA ASN B 467 42.12 -17.89 -3.69
C ASN B 467 41.99 -19.02 -2.68
N VAL B 468 43.09 -19.32 -1.98
CA VAL B 468 43.12 -20.33 -0.93
C VAL B 468 43.46 -19.64 0.39
N LEU B 469 42.78 -20.05 1.45
CA LEU B 469 42.91 -19.41 2.74
C LEU B 469 43.21 -20.43 3.83
N PRO B 470 43.94 -20.05 4.87
CA PRO B 470 44.11 -20.93 6.02
C PRO B 470 42.81 -21.08 6.79
N GLU B 471 42.77 -22.12 7.61
CA GLU B 471 41.54 -22.49 8.31
C GLU B 471 41.78 -22.50 9.81
N THR B 472 40.85 -21.92 10.57
CA THR B 472 40.95 -21.83 12.02
C THR B 472 39.81 -22.61 12.67
N TYR B 473 40.07 -23.13 13.86
CA TYR B 473 39.11 -23.99 14.54
C TYR B 473 39.22 -23.75 16.04
N VAL B 474 38.11 -23.33 16.66
CA VAL B 474 38.04 -23.12 18.10
C VAL B 474 36.78 -23.81 18.61
N ALA B 475 36.93 -24.64 19.64
CA ALA B 475 35.82 -25.41 20.16
C ALA B 475 35.93 -25.50 21.67
N LEU B 476 34.86 -26.01 22.30
CA LEU B 476 34.83 -26.14 23.75
C LEU B 476 35.84 -27.18 24.20
N PRO B 477 36.33 -27.09 25.43
CA PRO B 477 37.44 -27.96 25.86
C PRO B 477 37.10 -29.44 25.78
N ILE B 478 38.04 -30.21 25.26
CA ILE B 478 37.93 -31.67 25.19
C ILE B 478 39.31 -32.22 24.90
N TYR B 479 39.52 -33.49 25.23
CA TYR B 479 40.82 -34.11 25.00
C TYR B 479 40.92 -34.57 23.54
N TYR B 480 42.07 -35.12 23.17
CA TYR B 480 42.39 -35.45 21.80
C TYR B 480 42.67 -36.94 21.66
N GLN B 481 42.14 -37.54 20.60
CA GLN B 481 42.35 -38.96 20.31
C GLN B 481 42.05 -39.18 18.84
N HIS B 482 42.93 -39.91 18.16
CA HIS B 482 42.88 -40.01 16.71
C HIS B 482 42.87 -41.46 16.26
N THR B 483 42.34 -41.66 15.04
CA THR B 483 42.36 -42.95 14.37
C THR B 483 42.44 -42.71 12.87
N ASP B 484 42.97 -43.69 12.14
CA ASP B 484 43.20 -43.58 10.70
C ASP B 484 42.48 -44.70 9.97
N ILE B 485 41.94 -44.38 8.80
CA ILE B 485 41.21 -45.34 7.98
C ILE B 485 41.68 -45.19 6.54
N ASN B 486 42.13 -46.29 5.94
CA ASN B 486 42.45 -46.34 4.51
C ASN B 486 41.27 -46.90 3.74
N PHE B 487 41.35 -46.79 2.42
CA PHE B 487 40.37 -47.42 1.55
C PHE B 487 41.10 -47.79 0.25
N THR B 488 41.58 -49.02 0.19
CA THR B 488 42.43 -49.46 -0.91
C THR B 488 41.61 -50.23 -1.94
N ALA B 489 42.17 -50.33 -3.14
CA ALA B 489 41.54 -51.04 -4.24
C ALA B 489 42.61 -51.46 -5.22
N THR B 490 42.88 -52.76 -5.31
CA THR B 490 43.83 -53.31 -6.26
C THR B 490 43.05 -54.02 -7.38
N ALA B 491 43.73 -54.24 -8.50
CA ALA B 491 43.06 -54.81 -9.66
C ALA B 491 44.05 -55.55 -10.54
N SER B 492 43.51 -56.43 -11.38
CA SER B 492 44.28 -57.13 -12.40
C SER B 492 43.49 -57.08 -13.70
N PHE B 493 44.20 -57.19 -14.81
CA PHE B 493 43.61 -56.93 -16.11
C PHE B 493 43.99 -58.02 -17.10
N GLY B 494 43.21 -58.14 -18.17
CA GLY B 494 43.58 -58.97 -19.29
C GLY B 494 42.83 -60.27 -19.48
N GLY B 495 41.51 -60.25 -19.32
CA GLY B 495 40.78 -61.50 -19.46
C GLY B 495 40.65 -62.03 -20.88
N SER B 496 39.73 -61.46 -21.66
CA SER B 496 39.54 -61.83 -23.06
C SER B 496 39.48 -60.59 -23.94
N CYS B 497 38.86 -59.52 -23.45
CA CYS B 497 38.92 -58.22 -24.07
C CYS B 497 39.26 -57.19 -22.99
N TYR B 498 40.24 -56.32 -23.30
CA TYR B 498 40.70 -55.38 -22.30
C TYR B 498 39.66 -54.32 -22.01
N VAL B 499 39.19 -53.62 -23.05
CA VAL B 499 38.33 -52.46 -22.86
C VAL B 499 36.96 -52.82 -22.32
N CYS B 500 36.67 -54.10 -22.11
CA CYS B 500 35.35 -54.51 -21.65
C CYS B 500 35.19 -54.27 -20.15
N LYS B 501 36.05 -54.88 -19.34
CA LYS B 501 35.90 -54.87 -17.89
C LYS B 501 37.21 -55.33 -17.27
N PRO B 502 37.53 -54.87 -16.07
CA PRO B 502 38.72 -55.38 -15.37
C PRO B 502 38.51 -56.84 -14.98
N HIS B 503 39.63 -57.56 -14.88
CA HIS B 503 39.57 -59.00 -14.61
C HIS B 503 39.12 -59.28 -13.18
N GLN B 504 39.64 -58.52 -12.22
CA GLN B 504 39.28 -58.71 -10.82
C GLN B 504 39.64 -57.45 -10.04
N VAL B 505 38.82 -57.12 -9.04
CA VAL B 505 39.04 -55.95 -8.20
C VAL B 505 38.72 -56.33 -6.76
N ASN B 506 39.58 -55.90 -5.83
CA ASN B 506 39.41 -56.17 -4.40
C ASN B 506 39.26 -54.87 -3.64
N ILE B 507 38.35 -54.85 -2.68
CA ILE B 507 38.10 -53.69 -1.82
C ILE B 507 38.23 -54.13 -0.37
N SER B 508 38.96 -53.36 0.42
CA SER B 508 39.14 -53.69 1.83
C SER B 508 39.45 -52.44 2.62
N LEU B 509 38.91 -52.37 3.85
CA LEU B 509 39.16 -51.26 4.77
C LEU B 509 40.18 -51.73 5.81
N ASN B 510 41.39 -51.18 5.73
CA ASN B 510 42.47 -51.48 6.68
C ASN B 510 42.79 -52.97 6.74
N GLY B 511 42.46 -53.72 5.68
CA GLY B 511 42.62 -55.16 5.67
C GLY B 511 41.42 -55.93 6.16
N ASN B 512 40.49 -55.27 6.84
CA ASN B 512 39.28 -55.91 7.32
C ASN B 512 38.14 -55.68 6.32
N THR B 513 36.91 -56.03 6.70
CA THR B 513 35.74 -55.74 5.89
C THR B 513 34.84 -54.70 6.53
N SER B 514 35.06 -54.36 7.80
CA SER B 514 34.25 -53.36 8.49
C SER B 514 35.03 -52.86 9.70
N VAL B 515 35.24 -51.55 9.76
CA VAL B 515 36.01 -50.93 10.83
C VAL B 515 35.37 -49.59 11.17
N CYS B 516 35.10 -49.36 12.46
CA CYS B 516 34.56 -48.08 12.87
C CYS B 516 35.11 -47.64 14.23
N VAL B 517 34.76 -46.41 14.57
CA VAL B 517 35.54 -45.57 15.48
C VAL B 517 34.87 -45.58 16.85
N ARG B 518 35.68 -45.84 17.88
CA ARG B 518 35.29 -45.64 19.26
C ARG B 518 35.90 -44.38 19.86
N THR B 519 36.59 -43.58 19.05
CA THR B 519 37.31 -42.40 19.51
C THR B 519 36.57 -41.14 19.10
N SER B 520 37.19 -39.98 19.35
CA SER B 520 36.55 -38.70 19.16
C SER B 520 36.97 -37.97 17.89
N HIS B 521 37.99 -38.45 17.19
CA HIS B 521 38.44 -37.82 15.96
C HIS B 521 38.82 -38.90 14.95
N PHE B 522 38.67 -38.57 13.67
CA PHE B 522 38.97 -39.54 12.61
C PHE B 522 39.26 -38.81 11.32
N SER B 523 39.83 -39.55 10.37
CA SER B 523 40.10 -39.02 9.03
C SER B 523 40.23 -40.21 8.08
N ILE B 524 39.72 -40.05 6.86
CA ILE B 524 39.66 -41.14 5.90
C ILE B 524 40.31 -40.70 4.59
N ARG B 525 40.83 -41.67 3.85
CA ARG B 525 41.50 -41.41 2.58
C ARG B 525 40.99 -42.35 1.49
N TYR B 526 41.63 -42.32 0.33
CA TYR B 526 41.34 -43.27 -0.75
C TYR B 526 42.62 -43.52 -1.50
N ILE B 527 43.06 -44.78 -1.54
CA ILE B 527 44.35 -45.16 -2.09
C ILE B 527 44.12 -46.14 -3.23
N TYR B 528 44.70 -45.84 -4.40
CA TYR B 528 44.64 -46.72 -5.56
C TYR B 528 46.07 -47.19 -5.87
N ASN B 529 46.26 -48.51 -5.90
CA ASN B 529 47.58 -49.10 -6.02
C ASN B 529 47.92 -49.31 -7.50
N ARG B 530 48.97 -48.64 -7.96
CA ARG B 530 49.40 -48.71 -9.35
C ARG B 530 50.71 -49.49 -9.53
N VAL B 531 51.22 -50.12 -8.49
CA VAL B 531 52.50 -50.82 -8.56
C VAL B 531 52.19 -52.31 -8.42
N LYS B 532 51.00 -52.71 -8.88
CA LYS B 532 50.59 -54.11 -8.81
C LYS B 532 51.49 -55.00 -9.65
N SER B 533 51.84 -54.55 -10.86
CA SER B 533 52.66 -55.33 -11.78
C SER B 533 54.11 -54.88 -11.80
N GLY B 534 54.53 -54.04 -10.88
CA GLY B 534 55.87 -53.50 -10.90
C GLY B 534 55.99 -52.39 -11.93
N SER B 535 55.93 -52.76 -13.20
CA SER B 535 55.81 -51.76 -14.26
C SER B 535 54.40 -51.19 -14.25
N PRO B 536 54.23 -49.87 -14.14
CA PRO B 536 52.88 -49.32 -14.00
C PRO B 536 52.07 -49.38 -15.29
N GLY B 537 51.51 -50.55 -15.58
CA GLY B 537 50.59 -50.68 -16.69
C GLY B 537 49.21 -50.11 -16.42
N ASP B 538 48.96 -49.69 -15.18
CA ASP B 538 47.69 -49.12 -14.74
C ASP B 538 47.53 -47.69 -15.26
N SER B 539 48.43 -47.23 -16.14
CA SER B 539 48.35 -45.87 -16.65
C SER B 539 47.09 -45.64 -17.47
N SER B 540 46.59 -46.67 -18.15
CA SER B 540 45.41 -46.51 -19.00
C SER B 540 44.11 -46.50 -18.21
N TRP B 541 44.00 -47.35 -17.19
CA TRP B 541 42.75 -47.50 -16.46
C TRP B 541 42.62 -46.41 -15.40
N HIS B 542 41.46 -45.74 -15.38
CA HIS B 542 41.14 -44.73 -14.39
C HIS B 542 40.02 -45.27 -13.52
N ILE B 543 40.24 -45.28 -12.20
CA ILE B 543 39.26 -45.76 -11.24
C ILE B 543 39.04 -44.70 -10.18
N TYR B 544 37.77 -44.38 -9.91
CA TYR B 544 37.44 -43.29 -9.00
C TYR B 544 36.07 -43.52 -8.41
N LEU B 545 35.77 -42.79 -7.34
CA LEU B 545 34.49 -42.87 -6.68
C LEU B 545 33.48 -41.94 -7.35
N LYS B 546 32.22 -42.32 -7.31
CA LYS B 546 31.13 -41.50 -7.80
C LYS B 546 30.41 -40.87 -6.61
N SER B 547 29.29 -40.20 -6.88
CA SER B 547 28.46 -39.60 -5.85
C SER B 547 27.22 -40.45 -5.66
N GLY B 548 27.00 -40.93 -4.44
CA GLY B 548 25.89 -41.81 -4.16
C GLY B 548 24.64 -41.10 -3.71
N THR B 549 24.01 -41.61 -2.65
CA THR B 549 22.77 -41.05 -2.13
C THR B 549 22.92 -40.44 -0.75
N CYS B 550 24.11 -40.52 -0.14
CA CYS B 550 24.30 -39.94 1.17
C CYS B 550 24.26 -38.42 1.10
N PRO B 551 23.82 -37.76 2.18
CA PRO B 551 23.79 -36.28 2.16
C PRO B 551 25.12 -35.65 2.55
N PHE B 552 26.21 -36.15 1.98
CA PHE B 552 27.53 -35.54 2.10
C PHE B 552 28.41 -36.10 1.00
N SER B 553 29.71 -35.85 1.08
CA SER B 553 30.65 -36.31 0.08
C SER B 553 31.83 -37.00 0.74
N PHE B 554 32.45 -37.92 -0.01
CA PHE B 554 33.60 -38.66 0.51
C PHE B 554 34.83 -37.78 0.67
N SER B 555 35.03 -36.82 -0.23
CA SER B 555 36.21 -35.97 -0.16
C SER B 555 36.08 -34.84 0.85
N LYS B 556 34.88 -34.60 1.38
CA LYS B 556 34.66 -33.53 2.33
C LYS B 556 34.33 -34.05 3.72
N LEU B 557 34.54 -35.34 3.97
CA LEU B 557 34.36 -35.89 5.30
C LEU B 557 35.48 -35.49 6.24
N ASN B 558 36.68 -35.21 5.72
CA ASN B 558 37.80 -34.78 6.54
C ASN B 558 37.60 -33.40 7.12
N ASN B 559 36.74 -32.58 6.54
CA ASN B 559 36.44 -31.26 7.11
C ASN B 559 35.77 -31.43 8.46
N PHE B 560 35.55 -30.31 9.14
CA PHE B 560 35.03 -30.35 10.51
C PHE B 560 33.54 -30.67 10.47
N GLN B 561 33.25 -31.94 10.18
CA GLN B 561 31.89 -32.47 10.17
C GLN B 561 31.68 -33.33 11.40
N LYS B 562 30.50 -33.23 12.00
CA LYS B 562 30.22 -33.85 13.28
C LYS B 562 29.10 -34.88 13.15
N PHE B 563 29.28 -36.01 13.82
CA PHE B 563 28.36 -37.14 13.74
C PHE B 563 28.21 -37.73 15.14
N LYS B 564 27.60 -38.91 15.23
CA LYS B 564 27.59 -39.70 16.46
C LYS B 564 28.29 -41.04 16.28
N THR B 565 27.86 -41.84 15.31
CA THR B 565 28.54 -43.07 14.93
C THR B 565 28.49 -43.19 13.42
N ILE B 566 29.45 -43.91 12.84
CA ILE B 566 29.48 -44.04 11.38
C ILE B 566 29.45 -45.51 10.96
N CYS B 567 30.50 -46.25 11.29
CA CYS B 567 30.62 -47.68 11.02
C CYS B 567 30.47 -47.99 9.53
N PHE B 568 31.49 -47.56 8.79
CA PHE B 568 31.68 -47.97 7.40
C PHE B 568 31.69 -49.49 7.27
N SER B 569 31.40 -49.97 6.07
CA SER B 569 31.50 -51.38 5.75
C SER B 569 31.56 -51.54 4.23
N THR B 570 32.00 -52.71 3.79
CA THR B 570 32.09 -53.02 2.36
C THR B 570 31.12 -54.11 1.94
N VAL B 571 30.08 -54.38 2.73
CA VAL B 571 29.05 -55.34 2.39
C VAL B 571 27.69 -54.72 2.69
N GLU B 572 26.66 -55.29 2.07
CA GLU B 572 25.32 -54.73 2.16
C GLU B 572 24.75 -54.97 3.56
N VAL B 573 24.23 -53.90 4.16
CA VAL B 573 23.52 -54.00 5.44
C VAL B 573 22.25 -53.15 5.32
N PRO B 574 21.16 -53.50 6.01
CA PRO B 574 19.92 -52.74 5.86
C PRO B 574 20.06 -51.32 6.39
N GLY B 575 19.38 -50.39 5.72
CA GLY B 575 19.38 -49.00 6.11
C GLY B 575 20.75 -48.33 6.04
N SER B 576 21.28 -48.17 4.83
CA SER B 576 22.61 -47.61 4.66
C SER B 576 22.79 -47.14 3.23
N CYS B 577 23.24 -45.89 3.07
CA CYS B 577 23.55 -45.35 1.76
C CYS B 577 24.93 -45.84 1.31
N ASN B 578 25.26 -45.58 0.04
CA ASN B 578 26.48 -46.13 -0.52
C ASN B 578 27.04 -45.20 -1.60
N PHE B 579 28.36 -45.35 -1.85
CA PHE B 579 29.11 -44.70 -2.92
C PHE B 579 29.56 -45.73 -3.94
N PRO B 580 29.12 -45.66 -5.18
CA PRO B 580 29.52 -46.64 -6.19
C PRO B 580 30.99 -46.44 -6.58
N LEU B 581 31.52 -47.43 -7.29
CA LEU B 581 32.88 -47.40 -7.80
C LEU B 581 32.85 -47.63 -9.29
N GLU B 582 33.76 -46.97 -10.02
CA GLU B 582 33.73 -46.95 -11.47
C GLU B 582 35.11 -47.23 -12.04
N ALA B 583 35.14 -47.87 -13.21
CA ALA B 583 36.37 -48.18 -13.91
C ALA B 583 36.19 -47.91 -15.39
N THR B 584 37.21 -47.35 -16.04
CA THR B 584 37.07 -46.87 -17.40
C THR B 584 38.43 -46.91 -18.10
N TRP B 585 38.40 -47.07 -19.43
CA TRP B 585 39.61 -47.09 -20.25
C TRP B 585 39.62 -45.84 -21.12
N HIS B 586 40.41 -44.84 -20.72
CA HIS B 586 40.56 -43.58 -21.46
C HIS B 586 39.22 -42.87 -21.66
N TYR B 587 38.33 -43.00 -20.67
CA TYR B 587 37.06 -42.27 -20.66
C TYR B 587 36.21 -42.56 -21.89
N THR B 588 36.20 -43.82 -22.33
CA THR B 588 35.36 -44.25 -23.45
C THR B 588 34.10 -44.95 -22.97
N SER B 589 34.24 -46.02 -22.21
CA SER B 589 33.09 -46.82 -21.76
C SER B 589 33.15 -46.99 -20.24
N TYR B 590 32.02 -46.75 -19.58
CA TYR B 590 31.94 -46.78 -18.13
C TYR B 590 31.32 -48.10 -17.65
N THR B 591 31.70 -48.50 -16.45
CA THR B 591 31.16 -49.70 -15.82
C THR B 591 31.28 -49.57 -14.32
N ILE B 592 30.39 -50.26 -13.60
CA ILE B 592 30.35 -50.24 -12.14
C ILE B 592 31.02 -51.50 -11.62
N VAL B 593 31.91 -51.34 -10.64
CA VAL B 593 32.71 -52.44 -10.11
C VAL B 593 32.27 -52.84 -8.70
N GLY B 594 32.28 -51.89 -7.77
CA GLY B 594 31.92 -52.18 -6.40
C GLY B 594 31.19 -51.03 -5.72
N ALA B 595 31.23 -50.99 -4.39
CA ALA B 595 30.57 -49.93 -3.64
C ALA B 595 31.14 -49.89 -2.24
N LEU B 596 30.88 -48.78 -1.55
CA LEU B 596 31.22 -48.62 -0.14
C LEU B 596 29.97 -48.24 0.61
N TYR B 597 29.63 -49.02 1.64
CA TYR B 597 28.40 -48.82 2.40
C TYR B 597 28.71 -48.13 3.72
N VAL B 598 27.94 -47.08 4.01
CA VAL B 598 28.19 -46.25 5.19
C VAL B 598 26.87 -46.00 5.91
N THR B 599 26.91 -46.04 7.24
CA THR B 599 25.80 -45.65 8.10
C THR B 599 26.20 -44.40 8.88
N TRP B 600 25.23 -43.82 9.58
CA TRP B 600 25.50 -42.67 10.42
C TRP B 600 24.29 -42.43 11.32
N SER B 601 24.42 -41.43 12.18
CA SER B 601 23.36 -41.00 13.09
C SER B 601 23.74 -39.63 13.63
N GLU B 602 22.78 -38.71 13.64
CA GLU B 602 23.07 -37.33 14.00
C GLU B 602 23.55 -37.24 15.44
N GLY B 603 24.56 -36.40 15.66
CA GLY B 603 25.11 -36.23 16.98
C GLY B 603 26.13 -35.10 17.00
N ASN B 604 26.76 -34.92 18.16
CA ASN B 604 27.76 -33.88 18.35
C ASN B 604 28.95 -34.42 19.15
N SER B 605 29.41 -35.62 18.82
CA SER B 605 30.45 -36.27 19.61
C SER B 605 31.72 -36.55 18.80
N ILE B 606 31.59 -36.93 17.54
CA ILE B 606 32.72 -37.35 16.71
C ILE B 606 32.90 -36.33 15.59
N THR B 607 34.14 -35.86 15.42
CA THR B 607 34.46 -34.81 14.46
C THR B 607 35.63 -35.25 13.59
N GLY B 608 35.54 -34.96 12.28
CA GLY B 608 36.65 -35.24 11.40
C GLY B 608 37.75 -34.19 11.48
N VAL B 609 38.93 -34.57 11.01
CA VAL B 609 40.11 -33.70 11.08
C VAL B 609 40.85 -33.77 9.75
N PRO B 610 41.38 -32.65 9.23
CA PRO B 610 42.13 -32.72 7.97
C PRO B 610 43.33 -33.65 8.00
N TYR B 611 44.20 -33.53 9.00
CA TYR B 611 45.37 -34.38 9.07
C TYR B 611 45.77 -34.61 10.52
N PRO B 612 46.36 -35.78 10.83
CA PRO B 612 46.61 -36.13 12.23
C PRO B 612 47.79 -35.42 12.87
N VAL B 613 47.56 -34.22 13.40
CA VAL B 613 48.60 -33.53 14.17
C VAL B 613 48.91 -34.36 15.41
N SER B 614 50.20 -34.65 15.63
CA SER B 614 50.63 -35.48 16.73
C SER B 614 51.51 -34.69 17.68
N GLY B 615 51.40 -34.98 18.98
CA GLY B 615 52.19 -34.32 20.00
C GLY B 615 51.46 -33.25 20.77
N ILE B 616 50.18 -33.05 20.53
CA ILE B 616 49.41 -32.02 21.21
C ILE B 616 48.45 -32.69 22.19
N ARG B 617 47.82 -31.87 23.03
CA ARG B 617 46.87 -32.34 24.03
C ARG B 617 45.48 -31.74 23.87
N GLU B 618 45.32 -30.73 23.01
CA GLU B 618 44.01 -30.13 22.78
C GLU B 618 44.06 -29.48 21.40
N PHE B 619 43.31 -30.04 20.45
CA PHE B 619 43.38 -29.60 19.06
C PHE B 619 42.71 -28.24 18.91
N SER B 620 43.50 -27.23 18.55
CA SER B 620 42.98 -25.89 18.29
C SER B 620 43.93 -25.16 17.36
N ASN B 621 43.40 -24.13 16.70
CA ASN B 621 44.20 -23.34 15.77
C ASN B 621 43.57 -21.97 15.63
N LEU B 622 44.41 -20.97 15.32
CA LEU B 622 43.92 -19.60 15.21
C LEU B 622 44.92 -18.78 14.40
N VAL B 623 44.42 -18.13 13.34
CA VAL B 623 45.25 -17.33 12.44
C VAL B 623 44.68 -15.91 12.40
N LEU B 624 45.52 -14.93 12.69
CA LEU B 624 45.07 -13.55 12.85
C LEU B 624 45.50 -12.67 11.69
N ASN B 625 44.89 -11.49 11.63
CA ASN B 625 45.36 -10.33 10.88
C ASN B 625 45.10 -10.36 9.38
N ASN B 626 44.58 -11.46 8.84
CA ASN B 626 44.06 -11.43 7.47
C ASN B 626 43.16 -12.63 7.21
N CYS B 627 42.46 -12.56 6.07
CA CYS B 627 41.24 -13.33 5.84
C CYS B 627 41.47 -14.82 6.03
N THR B 628 40.52 -15.47 6.70
CA THR B 628 40.55 -16.90 6.94
C THR B 628 39.17 -17.51 6.73
N LYS B 629 39.01 -18.78 7.13
CA LYS B 629 37.72 -19.47 7.03
C LYS B 629 37.48 -20.15 8.38
N TYR B 630 36.83 -19.45 9.29
CA TYR B 630 36.76 -19.88 10.68
C TYR B 630 35.64 -20.88 10.91
N ASN B 631 35.82 -21.71 11.95
CA ASN B 631 34.78 -22.60 12.47
C ASN B 631 34.82 -22.43 13.99
N ILE B 632 34.08 -21.44 14.49
CA ILE B 632 34.16 -20.99 15.87
C ILE B 632 32.81 -21.23 16.54
N TYR B 633 32.76 -22.18 17.47
CA TYR B 633 31.54 -22.49 18.22
C TYR B 633 30.37 -22.73 17.27
N ASP B 634 30.61 -23.54 16.23
CA ASP B 634 29.60 -23.90 15.24
C ASP B 634 29.11 -22.67 14.47
N TYR B 635 30.07 -21.83 14.06
CA TYR B 635 29.81 -20.71 13.17
C TYR B 635 30.84 -20.74 12.06
N VAL B 636 30.39 -20.59 10.82
CA VAL B 636 31.26 -20.69 9.65
C VAL B 636 31.13 -19.42 8.82
N GLY B 637 32.23 -19.02 8.20
CA GLY B 637 32.24 -17.80 7.41
C GLY B 637 33.65 -17.41 7.03
N THR B 638 33.82 -16.13 6.70
CA THR B 638 35.13 -15.57 6.36
C THR B 638 35.27 -14.20 6.99
N GLY B 639 36.50 -13.78 7.19
CA GLY B 639 36.78 -12.47 7.72
C GLY B 639 38.15 -12.42 8.34
N ILE B 640 38.48 -11.24 8.89
CA ILE B 640 39.75 -11.00 9.54
C ILE B 640 39.54 -10.96 11.05
N ILE B 641 40.42 -11.64 11.79
CA ILE B 641 40.34 -11.72 13.23
C ILE B 641 41.48 -10.90 13.82
N ARG B 642 41.13 -9.91 14.65
CA ARG B 642 42.10 -9.07 15.33
C ARG B 642 41.86 -9.10 16.82
N SER B 643 42.92 -8.84 17.58
CA SER B 643 42.85 -8.78 19.03
C SER B 643 42.46 -7.38 19.49
N SER B 644 42.01 -7.30 20.73
CA SER B 644 41.59 -6.03 21.33
C SER B 644 41.61 -6.20 22.84
N ASN B 645 41.08 -5.19 23.55
CA ASN B 645 40.99 -5.26 25.00
C ASN B 645 39.78 -4.43 25.45
N GLN B 646 38.71 -5.12 25.80
CA GLN B 646 37.50 -4.50 26.31
C GLN B 646 37.12 -5.14 27.64
N SER B 647 36.40 -4.39 28.46
CA SER B 647 35.96 -4.84 29.77
C SER B 647 34.50 -5.27 29.65
N LEU B 648 34.29 -6.55 29.38
CA LEU B 648 32.94 -7.11 29.28
C LEU B 648 32.90 -8.45 29.99
N ALA B 649 31.90 -8.65 30.83
CA ALA B 649 31.68 -9.91 31.52
C ALA B 649 30.35 -10.50 31.09
N GLY B 650 30.36 -11.81 30.81
CA GLY B 650 29.15 -12.47 30.37
C GLY B 650 29.40 -13.58 29.37
N GLY B 651 28.73 -13.50 28.21
CA GLY B 651 28.77 -14.57 27.24
C GLY B 651 30.11 -14.69 26.56
N ILE B 652 30.24 -15.75 25.77
CA ILE B 652 31.45 -16.04 25.00
C ILE B 652 31.19 -15.93 23.51
N THR B 653 30.11 -15.27 23.11
CA THR B 653 29.77 -15.13 21.70
C THR B 653 28.81 -13.97 21.54
N TYR B 654 29.17 -12.98 20.73
CA TYR B 654 28.34 -11.81 20.47
C TYR B 654 27.91 -11.85 19.01
N VAL B 655 26.67 -12.26 18.77
CA VAL B 655 26.14 -12.34 17.42
C VAL B 655 25.29 -11.12 17.15
N SER B 656 25.06 -10.83 15.88
CA SER B 656 24.15 -9.77 15.48
C SER B 656 22.73 -10.32 15.45
N ASN B 657 21.78 -9.53 14.96
CA ASN B 657 20.41 -10.00 14.82
C ASN B 657 20.13 -10.57 13.43
N SER B 658 21.17 -10.99 12.71
CA SER B 658 21.01 -11.63 11.41
C SER B 658 21.81 -12.93 11.32
N GLY B 659 22.31 -13.42 12.44
CA GLY B 659 22.98 -14.71 12.48
C GLY B 659 24.47 -14.70 12.21
N ASN B 660 25.08 -13.53 12.08
CA ASN B 660 26.51 -13.43 11.80
C ASN B 660 27.28 -13.15 13.08
N LEU B 661 28.54 -13.59 13.11
CA LEU B 661 29.40 -13.32 14.24
C LEU B 661 29.88 -11.87 14.24
N LEU B 662 30.18 -11.37 15.44
CA LEU B 662 30.84 -10.09 15.60
C LEU B 662 32.04 -10.14 16.53
N GLY B 663 32.12 -11.10 17.45
CA GLY B 663 33.24 -11.22 18.35
C GLY B 663 33.05 -12.32 19.37
N PHE B 664 34.11 -13.09 19.63
CA PHE B 664 34.08 -14.18 20.59
C PHE B 664 35.07 -13.88 21.72
N LYS B 665 35.26 -14.85 22.60
CA LYS B 665 36.10 -14.65 23.77
C LYS B 665 36.76 -15.97 24.17
N ASN B 666 38.08 -15.94 24.33
CA ASN B 666 38.79 -17.11 24.82
C ASN B 666 38.37 -17.38 26.27
N VAL B 667 38.08 -18.64 26.57
CA VAL B 667 37.45 -18.97 27.84
C VAL B 667 38.45 -18.99 28.99
N SER B 668 39.71 -19.36 28.76
CA SER B 668 40.70 -19.47 29.82
C SER B 668 41.33 -18.13 30.18
N THR B 669 40.86 -17.04 29.58
CA THR B 669 41.34 -15.70 29.90
C THR B 669 40.19 -14.73 29.70
N GLY B 670 40.51 -13.44 29.66
CA GLY B 670 39.48 -12.43 29.52
C GLY B 670 39.54 -11.65 28.22
N ASN B 671 40.55 -11.92 27.39
CA ASN B 671 40.69 -11.22 26.13
C ASN B 671 39.58 -11.60 25.16
N ILE B 672 39.17 -10.63 24.35
CA ILE B 672 38.15 -10.86 23.33
C ILE B 672 38.78 -10.68 21.96
N PHE B 673 38.00 -10.92 20.91
CA PHE B 673 38.48 -10.79 19.54
C PHE B 673 37.37 -10.20 18.67
N ILE B 674 37.77 -9.60 17.56
CA ILE B 674 36.85 -8.94 16.65
C ILE B 674 36.95 -9.59 15.28
N VAL B 675 35.80 -9.79 14.64
CA VAL B 675 35.73 -10.44 13.34
C VAL B 675 34.99 -9.51 12.38
N THR B 676 35.65 -9.12 11.29
CA THR B 676 35.06 -8.28 10.27
C THR B 676 35.32 -8.85 8.88
N PRO B 677 34.40 -8.70 7.94
CA PRO B 677 34.66 -9.15 6.58
C PRO B 677 35.71 -8.29 5.90
N CYS B 678 36.37 -8.87 4.91
CA CYS B 678 37.49 -8.22 4.23
C CYS B 678 37.16 -7.94 2.77
N ASN B 679 35.93 -7.50 2.49
CA ASN B 679 35.57 -7.01 1.17
C ASN B 679 34.36 -6.09 1.33
N GLN B 680 34.60 -4.77 1.27
CA GLN B 680 33.52 -3.82 1.46
C GLN B 680 33.10 -3.21 0.14
N PRO B 681 31.81 -3.14 -0.15
CA PRO B 681 31.37 -2.57 -1.42
C PRO B 681 31.61 -1.07 -1.49
N ASP B 682 31.72 -0.56 -2.72
CA ASP B 682 31.97 0.85 -2.95
C ASP B 682 30.94 1.45 -3.89
N GLN B 683 31.15 2.69 -4.33
CA GLN B 683 30.27 3.35 -5.27
C GLN B 683 31.14 4.01 -6.35
N VAL B 684 30.88 3.69 -7.61
CA VAL B 684 31.68 4.17 -8.73
C VAL B 684 30.80 5.06 -9.61
N ALA B 685 31.39 6.12 -10.14
CA ALA B 685 30.71 7.04 -11.05
C ALA B 685 31.29 6.88 -12.45
N VAL B 686 30.40 6.70 -13.43
CA VAL B 686 30.78 6.47 -14.82
C VAL B 686 30.26 7.63 -15.65
N TYR B 687 31.14 8.23 -16.45
CA TYR B 687 30.78 9.36 -17.29
C TYR B 687 31.59 9.30 -18.57
N GLN B 688 30.90 9.28 -19.72
CA GLN B 688 31.53 9.24 -21.04
C GLN B 688 32.49 8.06 -21.16
N GLN B 689 32.01 6.88 -20.81
CA GLN B 689 32.75 5.61 -20.97
C GLN B 689 34.09 5.66 -20.23
N SER B 690 34.09 6.23 -19.03
CA SER B 690 35.29 6.26 -18.19
C SER B 690 34.86 6.42 -16.74
N ILE B 691 35.77 6.09 -15.84
CA ILE B 691 35.54 6.19 -14.40
C ILE B 691 36.03 7.56 -13.93
N ILE B 692 35.13 8.33 -13.32
CA ILE B 692 35.45 9.68 -12.88
C ILE B 692 36.01 9.64 -11.46
N GLY B 693 35.22 9.11 -10.52
CA GLY B 693 35.64 9.07 -9.13
C GLY B 693 34.95 7.93 -8.41
N ALA B 694 35.38 7.73 -7.17
CA ALA B 694 34.86 6.63 -6.36
C ALA B 694 34.43 7.16 -5.00
N MET B 695 33.51 6.43 -4.38
CA MET B 695 32.97 6.77 -3.07
C MET B 695 33.21 5.58 -2.15
N THR B 696 34.39 5.52 -1.56
CA THR B 696 34.84 4.33 -0.84
C THR B 696 34.70 4.53 0.66
N ALA B 697 35.18 3.55 1.43
CA ALA B 697 35.21 3.62 2.88
C ALA B 697 36.52 3.12 3.45
N VAL B 698 37.53 2.87 2.61
CA VAL B 698 38.84 2.40 3.05
C VAL B 698 39.87 3.48 2.69
N ASN B 699 40.74 3.79 3.65
CA ASN B 699 41.70 4.89 3.50
C ASN B 699 42.91 4.39 2.72
N GLU B 700 42.74 4.29 1.41
CA GLU B 700 43.83 3.95 0.50
C GLU B 700 43.42 4.34 -0.91
N SER B 701 44.34 4.17 -1.85
CA SER B 701 44.05 4.44 -3.25
C SER B 701 43.18 3.35 -3.84
N ARG B 702 42.62 3.64 -5.01
CA ARG B 702 41.59 2.81 -5.62
C ARG B 702 41.82 2.64 -7.11
N TYR B 703 40.77 2.26 -7.84
CA TYR B 703 40.90 1.62 -9.14
C TYR B 703 41.42 2.64 -10.16
N GLY B 704 42.74 2.85 -10.13
CA GLY B 704 43.40 3.76 -11.03
C GLY B 704 43.41 5.21 -10.61
N LEU B 705 42.85 5.54 -9.45
CA LEU B 705 42.79 6.92 -8.98
C LEU B 705 43.84 7.16 -7.90
N GLN B 706 44.26 8.41 -7.78
CA GLN B 706 45.39 8.76 -6.92
C GLN B 706 45.02 9.66 -5.75
N ASN B 707 44.39 10.81 -6.01
CA ASN B 707 44.13 11.77 -4.95
C ASN B 707 43.07 11.24 -3.99
N LEU B 708 43.03 11.84 -2.79
CA LEU B 708 42.18 11.33 -1.72
C LEU B 708 41.75 12.49 -0.83
N LEU B 709 40.45 12.75 -0.77
CA LEU B 709 39.89 13.74 0.13
C LEU B 709 39.43 13.04 1.42
N GLN B 710 38.70 13.77 2.26
CA GLN B 710 38.16 13.20 3.50
C GLN B 710 36.86 13.94 3.82
N LEU B 711 35.74 13.34 3.44
CA LEU B 711 34.44 13.94 3.69
C LEU B 711 33.94 13.54 5.09
N PRO B 712 32.95 14.27 5.62
CA PRO B 712 32.57 14.06 7.04
C PRO B 712 32.14 12.65 7.39
N ASN B 713 31.62 11.86 6.45
CA ASN B 713 31.21 10.50 6.78
C ASN B 713 31.60 9.45 5.74
N PHE B 714 32.59 9.73 4.89
CA PHE B 714 33.20 8.74 4.02
C PHE B 714 34.40 9.38 3.34
N TYR B 715 35.14 8.58 2.57
CA TYR B 715 36.28 9.05 1.81
C TYR B 715 35.92 9.18 0.34
N TYR B 716 36.50 10.16 -0.33
CA TYR B 716 36.32 10.38 -1.75
C TYR B 716 37.65 10.26 -2.46
N VAL B 717 37.69 9.46 -3.52
CA VAL B 717 38.91 9.18 -4.26
C VAL B 717 38.69 9.58 -5.71
N SER B 718 39.57 10.45 -6.23
CA SER B 718 39.52 10.88 -7.61
C SER B 718 40.92 11.32 -8.01
N ASN B 719 41.05 11.82 -9.24
CA ASN B 719 42.35 12.30 -9.70
C ASN B 719 42.25 13.59 -10.52
N GLY B 720 41.15 14.33 -10.38
CA GLY B 720 40.98 15.57 -11.09
C GLY B 720 41.62 16.74 -10.37
N GLY B 721 41.39 17.93 -10.93
CA GLY B 721 41.91 19.16 -10.35
C GLY B 721 40.97 19.74 -9.31
N ASN B 722 41.03 21.05 -9.14
CA ASN B 722 40.13 21.75 -8.23
C ASN B 722 39.66 23.07 -8.84
N ASN B 723 39.58 23.12 -10.16
CA ASN B 723 39.22 24.33 -10.90
C ASN B 723 38.20 23.93 -11.95
N CYS B 724 36.94 23.87 -11.56
CA CYS B 724 35.95 23.28 -12.47
C CYS B 724 34.71 24.14 -12.68
N THR B 725 34.21 24.80 -11.63
CA THR B 725 33.15 25.82 -11.66
C THR B 725 31.89 25.39 -12.42
N THR B 726 31.73 24.10 -12.69
CA THR B 726 30.53 23.60 -13.36
C THR B 726 30.06 22.33 -12.67
N ALA B 727 28.93 21.79 -13.14
CA ALA B 727 28.37 20.57 -12.61
C ALA B 727 27.75 19.75 -13.74
N VAL B 728 28.00 18.44 -13.72
CA VAL B 728 27.40 17.53 -14.68
C VAL B 728 26.67 16.37 -14.01
N MET B 729 27.00 16.02 -12.78
CA MET B 729 26.30 14.97 -12.05
C MET B 729 25.98 15.48 -10.65
N THR B 730 24.94 14.90 -10.06
CA THR B 730 24.45 15.36 -8.77
C THR B 730 24.28 14.16 -7.84
N TYR B 731 24.49 14.41 -6.56
CA TYR B 731 24.36 13.39 -5.53
C TYR B 731 23.67 14.01 -4.34
N SER B 732 23.78 13.36 -3.17
CA SER B 732 23.06 13.80 -1.98
C SER B 732 23.22 15.29 -1.72
N ASN B 733 24.45 15.74 -1.50
CA ASN B 733 24.69 17.14 -1.17
C ASN B 733 25.93 17.70 -1.85
N PHE B 734 26.33 17.15 -2.99
CA PHE B 734 27.50 17.63 -3.70
C PHE B 734 27.36 17.32 -5.18
N GLY B 735 28.11 18.03 -6.00
CA GLY B 735 28.05 17.84 -7.43
C GLY B 735 29.37 17.47 -8.06
N ILE B 736 29.47 16.26 -8.59
CA ILE B 736 30.66 15.80 -9.28
C ILE B 736 30.65 16.35 -10.70
N CYS B 737 31.65 17.14 -11.05
CA CYS B 737 31.69 17.78 -12.36
C CYS B 737 32.50 16.92 -13.33
N ALA B 738 32.88 17.51 -14.47
CA ALA B 738 33.41 16.73 -15.58
C ALA B 738 34.70 16.00 -15.25
N ASP B 739 35.64 16.64 -14.56
CA ASP B 739 36.96 16.07 -14.35
C ASP B 739 37.12 15.35 -13.01
N GLY B 740 36.15 15.42 -12.12
CA GLY B 740 36.22 14.67 -10.89
C GLY B 740 36.15 15.48 -9.61
N SER B 741 36.42 16.77 -9.71
CA SER B 741 36.46 17.61 -8.52
C SER B 741 35.07 17.78 -7.92
N LEU B 742 35.04 17.99 -6.61
CA LEU B 742 33.80 18.19 -5.88
C LEU B 742 33.43 19.67 -5.87
N ILE B 743 32.14 19.95 -5.93
CA ILE B 743 31.61 21.31 -5.87
C ILE B 743 30.36 21.32 -5.02
N PRO B 744 30.30 22.14 -3.97
CA PRO B 744 29.09 22.18 -3.14
C PRO B 744 27.93 22.85 -3.86
N VAL B 745 26.73 22.50 -3.44
CA VAL B 745 25.50 23.05 -4.01
C VAL B 745 25.11 24.30 -3.25
N ARG B 746 24.61 25.30 -3.97
CA ARG B 746 24.28 26.60 -3.41
C ARG B 746 22.77 26.83 -3.44
N PRO B 747 22.23 27.57 -2.48
CA PRO B 747 20.79 27.87 -2.48
C PRO B 747 20.43 28.90 -3.55
N ARG B 748 19.13 29.03 -3.76
CA ARG B 748 18.60 29.95 -4.77
C ARG B 748 18.36 31.32 -4.16
N ASN B 749 18.77 32.36 -4.89
CA ASN B 749 18.56 33.74 -4.44
C ASN B 749 17.16 34.20 -4.81
N SER B 750 16.53 34.92 -3.89
CA SER B 750 15.20 35.49 -4.14
C SER B 750 14.96 36.57 -3.10
N SER B 751 14.54 37.75 -3.56
CA SER B 751 14.28 38.88 -2.67
C SER B 751 12.81 39.27 -2.72
N ASP B 752 12.31 39.77 -1.60
CA ASP B 752 10.92 40.16 -1.48
C ASP B 752 10.81 41.36 -0.55
N ASN B 753 9.76 42.15 -0.77
CA ASN B 753 9.45 43.31 0.07
C ASN B 753 8.09 43.09 0.71
N GLY B 754 8.01 43.33 2.02
CA GLY B 754 6.81 43.01 2.77
C GLY B 754 5.67 43.96 2.47
N ILE B 755 4.58 43.76 3.21
CA ILE B 755 3.37 44.56 3.00
C ILE B 755 3.60 45.99 3.49
N SER B 756 2.86 46.92 2.90
CA SER B 756 2.97 48.32 3.28
C SER B 756 2.32 48.54 4.64
N ALA B 757 2.75 49.59 5.33
CA ALA B 757 2.28 49.91 6.66
C ALA B 757 1.88 51.38 6.74
N ILE B 758 0.98 51.68 7.67
CA ILE B 758 0.48 53.04 7.85
C ILE B 758 1.52 53.82 8.63
N ILE B 759 2.21 54.75 7.94
CA ILE B 759 3.28 55.53 8.56
C ILE B 759 3.55 56.73 7.68
N THR B 760 4.05 57.81 8.27
CA THR B 760 4.42 59.02 7.56
C THR B 760 5.87 58.89 7.11
N ALA B 761 6.07 58.24 5.98
CA ALA B 761 7.42 58.00 5.45
C ALA B 761 7.34 57.96 3.93
N ASN B 762 8.39 57.44 3.31
CA ASN B 762 8.45 57.30 1.86
C ASN B 762 8.21 55.85 1.48
N LEU B 763 7.26 55.61 0.60
CA LEU B 763 6.89 54.27 0.17
C LEU B 763 7.27 54.05 -1.28
N SER B 764 7.15 52.79 -1.72
CA SER B 764 7.43 52.41 -3.09
C SER B 764 6.21 51.66 -3.63
N ILE B 765 5.64 52.17 -4.71
CA ILE B 765 4.44 51.60 -5.33
C ILE B 765 4.78 51.19 -6.76
N PRO B 766 4.49 49.96 -7.17
CA PRO B 766 4.79 49.56 -8.55
C PRO B 766 4.04 50.42 -9.56
N SER B 767 4.70 50.73 -10.67
CA SER B 767 4.15 51.60 -11.69
C SER B 767 3.93 50.90 -13.02
N ASN B 768 4.96 50.29 -13.60
CA ASN B 768 4.86 49.61 -14.88
C ASN B 768 4.77 48.10 -14.67
N TRP B 769 4.20 47.42 -15.65
CA TRP B 769 3.89 46.01 -15.52
C TRP B 769 4.29 45.25 -16.77
N THR B 770 4.50 43.94 -16.60
CA THR B 770 4.75 43.02 -17.70
C THR B 770 4.10 41.69 -17.36
N THR B 771 3.94 40.84 -18.37
CA THR B 771 3.26 39.57 -18.21
C THR B 771 4.23 38.42 -18.41
N SER B 772 3.83 37.25 -17.90
CA SER B 772 4.60 36.03 -18.05
C SER B 772 3.64 34.86 -17.95
N VAL B 773 4.08 33.71 -18.47
CA VAL B 773 3.25 32.52 -18.54
C VAL B 773 3.98 31.35 -17.89
N GLN B 774 3.28 30.62 -17.03
CA GLN B 774 3.82 29.45 -16.37
C GLN B 774 2.89 28.27 -16.61
N VAL B 775 3.44 27.06 -16.52
CA VAL B 775 2.70 25.84 -16.84
C VAL B 775 2.68 24.94 -15.61
N GLU B 776 1.82 23.92 -15.67
CA GLU B 776 1.68 22.93 -14.60
C GLU B 776 0.95 21.72 -15.15
N TYR B 777 1.36 20.54 -14.70
CA TYR B 777 0.82 19.28 -15.21
C TYR B 777 0.17 18.49 -14.09
N LEU B 778 -1.01 17.94 -14.36
CA LEU B 778 -1.73 17.09 -13.42
C LEU B 778 -2.23 15.85 -14.15
N GLN B 779 -2.40 14.76 -13.40
CA GLN B 779 -2.85 13.48 -13.94
C GLN B 779 -4.26 13.20 -13.46
N ILE B 780 -5.14 12.79 -14.37
CA ILE B 780 -6.53 12.57 -14.04
C ILE B 780 -7.00 11.14 -14.31
N THR B 781 -6.25 10.31 -15.02
CA THR B 781 -6.70 8.97 -15.34
C THR B 781 -5.50 8.08 -15.61
N SER B 782 -5.74 6.77 -15.57
CA SER B 782 -4.73 5.77 -15.88
C SER B 782 -5.28 4.74 -16.85
N THR B 783 -4.46 3.78 -17.24
CA THR B 783 -4.87 2.77 -18.20
C THR B 783 -5.43 1.54 -17.49
N PRO B 784 -6.61 1.05 -17.89
CA PRO B 784 -7.17 -0.13 -17.24
C PRO B 784 -6.54 -1.41 -17.80
N ILE B 785 -6.31 -2.37 -16.91
CA ILE B 785 -5.75 -3.67 -17.27
C ILE B 785 -6.74 -4.75 -16.88
N VAL B 786 -7.00 -5.69 -17.80
CA VAL B 786 -7.83 -6.86 -17.52
C VAL B 786 -7.00 -8.08 -17.85
N VAL B 787 -6.91 -9.01 -16.90
CA VAL B 787 -6.06 -10.19 -17.05
C VAL B 787 -6.94 -11.43 -17.06
N ASP B 788 -6.44 -12.49 -17.68
CA ASP B 788 -7.12 -13.77 -17.73
C ASP B 788 -6.40 -14.79 -16.85
N CYS B 789 -7.17 -15.50 -16.03
CA CYS B 789 -6.59 -16.44 -15.08
C CYS B 789 -6.08 -17.70 -15.78
N ALA B 790 -6.99 -18.41 -16.45
CA ALA B 790 -6.67 -19.72 -16.99
C ALA B 790 -5.62 -19.70 -18.09
N THR B 791 -5.40 -18.55 -18.72
CA THR B 791 -4.37 -18.45 -19.75
C THR B 791 -3.03 -18.02 -19.17
N TYR B 792 -3.03 -17.10 -18.22
CA TYR B 792 -1.77 -16.69 -17.61
C TYR B 792 -1.18 -17.80 -16.74
N VAL B 793 -2.02 -18.54 -16.02
CA VAL B 793 -1.50 -19.57 -15.12
C VAL B 793 -0.77 -20.64 -15.91
N CYS B 794 -1.35 -21.08 -17.03
CA CYS B 794 -0.65 -21.98 -17.93
C CYS B 794 -1.14 -21.72 -19.36
N ASN B 795 -0.25 -21.92 -20.32
CA ASN B 795 -0.49 -21.51 -21.69
C ASN B 795 -1.36 -22.55 -22.39
N GLY B 796 -2.66 -22.49 -22.12
CA GLY B 796 -3.64 -23.24 -22.89
C GLY B 796 -3.51 -24.74 -22.81
N ASN B 797 -2.92 -25.26 -21.76
CA ASN B 797 -2.88 -26.72 -21.63
C ASN B 797 -4.24 -27.24 -21.19
N PRO B 798 -4.82 -28.23 -21.87
CA PRO B 798 -6.14 -28.72 -21.47
C PRO B 798 -6.10 -29.62 -20.25
N ARG B 799 -4.95 -29.66 -19.56
CA ARG B 799 -4.81 -30.45 -18.35
C ARG B 799 -4.76 -29.61 -17.08
N CYS B 800 -4.44 -28.32 -17.17
CA CYS B 800 -4.49 -27.46 -16.00
C CYS B 800 -5.92 -27.35 -15.46
N LYS B 801 -6.90 -27.22 -16.36
CA LYS B 801 -8.27 -26.95 -15.93
C LYS B 801 -8.83 -28.07 -15.06
N ASN B 802 -8.27 -29.27 -15.12
CA ASN B 802 -8.66 -30.31 -14.19
C ASN B 802 -8.08 -30.07 -12.80
N LEU B 803 -7.00 -29.31 -12.69
CA LEU B 803 -6.37 -29.05 -11.41
C LEU B 803 -6.78 -27.70 -10.82
N LEU B 804 -7.19 -26.74 -11.65
CA LEU B 804 -7.63 -25.46 -11.13
C LEU B 804 -9.05 -25.49 -10.59
N LYS B 805 -9.80 -26.56 -10.84
CA LYS B 805 -11.14 -26.67 -10.26
C LYS B 805 -11.09 -26.69 -8.74
N GLN B 806 -10.04 -27.26 -8.16
CA GLN B 806 -9.85 -27.22 -6.71
C GLN B 806 -9.49 -25.84 -6.20
N TYR B 807 -9.09 -24.93 -7.09
CA TYR B 807 -8.82 -23.54 -6.76
C TYR B 807 -9.87 -22.63 -7.40
N THR B 808 -11.11 -23.10 -7.44
CA THR B 808 -12.15 -22.38 -8.17
C THR B 808 -12.44 -21.00 -7.58
N SER B 809 -12.22 -20.81 -6.28
CA SER B 809 -12.39 -19.50 -5.66
C SER B 809 -11.09 -18.73 -5.56
N ALA B 810 -9.98 -19.27 -6.07
CA ALA B 810 -8.70 -18.60 -5.96
C ALA B 810 -8.60 -17.39 -6.87
N CYS B 811 -9.05 -17.50 -8.12
CA CYS B 811 -8.97 -16.37 -9.05
C CYS B 811 -10.34 -15.97 -9.60
N LYS B 812 -11.42 -16.56 -9.10
CA LYS B 812 -12.73 -15.98 -9.35
C LYS B 812 -12.85 -14.61 -8.69
N THR B 813 -12.05 -14.38 -7.65
CA THR B 813 -12.03 -13.11 -6.93
C THR B 813 -11.00 -12.13 -7.48
N ILE B 814 -10.36 -12.44 -8.60
CA ILE B 814 -9.38 -11.55 -9.19
C ILE B 814 -9.95 -10.79 -10.38
N GLU B 815 -10.60 -11.52 -11.30
CA GLU B 815 -11.13 -10.87 -12.50
C GLU B 815 -12.15 -9.81 -12.14
N ASP B 816 -13.08 -10.13 -11.24
CA ASP B 816 -14.06 -9.15 -10.78
C ASP B 816 -13.43 -8.04 -9.94
N ALA B 817 -12.43 -8.37 -9.12
CA ALA B 817 -11.73 -7.32 -8.36
C ALA B 817 -11.06 -6.31 -9.27
N LEU B 818 -10.62 -6.73 -10.45
CA LEU B 818 -10.08 -5.80 -11.43
C LEU B 818 -11.15 -5.06 -12.22
N ARG B 819 -12.16 -5.78 -12.72
CA ARG B 819 -13.20 -5.16 -13.54
C ARG B 819 -14.10 -4.23 -12.74
N LEU B 820 -14.18 -4.37 -11.42
CA LEU B 820 -14.96 -3.43 -10.63
C LEU B 820 -14.30 -2.06 -10.56
N SER B 821 -12.99 -2.01 -10.29
CA SER B 821 -12.29 -0.74 -10.31
C SER B 821 -12.20 -0.17 -11.72
N ALA B 822 -12.01 -1.03 -12.72
CA ALA B 822 -12.01 -0.56 -14.10
C ALA B 822 -13.35 0.08 -14.49
N HIS B 823 -14.46 -0.43 -13.96
CA HIS B 823 -15.75 0.18 -14.22
C HIS B 823 -15.96 1.44 -13.39
N LEU B 824 -15.48 1.45 -12.14
CA LEU B 824 -15.63 2.62 -11.29
C LEU B 824 -14.85 3.82 -11.82
N GLU B 825 -13.73 3.58 -12.50
CA GLU B 825 -12.96 4.69 -13.05
C GLU B 825 -13.74 5.46 -14.10
N THR B 826 -14.44 4.75 -15.00
CA THR B 826 -15.14 5.40 -16.08
C THR B 826 -16.37 6.16 -15.61
N ASN B 827 -17.05 5.69 -14.57
CA ASN B 827 -18.20 6.41 -14.05
C ASN B 827 -17.82 7.76 -13.45
N ASP B 828 -16.56 7.94 -13.07
CA ASP B 828 -16.08 9.20 -12.54
C ASP B 828 -15.41 10.08 -13.58
N VAL B 829 -14.61 9.48 -14.47
CA VAL B 829 -13.93 10.28 -15.49
C VAL B 829 -14.92 10.91 -16.45
N SER B 830 -15.95 10.16 -16.82
CA SER B 830 -16.94 10.66 -17.77
C SER B 830 -18.02 11.52 -17.12
N SER B 831 -17.98 11.70 -15.79
CA SER B 831 -18.97 12.52 -15.12
C SER B 831 -18.56 13.99 -15.04
N MET B 832 -17.29 14.30 -15.30
CA MET B 832 -16.84 15.68 -15.23
C MET B 832 -16.69 16.33 -16.60
N LEU B 833 -16.61 15.53 -17.66
CA LEU B 833 -16.39 16.05 -19.01
C LEU B 833 -17.74 16.43 -19.62
N THR B 834 -18.15 17.67 -19.34
CA THR B 834 -19.39 18.20 -19.88
C THR B 834 -19.16 18.72 -21.29
N PHE B 835 -20.14 19.42 -21.84
CA PHE B 835 -20.02 20.01 -23.18
C PHE B 835 -21.06 21.11 -23.32
N ASP B 836 -20.64 22.21 -23.94
CA ASP B 836 -21.54 23.32 -24.24
C ASP B 836 -21.49 23.61 -25.74
N SER B 837 -22.64 23.99 -26.29
CA SER B 837 -22.76 24.24 -27.72
C SER B 837 -22.61 25.71 -28.10
N ASN B 838 -23.21 26.61 -27.33
CA ASN B 838 -23.10 28.03 -27.63
C ASN B 838 -21.68 28.52 -27.40
N ALA B 839 -21.08 28.20 -26.26
CA ALA B 839 -19.72 28.64 -25.99
C ALA B 839 -18.70 27.99 -26.92
N PHE B 840 -19.02 26.83 -27.47
CA PHE B 840 -18.10 26.18 -28.40
C PHE B 840 -17.91 27.00 -29.66
N SER B 841 -18.99 27.57 -30.20
CA SER B 841 -18.92 28.30 -31.46
C SER B 841 -18.12 29.59 -31.37
N LEU B 842 -17.80 30.07 -30.16
CA LEU B 842 -17.08 31.32 -29.97
C LEU B 842 -15.58 31.11 -29.83
N ALA B 843 -15.09 29.89 -30.09
CA ALA B 843 -13.69 29.54 -29.92
C ALA B 843 -12.84 29.89 -31.14
N ASN B 844 -13.32 30.74 -32.03
CA ASN B 844 -12.60 31.07 -33.25
C ASN B 844 -11.58 32.19 -32.99
N VAL B 845 -10.50 32.16 -33.78
CA VAL B 845 -9.42 33.13 -33.61
C VAL B 845 -9.81 34.54 -34.02
N THR B 846 -10.93 34.72 -34.71
CA THR B 846 -11.38 36.06 -35.08
C THR B 846 -12.04 36.82 -33.94
N SER B 847 -12.30 36.16 -32.81
CA SER B 847 -12.97 36.75 -31.67
C SER B 847 -12.04 36.82 -30.46
N PHE B 848 -10.77 37.17 -30.69
CA PHE B 848 -9.82 37.28 -29.58
C PHE B 848 -8.94 38.52 -29.70
N GLY B 849 -9.43 39.60 -30.31
CA GLY B 849 -8.66 40.83 -30.39
C GLY B 849 -7.35 40.64 -31.12
N ASP B 850 -6.29 41.23 -30.57
CA ASP B 850 -4.95 41.16 -31.15
C ASP B 850 -4.02 40.24 -30.35
N TYR B 851 -4.60 39.31 -29.59
CA TYR B 851 -3.81 38.33 -28.82
C TYR B 851 -3.72 37.07 -29.69
N ASN B 852 -2.52 36.79 -30.21
CA ASN B 852 -2.38 35.64 -31.09
C ASN B 852 -2.45 34.35 -30.29
N LEU B 853 -3.66 33.79 -30.19
CA LEU B 853 -3.91 32.58 -29.43
C LEU B 853 -4.17 31.38 -30.34
N SER B 854 -3.66 31.45 -31.58
CA SER B 854 -3.99 30.46 -32.59
C SER B 854 -3.29 29.12 -32.41
N SER B 855 -2.29 29.05 -31.54
CA SER B 855 -1.58 27.80 -31.30
C SER B 855 -2.22 26.95 -30.21
N VAL B 856 -3.37 27.39 -29.68
CA VAL B 856 -4.06 26.67 -28.62
C VAL B 856 -5.44 26.19 -29.07
N LEU B 857 -6.14 26.99 -29.87
CA LEU B 857 -7.50 26.65 -30.28
C LEU B 857 -7.52 25.35 -31.09
N PRO B 858 -8.55 24.54 -30.92
CA PRO B 858 -8.63 23.27 -31.67
C PRO B 858 -8.86 23.49 -33.15
N GLN B 859 -8.43 22.49 -33.93
CA GLN B 859 -8.65 22.46 -35.37
C GLN B 859 -9.94 21.71 -35.66
N ARG B 860 -10.83 22.33 -36.46
CA ARG B 860 -12.16 21.78 -36.65
C ARG B 860 -12.20 20.71 -37.74
N ASN B 861 -11.78 21.07 -38.95
CA ASN B 861 -11.99 20.24 -40.13
C ASN B 861 -10.78 19.35 -40.38
N ILE B 862 -11.01 18.05 -40.34
CA ILE B 862 -10.01 17.05 -40.67
C ILE B 862 -10.48 16.22 -41.86
N ARG B 863 -11.57 16.67 -42.49
CA ARG B 863 -12.21 15.96 -43.61
C ARG B 863 -12.65 14.57 -43.19
N SER B 864 -13.20 14.47 -41.97
CA SER B 864 -13.70 13.22 -41.45
C SER B 864 -14.96 13.51 -40.64
N SER B 865 -15.45 12.50 -39.94
CA SER B 865 -16.66 12.63 -39.12
C SER B 865 -16.28 12.98 -37.68
N ARG B 866 -15.52 14.06 -37.55
CA ARG B 866 -15.06 14.52 -36.25
C ARG B 866 -15.29 16.03 -36.14
N ILE B 867 -15.95 16.44 -35.07
CA ILE B 867 -16.28 17.85 -34.88
C ILE B 867 -15.01 18.67 -34.67
N ALA B 868 -14.09 18.17 -33.84
CA ALA B 868 -12.86 18.89 -33.56
C ALA B 868 -11.77 17.90 -33.22
N GLY B 869 -10.54 18.22 -33.61
CA GLY B 869 -9.39 17.38 -33.37
C GLY B 869 -8.43 17.97 -32.37
N ARG B 870 -7.21 17.45 -32.37
CA ARG B 870 -6.19 17.95 -31.46
C ARG B 870 -5.81 19.38 -31.80
N SER B 871 -5.29 20.09 -30.82
CA SER B 871 -4.86 21.47 -31.00
C SER B 871 -3.51 21.49 -31.71
N ALA B 872 -2.97 22.69 -31.92
CA ALA B 872 -1.65 22.83 -32.53
C ALA B 872 -0.53 22.58 -31.55
N LEU B 873 -0.83 22.45 -30.26
CA LEU B 873 0.18 22.21 -29.24
C LEU B 873 0.21 20.77 -28.74
N GLU B 874 -0.95 20.09 -28.72
CA GLU B 874 -0.99 18.71 -28.27
C GLU B 874 -0.18 17.78 -29.17
N ASP B 875 -0.14 18.08 -30.48
CA ASP B 875 0.63 17.25 -31.39
C ASP B 875 2.11 17.28 -31.05
N LEU B 876 2.62 18.45 -30.66
CA LEU B 876 4.01 18.55 -30.23
C LEU B 876 4.28 17.77 -28.96
N LEU B 877 3.30 17.68 -28.05
CA LEU B 877 3.48 16.90 -26.84
C LEU B 877 3.47 15.40 -27.12
N PHE B 878 2.50 14.95 -27.92
CA PHE B 878 2.42 13.53 -28.25
C PHE B 878 3.58 13.06 -29.10
N SER B 879 4.22 13.94 -29.86
CA SER B 879 5.39 13.55 -30.65
C SER B 879 6.59 13.22 -29.78
N LYS B 880 6.53 13.53 -28.48
CA LYS B 880 7.70 13.39 -27.62
C LYS B 880 7.78 12.01 -27.00
N VAL B 881 6.77 11.61 -26.24
CA VAL B 881 6.87 10.49 -25.31
C VAL B 881 5.97 9.33 -25.71
N VAL B 882 4.69 9.60 -25.97
CA VAL B 882 3.71 8.53 -26.11
C VAL B 882 4.06 7.60 -27.27
N THR B 883 4.78 8.09 -28.28
CA THR B 883 5.22 7.23 -29.37
C THR B 883 6.24 6.19 -28.93
N SER B 884 6.81 6.33 -27.73
CA SER B 884 7.81 5.41 -27.22
C SER B 884 7.26 4.46 -26.15
N GLY B 885 5.98 4.60 -25.78
CA GLY B 885 5.41 3.66 -24.84
C GLY B 885 5.32 2.25 -25.39
N LEU B 886 4.81 2.12 -26.63
CA LEU B 886 4.87 0.90 -27.41
C LEU B 886 4.03 -0.24 -26.84
N GLY B 887 3.44 -0.05 -25.67
CA GLY B 887 2.71 -1.15 -25.05
C GLY B 887 1.47 -0.78 -24.26
N THR B 888 1.05 0.48 -24.34
CA THR B 888 -0.08 0.95 -23.52
C THR B 888 -1.06 1.85 -24.25
N VAL B 889 -0.86 2.15 -25.53
CA VAL B 889 -1.68 3.13 -26.23
C VAL B 889 -2.19 2.54 -27.54
N ASP B 890 -3.49 2.71 -27.77
CA ASP B 890 -4.17 2.45 -29.05
C ASP B 890 -3.62 1.23 -29.78
N VAL B 891 -3.50 0.13 -29.05
CA VAL B 891 -3.10 -1.13 -29.66
C VAL B 891 -4.32 -1.79 -30.29
N ASP B 892 -4.11 -2.41 -31.45
CA ASP B 892 -5.18 -3.11 -32.16
C ASP B 892 -4.89 -4.60 -32.16
N TYR B 893 -5.87 -5.38 -31.72
CA TYR B 893 -5.73 -6.83 -31.61
C TYR B 893 -6.16 -7.56 -32.87
N LYS B 894 -6.56 -6.82 -33.92
CA LYS B 894 -6.94 -7.46 -35.16
C LYS B 894 -5.75 -8.03 -35.92
N SER B 895 -4.53 -7.64 -35.56
CA SER B 895 -3.33 -8.08 -36.27
C SER B 895 -2.51 -9.11 -35.51
N CYS B 896 -2.79 -9.33 -34.23
CA CYS B 896 -2.02 -10.29 -33.44
C CYS B 896 -2.50 -11.72 -33.61
N THR B 897 -3.26 -12.00 -34.67
CA THR B 897 -3.80 -13.35 -34.88
C THR B 897 -3.69 -13.77 -36.35
N LYS B 898 -2.72 -13.21 -37.07
CA LYS B 898 -2.54 -13.54 -38.48
C LYS B 898 -1.14 -14.02 -38.83
N GLY B 899 -0.17 -13.88 -37.94
CA GLY B 899 1.19 -14.33 -38.25
C GLY B 899 1.86 -13.49 -39.32
N LEU B 900 2.64 -14.14 -40.18
CA LEU B 900 3.33 -13.53 -41.31
C LEU B 900 4.38 -12.51 -40.87
N SER B 901 4.71 -12.44 -39.59
CA SER B 901 5.71 -11.52 -39.08
C SER B 901 6.00 -11.87 -37.63
N ILE B 902 7.19 -11.49 -37.17
CA ILE B 902 7.52 -11.66 -35.76
C ILE B 902 6.62 -10.78 -34.91
N ALA B 903 6.12 -11.34 -33.81
CA ALA B 903 5.15 -10.64 -32.99
C ALA B 903 5.75 -9.38 -32.37
N ASP B 904 4.93 -8.34 -32.28
CA ASP B 904 5.34 -7.10 -31.66
C ASP B 904 5.40 -7.27 -30.14
N LEU B 905 5.77 -6.19 -29.45
CA LEU B 905 5.77 -6.23 -27.98
C LEU B 905 4.36 -6.27 -27.43
N ALA B 906 3.44 -5.49 -28.02
CA ALA B 906 2.06 -5.48 -27.54
C ALA B 906 1.36 -6.80 -27.80
N CYS B 907 1.56 -7.40 -28.97
CA CYS B 907 0.96 -8.70 -29.27
C CYS B 907 1.61 -9.83 -28.49
N ALA B 908 2.86 -9.67 -28.04
CA ALA B 908 3.51 -10.70 -27.27
C ALA B 908 2.91 -10.87 -25.88
N GLN B 909 2.32 -9.81 -25.33
CA GLN B 909 1.64 -9.91 -24.04
C GLN B 909 0.22 -10.42 -24.17
N TYR B 910 -0.43 -10.22 -25.32
CA TYR B 910 -1.78 -10.73 -25.51
C TYR B 910 -1.83 -12.25 -25.48
N TYR B 911 -0.71 -12.93 -25.77
CA TYR B 911 -0.67 -14.38 -25.68
C TYR B 911 -0.63 -14.87 -24.24
N ASN B 912 -0.45 -13.97 -23.26
CA ASN B 912 -0.46 -14.31 -21.85
C ASN B 912 -1.71 -13.78 -21.16
N GLY B 913 -2.67 -13.30 -21.94
CA GLY B 913 -3.96 -12.89 -21.43
C GLY B 913 -4.05 -11.45 -20.97
N ILE B 914 -2.95 -10.72 -20.95
CA ILE B 914 -2.97 -9.33 -20.49
C ILE B 914 -3.52 -8.46 -21.60
N MET B 915 -4.69 -7.87 -21.37
CA MET B 915 -5.36 -7.03 -22.36
C MET B 915 -5.58 -5.64 -21.78
N VAL B 916 -5.49 -4.63 -22.65
CA VAL B 916 -5.63 -3.23 -22.26
C VAL B 916 -6.89 -2.68 -22.90
N LEU B 917 -7.86 -2.30 -22.06
CA LEU B 917 -9.10 -1.74 -22.55
C LEU B 917 -8.91 -0.28 -22.95
N PRO B 918 -9.69 0.20 -23.91
CA PRO B 918 -9.63 1.62 -24.27
C PRO B 918 -10.22 2.50 -23.18
N GLY B 919 -9.78 3.76 -23.18
CA GLY B 919 -10.28 4.73 -22.24
C GLY B 919 -11.44 5.54 -22.78
N VAL B 920 -12.18 6.16 -21.87
CA VAL B 920 -13.32 6.98 -22.27
C VAL B 920 -12.84 8.26 -22.96
N ALA B 921 -11.81 8.90 -22.42
CA ALA B 921 -11.32 10.17 -22.93
C ALA B 921 -10.50 9.92 -24.19
N ASP B 922 -11.16 10.02 -25.34
CA ASP B 922 -10.49 9.88 -26.62
C ASP B 922 -10.02 11.25 -27.10
N ALA B 923 -9.59 11.34 -28.36
CA ALA B 923 -9.10 12.61 -28.89
C ALA B 923 -10.21 13.63 -29.07
N GLU B 924 -11.40 13.19 -29.46
CA GLU B 924 -12.47 14.13 -29.78
C GLU B 924 -13.06 14.77 -28.53
N ARG B 925 -13.33 13.97 -27.50
CA ARG B 925 -14.03 14.51 -26.33
C ARG B 925 -13.16 15.49 -25.56
N MET B 926 -11.84 15.28 -25.53
CA MET B 926 -10.93 16.27 -24.98
C MET B 926 -10.99 17.59 -25.73
N ALA B 927 -11.20 17.56 -27.04
CA ALA B 927 -11.31 18.78 -27.83
C ALA B 927 -12.67 19.44 -27.71
N MET B 928 -13.66 18.74 -27.16
CA MET B 928 -14.96 19.33 -26.90
C MET B 928 -15.09 19.89 -25.49
N TYR B 929 -14.47 19.24 -24.50
CA TYR B 929 -14.45 19.79 -23.15
C TYR B 929 -13.50 20.98 -23.03
N THR B 930 -12.31 20.88 -23.60
CA THR B 930 -11.34 21.98 -23.51
C THR B 930 -11.79 23.18 -24.33
N GLY B 931 -12.29 22.94 -25.54
CA GLY B 931 -12.73 24.05 -26.39
C GLY B 931 -13.91 24.82 -25.83
N SER B 932 -14.68 24.22 -24.93
CA SER B 932 -15.80 24.90 -24.30
C SER B 932 -15.39 25.74 -23.10
N LEU B 933 -14.14 25.63 -22.64
CA LEU B 933 -13.65 26.49 -21.58
C LEU B 933 -12.90 27.71 -22.11
N ILE B 934 -12.12 27.55 -23.17
CA ILE B 934 -11.42 28.69 -23.75
C ILE B 934 -12.41 29.69 -24.33
N GLY B 935 -13.50 29.22 -24.91
CA GLY B 935 -14.50 30.12 -25.48
C GLY B 935 -15.36 30.82 -24.46
N GLY B 936 -15.33 30.38 -23.20
CA GLY B 936 -16.15 30.99 -22.18
C GLY B 936 -15.64 32.30 -21.62
N MET B 937 -14.41 32.68 -21.95
CA MET B 937 -13.86 33.92 -21.42
C MET B 937 -14.49 35.13 -22.10
N VAL B 938 -14.68 35.06 -23.42
CA VAL B 938 -15.26 36.17 -24.16
C VAL B 938 -16.77 36.25 -24.02
N LEU B 939 -17.40 35.25 -23.43
CA LEU B 939 -18.85 35.22 -23.26
C LEU B 939 -19.21 36.10 -22.06
N GLY B 940 -19.44 37.38 -22.32
CA GLY B 940 -19.81 38.31 -21.29
C GLY B 940 -21.26 38.16 -20.88
N GLY B 941 -21.66 38.98 -19.91
CA GLY B 941 -23.01 38.93 -19.39
C GLY B 941 -24.01 39.73 -20.21
N LEU B 942 -23.91 39.61 -21.53
CA LEU B 942 -24.81 40.28 -22.44
C LEU B 942 -26.05 39.41 -22.66
N THR B 943 -26.84 39.73 -23.68
CA THR B 943 -28.05 38.97 -23.99
C THR B 943 -27.69 37.67 -24.69
N SER B 944 -28.69 37.01 -25.27
CA SER B 944 -28.65 35.58 -25.62
C SER B 944 -27.29 35.07 -26.08
N ALA B 945 -26.75 35.64 -27.16
CA ALA B 945 -25.53 35.08 -27.73
C ALA B 945 -24.54 36.16 -28.14
N ALA B 946 -24.60 37.33 -27.52
CA ALA B 946 -23.65 38.39 -27.84
C ALA B 946 -22.29 38.06 -27.23
N ALA B 947 -21.25 38.52 -27.91
CA ALA B 947 -19.87 38.31 -27.47
C ALA B 947 -19.17 39.66 -27.38
N ILE B 948 -18.68 40.00 -26.20
CA ILE B 948 -17.95 41.24 -25.97
C ILE B 948 -16.53 41.09 -26.51
N PRO B 949 -15.89 42.17 -26.95
CA PRO B 949 -14.50 42.06 -27.40
C PRO B 949 -13.58 41.63 -26.27
N PHE B 950 -12.55 40.87 -26.63
CA PHE B 950 -11.61 40.37 -25.65
C PHE B 950 -10.79 41.46 -24.98
N SER B 951 -10.60 42.61 -25.65
CA SER B 951 -9.93 43.73 -25.01
C SER B 951 -10.73 44.28 -23.83
N LEU B 952 -12.03 44.02 -23.78
CA LEU B 952 -12.87 44.45 -22.68
C LEU B 952 -13.04 43.37 -21.62
N ALA B 953 -12.81 42.11 -21.95
CA ALA B 953 -12.90 41.03 -20.97
C ALA B 953 -11.76 41.05 -19.97
N LEU B 954 -10.70 41.81 -20.24
CA LEU B 954 -9.62 41.99 -19.28
C LEU B 954 -9.82 43.20 -18.38
N GLN B 955 -10.56 44.21 -18.84
CA GLN B 955 -10.84 45.36 -17.99
C GLN B 955 -11.68 44.96 -16.79
N ALA B 956 -12.58 43.99 -16.95
CA ALA B 956 -13.35 43.48 -15.83
C ALA B 956 -12.55 42.60 -14.91
N ARG B 957 -11.42 42.05 -15.37
CA ARG B 957 -10.56 41.24 -14.53
C ARG B 957 -9.42 42.03 -13.89
N LEU B 958 -9.28 43.30 -14.23
CA LEU B 958 -8.32 44.16 -13.57
C LEU B 958 -8.96 45.06 -12.51
N ASN B 959 -10.23 45.39 -12.66
CA ASN B 959 -10.93 46.14 -11.62
C ASN B 959 -11.04 45.34 -10.33
N TYR B 960 -10.97 44.02 -10.41
CA TYR B 960 -10.94 43.20 -9.20
C TYR B 960 -9.72 43.50 -8.35
N VAL B 961 -8.58 43.78 -8.99
CA VAL B 961 -7.36 44.10 -8.24
C VAL B 961 -7.44 45.52 -7.68
N ALA B 962 -7.60 46.50 -8.54
CA ALA B 962 -7.75 47.89 -8.13
C ALA B 962 -8.48 48.65 -9.22
N LEU B 963 -9.25 49.65 -8.80
CA LEU B 963 -10.07 50.41 -9.74
C LEU B 963 -9.18 51.20 -10.69
N GLN B 964 -9.36 51.01 -11.99
CA GLN B 964 -8.55 51.70 -12.99
C GLN B 964 -9.03 53.13 -13.15
N THR B 965 -8.16 54.08 -12.85
CA THR B 965 -8.48 55.51 -12.93
C THR B 965 -7.78 56.17 -14.10
N ASP B 966 -7.62 55.45 -15.20
CA ASP B 966 -7.03 55.98 -16.42
C ASP B 966 -8.04 55.79 -17.55
N VAL B 967 -8.47 56.91 -18.15
CA VAL B 967 -9.46 56.86 -19.20
C VAL B 967 -8.95 56.12 -20.43
N LEU B 968 -7.73 56.40 -20.86
CA LEU B 968 -7.14 55.76 -22.03
C LEU B 968 -6.38 54.51 -21.60
N GLN B 969 -6.56 53.42 -22.35
CA GLN B 969 -5.93 52.14 -22.03
C GLN B 969 -4.55 52.11 -22.67
N GLU B 970 -3.52 52.25 -21.85
CA GLU B 970 -2.15 52.11 -22.31
C GLU B 970 -1.52 50.78 -21.93
N ASN B 971 -2.05 50.11 -20.90
CA ASN B 971 -1.49 48.83 -20.48
C ASN B 971 -1.65 47.76 -21.55
N GLN B 972 -2.81 47.72 -22.20
CA GLN B 972 -3.09 46.71 -23.21
C GLN B 972 -2.20 46.82 -24.44
N LYS B 973 -1.54 47.95 -24.65
CA LYS B 973 -0.63 48.08 -25.77
C LYS B 973 0.68 47.33 -25.50
N ILE B 974 1.09 47.25 -24.24
CA ILE B 974 2.33 46.57 -23.90
C ILE B 974 2.06 45.11 -23.51
N LEU B 975 0.89 44.83 -22.93
CA LEU B 975 0.60 43.46 -22.50
C LEU B 975 0.52 42.50 -23.66
N ALA B 976 -0.09 42.91 -24.77
CA ALA B 976 -0.17 42.04 -25.95
C ALA B 976 1.22 41.72 -26.49
N ALA B 977 2.08 42.74 -26.58
CA ALA B 977 3.44 42.53 -27.07
C ALA B 977 4.26 41.65 -26.15
N SER B 978 4.06 41.75 -24.84
CA SER B 978 4.79 40.90 -23.91
C SER B 978 4.19 39.51 -23.76
N PHE B 979 2.96 39.31 -24.22
CA PHE B 979 2.32 37.99 -24.16
C PHE B 979 2.59 37.18 -25.42
N ASN B 980 2.62 37.84 -26.58
CA ASN B 980 2.86 37.14 -27.84
C ASN B 980 4.24 36.50 -27.86
N LYS B 981 5.25 37.20 -27.36
CA LYS B 981 6.59 36.62 -27.25
C LYS B 981 6.65 35.46 -26.26
N ALA B 982 5.93 35.57 -25.15
CA ALA B 982 5.89 34.48 -24.17
C ALA B 982 5.29 33.21 -24.75
N ILE B 983 4.23 33.34 -25.55
CA ILE B 983 3.65 32.16 -26.19
C ILE B 983 4.66 31.51 -27.14
N ASN B 984 5.35 32.33 -27.94
CA ASN B 984 6.31 31.80 -28.89
C ASN B 984 7.48 31.11 -28.18
N ASN B 985 7.94 31.66 -27.06
CA ASN B 985 9.01 31.01 -26.32
C ASN B 985 8.61 29.63 -25.82
N ILE B 986 7.38 29.47 -25.33
CA ILE B 986 6.93 28.17 -24.84
C ILE B 986 6.79 27.18 -26.00
N VAL B 987 6.19 27.61 -27.11
CA VAL B 987 6.04 26.69 -28.22
C VAL B 987 7.39 26.33 -28.83
N ALA B 988 8.38 27.20 -28.73
CA ALA B 988 9.73 26.83 -29.17
C ALA B 988 10.41 25.91 -28.17
N SER B 989 10.15 26.10 -26.86
CA SER B 989 10.73 25.23 -25.84
C SER B 989 10.20 23.82 -25.92
N PHE B 990 8.94 23.63 -26.30
CA PHE B 990 8.44 22.27 -26.55
C PHE B 990 9.06 21.62 -27.77
N SER B 991 9.80 22.37 -28.60
CA SER B 991 10.35 21.82 -29.83
C SER B 991 11.70 21.15 -29.63
N SER B 992 12.04 20.81 -28.39
CA SER B 992 13.25 20.08 -27.99
C SER B 992 14.53 20.90 -28.17
N VAL B 993 14.45 22.12 -28.70
CA VAL B 993 15.61 23.00 -28.78
C VAL B 993 15.79 23.62 -27.40
N ASN B 994 16.67 23.03 -26.59
CA ASN B 994 16.74 23.33 -25.17
C ASN B 994 17.87 24.31 -24.83
N ASP B 995 19.11 23.95 -25.14
CA ASP B 995 20.26 24.73 -24.68
C ASP B 995 20.40 26.07 -25.36
N ALA B 996 19.80 26.25 -26.54
CA ALA B 996 19.92 27.53 -27.24
C ALA B 996 19.10 28.62 -26.57
N ILE B 997 18.02 28.25 -25.87
CA ILE B 997 17.13 29.21 -25.24
C ILE B 997 17.25 29.18 -23.72
N THR B 998 18.20 28.42 -23.18
CA THR B 998 18.42 28.43 -21.73
C THR B 998 18.97 29.77 -21.25
N GLN B 999 19.61 30.54 -22.14
CA GLN B 999 20.13 31.85 -21.77
C GLN B 999 19.05 32.92 -21.76
N THR B 1000 17.89 32.65 -22.35
CA THR B 1000 16.86 33.67 -22.52
C THR B 1000 16.26 34.10 -21.18
N ALA B 1001 15.63 33.18 -20.47
CA ALA B 1001 14.94 33.51 -19.23
C ALA B 1001 14.81 32.23 -18.40
N GLU B 1002 13.95 32.30 -17.37
CA GLU B 1002 13.73 31.18 -16.46
C GLU B 1002 12.44 30.43 -16.79
N ALA B 1003 11.85 30.67 -17.95
CA ALA B 1003 10.67 29.90 -18.36
C ALA B 1003 11.01 28.43 -18.59
N ILE B 1004 12.29 28.12 -18.82
CA ILE B 1004 12.70 26.72 -18.95
C ILE B 1004 12.57 25.97 -17.63
N HIS B 1005 12.76 26.67 -16.50
CA HIS B 1005 12.77 26.03 -15.19
C HIS B 1005 11.47 25.29 -14.89
N THR B 1006 10.35 25.69 -15.49
CA THR B 1006 9.09 25.01 -15.26
C THR B 1006 8.80 23.96 -16.33
N VAL B 1007 9.12 24.25 -17.58
CA VAL B 1007 8.87 23.30 -18.66
C VAL B 1007 9.72 22.03 -18.51
N THR B 1008 10.95 22.13 -18.01
CA THR B 1008 11.73 20.92 -17.79
C THR B 1008 11.08 19.98 -16.78
N ILE B 1009 10.59 20.51 -15.66
CA ILE B 1009 9.89 19.68 -14.69
C ILE B 1009 8.61 19.12 -15.28
N ALA B 1010 7.86 19.93 -16.04
CA ALA B 1010 6.65 19.43 -16.67
C ALA B 1010 6.92 18.30 -17.65
N LEU B 1011 8.04 18.34 -18.37
CA LEU B 1011 8.39 17.25 -19.27
C LEU B 1011 8.87 16.02 -18.53
N ASN B 1012 9.67 16.20 -17.48
CA ASN B 1012 10.14 15.07 -16.69
C ASN B 1012 8.99 14.31 -16.03
N LYS B 1013 7.98 15.02 -15.52
CA LYS B 1013 6.83 14.34 -14.93
C LYS B 1013 6.10 13.47 -15.95
N ILE B 1014 5.90 14.00 -17.17
CA ILE B 1014 5.23 13.24 -18.21
C ILE B 1014 6.04 12.01 -18.60
N GLN B 1015 7.37 12.16 -18.71
CA GLN B 1015 8.19 10.99 -19.02
C GLN B 1015 8.11 9.92 -17.93
N ASP B 1016 8.16 10.35 -16.67
CA ASP B 1016 8.13 9.40 -15.56
C ASP B 1016 6.80 8.66 -15.48
N VAL B 1017 5.68 9.35 -15.72
CA VAL B 1017 4.39 8.68 -15.59
C VAL B 1017 4.21 7.58 -16.63
N VAL B 1018 4.96 7.64 -17.74
CA VAL B 1018 4.90 6.57 -18.74
C VAL B 1018 5.91 5.47 -18.42
N ASN B 1019 7.13 5.84 -18.02
CA ASN B 1019 8.11 4.83 -17.66
C ASN B 1019 7.65 3.95 -16.52
N GLN B 1020 7.05 4.54 -15.48
CA GLN B 1020 6.55 3.74 -14.37
C GLN B 1020 5.43 2.79 -14.79
N GLN B 1021 4.54 3.24 -15.68
CA GLN B 1021 3.50 2.36 -16.17
C GLN B 1021 4.07 1.19 -16.96
N GLY B 1022 5.09 1.44 -17.79
CA GLY B 1022 5.69 0.37 -18.55
C GLY B 1022 6.40 -0.67 -17.70
N SER B 1023 7.17 -0.20 -16.71
CA SER B 1023 7.95 -1.11 -15.88
C SER B 1023 7.09 -2.09 -15.10
N ALA B 1024 5.88 -1.71 -14.69
CA ALA B 1024 5.04 -2.61 -13.92
C ALA B 1024 4.67 -3.86 -14.70
N LEU B 1025 4.25 -3.69 -15.96
CA LEU B 1025 3.93 -4.86 -16.79
C LEU B 1025 5.20 -5.61 -17.20
N ASN B 1026 6.29 -4.87 -17.46
CA ASN B 1026 7.54 -5.55 -17.79
C ASN B 1026 8.01 -6.45 -16.65
N HIS B 1027 7.74 -6.08 -15.40
CA HIS B 1027 8.09 -6.95 -14.29
C HIS B 1027 7.11 -8.12 -14.13
N LEU B 1028 5.83 -7.92 -14.42
CA LEU B 1028 4.86 -9.00 -14.26
C LEU B 1028 5.08 -10.10 -15.28
N THR B 1029 5.28 -9.73 -16.56
CA THR B 1029 5.44 -10.75 -17.58
C THR B 1029 6.75 -11.51 -17.48
N SER B 1030 7.68 -11.06 -16.64
CA SER B 1030 9.00 -11.67 -16.56
C SER B 1030 9.12 -12.73 -15.46
N GLN B 1031 8.06 -12.99 -14.70
CA GLN B 1031 8.11 -13.96 -13.63
C GLN B 1031 7.63 -15.35 -14.06
N LEU B 1032 7.30 -15.53 -15.34
CA LEU B 1032 7.01 -16.85 -15.84
C LEU B 1032 8.26 -17.65 -16.17
N ARG B 1033 9.42 -16.98 -16.25
CA ARG B 1033 10.66 -17.69 -16.54
C ARG B 1033 11.13 -18.50 -15.35
N HIS B 1034 10.92 -18.00 -14.13
CA HIS B 1034 11.46 -18.63 -12.93
C HIS B 1034 10.69 -19.92 -12.66
N ASN B 1035 11.32 -21.05 -12.96
CA ASN B 1035 10.75 -22.32 -12.55
C ASN B 1035 10.89 -22.49 -11.05
N PHE B 1036 9.81 -22.91 -10.40
CA PHE B 1036 9.84 -23.17 -8.97
C PHE B 1036 10.47 -24.55 -8.76
N GLN B 1037 10.33 -25.11 -7.57
CA GLN B 1037 11.03 -26.35 -7.26
C GLN B 1037 10.41 -27.50 -8.04
N ALA B 1038 10.58 -27.47 -9.35
CA ALA B 1038 10.01 -28.46 -10.24
C ALA B 1038 11.07 -28.84 -11.27
N ILE B 1039 10.67 -29.57 -12.30
CA ILE B 1039 11.61 -30.01 -13.33
C ILE B 1039 11.92 -28.88 -14.29
N SER B 1040 10.89 -28.24 -14.83
CA SER B 1040 11.08 -27.17 -15.80
C SER B 1040 9.93 -26.18 -15.68
N ASN B 1041 10.07 -25.06 -16.38
CA ASN B 1041 9.10 -23.97 -16.33
C ASN B 1041 8.00 -24.09 -17.37
N SER B 1042 8.03 -25.14 -18.20
CA SER B 1042 7.01 -25.35 -19.22
C SER B 1042 6.25 -26.63 -18.91
N ILE B 1043 4.93 -26.52 -18.81
CA ILE B 1043 4.10 -27.65 -18.40
C ILE B 1043 4.07 -28.75 -19.45
N GLN B 1044 4.16 -28.41 -20.73
CA GLN B 1044 4.20 -29.44 -21.77
C GLN B 1044 5.38 -30.38 -21.57
N ALA B 1045 6.55 -29.84 -21.22
CA ALA B 1045 7.70 -30.69 -20.91
C ALA B 1045 7.45 -31.59 -19.71
N ILE B 1046 6.78 -31.09 -18.68
CA ILE B 1046 6.50 -31.93 -17.51
C ILE B 1046 5.57 -33.08 -17.89
N TYR B 1047 4.54 -32.82 -18.68
CA TYR B 1047 3.63 -33.89 -19.07
C TYR B 1047 4.21 -34.79 -20.14
N ASP B 1048 5.25 -34.36 -20.84
CA ASP B 1048 5.89 -35.19 -21.85
C ASP B 1048 6.86 -36.21 -21.26
N ARG B 1049 7.37 -35.96 -20.06
CA ARG B 1049 8.35 -36.85 -19.43
C ARG B 1049 7.70 -37.81 -18.47
N LEU B 1050 6.99 -37.31 -17.47
CA LEU B 1050 6.35 -38.17 -16.49
C LEU B 1050 4.94 -38.53 -16.92
N ASP B 1051 4.40 -39.56 -16.30
CA ASP B 1051 3.02 -39.95 -16.55
C ASP B 1051 2.09 -39.04 -15.73
N SER B 1052 0.82 -39.42 -15.64
CA SER B 1052 -0.19 -38.56 -15.06
C SER B 1052 -0.07 -38.44 -13.54
N ILE B 1053 0.36 -39.50 -12.86
CA ILE B 1053 0.18 -39.58 -11.42
C ILE B 1053 1.30 -38.98 -10.58
N GLN B 1054 2.47 -38.74 -11.16
CA GLN B 1054 3.50 -37.90 -10.53
C GLN B 1054 3.64 -36.52 -11.14
N ALA B 1055 2.91 -36.20 -12.20
CA ALA B 1055 3.03 -34.85 -12.75
C ALA B 1055 2.12 -33.86 -12.02
N ASP B 1056 1.13 -34.35 -11.30
CA ASP B 1056 0.27 -33.47 -10.51
C ASP B 1056 0.97 -32.90 -9.30
N GLN B 1057 1.94 -33.63 -8.71
CA GLN B 1057 2.73 -33.07 -7.64
C GLN B 1057 3.75 -32.06 -8.13
N GLN B 1058 3.96 -31.97 -9.44
CA GLN B 1058 4.85 -30.97 -10.01
C GLN B 1058 4.11 -29.75 -10.54
N VAL B 1059 2.96 -29.93 -11.17
CA VAL B 1059 2.24 -28.81 -11.78
C VAL B 1059 1.77 -27.82 -10.72
N ASP B 1060 1.27 -28.32 -9.59
CA ASP B 1060 0.78 -27.45 -8.54
C ASP B 1060 1.86 -26.55 -7.95
N ARG B 1061 3.12 -26.99 -7.98
CA ARG B 1061 4.20 -26.14 -7.49
C ARG B 1061 4.35 -24.87 -8.31
N LEU B 1062 4.14 -24.95 -9.63
CA LEU B 1062 4.09 -23.76 -10.47
C LEU B 1062 2.78 -22.98 -10.28
N ILE B 1063 1.67 -23.70 -10.14
CA ILE B 1063 0.37 -23.04 -10.01
C ILE B 1063 0.34 -22.14 -8.79
N THR B 1064 0.80 -22.65 -7.65
CA THR B 1064 0.78 -21.86 -6.42
C THR B 1064 1.67 -20.63 -6.51
N GLY B 1065 2.85 -20.75 -7.12
CA GLY B 1065 3.69 -19.58 -7.28
C GLY B 1065 3.08 -18.52 -8.17
N ARG B 1066 2.48 -18.95 -9.29
CA ARG B 1066 1.91 -17.97 -10.21
C ARG B 1066 0.67 -17.29 -9.62
N LEU B 1067 -0.13 -18.00 -8.83
CA LEU B 1067 -1.26 -17.35 -8.18
C LEU B 1067 -0.81 -16.26 -7.21
N ALA B 1068 0.22 -16.54 -6.41
CA ALA B 1068 0.78 -15.54 -5.52
C ALA B 1068 1.41 -14.38 -6.28
N ALA B 1069 1.98 -14.65 -7.46
CA ALA B 1069 2.46 -13.57 -8.30
C ALA B 1069 1.34 -12.67 -8.80
N LEU B 1070 0.19 -13.24 -9.18
CA LEU B 1070 -0.95 -12.43 -9.60
C LEU B 1070 -1.52 -11.60 -8.45
N ASN B 1071 -1.59 -12.18 -7.25
CA ASN B 1071 -2.19 -11.45 -6.13
C ASN B 1071 -1.41 -10.19 -5.80
N ALA B 1072 -0.07 -10.26 -5.80
CA ALA B 1072 0.73 -9.08 -5.49
C ALA B 1072 0.59 -7.99 -6.55
N PHE B 1073 0.34 -8.37 -7.80
CA PHE B 1073 0.09 -7.39 -8.86
C PHE B 1073 -1.26 -6.72 -8.71
N VAL B 1074 -2.29 -7.50 -8.34
CA VAL B 1074 -3.60 -6.91 -8.10
C VAL B 1074 -3.53 -5.93 -6.94
N SER B 1075 -2.85 -6.33 -5.86
CA SER B 1075 -2.73 -5.46 -4.69
C SER B 1075 -1.95 -4.18 -4.99
N GLN B 1076 -1.13 -4.17 -6.05
CA GLN B 1076 -0.44 -2.96 -6.45
C GLN B 1076 -1.29 -2.08 -7.37
N VAL B 1077 -2.02 -2.69 -8.30
CA VAL B 1077 -2.90 -1.91 -9.16
C VAL B 1077 -3.98 -1.21 -8.36
N LEU B 1078 -4.54 -1.89 -7.36
CA LEU B 1078 -5.56 -1.26 -6.52
C LEU B 1078 -5.01 -0.08 -5.74
N ASN B 1079 -3.77 -0.18 -5.24
CA ASN B 1079 -3.16 0.98 -4.60
C ASN B 1079 -2.87 2.09 -5.59
N LYS B 1080 -2.50 1.75 -6.82
CA LYS B 1080 -2.24 2.77 -7.83
C LYS B 1080 -3.48 3.57 -8.19
N TYR B 1081 -4.64 2.91 -8.29
CA TYR B 1081 -5.86 3.67 -8.61
C TYR B 1081 -6.22 4.69 -7.54
N THR B 1082 -5.78 4.49 -6.30
CA THR B 1082 -6.21 5.39 -5.23
C THR B 1082 -5.55 6.76 -5.31
N GLU B 1083 -4.32 6.84 -5.81
CA GLU B 1083 -3.65 8.13 -5.93
C GLU B 1083 -4.32 9.03 -6.96
N VAL B 1084 -4.84 8.46 -8.04
CA VAL B 1084 -5.44 9.27 -9.09
C VAL B 1084 -6.70 9.96 -8.60
N ARG B 1085 -7.48 9.32 -7.73
CA ARG B 1085 -8.66 9.97 -7.18
C ARG B 1085 -8.28 11.19 -6.35
N GLY B 1086 -7.22 11.08 -5.55
CA GLY B 1086 -6.73 12.23 -4.82
C GLY B 1086 -6.15 13.31 -5.72
N SER B 1087 -5.58 12.93 -6.87
CA SER B 1087 -5.05 13.89 -7.81
C SER B 1087 -6.12 14.60 -8.61
N ARG B 1088 -7.28 13.98 -8.82
CA ARG B 1088 -8.36 14.60 -9.58
C ARG B 1088 -9.07 15.71 -8.83
N ARG B 1089 -9.13 15.63 -7.49
CA ARG B 1089 -9.77 16.69 -6.72
C ARG B 1089 -9.05 18.01 -6.91
N LEU B 1090 -7.72 17.99 -6.93
CA LEU B 1090 -6.96 19.21 -7.15
C LEU B 1090 -7.23 19.80 -8.52
N ALA B 1091 -7.30 18.95 -9.55
CA ALA B 1091 -7.61 19.44 -10.89
C ALA B 1091 -8.99 20.06 -10.96
N GLN B 1092 -10.00 19.41 -10.36
CA GLN B 1092 -11.33 20.00 -10.31
C GLN B 1092 -11.35 21.31 -9.56
N GLN B 1093 -10.66 21.40 -8.43
CA GLN B 1093 -10.60 22.65 -7.67
C GLN B 1093 -9.98 23.77 -8.50
N LYS B 1094 -8.87 23.48 -9.17
CA LYS B 1094 -8.22 24.50 -9.99
C LYS B 1094 -9.09 24.93 -11.16
N ILE B 1095 -9.77 23.99 -11.83
CA ILE B 1095 -10.69 24.37 -12.90
C ILE B 1095 -11.81 25.25 -12.37
N ASN B 1096 -12.36 24.91 -11.20
CA ASN B 1096 -13.44 25.68 -10.62
C ASN B 1096 -13.01 27.07 -10.15
N GLU B 1097 -11.74 27.23 -9.76
CA GLU B 1097 -11.31 28.48 -9.14
C GLU B 1097 -10.53 29.41 -10.04
N CYS B 1098 -9.58 28.91 -10.83
CA CYS B 1098 -8.75 29.79 -11.65
C CYS B 1098 -9.26 29.97 -13.07
N VAL B 1099 -10.12 29.07 -13.56
CA VAL B 1099 -10.59 29.19 -14.92
C VAL B 1099 -11.89 29.97 -15.02
N LYS B 1100 -12.70 29.98 -13.96
CA LYS B 1100 -14.01 30.60 -14.01
C LYS B 1100 -14.21 31.72 -13.00
N SER B 1101 -13.31 31.89 -12.03
CA SER B 1101 -13.59 32.82 -10.94
C SER B 1101 -12.47 33.80 -10.61
N GLN B 1102 -11.24 33.61 -11.10
CA GLN B 1102 -10.12 34.51 -10.83
C GLN B 1102 -9.88 34.64 -9.33
N SER B 1103 -9.47 33.53 -8.73
CA SER B 1103 -9.21 33.47 -7.30
C SER B 1103 -8.08 34.42 -6.92
N ASN B 1104 -8.08 34.83 -5.65
CA ASN B 1104 -7.15 35.82 -5.14
C ASN B 1104 -6.26 35.29 -4.02
N ARG B 1105 -6.22 33.97 -3.81
CA ARG B 1105 -5.37 33.41 -2.77
C ARG B 1105 -3.92 33.43 -3.21
N TYR B 1106 -3.05 33.94 -2.35
CA TYR B 1106 -1.63 34.02 -2.67
C TYR B 1106 -1.01 32.64 -2.75
N GLY B 1107 -0.01 32.50 -3.62
CA GLY B 1107 0.70 31.25 -3.77
C GLY B 1107 -0.08 30.16 -4.47
N PHE B 1108 -1.30 30.47 -4.92
CA PHE B 1108 -2.14 29.54 -5.63
C PHE B 1108 -1.78 29.80 -7.10
N CYS B 1109 -2.62 29.46 -8.08
CA CYS B 1109 -2.20 29.53 -9.49
C CYS B 1109 -1.33 30.74 -9.80
N GLY B 1110 -0.08 30.52 -10.22
CA GLY B 1110 0.87 31.58 -10.49
C GLY B 1110 1.39 32.23 -9.22
N ASN B 1111 2.67 32.61 -9.16
CA ASN B 1111 3.19 33.11 -7.89
C ASN B 1111 2.89 34.59 -7.70
N GLY B 1112 2.32 35.25 -8.71
CA GLY B 1112 2.05 36.67 -8.63
C GLY B 1112 0.58 36.99 -8.59
N THR B 1113 0.14 37.94 -9.40
CA THR B 1113 -1.25 38.37 -9.46
C THR B 1113 -1.92 37.67 -10.65
N HIS B 1114 -2.92 36.86 -10.37
CA HIS B 1114 -3.57 36.08 -11.40
C HIS B 1114 -4.45 36.94 -12.30
N ILE B 1115 -4.55 36.54 -13.57
CA ILE B 1115 -5.43 37.22 -14.52
C ILE B 1115 -6.42 36.22 -15.11
N PHE B 1116 -5.90 35.21 -15.81
CA PHE B 1116 -6.74 34.14 -16.34
C PHE B 1116 -5.86 32.91 -16.54
N SER B 1117 -6.46 31.84 -17.07
CA SER B 1117 -5.74 30.60 -17.31
C SER B 1117 -6.32 29.90 -18.52
N ILE B 1118 -5.50 29.04 -19.14
CA ILE B 1118 -5.89 28.29 -20.32
C ILE B 1118 -5.56 26.82 -20.08
N VAL B 1119 -6.42 25.93 -20.57
CA VAL B 1119 -6.30 24.50 -20.35
C VAL B 1119 -6.04 23.81 -21.68
N ASN B 1120 -5.19 22.78 -21.65
CA ASN B 1120 -4.95 21.92 -22.80
C ASN B 1120 -4.70 20.50 -22.32
N SER B 1121 -4.90 19.55 -23.21
CA SER B 1121 -4.76 18.15 -22.87
C SER B 1121 -3.32 17.68 -23.04
N ALA B 1122 -3.05 16.47 -22.56
CA ALA B 1122 -1.72 15.88 -22.52
C ALA B 1122 -1.89 14.37 -22.34
N PRO B 1123 -0.81 13.57 -22.35
CA PRO B 1123 -0.98 12.14 -22.07
C PRO B 1123 -1.65 11.88 -20.74
N ASP B 1124 -2.87 11.35 -20.78
CA ASP B 1124 -3.72 11.06 -19.63
C ASP B 1124 -3.58 12.11 -18.52
N GLY B 1125 -3.77 13.37 -18.91
CA GLY B 1125 -3.65 14.46 -17.97
C GLY B 1125 -4.00 15.78 -18.61
N LEU B 1126 -3.84 16.84 -17.82
CA LEU B 1126 -4.11 18.20 -18.24
C LEU B 1126 -2.88 19.07 -18.05
N LEU B 1127 -2.81 20.13 -18.85
CA LEU B 1127 -1.68 21.07 -18.79
C LEU B 1127 -2.25 22.48 -18.73
N PHE B 1128 -1.96 23.20 -17.64
CA PHE B 1128 -2.50 24.53 -17.44
C PHE B 1128 -1.54 25.58 -17.99
N LEU B 1129 -2.09 26.79 -18.21
CA LEU B 1129 -1.32 27.92 -18.73
C LEU B 1129 -1.73 29.16 -17.92
N HIS B 1130 -1.02 29.40 -16.83
CA HIS B 1130 -1.31 30.57 -16.01
C HIS B 1130 -0.77 31.83 -16.68
N THR B 1131 -1.36 32.97 -16.32
CA THR B 1131 -0.95 34.26 -16.85
C THR B 1131 -0.95 35.26 -15.71
N VAL B 1132 0.24 35.74 -15.32
CA VAL B 1132 0.38 36.61 -14.16
C VAL B 1132 0.99 37.93 -14.57
N LEU B 1133 1.14 38.85 -13.63
CA LEU B 1133 1.78 40.14 -13.84
C LEU B 1133 3.05 40.24 -13.03
N LEU B 1134 3.98 41.08 -13.49
CA LEU B 1134 5.24 41.28 -12.81
C LEU B 1134 5.62 42.75 -12.87
N PRO B 1135 5.93 43.36 -11.73
CA PRO B 1135 6.33 44.77 -11.74
C PRO B 1135 7.73 44.96 -12.30
N THR B 1136 7.93 46.12 -12.94
CA THR B 1136 9.23 46.47 -13.50
C THR B 1136 9.81 47.72 -12.87
N ASP B 1137 9.05 48.82 -12.82
CA ASP B 1137 9.52 50.08 -12.27
C ASP B 1137 8.69 50.46 -11.05
N TYR B 1138 9.32 51.23 -10.16
CA TYR B 1138 8.68 51.68 -8.94
C TYR B 1138 8.66 53.20 -8.92
N LYS B 1139 7.85 53.75 -8.01
CA LYS B 1139 7.82 55.19 -7.79
C LYS B 1139 7.92 55.50 -6.31
N ASN B 1140 8.50 56.65 -6.00
CA ASN B 1140 8.66 57.13 -4.64
C ASN B 1140 7.53 58.09 -4.32
N VAL B 1141 6.86 57.85 -3.19
CA VAL B 1141 5.66 58.58 -2.81
C VAL B 1141 5.83 59.11 -1.39
N LYS B 1142 5.54 60.39 -1.20
CA LYS B 1142 5.60 61.01 0.13
C LYS B 1142 4.25 60.78 0.82
N ALA B 1143 4.18 59.75 1.65
CA ALA B 1143 2.92 59.35 2.25
C ALA B 1143 2.58 60.24 3.46
N TRP B 1144 1.36 60.08 3.94
CA TRP B 1144 0.90 60.74 5.16
C TRP B 1144 0.11 59.72 5.98
N SER B 1145 -0.56 60.19 7.03
CA SER B 1145 -1.33 59.29 7.87
C SER B 1145 -2.69 59.85 8.29
N GLY B 1146 -3.09 61.01 7.80
CA GLY B 1146 -4.37 61.57 8.16
C GLY B 1146 -4.30 63.08 8.27
N ILE B 1147 -5.47 63.68 8.47
CA ILE B 1147 -5.61 65.12 8.58
C ILE B 1147 -6.20 65.45 9.95
N CYS B 1148 -5.54 66.37 10.66
CA CYS B 1148 -5.98 66.83 11.97
C CYS B 1148 -6.28 68.32 11.87
N VAL B 1149 -7.55 68.68 11.98
CA VAL B 1149 -7.97 70.08 11.85
C VAL B 1149 -8.24 70.64 13.23
N ASP B 1150 -7.70 71.84 13.50
CA ASP B 1150 -7.91 72.56 14.75
C ASP B 1150 -7.44 71.78 15.97
N GLY B 1151 -6.53 70.83 15.76
CA GLY B 1151 -5.88 70.13 16.85
C GLY B 1151 -6.70 69.06 17.53
N ILE B 1152 -8.03 69.06 17.40
CA ILE B 1152 -8.85 68.11 18.14
C ILE B 1152 -9.60 67.19 17.19
N TYR B 1153 -10.13 67.73 16.10
CA TYR B 1153 -10.85 66.93 15.11
C TYR B 1153 -9.86 66.33 14.11
N GLY B 1154 -9.97 65.04 13.87
CA GLY B 1154 -9.06 64.35 12.96
C GLY B 1154 -9.83 63.50 11.96
N TYR B 1155 -9.26 63.36 10.76
CA TYR B 1155 -9.84 62.54 9.70
C TYR B 1155 -8.83 61.49 9.27
N VAL B 1156 -9.30 60.26 9.03
CA VAL B 1156 -8.49 59.19 8.47
C VAL B 1156 -9.27 58.51 7.36
N LEU B 1157 -8.54 57.80 6.50
CA LEU B 1157 -9.15 57.09 5.39
C LEU B 1157 -9.86 55.84 5.90
N ARG B 1158 -11.11 55.66 5.46
CA ARG B 1158 -11.90 54.53 5.93
C ARG B 1158 -11.33 53.20 5.46
N GLN B 1159 -11.05 53.09 4.18
CA GLN B 1159 -10.56 51.81 3.65
C GLN B 1159 -9.06 51.70 3.92
N PRO B 1160 -8.58 50.54 4.36
CA PRO B 1160 -7.15 50.40 4.65
C PRO B 1160 -6.31 50.09 3.44
N ASN B 1161 -6.87 50.28 2.25
CA ASN B 1161 -6.15 50.02 1.00
C ASN B 1161 -5.93 51.29 0.18
N LEU B 1162 -5.95 52.45 0.82
CA LEU B 1162 -5.73 53.72 0.15
C LEU B 1162 -4.67 54.52 0.88
N VAL B 1163 -3.87 55.25 0.11
CA VAL B 1163 -2.77 56.04 0.64
C VAL B 1163 -3.04 57.50 0.30
N LEU B 1164 -3.03 58.35 1.32
CA LEU B 1164 -3.12 59.79 1.09
C LEU B 1164 -1.71 60.37 1.03
N TYR B 1165 -1.38 61.01 -0.09
CA TYR B 1165 -0.03 61.50 -0.30
C TYR B 1165 -0.08 62.89 -0.93
N SER B 1166 1.03 63.60 -0.82
CA SER B 1166 1.11 64.97 -1.30
C SER B 1166 2.47 65.18 -1.94
N ASP B 1167 2.49 65.63 -3.19
CA ASP B 1167 3.70 66.00 -3.89
C ASP B 1167 3.61 67.49 -4.22
N ASN B 1168 4.68 68.22 -3.92
CA ASN B 1168 4.87 69.64 -4.24
C ASN B 1168 3.57 70.46 -4.16
N GLY B 1169 2.82 70.25 -3.08
CA GLY B 1169 1.72 71.10 -2.73
C GLY B 1169 0.34 70.62 -3.13
N VAL B 1170 0.22 69.48 -3.79
CA VAL B 1170 -1.08 68.94 -4.19
C VAL B 1170 -1.24 67.55 -3.59
N PHE B 1171 -2.43 67.27 -3.08
CA PHE B 1171 -2.75 66.01 -2.41
C PHE B 1171 -3.55 65.12 -3.33
N ARG B 1172 -3.20 63.83 -3.36
CA ARG B 1172 -3.89 62.84 -4.18
C ARG B 1172 -4.00 61.55 -3.41
N VAL B 1173 -4.89 60.66 -3.87
CA VAL B 1173 -5.13 59.38 -3.23
C VAL B 1173 -4.98 58.28 -4.28
N THR B 1174 -4.20 57.26 -3.96
CA THR B 1174 -3.99 56.12 -4.84
C THR B 1174 -4.09 54.83 -4.05
N SER B 1175 -3.99 53.71 -4.76
CA SER B 1175 -4.05 52.40 -4.13
C SER B 1175 -2.66 51.99 -3.64
N ARG B 1176 -2.60 50.85 -2.97
CA ARG B 1176 -1.34 50.31 -2.46
C ARG B 1176 -0.75 49.21 -3.33
N VAL B 1177 -1.50 48.71 -4.30
CA VAL B 1177 -1.02 47.64 -5.18
C VAL B 1177 -0.52 48.19 -6.51
N MET B 1178 -1.32 49.03 -7.15
CA MET B 1178 -0.94 49.72 -8.37
C MET B 1178 -0.86 51.22 -8.12
N PHE B 1179 -0.45 51.96 -9.13
CA PHE B 1179 -0.30 53.41 -9.05
C PHE B 1179 -1.37 54.05 -9.95
N GLN B 1180 -2.53 54.33 -9.36
CA GLN B 1180 -3.65 54.95 -10.06
C GLN B 1180 -4.09 56.20 -9.30
N PRO B 1181 -3.50 57.35 -9.58
CA PRO B 1181 -3.84 58.56 -8.84
C PRO B 1181 -5.18 59.14 -9.28
N ARG B 1182 -5.80 59.88 -8.37
CA ARG B 1182 -7.03 60.61 -8.64
C ARG B 1182 -7.18 61.67 -7.56
N LEU B 1183 -8.34 62.33 -7.55
CA LEU B 1183 -8.54 63.40 -6.58
C LEU B 1183 -9.32 62.88 -5.38
N PRO B 1184 -8.99 63.34 -4.17
CA PRO B 1184 -9.74 62.94 -2.99
C PRO B 1184 -11.11 63.60 -2.96
N VAL B 1185 -12.06 62.90 -2.33
CA VAL B 1185 -13.42 63.38 -2.16
C VAL B 1185 -13.82 63.20 -0.70
N LEU B 1186 -14.86 63.93 -0.29
CA LEU B 1186 -15.31 63.90 1.09
C LEU B 1186 -15.84 62.54 1.51
N SER B 1187 -16.22 61.70 0.56
CA SER B 1187 -16.82 60.40 0.86
C SER B 1187 -15.80 59.34 1.25
N ASP B 1188 -14.57 59.71 1.56
CA ASP B 1188 -13.54 58.73 1.89
C ASP B 1188 -12.94 58.94 3.28
N PHE B 1189 -13.51 59.81 4.09
CA PHE B 1189 -12.93 60.15 5.39
C PHE B 1189 -13.93 59.92 6.51
N VAL B 1190 -13.43 59.41 7.63
CA VAL B 1190 -14.23 59.26 8.84
C VAL B 1190 -13.64 60.18 9.90
N GLN B 1191 -14.26 60.23 11.08
CA GLN B 1191 -13.84 61.16 12.12
C GLN B 1191 -13.20 60.37 13.26
N ILE B 1192 -11.94 60.69 13.56
CA ILE B 1192 -11.04 59.85 14.34
C ILE B 1192 -10.54 60.62 15.56
N TYR B 1193 -11.43 61.40 16.18
CA TYR B 1193 -11.11 62.45 17.14
C TYR B 1193 -9.96 62.17 18.11
N ASN B 1194 -9.23 63.25 18.44
CA ASN B 1194 -8.03 63.28 19.29
C ASN B 1194 -6.74 62.89 18.55
N CYS B 1195 -6.72 63.14 17.24
CA CYS B 1195 -5.57 63.75 16.58
C CYS B 1195 -4.18 63.27 17.00
N ASN B 1196 -3.79 62.03 16.64
CA ASN B 1196 -2.41 61.62 16.82
C ASN B 1196 -1.46 62.66 16.24
N VAL B 1197 -0.25 62.73 16.82
CA VAL B 1197 0.62 63.87 16.60
C VAL B 1197 1.17 63.93 15.16
N THR B 1198 1.48 62.79 14.55
CA THR B 1198 2.12 62.79 13.23
C THR B 1198 1.11 62.94 12.10
N PHE B 1199 0.23 63.92 12.23
CA PHE B 1199 -0.78 64.23 11.22
C PHE B 1199 -0.36 65.49 10.45
N VAL B 1200 -1.26 65.99 9.62
CA VAL B 1200 -1.05 67.21 8.87
C VAL B 1200 -1.73 68.35 9.61
N ASN B 1201 -0.97 69.39 9.95
CA ASN B 1201 -1.51 70.55 10.65
C ASN B 1201 -2.15 71.48 9.63
N ILE B 1202 -3.46 71.68 9.74
CA ILE B 1202 -4.18 72.57 8.83
C ILE B 1202 -5.44 73.10 9.53
N SER B 1203 -5.75 74.37 9.30
CA SER B 1203 -6.93 74.98 9.90
C SER B 1203 -8.16 74.72 9.01
N ARG B 1204 -9.34 74.88 9.61
CA ARG B 1204 -10.58 74.60 8.90
C ARG B 1204 -10.88 75.61 7.81
N VAL B 1205 -10.34 76.82 7.90
CA VAL B 1205 -10.59 77.82 6.88
C VAL B 1205 -9.94 77.45 5.55
N GLU B 1206 -8.95 76.56 5.56
CA GLU B 1206 -8.23 76.17 4.35
C GLU B 1206 -8.33 74.67 4.07
N LEU B 1207 -9.42 74.04 4.50
CA LEU B 1207 -9.58 72.61 4.27
C LEU B 1207 -9.87 72.28 2.82
N HIS B 1208 -10.43 73.24 2.06
CA HIS B 1208 -10.77 72.97 0.66
C HIS B 1208 -9.55 72.79 -0.22
N THR B 1209 -8.35 73.15 0.25
CA THR B 1209 -7.14 72.99 -0.54
C THR B 1209 -6.61 71.57 -0.55
N VAL B 1210 -7.09 70.70 0.33
CA VAL B 1210 -6.72 69.30 0.33
C VAL B 1210 -7.89 68.42 -0.08
N ILE B 1211 -9.11 68.78 0.31
CA ILE B 1211 -10.32 68.07 -0.08
C ILE B 1211 -11.18 69.02 -0.89
N PRO B 1212 -11.18 68.92 -2.22
CA PRO B 1212 -12.12 69.70 -3.04
C PRO B 1212 -13.53 69.19 -2.83
N ASP B 1213 -14.49 69.92 -3.41
CA ASP B 1213 -15.92 69.58 -3.29
C ASP B 1213 -16.36 69.55 -1.83
N TYR B 1214 -15.76 70.40 -1.01
CA TYR B 1214 -16.12 70.53 0.40
C TYR B 1214 -16.15 72.01 0.75
N VAL B 1215 -17.24 72.45 1.37
CA VAL B 1215 -17.36 73.83 1.85
C VAL B 1215 -18.15 73.81 3.14
N ASP B 1216 -17.82 74.74 4.04
CA ASP B 1216 -18.57 74.87 5.29
C ASP B 1216 -19.92 75.50 5.00
N VAL B 1217 -20.99 74.77 5.27
CA VAL B 1217 -22.32 75.21 4.92
C VAL B 1217 -22.78 76.41 5.76
N ASN B 1218 -22.44 76.45 7.05
CA ASN B 1218 -22.91 77.49 7.93
C ASN B 1218 -21.96 78.69 8.01
N LYS B 1219 -20.67 78.46 7.86
CA LYS B 1219 -19.72 79.58 7.90
C LYS B 1219 -19.91 80.52 6.72
N THR B 1220 -20.27 79.99 5.54
CA THR B 1220 -20.52 80.86 4.39
C THR B 1220 -21.70 81.77 4.63
N LEU B 1221 -22.78 81.26 5.22
CA LEU B 1221 -23.92 82.13 5.52
C LEU B 1221 -23.61 83.05 6.71
N GLN B 1222 -22.69 82.65 7.59
CA GLN B 1222 -22.27 83.55 8.65
C GLN B 1222 -21.47 84.72 8.09
N GLU B 1223 -20.73 84.47 7.01
CA GLU B 1223 -19.89 85.52 6.44
C GLU B 1223 -20.73 86.54 5.67
N PHE B 1224 -21.20 86.15 4.48
CA PHE B 1224 -22.10 86.98 3.68
C PHE B 1224 -23.43 86.26 3.46
N ALA B 1225 -24.23 86.24 4.53
CA ALA B 1225 -25.68 86.14 4.50
C ALA B 1225 -26.13 86.84 5.77
N GLN B 1226 -26.33 88.15 5.66
CA GLN B 1226 -26.32 89.00 6.85
C GLN B 1226 -27.70 89.58 7.15
N ASN B 1227 -28.39 90.08 6.14
CA ASN B 1227 -29.69 90.69 6.34
C ASN B 1227 -30.74 89.59 6.43
N LEU B 1228 -31.99 89.99 6.68
CA LEU B 1228 -33.08 89.06 6.96
C LEU B 1228 -33.42 88.20 5.72
N PRO B 1229 -33.90 88.73 4.59
CA PRO B 1229 -33.42 88.20 3.31
C PRO B 1229 -32.00 88.67 3.04
N LYS B 1230 -31.29 87.94 2.17
CA LYS B 1230 -29.93 88.32 1.79
C LYS B 1230 -29.95 89.74 1.25
N TYR B 1231 -30.89 90.03 0.35
CA TYR B 1231 -31.25 91.41 0.03
C TYR B 1231 -32.61 91.40 -0.66
N VAL B 1232 -32.95 92.55 -1.27
CA VAL B 1232 -34.27 93.17 -1.41
C VAL B 1232 -34.55 93.78 -0.03
N LYS B 1233 -34.32 95.09 0.06
CA LYS B 1233 -33.82 95.86 1.21
C LYS B 1233 -32.56 96.57 0.73
N PRO B 1234 -32.33 97.82 1.13
CA PRO B 1234 -31.06 98.47 0.76
C PRO B 1234 -29.88 97.71 1.34
N ASN B 1235 -29.08 97.11 0.46
CA ASN B 1235 -27.97 96.24 0.80
C ASN B 1235 -26.69 96.78 0.13
N PHE B 1236 -25.63 95.97 0.17
CA PHE B 1236 -24.29 96.39 -0.19
C PHE B 1236 -24.23 97.18 -1.49
N ASP B 1237 -23.88 98.46 -1.37
CA ASP B 1237 -23.71 99.39 -2.48
C ASP B 1237 -24.84 99.31 -3.50
N LEU B 1238 -26.07 99.39 -2.99
CA LEU B 1238 -27.23 99.45 -3.87
C LEU B 1238 -27.45 100.88 -4.35
N THR B 1239 -27.43 101.07 -5.66
CA THR B 1239 -27.56 102.39 -6.27
C THR B 1239 -28.99 102.92 -6.32
N PRO B 1240 -30.03 102.12 -6.62
CA PRO B 1240 -31.38 102.69 -6.70
C PRO B 1240 -31.86 103.30 -5.39
N PHE B 1241 -31.43 102.73 -4.27
CA PHE B 1241 -31.88 103.21 -2.97
C PHE B 1241 -31.11 104.47 -2.56
N ASN B 1242 -31.50 105.04 -1.41
CA ASN B 1242 -31.00 106.33 -0.98
C ASN B 1242 -30.77 106.21 0.53
N LEU B 1243 -30.58 107.32 1.24
CA LEU B 1243 -30.10 107.30 2.62
C LEU B 1243 -31.27 107.39 3.60
N THR B 1244 -31.42 106.38 4.45
CA THR B 1244 -32.23 106.47 5.65
C THR B 1244 -31.40 107.10 6.77
N TYR B 1245 -32.08 107.73 7.75
CA TYR B 1245 -31.42 108.37 8.89
C TYR B 1245 -30.53 109.53 8.42
N LEU B 1246 -30.97 110.18 7.35
CA LEU B 1246 -30.33 111.40 6.88
C LEU B 1246 -31.34 112.51 6.64
N ASN B 1247 -32.38 112.56 7.46
CA ASN B 1247 -33.33 113.66 7.40
C ASN B 1247 -33.67 114.17 8.80
N LEU B 1248 -33.14 113.52 9.83
CA LEU B 1248 -33.50 113.86 11.20
C LEU B 1248 -32.82 115.13 11.68
N SER B 1249 -31.61 115.43 11.19
CA SER B 1249 -30.99 116.71 11.48
C SER B 1249 -31.81 117.85 10.89
N SER B 1250 -32.28 117.68 9.65
CA SER B 1250 -33.17 118.67 9.05
C SER B 1250 -34.49 118.74 9.81
N GLU B 1251 -34.94 117.60 10.34
CA GLU B 1251 -36.14 117.61 11.17
C GLU B 1251 -35.94 118.46 12.42
N LEU B 1252 -34.77 118.35 13.05
CA LEU B 1252 -34.46 119.20 14.20
C LEU B 1252 -34.40 120.67 13.82
N LYS B 1253 -33.77 120.99 12.69
CA LYS B 1253 -33.69 122.38 12.24
C LYS B 1253 -35.08 122.95 11.98
N GLN B 1254 -35.93 122.18 11.30
CA GLN B 1254 -37.30 122.60 11.04
C GLN B 1254 -38.17 122.62 12.28
N LEU B 1255 -37.88 121.78 13.29
CA LEU B 1255 -38.55 121.90 14.56
C LEU B 1255 -38.18 123.20 15.25
N GLU B 1256 -36.91 123.60 15.17
CA GLU B 1256 -36.52 124.91 15.70
C GLU B 1256 -37.24 126.03 14.97
N ALA B 1257 -37.33 125.93 13.64
CA ALA B 1257 -38.05 126.95 12.87
C ALA B 1257 -39.53 126.99 13.24
N LYS B 1258 -40.14 125.82 13.43
CA LYS B 1258 -41.54 125.75 13.81
C LYS B 1258 -41.76 126.35 15.19
N THR B 1259 -40.85 126.09 16.13
CA THR B 1259 -40.97 126.70 17.46
C THR B 1259 -40.83 128.21 17.37
N ALA B 1260 -39.91 128.70 16.54
CA ALA B 1260 -39.77 130.15 16.35
C ALA B 1260 -41.05 130.76 15.79
N SER B 1261 -41.63 130.11 14.77
CA SER B 1261 -42.87 130.61 14.19
C SER B 1261 -44.03 130.57 15.18
N LEU B 1262 -44.14 129.50 15.97
CA LEU B 1262 -45.19 129.42 16.97
C LEU B 1262 -45.00 130.47 18.05
N PHE B 1263 -43.76 130.74 18.45
CA PHE B 1263 -43.48 131.79 19.42
C PHE B 1263 -43.88 133.15 18.86
N GLN B 1264 -43.57 133.41 17.59
CA GLN B 1264 -43.97 134.67 16.97
C GLN B 1264 -45.49 134.81 16.93
N THR B 1265 -46.19 133.74 16.55
CA THR B 1265 -47.65 133.77 16.53
C THR B 1265 -48.23 134.02 17.91
N THR B 1266 -47.67 133.36 18.93
CA THR B 1266 -48.15 133.55 20.29
C THR B 1266 -47.90 134.97 20.78
N VAL B 1267 -46.73 135.54 20.45
CA VAL B 1267 -46.44 136.92 20.83
C VAL B 1267 -47.41 137.88 20.17
N GLU B 1268 -47.67 137.68 18.88
CA GLU B 1268 -48.63 138.53 18.19
C GLU B 1268 -50.02 138.41 18.80
N LEU B 1269 -50.44 137.18 19.12
CA LEU B 1269 -51.76 136.99 19.72
C LEU B 1269 -51.86 137.64 21.09
N GLN B 1270 -50.81 137.51 21.91
CA GLN B 1270 -50.83 138.14 23.23
C GLN B 1270 -50.85 139.66 23.12
N GLY B 1271 -50.08 140.22 22.19
CA GLY B 1271 -50.12 141.65 21.98
C GLY B 1271 -51.48 142.13 21.52
N LEU B 1272 -52.12 141.35 20.63
CA LEU B 1272 -53.47 141.69 20.19
C LEU B 1272 -54.45 141.65 21.35
N ILE B 1273 -54.36 140.62 22.20
CA ILE B 1273 -55.25 140.54 23.35
C ILE B 1273 -55.06 141.73 24.28
N ASP B 1274 -53.80 142.10 24.53
CA ASP B 1274 -53.53 143.25 25.39
C ASP B 1274 -54.10 144.53 24.79
N GLN B 1275 -53.89 144.73 23.48
CA GLN B 1275 -54.42 145.93 22.81
C GLN B 1275 -55.93 145.97 22.91
N ILE B 1276 -56.60 144.84 22.67
CA ILE B 1276 -58.05 144.82 22.68
C ILE B 1276 -58.58 145.09 24.08
N ASN B 1277 -57.97 144.48 25.09
CA ASN B 1277 -58.48 144.64 26.46
C ASN B 1277 -58.27 146.07 26.94
N SER B 1278 -57.09 146.65 26.66
CA SER B 1278 -56.82 148.05 26.99
C SER B 1278 -57.75 149.01 26.25
N THR B 1279 -58.05 148.75 24.98
CA THR B 1279 -58.96 149.62 24.24
C THR B 1279 -60.38 149.52 24.79
N TYR B 1280 -60.80 148.30 25.16
CA TYR B 1280 -62.12 148.16 25.75
C TYR B 1280 -62.20 148.90 27.08
N VAL B 1281 -61.07 148.97 27.79
CA VAL B 1281 -61.03 149.73 29.05
C VAL B 1281 -61.42 151.18 28.80
N ASP B 1282 -60.77 151.82 27.83
CA ASP B 1282 -61.06 153.23 27.53
C ASP B 1282 -62.48 153.39 26.98
N LEU B 1283 -62.92 152.45 26.14
CA LEU B 1283 -64.26 152.54 25.58
C LEU B 1283 -65.32 152.48 26.67
N LYS B 1284 -65.15 151.62 27.67
CA LYS B 1284 -66.11 151.54 28.76
C LYS B 1284 -66.00 152.75 29.69
N LEU B 1285 -64.77 153.21 29.94
CA LEU B 1285 -64.58 154.35 30.83
C LEU B 1285 -65.20 155.61 30.27
N LEU B 1286 -65.08 155.83 28.96
CA LEU B 1286 -65.67 157.02 28.34
C LEU B 1286 -67.19 157.01 28.49
N ASN B 1287 -67.81 155.84 28.25
CA ASN B 1287 -69.26 155.74 28.41
C ASN B 1287 -69.68 155.96 29.85
N ARG B 1288 -68.94 155.40 30.81
CA ARG B 1288 -69.26 155.60 32.21
C ARG B 1288 -69.14 157.07 32.61
N PHE B 1289 -68.09 157.74 32.13
CA PHE B 1289 -67.93 159.16 32.43
C PHE B 1289 -69.05 159.99 31.82
N GLU B 1290 -69.44 159.68 30.58
CA GLU B 1290 -70.55 160.39 29.96
C GLU B 1290 -71.86 160.17 30.71
N ASN B 1291 -72.11 158.94 31.18
CA ASN B 1291 -73.30 158.68 31.95
C ASN B 1291 -73.28 159.43 33.28
N TYR B 1292 -72.12 159.51 33.93
CA TYR B 1292 -72.02 160.15 35.24
C TYR B 1292 -72.29 161.65 35.14
N ILE B 1293 -71.73 162.31 34.13
CA ILE B 1293 -71.82 163.76 34.07
C ILE B 1293 -73.21 164.20 33.62
N LYS B 1294 -73.56 165.44 33.94
CA LYS B 1294 -74.84 166.01 33.52
C LYS B 1294 -74.82 166.29 32.03
N TRP B 1295 -76.01 166.33 31.42
CA TRP B 1295 -76.13 166.58 30.00
C TRP B 1295 -75.77 168.00 29.58
N PRO B 1296 -76.11 169.09 30.37
CA PRO B 1296 -75.75 170.44 29.96
C PRO B 1296 -74.33 170.83 30.38
N TRP B 1297 -73.35 170.02 29.98
CA TRP B 1297 -71.96 170.26 30.35
C TRP B 1297 -71.22 170.98 29.21
N ALA C 23 19.41 -9.00 62.07
CA ALA C 23 18.09 -8.70 62.59
C ALA C 23 17.46 -9.93 63.25
N ASN C 24 16.70 -9.69 64.31
CA ASN C 24 16.08 -10.77 65.08
C ASN C 24 14.63 -10.90 64.64
N LEU C 25 14.45 -11.22 63.36
CA LEU C 25 13.18 -10.99 62.69
C LEU C 25 12.41 -12.27 62.40
N SER C 26 11.27 -12.14 61.71
CA SER C 26 10.31 -13.22 61.59
C SER C 26 10.89 -14.40 60.80
N MET C 27 10.27 -15.57 61.01
CA MET C 27 10.72 -16.77 60.33
C MET C 27 10.55 -16.65 58.81
N LEU C 28 9.41 -16.11 58.37
CA LEU C 28 9.15 -16.06 56.93
C LEU C 28 10.08 -15.08 56.23
N GLN C 29 10.59 -14.08 56.94
CA GLN C 29 11.58 -13.18 56.37
C GLN C 29 12.94 -13.83 56.21
N LEU C 30 13.16 -15.01 56.78
CA LEU C 30 14.40 -15.75 56.62
C LEU C 30 14.21 -17.11 55.97
N GLY C 31 13.05 -17.74 56.12
CA GLY C 31 12.79 -19.01 55.48
C GLY C 31 13.25 -20.21 56.30
N VAL C 32 12.77 -20.30 57.54
CA VAL C 32 13.16 -21.38 58.44
C VAL C 32 11.90 -22.02 59.01
N PRO C 33 11.83 -23.35 59.09
CA PRO C 33 10.66 -24.00 59.70
C PRO C 33 10.72 -23.90 61.22
N ASP C 34 9.68 -24.44 61.86
CA ASP C 34 9.54 -24.35 63.30
C ASP C 34 10.25 -25.51 63.99
N ASN C 35 10.80 -25.24 65.18
CA ASN C 35 11.50 -26.24 65.99
C ASN C 35 12.62 -26.91 65.19
N SER C 36 13.59 -26.09 64.77
CA SER C 36 14.70 -26.57 63.96
C SER C 36 15.89 -25.64 64.12
N SER C 37 16.96 -25.93 63.39
CA SER C 37 18.17 -25.11 63.40
C SER C 37 18.84 -25.31 62.05
N THR C 38 18.72 -24.31 61.18
CA THR C 38 19.20 -24.40 59.81
C THR C 38 20.46 -23.57 59.63
N ILE C 39 20.95 -23.52 58.40
CA ILE C 39 22.14 -22.77 58.03
C ILE C 39 21.74 -21.87 56.88
N VAL C 40 21.34 -20.64 57.19
CA VAL C 40 20.86 -19.69 56.19
C VAL C 40 22.04 -18.87 55.68
N THR C 41 22.12 -18.72 54.36
CA THR C 41 23.16 -17.92 53.72
C THR C 41 22.54 -16.95 52.73
N GLY C 42 23.21 -15.83 52.55
CA GLY C 42 22.76 -14.79 51.63
C GLY C 42 23.07 -13.42 52.18
N LEU C 43 22.34 -12.42 51.69
CA LEU C 43 22.49 -11.05 52.16
C LEU C 43 21.65 -10.89 53.42
N LEU C 44 22.32 -10.79 54.57
CA LEU C 44 21.64 -10.71 55.85
C LEU C 44 22.23 -9.58 56.68
N PRO C 45 21.43 -8.97 57.57
CA PRO C 45 21.93 -7.86 58.38
C PRO C 45 22.61 -8.34 59.65
N THR C 46 23.70 -7.65 60.02
CA THR C 46 24.50 -8.06 61.16
C THR C 46 24.55 -7.00 62.26
N HIS C 47 24.91 -5.76 61.93
CA HIS C 47 25.21 -4.74 62.94
C HIS C 47 24.28 -3.56 62.80
N TRP C 48 23.77 -3.08 63.94
CA TRP C 48 22.92 -1.90 63.98
C TRP C 48 23.76 -0.64 64.16
N PHE C 49 23.15 0.51 63.90
CA PHE C 49 23.78 1.81 64.08
C PHE C 49 22.94 2.69 64.99
N CYS C 50 23.60 3.66 65.61
CA CYS C 50 22.96 4.70 66.42
C CYS C 50 23.72 5.99 66.17
N ALA C 51 23.26 6.75 65.17
CA ALA C 51 23.96 7.95 64.72
C ALA C 51 23.00 9.13 64.67
N ASN C 52 23.58 10.33 64.74
CA ASN C 52 22.80 11.56 64.71
C ASN C 52 23.41 12.64 63.83
N GLN C 53 24.41 12.31 63.00
CA GLN C 53 25.06 13.29 62.15
C GLN C 53 24.18 13.78 61.01
N SER C 54 23.05 13.13 60.78
CA SER C 54 22.01 13.59 59.85
C SER C 54 22.43 13.51 58.39
N THR C 55 23.67 13.12 58.11
CA THR C 55 24.13 13.00 56.74
C THR C 55 25.41 12.17 56.70
N SER C 56 25.38 11.08 55.92
CA SER C 56 26.57 10.28 55.68
C SER C 56 26.29 9.38 54.49
N VAL C 57 27.16 9.44 53.48
CA VAL C 57 27.00 8.64 52.27
C VAL C 57 27.74 7.32 52.50
N TYR C 58 26.99 6.22 52.48
CA TYR C 58 27.55 4.90 52.69
C TYR C 58 27.70 4.16 51.36
N SER C 59 28.29 2.98 51.42
CA SER C 59 28.34 2.05 50.29
C SER C 59 27.79 0.72 50.78
N ALA C 60 26.75 0.21 50.11
CA ALA C 60 26.06 -0.97 50.59
C ALA C 60 25.22 -1.55 49.47
N ASN C 61 24.45 -2.58 49.81
CA ASN C 61 23.51 -3.20 48.87
C ASN C 61 22.12 -3.35 49.46
N GLY C 62 21.89 -2.88 50.67
CA GLY C 62 20.57 -3.01 51.29
C GLY C 62 20.57 -2.35 52.65
N PHE C 63 19.40 -2.36 53.28
CA PHE C 63 19.25 -1.75 54.59
C PHE C 63 18.03 -2.32 55.28
N PHE C 64 18.11 -2.40 56.61
CA PHE C 64 16.99 -2.76 57.47
C PHE C 64 16.82 -1.67 58.51
N TYR C 65 15.57 -1.44 58.93
CA TYR C 65 15.33 -0.41 59.94
C TYR C 65 14.04 -0.69 60.68
N ILE C 66 13.92 -0.08 61.86
CA ILE C 66 12.74 -0.16 62.70
C ILE C 66 12.36 1.26 63.11
N ASP C 67 11.09 1.61 62.95
CA ASP C 67 10.60 2.93 63.29
C ASP C 67 9.37 2.82 64.18
N VAL C 68 9.42 3.50 65.32
CA VAL C 68 8.27 3.59 66.22
C VAL C 68 8.08 5.04 66.64
N GLY C 69 9.10 5.87 66.38
CA GLY C 69 9.05 7.25 66.82
C GLY C 69 8.14 8.11 65.98
N ASN C 70 7.86 9.31 66.50
CA ASN C 70 6.99 10.27 65.83
C ASN C 70 7.85 11.27 65.06
N HIS C 71 8.46 10.78 63.98
CA HIS C 71 9.28 11.60 63.13
C HIS C 71 9.30 11.00 61.73
N ARG C 72 9.72 11.81 60.76
CA ARG C 72 9.75 11.41 59.37
C ARG C 72 11.13 10.87 59.02
N SER C 73 11.16 9.61 58.56
CA SER C 73 12.40 8.93 58.21
C SER C 73 12.37 8.57 56.73
N ALA C 74 13.47 8.81 56.03
CA ALA C 74 13.55 8.55 54.61
C ALA C 74 14.89 7.91 54.27
N PHE C 75 14.87 6.97 53.33
CA PHE C 75 16.07 6.32 52.83
C PHE C 75 16.03 6.36 51.30
N ALA C 76 17.22 6.26 50.70
CA ALA C 76 17.30 6.37 49.25
C ALA C 76 18.60 5.74 48.76
N LEU C 77 18.52 5.06 47.61
CA LEU C 77 19.67 4.45 46.96
C LEU C 77 19.95 5.16 45.66
N HIS C 78 21.23 5.47 45.41
CA HIS C 78 21.60 6.22 44.22
C HIS C 78 23.04 5.93 43.86
N THR C 79 23.41 6.28 42.64
CA THR C 79 24.77 6.15 42.16
C THR C 79 25.55 7.43 42.47
N GLY C 80 26.75 7.56 41.93
CA GLY C 80 27.62 8.67 42.20
C GLY C 80 27.44 9.90 41.33
N TYR C 81 26.63 9.83 40.28
CA TYR C 81 26.45 10.97 39.39
C TYR C 81 25.07 10.88 38.75
N TYR C 82 24.56 12.04 38.33
CA TYR C 82 23.24 12.11 37.75
C TYR C 82 23.21 11.51 36.35
N ASP C 83 22.14 10.76 36.06
CA ASP C 83 21.86 10.29 34.72
C ASP C 83 20.36 10.33 34.49
N ALA C 84 19.96 10.58 33.25
CA ALA C 84 18.56 10.73 32.90
C ALA C 84 17.91 9.41 32.48
N ASN C 85 18.68 8.33 32.40
CA ASN C 85 18.16 7.02 32.02
C ASN C 85 18.48 6.00 33.10
N GLN C 86 18.27 6.37 34.36
CA GLN C 86 18.58 5.51 35.49
C GLN C 86 17.40 5.47 36.46
N TYR C 87 17.22 4.33 37.10
CA TYR C 87 16.15 4.14 38.07
C TYR C 87 16.69 4.34 39.48
N TYR C 88 15.97 5.11 40.30
CA TYR C 88 16.42 5.48 41.64
C TYR C 88 15.39 5.03 42.64
N ILE C 89 15.76 4.09 43.49
CA ILE C 89 14.88 3.64 44.57
C ILE C 89 14.72 4.76 45.58
N TYR C 90 13.53 4.84 46.19
CA TYR C 90 13.24 5.91 47.14
C TYR C 90 12.14 5.45 48.09
N VAL C 91 12.42 5.48 49.38
CA VAL C 91 11.49 5.05 50.42
C VAL C 91 11.28 6.19 51.40
N THR C 92 10.03 6.37 51.84
CA THR C 92 9.70 7.41 52.81
C THR C 92 8.63 6.89 53.76
N ASN C 93 8.96 6.85 55.04
CA ASN C 93 7.99 6.54 56.07
C ASN C 93 7.27 7.81 56.50
N GLU C 94 6.03 7.66 56.95
CA GLU C 94 5.22 8.79 57.38
C GLU C 94 4.59 8.47 58.73
N ILE C 95 4.38 9.52 59.53
CA ILE C 95 3.86 9.34 60.87
C ILE C 95 2.36 9.07 60.81
N GLY C 96 1.92 8.03 61.51
CA GLY C 96 0.51 7.72 61.64
C GLY C 96 0.27 6.83 62.82
N LEU C 97 -0.71 5.92 62.69
CA LEU C 97 -0.92 4.89 63.69
C LEU C 97 -0.31 3.56 63.28
N ASN C 98 -0.29 3.24 61.99
CA ASN C 98 0.43 2.11 61.43
C ASN C 98 1.66 2.62 60.69
N ALA C 99 2.35 1.70 60.02
CA ALA C 99 3.54 2.05 59.25
C ALA C 99 3.11 2.47 57.84
N SER C 100 3.20 3.77 57.57
CA SER C 100 2.86 4.31 56.26
C SER C 100 4.13 4.37 55.41
N VAL C 101 4.21 3.52 54.40
CA VAL C 101 5.40 3.39 53.57
C VAL C 101 5.06 3.79 52.14
N THR C 102 5.97 4.53 51.51
CA THR C 102 5.79 5.00 50.14
C THR C 102 7.04 4.62 49.36
N LEU C 103 6.91 3.64 48.47
CA LEU C 103 8.03 3.14 47.68
C LEU C 103 7.88 3.61 46.24
N LYS C 104 8.96 4.11 45.65
CA LYS C 104 8.93 4.68 44.31
C LYS C 104 10.22 4.30 43.59
N ILE C 105 10.10 3.77 42.38
CA ILE C 105 11.26 3.32 41.61
C ILE C 105 11.10 3.87 40.18
N CYS C 106 11.65 5.05 39.92
CA CYS C 106 11.58 5.60 38.57
C CYS C 106 12.43 6.86 38.43
N LYS C 107 12.57 7.30 37.18
CA LYS C 107 13.52 8.32 36.80
C LYS C 107 13.08 9.69 37.32
N PHE C 108 14.04 10.60 37.38
CA PHE C 108 13.84 11.94 37.93
C PHE C 108 14.50 12.99 37.02
N SER C 109 13.87 14.16 36.96
CA SER C 109 14.36 15.34 36.26
C SER C 109 15.21 16.18 37.23
N ARG C 110 15.45 17.45 36.88
CA ARG C 110 16.13 18.36 37.79
C ARG C 110 15.57 18.21 39.20
N ASN C 111 16.47 18.03 40.16
CA ASN C 111 16.16 17.07 41.22
C ASN C 111 15.96 17.57 42.64
N THR C 112 17.04 17.90 43.35
CA THR C 112 17.03 18.21 44.77
C THR C 112 18.48 18.36 45.21
N THR C 113 18.71 18.75 46.47
CA THR C 113 19.91 18.33 47.19
C THR C 113 19.63 17.07 48.01
N PHE C 114 18.78 17.19 49.03
CA PHE C 114 18.11 16.08 49.70
C PHE C 114 17.14 16.67 50.72
N ASP C 115 16.05 15.97 50.98
CA ASP C 115 15.08 16.43 51.95
C ASP C 115 14.10 15.31 52.27
N PHE C 116 13.40 15.46 53.38
CA PHE C 116 12.33 14.55 53.73
C PHE C 116 11.06 14.91 52.95
N LEU C 117 10.08 14.01 53.02
CA LEU C 117 8.72 14.28 52.54
C LEU C 117 8.71 14.62 51.06
N SER C 118 9.04 13.62 50.25
CA SER C 118 8.85 13.68 48.79
C SER C 118 9.67 14.79 48.16
N ASN C 119 10.98 14.54 48.08
CA ASN C 119 11.93 15.44 47.42
C ASN C 119 11.37 16.21 46.23
N ALA C 120 10.78 15.50 45.26
CA ALA C 120 10.35 16.12 44.02
C ALA C 120 9.38 15.20 43.30
N SER C 121 8.33 15.79 42.71
CA SER C 121 7.36 15.06 41.93
C SER C 121 7.74 15.11 40.45
N SER C 122 8.82 14.41 40.12
CA SER C 122 9.31 14.26 38.76
C SER C 122 9.11 12.84 38.24
N SER C 123 8.19 12.12 38.85
CA SER C 123 7.91 10.73 38.48
C SER C 123 7.07 10.71 37.21
N PHE C 124 7.58 10.06 36.17
CA PHE C 124 6.89 10.04 34.89
C PHE C 124 6.82 8.67 34.23
N ASP C 125 7.67 7.72 34.60
CA ASP C 125 7.58 6.36 34.07
C ASP C 125 8.07 5.42 35.17
N CYS C 126 7.14 4.94 35.99
CA CYS C 126 7.48 4.28 37.23
C CYS C 126 7.03 2.83 37.23
N ILE C 127 7.97 1.92 37.50
CA ILE C 127 7.66 0.50 37.52
C ILE C 127 6.70 0.18 38.64
N VAL C 128 6.98 0.67 39.84
CA VAL C 128 6.15 0.39 41.01
C VAL C 128 6.02 1.67 41.84
N ASN C 129 4.82 1.90 42.38
CA ASN C 129 4.56 3.06 43.22
C ASN C 129 3.36 2.70 44.09
N LEU C 130 3.62 2.36 45.34
CA LEU C 130 2.60 1.76 46.20
C LEU C 130 2.45 2.58 47.48
N LEU C 131 1.65 2.04 48.40
CA LEU C 131 1.45 2.63 49.72
C LEU C 131 1.10 1.49 50.66
N PHE C 132 1.90 1.31 51.70
CA PHE C 132 1.80 0.15 52.57
C PHE C 132 1.25 0.54 53.92
N THR C 133 0.44 -0.34 54.51
CA THR C 133 -0.10 -0.17 55.86
C THR C 133 0.01 -1.51 56.56
N GLU C 134 1.14 -1.75 57.21
CA GLU C 134 1.44 -3.01 57.86
C GLU C 134 1.53 -2.81 59.37
N GLN C 135 1.68 -3.92 60.09
CA GLN C 135 1.72 -3.88 61.55
C GLN C 135 2.93 -3.09 62.03
N LEU C 136 2.69 -2.19 62.98
CA LEU C 136 3.77 -1.42 63.58
C LEU C 136 4.61 -2.32 64.48
N GLY C 137 5.91 -2.05 64.52
CA GLY C 137 6.83 -2.85 65.29
C GLY C 137 7.47 -4.00 64.54
N ALA C 138 7.50 -3.95 63.20
CA ALA C 138 8.07 -5.01 62.40
C ALA C 138 9.07 -4.38 61.43
N PRO C 139 10.30 -4.87 61.37
CA PRO C 139 11.30 -4.27 60.48
C PRO C 139 11.03 -4.57 59.02
N LEU C 140 11.56 -3.70 58.17
CA LEU C 140 11.45 -3.84 56.72
C LEU C 140 12.86 -3.97 56.13
N GLY C 141 12.92 -4.04 54.81
CA GLY C 141 14.21 -4.15 54.14
C GLY C 141 14.12 -4.26 52.63
N ILE C 142 15.18 -3.83 51.96
CA ILE C 142 15.30 -3.93 50.51
C ILE C 142 16.70 -4.39 50.17
N THR C 143 16.82 -5.34 49.26
CA THR C 143 18.11 -5.88 48.84
C THR C 143 18.16 -5.95 47.32
N ILE C 144 19.38 -5.95 46.79
CA ILE C 144 19.62 -5.94 45.36
C ILE C 144 20.59 -7.06 45.01
N SER C 145 20.26 -7.82 43.96
CA SER C 145 21.14 -8.88 43.46
C SER C 145 21.00 -8.92 41.94
N GLY C 146 22.08 -8.57 41.24
CA GLY C 146 22.00 -8.51 39.79
C GLY C 146 21.03 -7.42 39.37
N GLU C 147 20.08 -7.78 38.51
CA GLU C 147 19.01 -6.88 38.10
C GLU C 147 17.70 -7.17 38.81
N THR C 148 17.77 -7.81 39.98
CA THR C 148 16.60 -8.20 40.74
C THR C 148 16.55 -7.40 42.03
N VAL C 149 15.37 -6.86 42.34
CA VAL C 149 15.15 -6.11 43.58
C VAL C 149 14.15 -6.87 44.43
N ARG C 150 14.57 -7.26 45.62
CA ARG C 150 13.69 -7.95 46.55
C ARG C 150 13.00 -6.95 47.47
N LEU C 151 11.99 -7.42 48.19
CA LEU C 151 11.23 -6.54 49.08
C LEU C 151 10.59 -7.42 50.16
N HIS C 152 11.18 -7.40 51.36
CA HIS C 152 10.63 -8.13 52.49
C HIS C 152 9.58 -7.26 53.18
N LEU C 153 8.49 -7.89 53.64
CA LEU C 153 7.39 -7.13 54.22
C LEU C 153 6.82 -7.80 55.47
N TYR C 154 7.61 -8.69 56.09
CA TYR C 154 7.28 -9.34 57.35
C TYR C 154 6.17 -10.37 57.20
N ASN C 155 5.53 -10.41 56.02
CA ASN C 155 4.59 -11.48 55.72
C ASN C 155 4.67 -11.98 54.28
N VAL C 156 5.35 -11.28 53.38
CA VAL C 156 5.40 -11.65 51.97
C VAL C 156 6.72 -11.15 51.40
N THR C 157 7.12 -11.75 50.28
CA THR C 157 8.39 -11.40 49.63
C THR C 157 8.09 -11.16 48.15
N ARG C 158 8.00 -9.89 47.76
CA ARG C 158 7.76 -9.51 46.38
C ARG C 158 9.09 -9.39 45.63
N THR C 159 9.00 -9.30 44.30
CA THR C 159 10.19 -9.26 43.46
C THR C 159 9.87 -8.51 42.18
N PHE C 160 10.72 -7.56 41.81
CA PHE C 160 10.60 -6.81 40.57
C PHE C 160 11.91 -6.89 39.81
N TYR C 161 11.81 -6.70 38.49
CA TYR C 161 12.98 -6.82 37.60
C TYR C 161 13.22 -5.45 36.96
N VAL C 162 13.98 -4.61 37.64
CA VAL C 162 14.31 -3.28 37.15
C VAL C 162 15.64 -3.33 36.40
N PRO C 163 15.69 -2.85 35.17
CA PRO C 163 16.95 -2.90 34.40
C PRO C 163 18.00 -1.97 34.95
N ALA C 164 19.26 -2.36 34.73
CA ALA C 164 20.43 -1.57 35.12
C ALA C 164 20.38 -1.18 36.60
N ALA C 165 20.19 -2.18 37.45
CA ALA C 165 20.12 -1.97 38.89
C ALA C 165 21.39 -2.41 39.60
N TYR C 166 22.42 -2.84 38.86
CA TYR C 166 23.67 -3.20 39.48
C TYR C 166 24.57 -1.99 39.72
N LYS C 167 24.22 -0.82 39.21
CA LYS C 167 25.01 0.38 39.42
C LYS C 167 24.68 1.08 40.73
N LEU C 168 23.55 0.78 41.35
CA LEU C 168 23.12 1.47 42.57
C LEU C 168 23.94 0.92 43.73
N THR C 169 25.04 1.62 44.04
CA THR C 169 25.96 1.20 45.10
C THR C 169 25.84 2.05 46.36
N LYS C 170 25.74 3.36 46.24
CA LYS C 170 25.72 4.23 47.40
C LYS C 170 24.36 4.17 48.09
N LEU C 171 24.31 4.72 49.30
CA LEU C 171 23.09 4.72 50.10
C LEU C 171 23.09 5.95 50.99
N SER C 172 22.01 6.71 50.93
CA SER C 172 21.88 7.98 51.66
C SER C 172 20.80 7.83 52.72
N VAL C 173 21.20 7.61 53.96
CA VAL C 173 20.27 7.36 55.07
C VAL C 173 20.21 8.60 55.92
N LYS C 174 18.98 9.04 56.25
CA LYS C 174 18.75 10.19 57.12
C LYS C 174 17.66 9.82 58.12
N CYS C 175 18.07 9.39 59.31
CA CYS C 175 17.14 9.17 60.42
C CYS C 175 17.89 9.35 61.72
N TYR C 176 17.15 9.55 62.82
CA TYR C 176 17.72 10.02 64.07
C TYR C 176 17.39 9.08 65.22
N PHE C 177 18.39 8.83 66.08
CA PHE C 177 18.13 8.12 67.33
C PHE C 177 17.38 9.01 68.32
N ASN C 178 17.47 10.33 68.14
CA ASN C 178 16.59 11.29 68.80
C ASN C 178 15.11 10.99 68.63
N TYR C 179 14.74 10.10 67.71
CA TYR C 179 13.33 9.79 67.47
C TYR C 179 13.05 8.30 67.40
N SER C 180 13.71 7.49 68.23
CA SER C 180 13.45 6.05 68.32
C SER C 180 13.61 5.38 66.96
N CYS C 181 14.83 5.41 66.45
CA CYS C 181 15.13 4.95 65.09
C CYS C 181 16.53 4.34 65.06
N VAL C 182 16.60 3.05 64.75
CA VAL C 182 17.87 2.36 64.54
C VAL C 182 17.79 1.59 63.25
N PHE C 183 18.93 1.44 62.58
CA PHE C 183 18.96 0.79 61.27
C PHE C 183 20.28 0.06 61.10
N SER C 184 20.23 -1.02 60.34
CA SER C 184 21.40 -1.81 59.98
C SER C 184 21.75 -1.56 58.52
N VAL C 185 22.72 -2.31 58.03
CA VAL C 185 23.30 -2.11 56.71
C VAL C 185 24.04 -3.38 56.31
N VAL C 186 24.09 -3.66 55.01
CA VAL C 186 24.57 -4.94 54.50
C VAL C 186 25.71 -4.68 53.51
N ASN C 187 26.81 -5.41 53.66
CA ASN C 187 27.81 -5.48 52.59
C ASN C 187 27.54 -6.65 51.65
N ALA C 188 27.66 -7.89 52.16
CA ALA C 188 27.62 -9.06 51.28
C ALA C 188 27.62 -10.39 52.01
N THR C 189 26.79 -11.33 51.54
CA THR C 189 26.96 -12.77 51.70
C THR C 189 27.44 -13.23 53.07
N VAL C 190 26.65 -12.99 54.11
CA VAL C 190 26.99 -13.45 55.45
C VAL C 190 26.28 -14.77 55.73
N THR C 191 26.98 -15.69 56.38
CA THR C 191 26.43 -16.98 56.78
C THR C 191 26.09 -16.96 58.26
N VAL C 192 24.92 -17.49 58.61
CA VAL C 192 24.40 -17.40 59.96
C VAL C 192 23.97 -18.79 60.43
N ASN C 193 23.55 -18.85 61.69
CA ASN C 193 23.04 -20.07 62.32
C ASN C 193 21.85 -19.66 63.19
N VAL C 194 20.64 -19.83 62.68
CA VAL C 194 19.43 -19.35 63.34
C VAL C 194 18.70 -20.52 63.97
N THR C 195 18.22 -20.31 65.20
CA THR C 195 17.48 -21.32 65.95
C THR C 195 16.09 -20.79 66.26
N THR C 196 15.08 -21.61 66.03
CA THR C 196 13.69 -21.23 66.26
C THR C 196 13.05 -22.12 67.30
N HIS C 197 12.10 -21.55 68.05
CA HIS C 197 11.34 -22.31 69.04
C HIS C 197 9.99 -21.63 69.22
N ASN C 198 8.92 -22.40 69.09
CA ASN C 198 7.54 -21.93 69.27
C ASN C 198 7.25 -20.73 68.38
N GLY C 199 7.77 -20.77 67.16
CA GLY C 199 7.46 -19.75 66.18
C GLY C 199 8.24 -18.45 66.30
N ARG C 200 9.20 -18.37 67.21
CA ARG C 200 9.99 -17.17 67.40
C ARG C 200 11.47 -17.52 67.32
N VAL C 201 12.24 -16.67 66.63
CA VAL C 201 13.68 -16.87 66.56
C VAL C 201 14.29 -16.67 67.93
N VAL C 202 15.18 -17.58 68.31
CA VAL C 202 15.79 -17.57 69.63
C VAL C 202 17.21 -17.02 69.60
N ASN C 203 18.01 -17.46 68.63
CA ASN C 203 19.40 -17.04 68.56
C ASN C 203 19.79 -16.76 67.12
N TYR C 204 20.88 -15.99 66.97
CA TYR C 204 21.30 -15.50 65.67
C TYR C 204 22.80 -15.24 65.75
N THR C 205 23.60 -16.16 65.20
CA THR C 205 25.04 -16.13 65.31
C THR C 205 25.67 -16.27 63.94
N VAL C 206 26.83 -15.64 63.75
CA VAL C 206 27.51 -15.58 62.46
C VAL C 206 28.81 -16.37 62.53
N CYS C 207 29.02 -17.24 61.55
CA CYS C 207 30.27 -17.96 61.42
C CYS C 207 31.40 -17.01 61.03
N ASP C 208 32.37 -16.82 61.91
CA ASP C 208 33.68 -16.33 61.49
C ASP C 208 34.47 -17.45 60.81
N ASP C 209 34.32 -18.67 61.30
CA ASP C 209 34.73 -19.89 60.62
C ASP C 209 33.68 -20.23 59.58
N CYS C 210 33.63 -21.49 59.13
CA CYS C 210 32.67 -21.95 58.13
C CYS C 210 32.96 -21.29 56.78
N ASN C 211 34.19 -21.48 56.32
CA ASN C 211 34.62 -20.91 55.04
C ASN C 211 34.00 -21.66 53.87
N GLY C 212 33.65 -20.92 52.82
CA GLY C 212 33.14 -21.49 51.59
C GLY C 212 31.69 -21.87 51.62
N TYR C 213 31.01 -21.76 52.76
CA TYR C 213 29.61 -22.16 52.85
C TYR C 213 28.69 -21.27 52.03
N THR C 214 29.16 -20.08 51.63
CA THR C 214 28.30 -19.12 50.96
C THR C 214 28.01 -19.47 49.51
N ASP C 215 28.72 -20.45 48.93
CA ASP C 215 28.55 -20.80 47.54
C ASP C 215 28.02 -22.21 47.32
N ASN C 216 27.79 -22.98 48.37
CA ASN C 216 27.32 -24.35 48.19
C ASN C 216 26.23 -24.78 49.17
N ILE C 217 25.80 -23.93 50.10
CA ILE C 217 24.80 -24.30 51.10
C ILE C 217 23.68 -23.26 51.06
N PHE C 218 22.44 -23.74 51.13
CA PHE C 218 21.29 -22.88 51.24
C PHE C 218 20.22 -23.60 52.07
N SER C 219 19.08 -22.95 52.25
CA SER C 219 17.97 -23.51 52.99
C SER C 219 16.75 -23.62 52.07
N VAL C 220 16.16 -24.81 52.01
CA VAL C 220 15.04 -25.04 51.11
C VAL C 220 13.84 -24.24 51.59
N GLN C 221 13.24 -23.47 50.69
CA GLN C 221 12.11 -22.62 51.02
C GLN C 221 10.82 -23.46 51.06
N GLN C 222 9.69 -22.80 51.14
CA GLN C 222 8.41 -23.48 51.05
C GLN C 222 8.19 -23.97 49.62
N ASP C 223 7.46 -25.09 49.50
CA ASP C 223 7.12 -25.72 48.23
C ASP C 223 8.34 -26.28 47.51
N GLY C 224 9.46 -26.45 48.21
CA GLY C 224 10.63 -27.05 47.60
C GLY C 224 11.36 -26.17 46.60
N ARG C 225 11.14 -24.86 46.63
CA ARG C 225 11.83 -23.97 45.72
C ARG C 225 13.30 -23.85 46.10
N ILE C 226 14.04 -23.09 45.29
CA ILE C 226 15.43 -22.75 45.55
C ILE C 226 15.49 -21.25 45.82
N PRO C 227 16.15 -20.82 46.90
CA PRO C 227 16.13 -19.39 47.24
C PRO C 227 16.76 -18.53 46.16
N ASN C 228 16.24 -17.32 46.04
CA ASN C 228 16.75 -16.37 45.08
C ASN C 228 18.12 -15.84 45.51
N GLY C 229 18.87 -15.34 44.53
CA GLY C 229 20.20 -14.81 44.82
C GLY C 229 21.25 -15.86 45.12
N PHE C 230 21.01 -17.10 44.72
CA PHE C 230 21.97 -18.17 44.96
C PHE C 230 22.86 -18.33 43.74
N PRO C 231 24.16 -18.07 43.84
CA PRO C 231 25.04 -18.29 42.68
C PRO C 231 25.26 -19.76 42.42
N PHE C 232 24.70 -20.27 41.32
CA PHE C 232 24.78 -21.69 41.00
C PHE C 232 26.23 -22.03 40.70
N ASN C 233 26.89 -22.72 41.63
CA ASN C 233 28.32 -22.99 41.50
C ASN C 233 28.58 -24.16 40.56
N ASN C 234 28.10 -25.35 40.92
CA ASN C 234 28.34 -26.56 40.14
C ASN C 234 27.03 -27.22 39.75
N TRP C 235 26.04 -26.42 39.38
CA TRP C 235 24.72 -26.92 39.00
C TRP C 235 24.63 -26.82 37.48
N PHE C 236 24.85 -27.93 36.79
CA PHE C 236 24.87 -27.99 35.34
C PHE C 236 23.49 -28.26 34.78
N LEU C 237 23.34 -28.00 33.49
CA LEU C 237 22.10 -28.25 32.77
C LEU C 237 22.15 -29.63 32.13
N LEU C 238 21.25 -30.52 32.55
CA LEU C 238 21.17 -31.85 31.99
C LEU C 238 20.72 -31.78 30.54
N THR C 239 21.25 -32.69 29.72
CA THR C 239 20.90 -32.71 28.31
C THR C 239 21.06 -34.11 27.74
N ASN C 240 20.37 -34.36 26.63
CA ASN C 240 20.50 -35.58 25.87
C ASN C 240 21.28 -35.39 24.57
N GLY C 241 21.46 -34.15 24.13
CA GLY C 241 22.11 -33.86 22.87
C GLY C 241 23.16 -32.76 22.96
N SER C 242 22.99 -31.70 22.16
CA SER C 242 23.94 -30.61 22.12
C SER C 242 23.92 -29.81 23.42
N THR C 243 24.77 -28.80 23.50
CA THR C 243 24.92 -27.97 24.69
C THR C 243 24.58 -26.52 24.36
N LEU C 244 23.77 -25.90 25.21
CA LEU C 244 23.42 -24.50 25.05
C LEU C 244 24.61 -23.61 25.42
N VAL C 245 24.66 -22.44 24.80
CA VAL C 245 25.75 -21.50 25.00
C VAL C 245 25.25 -20.18 25.57
N ASP C 246 24.21 -19.60 24.98
CA ASP C 246 23.73 -18.29 25.41
C ASP C 246 22.25 -18.14 25.04
N GLY C 247 21.61 -17.17 25.69
CA GLY C 247 20.25 -16.80 25.36
C GLY C 247 19.24 -17.38 26.34
N VAL C 248 18.07 -16.75 26.38
CA VAL C 248 16.97 -17.20 27.24
C VAL C 248 16.29 -18.39 26.60
N SER C 249 16.13 -19.46 27.36
CA SER C 249 15.57 -20.70 26.84
C SER C 249 14.66 -21.33 27.88
N ARG C 250 13.38 -21.51 27.54
CA ARG C 250 12.49 -22.29 28.38
C ARG C 250 12.91 -23.77 28.32
N LEU C 251 12.88 -24.41 29.48
CA LEU C 251 13.47 -25.75 29.59
C LEU C 251 12.59 -26.60 30.50
N TYR C 252 13.08 -27.81 30.80
CA TYR C 252 12.39 -28.77 31.67
C TYR C 252 13.48 -29.56 32.40
N GLN C 253 13.84 -29.10 33.58
CA GLN C 253 15.00 -29.58 34.32
C GLN C 253 14.60 -29.92 35.74
N PRO C 254 15.36 -30.81 36.41
CA PRO C 254 15.08 -31.17 37.81
C PRO C 254 15.60 -30.16 38.84
N LEU C 255 14.83 -29.10 39.07
CA LEU C 255 15.20 -28.02 39.98
C LEU C 255 14.11 -27.76 41.00
N ARG C 256 13.58 -28.82 41.62
CA ARG C 256 12.66 -28.69 42.73
C ARG C 256 13.01 -29.75 43.76
N LEU C 257 13.61 -29.34 44.86
CA LEU C 257 14.18 -30.26 45.83
C LEU C 257 13.12 -30.76 46.81
N THR C 258 13.43 -31.87 47.47
CA THR C 258 12.65 -32.34 48.61
C THR C 258 13.49 -32.50 49.87
N CYS C 259 14.82 -32.50 49.75
CA CYS C 259 15.70 -32.49 50.91
C CYS C 259 17.06 -31.99 50.46
N LEU C 260 17.92 -31.70 51.44
CA LEU C 260 19.28 -31.28 51.16
C LEU C 260 20.17 -31.71 52.32
N TRP C 261 21.27 -32.38 52.00
CA TRP C 261 22.14 -32.99 53.00
C TRP C 261 23.47 -32.27 52.99
N PRO C 262 23.65 -31.23 53.82
CA PRO C 262 24.89 -30.44 53.74
C PRO C 262 26.02 -31.11 54.48
N VAL C 263 27.18 -31.17 53.82
CA VAL C 263 28.39 -31.79 54.36
C VAL C 263 28.07 -33.20 54.84
N PRO C 264 27.80 -34.15 53.95
CA PRO C 264 27.44 -35.49 54.41
C PRO C 264 28.61 -36.25 55.01
N GLY C 265 29.81 -36.08 54.46
CA GLY C 265 30.97 -36.80 54.96
C GLY C 265 30.85 -38.30 54.80
N LEU C 266 30.54 -38.75 53.58
CA LEU C 266 30.40 -40.17 53.32
C LEU C 266 31.72 -40.88 53.55
N LYS C 267 31.64 -42.08 54.12
CA LYS C 267 32.83 -42.85 54.49
C LYS C 267 32.84 -44.16 53.69
N SER C 268 33.79 -45.03 54.03
CA SER C 268 33.93 -46.32 53.38
C SER C 268 33.04 -47.39 53.99
N SER C 269 32.33 -47.08 55.08
CA SER C 269 31.48 -48.04 55.77
C SER C 269 30.11 -47.43 56.03
N THR C 270 29.54 -46.79 55.00
CA THR C 270 28.23 -46.18 55.12
C THR C 270 27.12 -47.13 54.65
N GLY C 271 27.21 -47.58 53.41
CA GLY C 271 26.21 -48.48 52.88
C GLY C 271 25.56 -47.97 51.61
N PHE C 272 24.27 -48.20 51.45
CA PHE C 272 23.52 -47.77 50.28
C PHE C 272 22.66 -46.55 50.62
N VAL C 273 22.22 -45.86 49.58
CA VAL C 273 21.31 -44.72 49.71
C VAL C 273 20.11 -44.98 48.80
N TYR C 274 18.91 -44.84 49.34
CA TYR C 274 17.72 -45.46 48.75
C TYR C 274 16.71 -44.44 48.20
N PHE C 275 17.17 -43.31 47.67
CA PHE C 275 16.32 -42.36 46.95
C PHE C 275 15.21 -41.77 47.81
N ASN C 276 15.32 -41.80 49.14
CA ASN C 276 14.38 -41.07 49.98
C ASN C 276 15.08 -40.63 51.26
N ALA C 277 14.72 -39.44 51.73
CA ALA C 277 15.35 -38.85 52.91
C ALA C 277 14.57 -39.17 54.18
N THR C 278 14.34 -40.46 54.43
CA THR C 278 13.65 -40.90 55.65
C THR C 278 14.43 -41.98 56.37
N GLY C 279 15.75 -42.01 56.16
CA GLY C 279 16.61 -42.98 56.80
C GLY C 279 17.03 -42.55 58.19
N SER C 280 18.13 -43.13 58.66
CA SER C 280 18.66 -42.83 59.99
C SER C 280 19.85 -41.89 59.96
N ASP C 281 20.47 -41.67 58.81
CA ASP C 281 21.63 -40.79 58.71
C ASP C 281 21.32 -39.47 58.02
N VAL C 282 20.16 -39.33 57.39
CA VAL C 282 19.84 -38.13 56.63
C VAL C 282 19.51 -37.00 57.60
N ASN C 283 20.17 -35.86 57.43
CA ASN C 283 19.92 -34.65 58.20
C ASN C 283 19.61 -33.54 57.21
N CYS C 284 18.34 -33.41 56.83
CA CYS C 284 17.96 -32.42 55.84
C CYS C 284 18.12 -31.01 56.42
N ASN C 285 18.13 -30.03 55.53
CA ASN C 285 18.32 -28.63 55.89
C ASN C 285 17.09 -27.85 55.48
N GLY C 286 16.54 -27.07 56.40
CA GLY C 286 15.34 -26.31 56.12
C GLY C 286 14.11 -27.18 56.03
N TYR C 287 13.21 -26.87 55.11
CA TYR C 287 12.02 -27.67 54.92
C TYR C 287 12.37 -29.05 54.39
N GLN C 288 11.52 -30.02 54.68
CA GLN C 288 11.79 -31.42 54.32
C GLN C 288 10.45 -32.12 54.13
N HIS C 289 10.06 -32.33 52.87
CA HIS C 289 8.85 -33.06 52.57
C HIS C 289 9.16 -34.55 52.46
N ASN C 290 8.14 -35.33 52.12
CA ASN C 290 8.30 -36.77 51.91
C ASN C 290 7.61 -37.17 50.62
N SER C 291 8.38 -37.68 49.67
CA SER C 291 7.86 -38.14 48.39
C SER C 291 8.87 -39.12 47.79
N VAL C 292 8.71 -39.43 46.52
CA VAL C 292 9.67 -40.24 45.78
C VAL C 292 10.31 -39.35 44.72
N VAL C 293 11.64 -39.48 44.58
CA VAL C 293 12.41 -38.54 43.78
C VAL C 293 12.86 -39.22 42.49
N ASP C 294 13.44 -38.44 41.58
CA ASP C 294 13.86 -38.95 40.28
C ASP C 294 15.36 -38.88 40.04
N VAL C 295 16.07 -37.95 40.68
CA VAL C 295 17.52 -37.84 40.50
C VAL C 295 18.19 -37.81 41.86
N MET C 296 19.52 -37.73 41.85
CA MET C 296 20.29 -37.63 43.09
C MET C 296 21.57 -36.87 42.75
N ARG C 297 21.58 -35.56 43.01
CA ARG C 297 22.67 -34.71 42.56
C ARG C 297 23.81 -34.74 43.58
N TYR C 298 25.00 -35.06 43.11
CA TYR C 298 26.19 -34.99 43.93
C TYR C 298 26.92 -33.67 43.69
N ASN C 299 27.97 -33.43 44.47
CA ASN C 299 28.77 -32.22 44.31
C ASN C 299 30.14 -32.48 44.89
N LEU C 300 31.18 -32.23 44.10
CA LEU C 300 32.54 -32.62 44.45
C LEU C 300 33.32 -31.42 44.99
N ASN C 301 34.03 -31.65 46.10
CA ASN C 301 34.87 -30.64 46.72
C ASN C 301 36.31 -30.93 46.35
N PHE C 302 36.93 -30.02 45.60
CA PHE C 302 38.30 -30.19 45.13
C PHE C 302 39.07 -28.89 45.32
N SER C 303 40.39 -29.02 45.40
CA SER C 303 41.28 -27.88 45.51
C SER C 303 42.12 -27.76 44.24
N ALA C 304 42.64 -26.55 44.01
CA ALA C 304 43.43 -26.28 42.81
C ALA C 304 44.70 -27.12 42.76
N ASN C 305 45.28 -27.46 43.91
CA ASN C 305 46.42 -28.36 43.93
C ASN C 305 46.00 -29.76 43.49
N SER C 306 46.87 -30.45 42.79
CA SER C 306 46.57 -31.76 42.22
C SER C 306 47.42 -32.87 42.85
N LEU C 307 47.57 -32.82 44.18
CA LEU C 307 48.38 -33.80 44.89
C LEU C 307 47.53 -34.96 45.41
N ASP C 308 46.38 -34.67 46.02
CA ASP C 308 45.52 -35.68 46.61
C ASP C 308 44.09 -35.58 46.09
N ASN C 309 43.94 -35.19 44.82
CA ASN C 309 42.65 -35.23 44.14
C ASN C 309 42.45 -36.54 43.38
N LEU C 310 43.09 -37.61 43.84
CA LEU C 310 43.08 -38.91 43.17
C LEU C 310 42.57 -39.94 44.16
N LYS C 311 41.25 -40.09 44.22
CA LYS C 311 40.60 -40.97 45.19
C LYS C 311 40.44 -42.37 44.61
N SER C 312 40.80 -43.39 45.39
CA SER C 312 40.73 -44.78 44.95
C SER C 312 39.43 -45.39 45.46
N GLY C 313 38.54 -45.74 44.53
CA GLY C 313 37.28 -46.34 44.88
C GLY C 313 36.47 -46.65 43.65
N VAL C 314 35.31 -47.26 43.87
CA VAL C 314 34.42 -47.66 42.79
C VAL C 314 33.02 -47.17 43.08
N ILE C 315 32.11 -47.33 42.12
CA ILE C 315 30.70 -47.02 42.30
C ILE C 315 29.91 -48.30 42.06
N VAL C 316 29.08 -48.67 43.03
CA VAL C 316 28.30 -49.90 42.97
C VAL C 316 26.83 -49.52 42.85
N PHE C 317 26.23 -49.84 41.71
CA PHE C 317 24.80 -49.62 41.53
C PHE C 317 24.02 -50.83 42.04
N LYS C 318 22.71 -50.82 41.85
CA LYS C 318 21.88 -51.95 42.26
C LYS C 318 20.72 -52.07 41.28
N THR C 319 20.89 -52.91 40.28
CA THR C 319 19.86 -53.19 39.29
C THR C 319 19.00 -54.34 39.81
N LEU C 320 17.85 -54.56 39.18
CA LEU C 320 16.94 -55.61 39.61
C LEU C 320 17.54 -57.01 39.50
N GLN C 321 18.57 -57.19 38.67
CA GLN C 321 19.16 -58.50 38.46
C GLN C 321 20.58 -58.61 38.98
N TYR C 322 21.49 -57.75 38.53
CA TYR C 322 22.89 -57.85 38.88
C TYR C 322 23.47 -56.47 39.13
N ASP C 323 24.48 -56.42 39.99
CA ASP C 323 25.15 -55.16 40.29
C ASP C 323 26.05 -54.73 39.14
N VAL C 324 26.33 -53.44 39.07
CA VAL C 324 27.18 -52.86 38.04
C VAL C 324 28.29 -52.08 38.72
N LEU C 325 29.53 -52.32 38.27
CA LEU C 325 30.72 -51.73 38.87
C LEU C 325 31.33 -50.75 37.87
N PHE C 326 31.56 -49.52 38.32
CA PHE C 326 32.07 -48.45 37.48
C PHE C 326 33.37 -47.93 38.05
N TYR C 327 34.40 -47.81 37.21
CA TYR C 327 35.69 -47.33 37.66
C TYR C 327 36.44 -46.74 36.46
N CYS C 328 37.49 -45.97 36.76
CA CYS C 328 38.28 -45.32 35.73
C CYS C 328 39.76 -45.54 36.01
N SER C 329 40.55 -45.50 34.94
CA SER C 329 41.99 -45.68 35.02
C SER C 329 42.67 -44.85 33.94
N ASN C 330 43.99 -44.79 33.99
CA ASN C 330 44.77 -43.99 33.05
C ASN C 330 45.48 -44.81 31.99
N SER C 331 45.15 -46.10 31.87
CA SER C 331 45.75 -46.96 30.85
C SER C 331 44.65 -47.63 30.03
N SER C 332 44.99 -47.98 28.79
CA SER C 332 44.01 -48.61 27.91
C SER C 332 43.51 -49.93 28.48
N SER C 333 44.40 -50.75 29.03
CA SER C 333 44.01 -52.00 29.69
C SER C 333 43.75 -51.69 31.15
N GLY C 334 42.48 -51.49 31.48
CA GLY C 334 42.10 -51.13 32.83
C GLY C 334 42.13 -52.30 33.81
N VAL C 335 43.33 -52.80 34.09
CA VAL C 335 43.48 -53.95 34.97
C VAL C 335 44.32 -53.64 36.21
N LEU C 336 45.23 -52.68 36.14
CA LEU C 336 46.20 -52.45 37.21
C LEU C 336 45.87 -51.26 38.09
N ASP C 337 44.74 -50.59 37.88
CA ASP C 337 44.47 -49.37 38.62
C ASP C 337 42.97 -49.20 38.83
N THR C 338 42.62 -48.40 39.83
CA THR C 338 41.22 -48.09 40.14
C THR C 338 41.21 -46.76 40.88
N THR C 339 40.87 -45.68 40.16
CA THR C 339 40.88 -44.34 40.73
C THR C 339 39.77 -43.52 40.08
N ILE C 340 39.43 -42.41 40.73
CA ILE C 340 38.51 -41.43 40.19
C ILE C 340 39.04 -40.03 40.51
N PRO C 341 39.42 -39.23 39.51
CA PRO C 341 39.96 -37.91 39.79
C PRO C 341 38.88 -36.88 40.05
N PHE C 342 39.23 -35.89 40.87
CA PHE C 342 38.39 -34.73 41.12
C PHE C 342 39.12 -33.47 40.67
N GLY C 343 38.36 -32.48 40.23
CA GLY C 343 38.93 -31.23 39.80
C GLY C 343 39.76 -31.37 38.54
N PRO C 344 40.72 -30.47 38.36
CA PRO C 344 41.55 -30.51 37.15
C PRO C 344 42.49 -31.70 37.13
N SER C 345 42.82 -32.15 35.92
CA SER C 345 43.73 -33.25 35.68
C SER C 345 44.70 -32.87 34.58
N SER C 346 45.63 -33.79 34.27
CA SER C 346 46.68 -33.50 33.32
C SER C 346 46.80 -34.50 32.18
N GLN C 347 46.32 -35.73 32.34
CA GLN C 347 46.45 -36.76 31.32
C GLN C 347 45.10 -37.44 31.16
N PRO C 348 44.82 -38.02 29.99
CA PRO C 348 43.50 -38.62 29.77
C PRO C 348 43.26 -39.81 30.67
N TYR C 349 41.98 -40.03 31.00
CA TYR C 349 41.55 -41.16 31.81
C TYR C 349 40.47 -41.94 31.07
N TYR C 350 40.53 -43.26 31.17
CA TYR C 350 39.56 -44.15 30.56
C TYR C 350 38.70 -44.78 31.63
N CYS C 351 37.42 -44.97 31.33
CA CYS C 351 36.46 -45.52 32.29
C CYS C 351 35.79 -46.76 31.71
N PHE C 352 35.42 -47.69 32.59
CA PHE C 352 34.93 -49.01 32.19
C PHE C 352 33.68 -49.37 32.98
N ILE C 353 33.12 -50.53 32.67
CA ILE C 353 31.97 -51.08 33.39
C ILE C 353 32.18 -52.58 33.58
N ASN C 354 31.94 -53.08 34.79
CA ASN C 354 32.09 -54.49 35.09
C ASN C 354 30.78 -55.10 35.58
N SER C 355 30.58 -56.37 35.28
CA SER C 355 29.39 -57.10 35.71
C SER C 355 29.71 -58.59 35.66
N THR C 356 28.85 -59.38 36.30
CA THR C 356 29.05 -60.83 36.37
C THR C 356 27.73 -61.53 36.08
N ILE C 357 27.79 -62.55 35.22
CA ILE C 357 26.63 -63.37 34.89
C ILE C 357 27.11 -64.83 34.90
N ASN C 358 26.85 -65.53 36.01
CA ASN C 358 27.35 -66.89 36.22
C ASN C 358 28.86 -66.99 35.98
N THR C 359 29.61 -66.29 36.83
CA THR C 359 31.07 -66.40 36.86
C THR C 359 31.66 -66.11 35.48
N THR C 360 31.15 -65.06 34.84
CA THR C 360 31.61 -64.62 33.52
C THR C 360 31.78 -63.11 33.60
N HIS C 361 32.97 -62.67 33.99
CA HIS C 361 33.23 -61.26 34.20
C HIS C 361 33.30 -60.56 32.85
N VAL C 362 32.40 -59.59 32.63
CA VAL C 362 32.28 -58.88 31.38
C VAL C 362 32.65 -57.43 31.61
N SER C 363 33.54 -56.90 30.78
CA SER C 363 33.97 -55.51 30.87
C SER C 363 33.85 -54.86 29.50
N THR C 364 33.64 -53.54 29.50
CA THR C 364 33.49 -52.80 28.27
C THR C 364 33.99 -51.37 28.48
N PHE C 365 34.23 -50.68 27.37
CA PHE C 365 34.76 -49.33 27.39
C PHE C 365 33.62 -48.35 27.14
N VAL C 366 33.57 -47.29 27.94
CA VAL C 366 32.45 -46.35 27.95
C VAL C 366 32.83 -45.02 27.31
N GLY C 367 33.92 -44.41 27.76
CA GLY C 367 34.32 -43.13 27.22
C GLY C 367 35.49 -42.54 27.98
N ILE C 368 35.66 -41.24 27.85
CA ILE C 368 36.75 -40.50 28.48
C ILE C 368 36.16 -39.36 29.29
N LEU C 369 36.70 -39.16 30.50
CA LEU C 369 36.24 -38.08 31.35
C LEU C 369 36.61 -36.74 30.74
N PRO C 370 35.83 -35.69 31.01
CA PRO C 370 36.19 -34.35 30.56
C PRO C 370 37.44 -33.86 31.28
N PRO C 371 38.01 -32.72 30.88
CA PRO C 371 39.21 -32.22 31.57
C PRO C 371 38.99 -31.93 33.05
N THR C 372 37.77 -31.62 33.48
CA THR C 372 37.50 -31.29 34.87
C THR C 372 36.17 -31.89 35.28
N VAL C 373 36.20 -32.85 36.21
CA VAL C 373 34.99 -33.49 36.71
C VAL C 373 34.59 -32.80 38.01
N ARG C 374 33.36 -32.26 38.05
CA ARG C 374 32.93 -31.53 39.23
C ARG C 374 31.56 -31.98 39.74
N GLU C 375 30.68 -32.44 38.85
CA GLU C 375 29.34 -32.86 39.24
C GLU C 375 29.01 -34.22 38.65
N ILE C 376 28.26 -35.02 39.42
CA ILE C 376 27.82 -36.35 38.99
C ILE C 376 26.35 -36.50 39.34
N VAL C 377 25.53 -36.89 38.37
CA VAL C 377 24.09 -37.05 38.56
C VAL C 377 23.71 -38.48 38.20
N VAL C 378 22.92 -39.11 39.06
CA VAL C 378 22.46 -40.48 38.86
C VAL C 378 20.94 -40.46 38.87
N ALA C 379 20.33 -40.59 37.69
CA ALA C 379 18.89 -40.66 37.60
C ALA C 379 18.40 -42.00 38.16
N ARG C 380 17.08 -42.11 38.29
CA ARG C 380 16.50 -43.31 38.88
C ARG C 380 16.02 -44.30 37.84
N THR C 381 15.83 -43.86 36.60
CA THR C 381 15.41 -44.74 35.52
C THR C 381 16.58 -45.38 34.77
N GLY C 382 17.82 -45.14 35.21
CA GLY C 382 18.99 -45.81 34.66
C GLY C 382 20.08 -44.87 34.19
N GLN C 383 19.71 -43.72 33.64
CA GLN C 383 20.68 -42.84 33.01
C GLN C 383 21.70 -42.33 34.02
N PHE C 384 22.94 -42.14 33.56
CA PHE C 384 24.04 -41.71 34.39
C PHE C 384 24.75 -40.56 33.71
N TYR C 385 24.77 -39.40 34.35
CA TYR C 385 25.36 -38.19 33.77
C TYR C 385 26.62 -37.79 34.53
N ILE C 386 27.63 -37.34 33.77
CA ILE C 386 28.79 -36.66 34.33
C ILE C 386 28.91 -35.31 33.62
N ASN C 387 28.95 -34.24 34.40
CA ASN C 387 29.00 -32.88 33.88
C ASN C 387 27.84 -32.60 32.93
N GLY C 388 26.69 -33.21 33.19
CA GLY C 388 25.53 -33.04 32.34
C GLY C 388 25.68 -33.63 30.96
N PHE C 389 26.11 -34.89 30.88
CA PHE C 389 26.21 -35.59 29.60
C PHE C 389 26.12 -37.08 29.84
N LYS C 390 25.20 -37.73 29.13
CA LYS C 390 24.96 -39.15 29.31
C LYS C 390 26.10 -39.98 28.73
N TYR C 391 26.50 -41.03 29.46
CA TYR C 391 27.44 -42.02 28.95
C TYR C 391 26.80 -43.37 28.66
N PHE C 392 26.12 -43.97 29.63
CA PHE C 392 25.46 -45.25 29.39
C PHE C 392 24.07 -45.17 29.99
N ASP C 393 23.40 -46.32 30.04
CA ASP C 393 22.02 -46.36 30.52
C ASP C 393 21.71 -47.77 30.99
N LEU C 394 21.38 -47.92 32.26
CA LEU C 394 20.94 -49.21 32.78
C LEU C 394 19.43 -49.32 32.59
N GLY C 395 18.83 -50.34 33.19
CA GLY C 395 17.39 -50.51 33.09
C GLY C 395 16.63 -49.86 34.22
N PHE C 396 17.01 -50.16 35.45
CA PHE C 396 16.30 -49.66 36.62
C PHE C 396 17.26 -49.67 37.80
N ILE C 397 17.38 -48.54 38.49
CA ILE C 397 18.31 -48.39 39.60
C ILE C 397 17.52 -48.20 40.90
N GLU C 398 17.92 -48.93 41.93
CA GLU C 398 17.28 -48.84 43.24
C GLU C 398 18.10 -48.11 44.28
N ALA C 399 19.42 -48.23 44.24
CA ALA C 399 20.27 -47.59 45.24
C ALA C 399 21.68 -47.45 44.68
N VAL C 400 22.43 -46.51 45.24
CA VAL C 400 23.79 -46.21 44.81
C VAL C 400 24.71 -46.24 46.03
N ASN C 401 25.83 -46.94 45.90
CA ASN C 401 26.86 -46.98 46.93
C ASN C 401 28.14 -46.39 46.34
N PHE C 402 28.49 -45.19 46.78
CA PHE C 402 29.61 -44.46 46.17
C PHE C 402 30.83 -44.71 47.04
N ASN C 403 31.42 -45.89 46.87
CA ASN C 403 32.51 -46.36 47.72
C ASN C 403 33.79 -45.61 47.37
N VAL C 404 34.24 -44.76 48.30
CA VAL C 404 35.49 -44.02 48.14
C VAL C 404 36.28 -44.14 49.44
N THR C 405 37.53 -44.56 49.33
CA THR C 405 38.41 -44.66 50.49
C THR C 405 39.06 -43.31 50.76
N THR C 406 38.89 -42.81 51.98
CA THR C 406 39.41 -41.51 52.35
C THR C 406 39.75 -41.51 53.84
N ALA C 407 40.68 -40.62 54.21
CA ALA C 407 41.17 -40.53 55.59
C ALA C 407 40.40 -39.52 56.43
N SER C 408 39.42 -38.83 55.87
CA SER C 408 38.64 -37.83 56.59
C SER C 408 37.24 -37.80 55.99
N ALA C 409 36.50 -36.73 56.27
CA ALA C 409 35.14 -36.58 55.78
C ALA C 409 35.02 -35.44 54.76
N THR C 410 36.09 -35.14 54.05
CA THR C 410 36.12 -34.01 53.12
C THR C 410 36.14 -34.52 51.67
N ASP C 411 34.96 -34.80 51.13
CA ASP C 411 34.87 -35.11 49.70
C ASP C 411 33.73 -34.38 49.03
N PHE C 412 32.64 -34.12 49.76
CA PHE C 412 31.41 -33.63 49.16
C PHE C 412 30.94 -32.36 49.84
N TRP C 413 30.18 -31.56 49.08
CA TRP C 413 29.52 -30.37 49.61
C TRP C 413 28.08 -30.68 49.99
N THR C 414 27.28 -31.16 49.04
CA THR C 414 25.87 -31.45 49.28
C THR C 414 25.48 -32.70 48.52
N VAL C 415 24.39 -33.32 48.95
CA VAL C 415 23.74 -34.41 48.24
C VAL C 415 22.25 -34.08 48.20
N ALA C 416 21.73 -33.74 47.03
CA ALA C 416 20.38 -33.22 46.89
C ALA C 416 19.52 -34.15 46.06
N PHE C 417 18.27 -34.34 46.48
CA PHE C 417 17.27 -35.08 45.73
C PHE C 417 16.32 -34.10 45.08
N ALA C 418 15.91 -34.39 43.85
CA ALA C 418 15.12 -33.43 43.08
C ALA C 418 14.13 -34.16 42.19
N THR C 419 13.21 -33.39 41.60
CA THR C 419 12.22 -33.89 40.66
C THR C 419 12.09 -32.91 39.51
N PHE C 420 11.59 -33.42 38.38
CA PHE C 420 11.50 -32.62 37.17
C PHE C 420 10.39 -31.59 37.27
N VAL C 421 10.74 -30.32 37.03
CA VAL C 421 9.77 -29.21 37.02
C VAL C 421 10.20 -28.23 35.94
N ASP C 422 9.24 -27.75 35.15
CA ASP C 422 9.54 -26.79 34.09
C ASP C 422 9.97 -25.45 34.70
N VAL C 423 11.00 -24.84 34.11
CA VAL C 423 11.52 -23.56 34.59
C VAL C 423 11.81 -22.64 33.41
N LEU C 424 12.34 -21.46 33.69
CA LEU C 424 12.81 -20.54 32.66
C LEU C 424 14.18 -20.05 33.08
N VAL C 425 15.17 -20.24 32.22
CA VAL C 425 16.58 -20.11 32.60
C VAL C 425 17.24 -19.03 31.74
N ASN C 426 18.11 -18.24 32.36
CA ASN C 426 18.93 -17.25 31.68
C ASN C 426 20.35 -17.80 31.63
N VAL C 427 20.68 -18.49 30.54
CA VAL C 427 21.97 -19.15 30.40
C VAL C 427 23.01 -18.15 29.92
N SER C 428 24.19 -18.19 30.52
CA SER C 428 25.32 -17.38 30.08
C SER C 428 26.60 -18.20 30.27
N ALA C 429 27.31 -18.44 29.16
CA ALA C 429 28.56 -19.20 29.18
C ALA C 429 28.36 -20.59 29.77
N THR C 430 27.29 -21.26 29.33
CA THR C 430 26.97 -22.63 29.77
C THR C 430 26.79 -22.70 31.29
N ASN C 431 26.19 -21.65 31.87
CA ASN C 431 25.91 -21.58 33.28
C ASN C 431 24.49 -21.10 33.49
N ILE C 432 24.07 -21.01 34.74
CA ILE C 432 22.72 -20.57 35.10
C ILE C 432 22.84 -19.26 35.88
N GLN C 433 22.17 -18.22 35.39
CA GLN C 433 22.16 -16.93 36.06
C GLN C 433 20.95 -16.75 36.95
N ASN C 434 19.75 -16.83 36.37
CA ASN C 434 18.51 -16.62 37.09
C ASN C 434 17.65 -17.89 37.01
N LEU C 435 16.44 -17.79 37.56
CA LEU C 435 15.50 -18.90 37.57
C LEU C 435 14.12 -18.34 37.85
N LEU C 436 13.10 -18.92 37.20
CA LEU C 436 11.75 -18.42 37.34
C LEU C 436 10.79 -19.60 37.17
N TYR C 437 10.24 -20.08 38.29
CA TYR C 437 9.28 -21.17 38.23
C TYR C 437 7.98 -20.70 37.62
N CYS C 438 7.38 -21.53 36.76
CA CYS C 438 6.15 -21.19 36.06
C CYS C 438 4.97 -21.82 36.79
N ASP C 439 4.56 -21.18 37.89
CA ASP C 439 3.44 -21.67 38.69
C ASP C 439 2.34 -20.63 38.91
N SER C 440 2.72 -19.38 39.17
CA SER C 440 1.75 -18.34 39.49
C SER C 440 1.03 -17.87 38.22
N PRO C 441 -0.19 -17.34 38.37
CA PRO C 441 -0.90 -16.81 37.19
C PRO C 441 -0.15 -15.72 36.46
N PHE C 442 0.56 -14.85 37.17
CA PHE C 442 1.40 -13.85 36.50
C PHE C 442 2.76 -14.40 36.09
N GLU C 443 3.30 -15.37 36.82
CA GLU C 443 4.57 -15.98 36.44
C GLU C 443 4.46 -16.79 35.16
N LYS C 444 3.25 -17.07 34.69
CA LYS C 444 3.07 -17.79 33.44
C LYS C 444 3.10 -16.88 32.22
N LEU C 445 2.65 -15.63 32.36
CA LEU C 445 2.72 -14.70 31.24
C LEU C 445 4.16 -14.46 30.82
N GLN C 446 5.05 -14.19 31.78
CA GLN C 446 6.46 -14.11 31.47
C GLN C 446 6.98 -15.43 30.92
N CYS C 447 6.57 -16.54 31.53
CA CYS C 447 6.99 -17.87 31.09
C CYS C 447 6.47 -18.20 29.70
N GLU C 448 5.43 -17.52 29.22
CA GLU C 448 4.91 -17.75 27.88
C GLU C 448 5.53 -16.81 26.85
N HIS C 449 5.79 -15.56 27.22
CA HIS C 449 6.35 -14.58 26.28
C HIS C 449 7.87 -14.58 26.26
N LEU C 450 8.51 -15.42 27.06
CA LEU C 450 9.98 -15.50 27.13
C LEU C 450 10.59 -14.14 27.43
N GLN C 451 10.22 -13.60 28.60
CA GLN C 451 10.66 -12.27 28.96
C GLN C 451 10.70 -12.16 30.49
N PHE C 452 11.75 -11.53 30.99
CA PHE C 452 11.90 -11.29 32.42
C PHE C 452 11.34 -9.91 32.73
N GLY C 453 10.11 -9.86 33.22
CA GLY C 453 9.45 -8.59 33.48
C GLY C 453 8.72 -8.07 32.26
N LEU C 454 7.57 -7.45 32.46
CA LEU C 454 6.72 -7.04 31.35
C LEU C 454 6.36 -5.56 31.48
N GLN C 455 6.04 -4.96 30.34
CA GLN C 455 5.65 -3.55 30.29
C GLN C 455 4.19 -3.39 30.70
N ASP C 456 3.64 -2.21 30.46
CA ASP C 456 2.24 -1.94 30.74
C ASP C 456 1.45 -1.93 29.43
N GLY C 457 0.26 -2.49 29.47
CA GLY C 457 -0.60 -2.57 28.31
C GLY C 457 -1.45 -3.82 28.36
N PHE C 458 -2.10 -4.11 27.24
CA PHE C 458 -2.92 -5.31 27.10
C PHE C 458 -2.09 -6.43 26.49
N TYR C 459 -2.29 -7.64 26.97
CA TYR C 459 -1.57 -8.80 26.48
C TYR C 459 -2.55 -9.92 26.20
N SER C 460 -2.23 -10.75 25.21
CA SER C 460 -3.05 -11.91 24.87
C SER C 460 -2.55 -13.13 25.62
N ALA C 461 -3.49 -13.93 26.10
CA ALA C 461 -3.13 -15.10 26.90
C ALA C 461 -4.12 -16.23 26.63
N ASN C 462 -3.58 -17.44 26.42
CA ASN C 462 -4.41 -18.63 26.24
C ASN C 462 -3.54 -19.82 26.65
N PHE C 463 -3.75 -20.32 27.87
CA PHE C 463 -2.89 -21.35 28.44
C PHE C 463 -3.44 -22.72 28.07
N LEU C 464 -2.71 -23.44 27.24
CA LEU C 464 -3.09 -24.80 26.87
C LEU C 464 -2.74 -25.76 28.00
N ASP C 465 -3.14 -27.03 27.83
CA ASP C 465 -2.84 -28.06 28.79
C ASP C 465 -2.72 -29.40 28.08
N ASP C 466 -1.61 -30.08 28.29
CA ASP C 466 -1.39 -31.39 27.70
C ASP C 466 -1.97 -32.47 28.61
N ASN C 467 -2.68 -33.41 28.02
CA ASN C 467 -3.34 -34.48 28.76
C ASN C 467 -3.59 -35.64 27.81
N VAL C 468 -4.41 -36.59 28.25
CA VAL C 468 -4.83 -37.72 27.43
C VAL C 468 -6.34 -37.62 27.23
N LEU C 469 -6.77 -37.94 26.01
CA LEU C 469 -8.16 -37.72 25.63
C LEU C 469 -8.76 -38.99 25.04
N PRO C 470 -10.05 -39.20 25.23
CA PRO C 470 -10.72 -40.30 24.54
C PRO C 470 -10.86 -40.01 23.06
N GLU C 471 -11.18 -41.05 22.29
CA GLU C 471 -11.19 -40.96 20.84
C GLU C 471 -12.52 -41.48 20.29
N THR C 472 -13.08 -40.74 19.33
CA THR C 472 -14.36 -41.09 18.72
C THR C 472 -14.15 -41.34 17.22
N TYR C 473 -15.00 -42.21 16.67
CA TYR C 473 -14.86 -42.61 15.27
C TYR C 473 -16.24 -42.84 14.67
N VAL C 474 -16.57 -42.09 13.63
CA VAL C 474 -17.83 -42.23 12.91
C VAL C 474 -17.52 -42.30 11.43
N ALA C 475 -18.05 -43.33 10.76
CA ALA C 475 -17.77 -43.55 9.35
C ALA C 475 -19.03 -44.06 8.66
N LEU C 476 -18.97 -44.10 7.33
CA LEU C 476 -20.10 -44.56 6.54
C LEU C 476 -20.34 -46.05 6.80
N PRO C 477 -21.58 -46.52 6.64
CA PRO C 477 -21.93 -47.88 7.07
C PRO C 477 -21.12 -48.95 6.34
N ILE C 478 -20.66 -49.94 7.09
CA ILE C 478 -19.96 -51.10 6.52
C ILE C 478 -19.94 -52.17 7.61
N TYR C 479 -19.78 -53.42 7.19
CA TYR C 479 -19.74 -54.51 8.16
C TYR C 479 -18.36 -54.61 8.80
N TYR C 480 -18.22 -55.51 9.76
CA TYR C 480 -17.04 -55.59 10.61
C TYR C 480 -16.36 -56.94 10.43
N GLN C 481 -15.03 -56.92 10.31
CA GLN C 481 -14.23 -58.13 10.17
C GLN C 481 -12.80 -57.80 10.58
N HIS C 482 -12.19 -58.67 11.39
CA HIS C 482 -10.93 -58.35 12.03
C HIS C 482 -9.91 -59.46 11.82
N THR C 483 -8.65 -59.10 12.02
CA THR C 483 -7.52 -60.03 11.97
C THR C 483 -6.42 -59.52 12.88
N ASP C 484 -5.55 -60.42 13.32
CA ASP C 484 -4.48 -60.10 14.25
C ASP C 484 -3.14 -60.52 13.68
N ILE C 485 -2.11 -59.71 13.92
CA ILE C 485 -0.76 -59.97 13.44
C ILE C 485 0.22 -59.69 14.58
N ASN C 486 1.04 -60.69 14.90
CA ASN C 486 2.13 -60.53 15.86
C ASN C 486 3.42 -60.24 15.12
N PHE C 487 4.46 -59.90 15.89
CA PHE C 487 5.81 -59.75 15.33
C PHE C 487 6.80 -60.09 16.44
N THR C 488 7.22 -61.35 16.46
CA THR C 488 8.05 -61.88 17.53
C THR C 488 9.52 -61.85 17.15
N ALA C 489 10.36 -61.97 18.18
CA ALA C 489 11.81 -61.98 18.00
C ALA C 489 12.45 -62.64 19.20
N THR C 490 13.07 -63.80 18.99
CA THR C 490 13.76 -64.53 20.03
C THR C 490 15.26 -64.49 19.76
N ALA C 491 16.06 -64.66 20.82
CA ALA C 491 17.49 -64.51 20.69
C ALA C 491 18.22 -65.38 21.71
N SER C 492 19.49 -65.63 21.43
CA SER C 492 20.39 -66.30 22.34
C SER C 492 21.74 -65.60 22.29
N PHE C 493 22.51 -65.72 23.37
CA PHE C 493 23.74 -64.97 23.52
C PHE C 493 24.85 -65.86 24.04
N GLY C 494 26.08 -65.38 23.92
CA GLY C 494 27.19 -65.94 24.67
C GLY C 494 28.22 -66.74 23.90
N GLY C 495 28.46 -66.41 22.64
CA GLY C 495 29.35 -67.23 21.85
C GLY C 495 30.81 -67.13 22.24
N SER C 496 31.44 -65.99 21.97
CA SER C 496 32.80 -65.67 22.39
C SER C 496 32.82 -64.33 23.10
N CYS C 497 31.95 -63.42 22.66
CA CYS C 497 31.86 -62.06 23.18
C CYS C 497 30.40 -61.62 23.31
N TYR C 498 30.10 -60.96 24.42
CA TYR C 498 28.74 -60.50 24.73
C TYR C 498 28.47 -59.10 24.18
N VAL C 499 29.17 -58.09 24.70
CA VAL C 499 28.84 -56.70 24.36
C VAL C 499 29.06 -56.38 22.90
N CYS C 500 29.55 -57.33 22.11
CA CYS C 500 29.79 -57.15 20.69
C CYS C 500 28.53 -57.40 19.85
N LYS C 501 28.01 -58.63 19.87
CA LYS C 501 26.89 -59.01 19.02
C LYS C 501 26.17 -60.17 19.65
N PRO C 502 24.85 -60.29 19.44
CA PRO C 502 24.12 -61.47 19.89
C PRO C 502 24.49 -62.69 19.05
N HIS C 503 24.25 -63.87 19.62
CA HIS C 503 24.64 -65.11 18.97
C HIS C 503 23.70 -65.46 17.81
N GLN C 504 22.39 -65.31 18.01
CA GLN C 504 21.42 -65.63 16.97
C GLN C 504 20.10 -64.97 17.28
N VAL C 505 19.39 -64.53 16.22
CA VAL C 505 18.10 -63.86 16.36
C VAL C 505 17.17 -64.37 15.26
N ASN C 506 15.91 -64.66 15.62
CA ASN C 506 14.90 -65.14 14.70
C ASN C 506 13.75 -64.16 14.59
N ILE C 507 13.25 -63.96 13.38
CA ILE C 507 12.13 -63.07 13.11
C ILE C 507 11.07 -63.86 12.35
N SER C 508 9.81 -63.73 12.78
CA SER C 508 8.73 -64.45 12.11
C SER C 508 7.41 -63.73 12.37
N LEU C 509 6.55 -63.74 11.35
CA LEU C 509 5.21 -63.16 11.43
C LEU C 509 4.21 -64.30 11.62
N ASN C 510 3.63 -64.40 12.81
CA ASN C 510 2.63 -65.41 13.14
C ASN C 510 3.12 -66.83 12.88
N GLY C 511 4.44 -67.04 12.86
CA GLY C 511 5.01 -68.31 12.53
C GLY C 511 5.34 -68.50 11.06
N ASN C 512 4.81 -67.65 10.19
CA ASN C 512 5.10 -67.72 8.76
C ASN C 512 6.23 -66.75 8.42
N THR C 513 6.46 -66.55 7.13
CA THR C 513 7.39 -65.53 6.66
C THR C 513 6.70 -64.38 5.97
N SER C 514 5.42 -64.50 5.66
CA SER C 514 4.67 -63.43 5.00
C SER C 514 3.18 -63.68 5.18
N VAL C 515 2.49 -62.71 5.76
CA VAL C 515 1.05 -62.81 6.03
C VAL C 515 0.43 -61.45 5.76
N CYS C 516 -0.67 -61.44 5.01
CA CYS C 516 -1.41 -60.19 4.78
C CYS C 516 -2.90 -60.42 4.69
N VAL C 517 -3.61 -59.31 4.58
CA VAL C 517 -5.00 -59.18 5.01
C VAL C 517 -5.91 -59.22 3.79
N ARG C 518 -6.91 -60.08 3.84
CA ARG C 518 -8.02 -60.08 2.90
C ARG C 518 -9.28 -59.47 3.50
N THR C 519 -9.18 -58.88 4.68
CA THR C 519 -10.32 -58.39 5.44
C THR C 519 -10.31 -56.86 5.47
N SER C 520 -11.25 -56.29 6.24
CA SER C 520 -11.48 -54.86 6.24
C SER C 520 -10.87 -54.14 7.44
N HIS C 521 -10.41 -54.85 8.46
CA HIS C 521 -9.79 -54.23 9.61
C HIS C 521 -8.59 -55.06 10.04
N PHE C 522 -7.59 -54.41 10.62
CA PHE C 522 -6.38 -55.10 11.05
C PHE C 522 -5.73 -54.32 12.19
N SER C 523 -4.80 -54.98 12.86
CA SER C 523 -4.03 -54.37 13.93
C SER C 523 -2.77 -55.20 14.14
N ILE C 524 -1.65 -54.51 14.39
CA ILE C 524 -0.35 -55.17 14.47
C ILE C 524 0.33 -54.78 15.77
N ARG C 525 1.15 -55.70 16.28
CA ARG C 525 1.87 -55.48 17.53
C ARG C 525 3.36 -55.77 17.37
N TYR C 526 4.10 -55.75 18.47
CA TYR C 526 5.50 -56.15 18.47
C TYR C 526 5.80 -56.80 19.82
N ILE C 527 6.31 -58.03 19.79
CA ILE C 527 6.50 -58.84 20.99
C ILE C 527 7.95 -59.27 21.06
N TYR C 528 8.60 -59.03 22.19
CA TYR C 528 9.96 -59.48 22.45
C TYR C 528 9.91 -60.51 23.57
N ASN C 529 10.45 -61.70 23.31
CA ASN C 529 10.36 -62.83 24.24
C ASN C 529 11.56 -62.79 25.18
N ARG C 530 11.29 -62.59 26.48
CA ARG C 530 12.33 -62.51 27.49
C ARG C 530 12.38 -63.74 28.40
N VAL C 531 11.61 -64.78 28.10
CA VAL C 531 11.56 -65.96 28.97
C VAL C 531 12.19 -67.10 28.17
N LYS C 532 13.16 -66.76 27.31
CA LYS C 532 13.83 -67.77 26.50
C LYS C 532 14.61 -68.76 27.37
N SER C 533 15.30 -68.25 28.39
CA SER C 533 16.13 -69.09 29.25
C SER C 533 15.47 -69.41 30.58
N GLY C 534 14.17 -69.15 30.71
CA GLY C 534 13.49 -69.35 31.98
C GLY C 534 13.77 -68.20 32.92
N SER C 535 15.00 -68.13 33.44
CA SER C 535 15.43 -66.94 34.15
C SER C 535 15.62 -65.80 33.16
N PRO C 536 15.03 -64.64 33.42
CA PRO C 536 15.10 -63.56 32.42
C PRO C 536 16.48 -62.95 32.29
N GLY C 537 17.37 -63.63 31.57
CA GLY C 537 18.70 -63.10 31.31
C GLY C 537 18.73 -61.97 30.31
N ASP C 538 17.62 -61.69 29.65
CA ASP C 538 17.51 -60.62 28.67
C ASP C 538 17.44 -59.24 29.30
N SER C 539 17.65 -59.14 30.62
CA SER C 539 17.55 -57.85 31.29
C SER C 539 18.57 -56.84 30.78
N SER C 540 19.74 -57.31 30.35
CA SER C 540 20.78 -56.41 29.88
C SER C 540 20.56 -55.97 28.43
N TRP C 541 20.12 -56.88 27.57
CA TRP C 541 19.98 -56.58 26.14
C TRP C 541 18.68 -55.85 25.86
N HIS C 542 18.76 -54.75 25.12
CA HIS C 542 17.61 -54.00 24.67
C HIS C 542 17.51 -54.10 23.16
N ILE C 543 16.35 -54.54 22.66
CA ILE C 543 16.11 -54.70 21.24
C ILE C 543 14.83 -53.94 20.89
N TYR C 544 14.89 -53.12 19.84
CA TYR C 544 13.76 -52.28 19.48
C TYR C 544 13.82 -51.95 18.00
N LEU C 545 12.70 -51.47 17.46
CA LEU C 545 12.62 -51.05 16.08
C LEU C 545 13.10 -49.61 15.93
N LYS C 546 13.69 -49.33 14.77
CA LYS C 546 14.11 -47.99 14.40
C LYS C 546 13.09 -47.39 13.44
N SER C 547 13.42 -46.22 12.90
CA SER C 547 12.58 -45.55 11.90
C SER C 547 13.21 -45.74 10.53
N GLY C 548 12.45 -46.35 9.62
CA GLY C 548 12.96 -46.65 8.31
C GLY C 548 12.73 -45.55 7.29
N THR C 549 12.36 -45.92 6.07
CA THR C 549 12.12 -44.97 5.00
C THR C 549 10.65 -44.84 4.62
N CYS C 550 9.77 -45.64 5.22
CA CYS C 550 8.36 -45.55 4.90
C CYS C 550 7.78 -44.23 5.39
N PRO C 551 6.77 -43.70 4.71
CA PRO C 551 6.14 -42.45 5.16
C PRO C 551 5.08 -42.66 6.22
N PHE C 552 5.38 -43.49 7.22
CA PHE C 552 4.54 -43.65 8.42
C PHE C 552 5.40 -44.30 9.50
N SER C 553 4.77 -44.71 10.58
CA SER C 553 5.48 -45.30 11.71
C SER C 553 4.81 -46.60 12.12
N PHE C 554 5.63 -47.52 12.64
CA PHE C 554 5.13 -48.81 13.09
C PHE C 554 4.20 -48.69 14.29
N SER C 555 4.50 -47.78 15.22
CA SER C 555 3.70 -47.65 16.43
C SER C 555 2.40 -46.90 16.19
N LYS C 556 2.24 -46.22 15.05
CA LYS C 556 1.04 -45.46 14.76
C LYS C 556 0.23 -46.08 13.62
N LEU C 557 0.50 -47.34 13.28
CA LEU C 557 -0.32 -48.04 12.29
C LEU C 557 -1.67 -48.45 12.85
N ASN C 558 -1.75 -48.68 14.17
CA ASN C 558 -3.02 -49.07 14.79
C ASN C 558 -4.05 -47.96 14.78
N ASN C 559 -3.63 -46.71 14.61
CA ASN C 559 -4.58 -45.61 14.49
C ASN C 559 -5.37 -45.75 13.20
N PHE C 560 -6.34 -44.85 13.01
CA PHE C 560 -7.28 -44.97 11.89
C PHE C 560 -6.58 -44.52 10.61
N GLN C 561 -5.68 -45.37 10.13
CA GLN C 561 -4.98 -45.14 8.87
C GLN C 561 -5.56 -46.07 7.80
N LYS C 562 -5.70 -45.56 6.58
CA LYS C 562 -6.42 -46.25 5.53
C LYS C 562 -5.49 -46.54 4.35
N PHE C 563 -5.61 -47.75 3.80
CA PHE C 563 -4.75 -48.23 2.73
C PHE C 563 -5.60 -49.00 1.75
N LYS C 564 -4.95 -49.72 0.83
CA LYS C 564 -5.63 -50.67 -0.04
C LYS C 564 -5.12 -52.09 0.18
N THR C 565 -3.82 -52.32 0.08
CA THR C 565 -3.20 -53.60 0.42
C THR C 565 -1.87 -53.32 1.11
N ILE C 566 -1.41 -54.25 1.94
CA ILE C 566 -0.17 -54.03 2.66
C ILE C 566 0.84 -55.15 2.39
N CYS C 567 0.54 -56.36 2.84
CA CYS C 567 1.35 -57.55 2.64
C CYS C 567 2.78 -57.37 3.17
N PHE C 568 2.84 -57.30 4.50
CA PHE C 568 4.10 -57.39 5.24
C PHE C 568 4.89 -58.63 4.84
N SER C 569 6.21 -58.57 5.02
CA SER C 569 7.05 -59.73 4.78
C SER C 569 8.38 -59.53 5.51
N THR C 570 9.10 -60.63 5.71
CA THR C 570 10.40 -60.61 6.39
C THR C 570 11.55 -60.96 5.46
N VAL C 571 11.34 -60.90 4.14
CA VAL C 571 12.38 -61.12 3.16
C VAL C 571 12.33 -60.01 2.13
N GLU C 572 13.44 -59.83 1.43
CA GLU C 572 13.58 -58.72 0.48
C GLU C 572 12.73 -58.97 -0.76
N VAL C 573 11.94 -57.98 -1.15
CA VAL C 573 11.19 -58.02 -2.41
C VAL C 573 11.36 -56.66 -3.09
N PRO C 574 11.34 -56.59 -4.42
CA PRO C 574 11.54 -55.31 -5.10
C PRO C 574 10.42 -54.32 -4.79
N GLY C 575 10.80 -53.05 -4.68
CA GLY C 575 9.86 -51.98 -4.42
C GLY C 575 9.18 -52.08 -3.07
N SER C 576 9.93 -51.91 -1.99
CA SER C 576 9.37 -52.04 -0.65
C SER C 576 10.30 -51.38 0.36
N CYS C 577 9.73 -50.55 1.22
CA CYS C 577 10.50 -49.93 2.30
C CYS C 577 10.63 -50.91 3.46
N ASN C 578 11.42 -50.53 4.47
CA ASN C 578 11.72 -51.45 5.55
C ASN C 578 11.98 -50.68 6.84
N PHE C 579 11.84 -51.39 7.97
CA PHE C 579 12.17 -50.94 9.32
C PHE C 579 13.33 -51.75 9.86
N PRO C 580 14.46 -51.14 10.17
CA PRO C 580 15.60 -51.89 10.70
C PRO C 580 15.34 -52.36 12.12
N LEU C 581 16.17 -53.31 12.56
CA LEU C 581 16.09 -53.87 13.90
C LEU C 581 17.45 -53.68 14.58
N GLU C 582 17.43 -53.39 15.88
CA GLU C 582 18.64 -52.98 16.59
C GLU C 582 18.77 -53.76 17.90
N ALA C 583 20.02 -53.99 18.30
CA ALA C 583 20.34 -54.67 19.54
C ALA C 583 21.50 -53.96 20.21
N THR C 584 21.44 -53.82 21.54
CA THR C 584 22.42 -53.03 22.26
C THR C 584 22.55 -53.55 23.69
N TRP C 585 23.73 -53.34 24.28
CA TRP C 585 24.01 -53.75 25.66
C TRP C 585 24.22 -52.50 26.50
N HIS C 586 23.19 -52.13 27.28
CA HIS C 586 23.24 -50.97 28.17
C HIS C 586 23.57 -49.68 27.43
N TYR C 587 23.17 -49.59 26.16
CA TYR C 587 23.29 -48.38 25.36
C TYR C 587 24.73 -47.92 25.23
N THR C 588 25.64 -48.87 24.99
CA THR C 588 27.05 -48.56 24.73
C THR C 588 27.37 -48.63 23.24
N SER C 589 27.11 -49.77 22.62
CA SER C 589 27.43 -49.97 21.21
C SER C 589 26.21 -50.52 20.48
N TYR C 590 25.90 -49.95 19.33
CA TYR C 590 24.74 -50.34 18.55
C TYR C 590 25.13 -51.26 17.40
N THR C 591 24.17 -52.08 16.98
CA THR C 591 24.36 -52.97 15.84
C THR C 591 23.02 -53.25 15.20
N ILE C 592 23.05 -53.63 13.93
CA ILE C 592 21.85 -53.93 13.15
C ILE C 592 21.74 -55.43 12.98
N VAL C 593 20.56 -55.98 13.27
CA VAL C 593 20.34 -57.42 13.28
C VAL C 593 19.48 -57.87 12.10
N GLY C 594 18.26 -57.32 11.98
CA GLY C 594 17.37 -57.72 10.91
C GLY C 594 16.55 -56.57 10.36
N ALA C 595 15.40 -56.88 9.78
CA ALA C 595 14.53 -55.85 9.22
C ALA C 595 13.14 -56.43 9.02
N LEU C 596 12.18 -55.52 8.79
CA LEU C 596 10.82 -55.89 8.44
C LEU C 596 10.43 -55.14 7.16
N TYR C 597 10.04 -55.88 6.13
CA TYR C 597 9.73 -55.30 4.84
C TYR C 597 8.23 -55.17 4.66
N VAL C 598 7.78 -53.98 4.25
CA VAL C 598 6.36 -53.68 4.10
C VAL C 598 6.13 -53.01 2.76
N THR C 599 5.07 -53.42 2.07
CA THR C 599 4.59 -52.76 0.87
C THR C 599 3.23 -52.12 1.16
N TRP C 600 2.73 -51.36 0.21
CA TRP C 600 1.43 -50.72 0.35
C TRP C 600 1.00 -50.15 -0.99
N SER C 601 -0.19 -49.57 -1.01
CA SER C 601 -0.76 -48.89 -2.16
C SER C 601 -1.94 -48.08 -1.68
N GLU C 602 -2.02 -46.82 -2.12
CA GLU C 602 -3.02 -45.91 -1.59
C GLU C 602 -4.43 -46.40 -1.90
N GLY C 603 -5.32 -46.30 -0.92
CA GLY C 603 -6.69 -46.73 -1.09
C GLY C 603 -7.54 -46.28 0.07
N ASN C 604 -8.79 -46.72 0.04
CA ASN C 604 -9.77 -46.35 1.07
C ASN C 604 -10.63 -47.55 1.46
N SER C 605 -9.99 -48.69 1.67
CA SER C 605 -10.74 -49.93 1.94
C SER C 605 -10.34 -50.58 3.25
N ILE C 606 -9.07 -50.53 3.64
CA ILE C 606 -8.57 -51.22 4.82
C ILE C 606 -8.19 -50.18 5.87
N THR C 607 -8.68 -50.37 7.10
CA THR C 607 -8.48 -49.43 8.18
C THR C 607 -7.95 -50.15 9.41
N GLY C 608 -6.96 -49.54 10.07
CA GLY C 608 -6.47 -50.10 11.33
C GLY C 608 -7.37 -49.76 12.50
N VAL C 609 -7.23 -50.55 13.56
CA VAL C 609 -8.06 -50.41 14.76
C VAL C 609 -7.17 -50.53 16.00
N PRO C 610 -7.38 -49.70 17.03
CA PRO C 610 -6.53 -49.81 18.23
C PRO C 610 -6.57 -51.18 18.89
N TYR C 611 -7.75 -51.80 18.97
CA TYR C 611 -7.84 -53.10 19.61
C TYR C 611 -9.11 -53.83 19.17
N PRO C 612 -9.09 -55.16 19.11
CA PRO C 612 -10.22 -55.90 18.52
C PRO C 612 -11.44 -56.00 19.42
N VAL C 613 -12.31 -54.98 19.37
CA VAL C 613 -13.59 -55.09 20.05
C VAL C 613 -14.38 -56.25 19.45
N SER C 614 -14.82 -57.16 20.31
CA SER C 614 -15.52 -58.37 19.88
C SER C 614 -16.96 -58.34 20.37
N GLY C 615 -17.86 -58.86 19.54
CA GLY C 615 -19.28 -58.88 19.84
C GLY C 615 -20.09 -57.79 19.19
N ILE C 616 -19.47 -56.95 18.37
CA ILE C 616 -20.15 -55.84 17.73
C ILE C 616 -20.39 -56.19 16.26
N ARG C 617 -21.31 -55.45 15.63
CA ARG C 617 -21.64 -55.65 14.23
C ARG C 617 -21.32 -54.45 13.36
N GLU C 618 -20.99 -53.30 13.95
CA GLU C 618 -20.62 -52.11 13.18
C GLU C 618 -19.78 -51.23 14.11
N PHE C 619 -18.48 -51.15 13.84
CA PHE C 619 -17.55 -50.48 14.74
C PHE C 619 -17.81 -48.98 14.72
N SER C 620 -18.27 -48.44 15.85
CA SER C 620 -18.49 -47.01 15.99
C SER C 620 -18.38 -46.63 17.46
N ASN C 621 -18.16 -45.34 17.71
CA ASN C 621 -17.98 -44.85 19.06
C ASN C 621 -18.22 -43.34 19.07
N LEU C 622 -18.71 -42.83 20.19
CA LEU C 622 -19.01 -41.41 20.31
C LEU C 622 -19.01 -41.02 21.78
N VAL C 623 -18.26 -39.96 22.11
CA VAL C 623 -18.11 -39.48 23.48
C VAL C 623 -18.47 -37.99 23.51
N LEU C 624 -19.41 -37.63 24.37
CA LEU C 624 -19.99 -36.30 24.36
C LEU C 624 -19.54 -35.48 25.57
N ASN C 625 -19.83 -34.18 25.49
CA ASN C 625 -19.86 -33.25 26.62
C ASN C 625 -18.49 -32.77 27.13
N ASN C 626 -17.39 -33.32 26.62
CA ASN C 626 -16.09 -32.72 26.88
C ASN C 626 -15.05 -33.23 25.89
N CYS C 627 -13.89 -32.56 25.90
CA CYS C 627 -12.99 -32.55 24.75
C CYS C 627 -12.57 -33.96 24.36
N THR C 628 -12.55 -34.22 23.06
CA THR C 628 -12.13 -35.49 22.50
C THR C 628 -11.24 -35.29 21.28
N LYS C 629 -10.90 -36.37 20.59
CA LYS C 629 -10.07 -36.30 19.38
C LYS C 629 -10.83 -37.08 18.29
N TYR C 630 -11.66 -36.37 17.54
CA TYR C 630 -12.62 -37.04 16.66
C TYR C 630 -12.00 -37.40 15.33
N ASN C 631 -12.58 -38.42 14.69
CA ASN C 631 -12.26 -38.80 13.31
C ASN C 631 -13.60 -39.06 12.64
N ILE C 632 -14.19 -38.01 12.06
CA ILE C 632 -15.57 -38.01 11.61
C ILE C 632 -15.57 -37.72 10.10
N TYR C 633 -15.96 -38.72 9.31
CA TYR C 633 -16.03 -38.58 7.85
C TYR C 633 -14.74 -37.99 7.28
N ASP C 634 -13.61 -38.53 7.75
CA ASP C 634 -12.28 -38.09 7.31
C ASP C 634 -12.02 -36.63 7.70
N TYR C 635 -12.34 -36.30 8.94
CA TYR C 635 -12.01 -35.01 9.53
C TYR C 635 -11.37 -35.27 10.89
N VAL C 636 -10.26 -34.60 11.18
CA VAL C 636 -9.50 -34.80 12.39
C VAL C 636 -9.33 -33.49 13.12
N GLY C 637 -9.41 -33.53 14.45
CA GLY C 637 -9.28 -32.32 15.25
C GLY C 637 -9.63 -32.59 16.70
N THR C 638 -9.99 -31.53 17.40
CA THR C 638 -10.38 -31.60 18.80
C THR C 638 -11.56 -30.67 19.04
N GLY C 639 -12.32 -30.96 20.07
CA GLY C 639 -13.46 -30.14 20.43
C GLY C 639 -14.47 -30.93 21.23
N ILE C 640 -15.53 -30.23 21.62
CA ILE C 640 -16.61 -30.81 22.42
C ILE C 640 -17.81 -31.04 21.51
N ILE C 641 -18.40 -32.23 21.60
CA ILE C 641 -19.55 -32.61 20.79
C ILE C 641 -20.78 -32.62 21.69
N ARG C 642 -21.77 -31.80 21.35
CA ARG C 642 -23.03 -31.72 22.07
C ARG C 642 -24.18 -32.02 21.12
N SER C 643 -25.30 -32.44 21.71
CA SER C 643 -26.51 -32.72 20.94
C SER C 643 -27.36 -31.45 20.83
N SER C 644 -28.26 -31.47 19.85
CA SER C 644 -29.16 -30.35 19.61
C SER C 644 -30.37 -30.87 18.86
N ASN C 645 -31.22 -29.94 18.40
CA ASN C 645 -32.38 -30.31 17.59
C ASN C 645 -32.70 -29.14 16.66
N GLN C 646 -32.29 -29.27 15.41
CA GLN C 646 -32.58 -28.28 14.37
C GLN C 646 -33.25 -28.97 13.19
N SER C 647 -34.05 -28.19 12.47
CA SER C 647 -34.80 -28.68 11.32
C SER C 647 -34.02 -28.30 10.06
N LEU C 648 -33.19 -29.22 9.58
CA LEU C 648 -32.41 -29.01 8.36
C LEU C 648 -32.41 -30.29 7.55
N ALA C 649 -32.68 -30.17 6.25
CA ALA C 649 -32.62 -31.28 5.33
C ALA C 649 -31.57 -31.03 4.27
N GLY C 650 -30.76 -32.04 4.00
CA GLY C 650 -29.69 -31.91 3.03
C GLY C 650 -28.46 -32.73 3.37
N GLY C 651 -27.30 -32.08 3.37
CA GLY C 651 -26.04 -32.78 3.56
C GLY C 651 -25.87 -33.31 4.97
N ILE C 652 -24.84 -34.12 5.13
CA ILE C 652 -24.51 -34.72 6.42
C ILE C 652 -23.21 -34.16 6.98
N THR C 653 -22.81 -32.97 6.53
CA THR C 653 -21.57 -32.36 7.00
C THR C 653 -21.61 -30.87 6.68
N TYR C 654 -21.49 -30.03 7.70
CA TYR C 654 -21.48 -28.58 7.52
C TYR C 654 -20.11 -28.07 7.96
N VAL C 655 -19.27 -27.72 6.98
CA VAL C 655 -17.94 -27.20 7.25
C VAL C 655 -17.95 -25.70 7.06
N SER C 656 -16.93 -25.05 7.61
CA SER C 656 -16.74 -23.62 7.40
C SER C 656 -16.01 -23.39 6.08
N ASN C 657 -15.63 -22.14 5.80
CA ASN C 657 -14.84 -21.85 4.61
C ASN C 657 -13.35 -21.87 4.90
N SER C 658 -12.93 -22.57 5.97
CA SER C 658 -11.51 -22.73 6.29
C SER C 658 -11.15 -24.18 6.58
N GLY C 659 -12.02 -25.12 6.21
CA GLY C 659 -11.71 -26.53 6.32
C GLY C 659 -12.02 -27.18 7.66
N ASN C 660 -12.63 -26.45 8.60
CA ASN C 660 -12.94 -27.00 9.91
C ASN C 660 -14.40 -27.45 9.99
N LEU C 661 -14.65 -28.42 10.87
CA LEU C 661 -16.01 -28.89 11.07
C LEU C 661 -16.80 -27.93 11.95
N LEU C 662 -18.11 -27.90 11.73
CA LEU C 662 -19.02 -27.19 12.60
C LEU C 662 -20.19 -28.03 13.06
N GLY C 663 -20.52 -29.12 12.36
CA GLY C 663 -21.61 -29.99 12.77
C GLY C 663 -21.92 -31.05 11.74
N PHE C 664 -22.17 -32.27 12.20
CA PHE C 664 -22.51 -33.39 11.33
C PHE C 664 -23.90 -33.91 11.69
N LYS C 665 -24.27 -35.03 11.09
CA LYS C 665 -25.62 -35.56 11.25
C LYS C 665 -25.60 -37.08 11.17
N ASN C 666 -26.21 -37.74 12.14
CA ASN C 666 -26.37 -39.19 12.09
C ASN C 666 -27.30 -39.55 10.94
N VAL C 667 -26.90 -40.54 10.15
CA VAL C 667 -27.61 -40.83 8.91
C VAL C 667 -28.90 -41.60 9.13
N SER C 668 -28.96 -42.46 10.15
CA SER C 668 -30.13 -43.29 10.39
C SER C 668 -31.21 -42.57 11.20
N THR C 669 -31.03 -41.27 11.45
CA THR C 669 -32.04 -40.47 12.14
C THR C 669 -31.92 -39.04 11.60
N GLY C 670 -32.54 -38.09 12.29
CA GLY C 670 -32.52 -36.72 11.85
C GLY C 670 -31.79 -35.77 12.77
N ASN C 671 -31.36 -36.27 13.92
CA ASN C 671 -30.66 -35.44 14.89
C ASN C 671 -29.30 -35.01 14.36
N ILE C 672 -28.89 -33.80 14.73
CA ILE C 672 -27.59 -33.28 14.35
C ILE C 672 -26.75 -33.08 15.60
N PHE C 673 -25.49 -32.68 15.43
CA PHE C 673 -24.59 -32.46 16.55
C PHE C 673 -23.74 -31.23 16.26
N ILE C 674 -23.21 -30.64 17.33
CA ILE C 674 -22.44 -29.41 17.25
C ILE C 674 -21.04 -29.67 17.81
N VAL C 675 -20.03 -29.11 17.15
CA VAL C 675 -18.64 -29.30 17.53
C VAL C 675 -18.01 -27.92 17.71
N THR C 676 -17.48 -27.66 18.91
CA THR C 676 -16.81 -26.40 19.21
C THR C 676 -15.50 -26.66 19.92
N PRO C 677 -14.47 -25.86 19.66
CA PRO C 677 -13.21 -26.02 20.39
C PRO C 677 -13.38 -25.64 21.86
N CYS C 678 -12.53 -26.23 22.70
CA CYS C 678 -12.63 -26.05 24.14
C CYS C 678 -11.43 -25.31 24.70
N ASN C 679 -10.98 -24.27 23.98
CA ASN C 679 -9.96 -23.37 24.50
C ASN C 679 -10.09 -22.04 23.76
N GLN C 680 -10.69 -21.04 24.40
CA GLN C 680 -10.90 -19.75 23.75
C GLN C 680 -9.90 -18.73 24.28
N PRO C 681 -9.27 -17.94 23.41
CA PRO C 681 -8.31 -16.95 23.87
C PRO C 681 -8.99 -15.80 24.60
N ASP C 682 -8.22 -15.12 25.44
CA ASP C 682 -8.73 -14.01 26.22
C ASP C 682 -7.86 -12.76 26.03
N GLN C 683 -8.11 -11.73 26.83
CA GLN C 683 -7.33 -10.49 26.80
C GLN C 683 -7.03 -10.09 28.23
N VAL C 684 -5.75 -10.00 28.58
CA VAL C 684 -5.32 -9.69 29.94
C VAL C 684 -4.69 -8.31 29.94
N ALA C 685 -4.90 -7.57 31.03
CA ALA C 685 -4.32 -6.25 31.23
C ALA C 685 -3.28 -6.32 32.33
N VAL C 686 -2.09 -5.77 32.06
CA VAL C 686 -0.97 -5.84 32.98
C VAL C 686 -0.58 -4.41 33.36
N TYR C 687 -0.46 -4.16 34.66
CA TYR C 687 -0.14 -2.83 35.18
C TYR C 687 0.70 -2.97 36.43
N GLN C 688 1.89 -2.36 36.42
CA GLN C 688 2.80 -2.36 37.57
C GLN C 688 3.11 -3.78 38.03
N GLN C 689 3.49 -4.63 37.07
CA GLN C 689 3.92 -6.01 37.34
C GLN C 689 2.84 -6.81 38.07
N SER C 690 1.58 -6.62 37.65
CA SER C 690 0.47 -7.38 38.21
C SER C 690 -0.67 -7.38 37.20
N ILE C 691 -1.60 -8.32 37.38
CA ILE C 691 -2.75 -8.45 36.51
C ILE C 691 -3.91 -7.67 37.11
N ILE C 692 -4.49 -6.76 36.33
CA ILE C 692 -5.56 -5.90 36.81
C ILE C 692 -6.90 -6.53 36.51
N GLY C 693 -7.17 -6.82 35.24
CA GLY C 693 -8.42 -7.41 34.85
C GLY C 693 -8.30 -8.10 33.51
N ALA C 694 -9.38 -8.78 33.12
CA ALA C 694 -9.42 -9.52 31.87
C ALA C 694 -10.78 -9.36 31.22
N MET C 695 -10.83 -9.58 29.91
CA MET C 695 -12.07 -9.52 29.13
C MET C 695 -12.23 -10.87 28.44
N THR C 696 -12.85 -11.81 29.15
CA THR C 696 -13.01 -13.16 28.65
C THR C 696 -14.31 -13.29 27.85
N ALA C 697 -14.64 -14.51 27.44
CA ALA C 697 -15.90 -14.80 26.78
C ALA C 697 -16.62 -15.98 27.42
N VAL C 698 -16.17 -16.43 28.59
CA VAL C 698 -16.77 -17.55 29.30
C VAL C 698 -17.31 -17.04 30.62
N ASN C 699 -18.53 -17.43 30.96
CA ASN C 699 -19.22 -16.94 32.16
C ASN C 699 -18.76 -17.74 33.38
N GLU C 700 -17.57 -17.41 33.85
CA GLU C 700 -17.04 -18.00 35.07
C GLU C 700 -15.88 -17.13 35.56
N SER C 701 -15.33 -17.50 36.71
CA SER C 701 -14.19 -16.78 37.27
C SER C 701 -12.92 -17.13 36.50
N ARG C 702 -11.88 -16.34 36.73
CA ARG C 702 -10.66 -16.39 35.93
C ARG C 702 -9.42 -16.28 36.81
N TYR C 703 -8.30 -15.92 36.21
CA TYR C 703 -6.97 -16.19 36.76
C TYR C 703 -6.76 -15.34 38.01
N GLY C 704 -7.32 -15.80 39.13
CA GLY C 704 -7.21 -15.13 40.39
C GLY C 704 -8.19 -14.01 40.63
N LEU C 705 -9.09 -13.74 39.69
CA LEU C 705 -10.06 -12.66 39.83
C LEU C 705 -11.44 -13.23 40.18
N GLN C 706 -12.23 -12.42 40.88
CA GLN C 706 -13.48 -12.90 41.46
C GLN C 706 -14.71 -12.24 40.88
N ASN C 707 -14.80 -10.91 40.87
CA ASN C 707 -16.01 -10.24 40.45
C ASN C 707 -16.21 -10.39 38.94
N LEU C 708 -17.44 -10.15 38.49
CA LEU C 708 -17.82 -10.42 37.11
C LEU C 708 -18.93 -9.47 36.70
N LEU C 709 -18.64 -8.61 35.71
CA LEU C 709 -19.63 -7.72 35.14
C LEU C 709 -20.23 -8.36 33.89
N GLN C 710 -21.01 -7.59 33.13
CA GLN C 710 -21.60 -8.11 31.89
C GLN C 710 -21.74 -6.94 30.92
N LEU C 711 -20.74 -6.79 30.05
CA LEU C 711 -20.78 -5.78 29.01
C LEU C 711 -21.64 -6.24 27.85
N PRO C 712 -22.06 -5.31 26.98
CA PRO C 712 -22.99 -5.68 25.89
C PRO C 712 -22.46 -6.74 24.92
N ASN C 713 -21.15 -6.93 24.80
CA ASN C 713 -20.64 -7.91 23.84
C ASN C 713 -19.60 -8.87 24.41
N PHE C 714 -19.28 -8.78 25.69
CA PHE C 714 -18.42 -9.77 26.35
C PHE C 714 -18.53 -9.58 27.85
N TYR C 715 -17.82 -10.43 28.59
CA TYR C 715 -17.78 -10.36 30.04
C TYR C 715 -16.50 -9.68 30.50
N TYR C 716 -16.55 -9.07 31.67
CA TYR C 716 -15.39 -8.44 32.30
C TYR C 716 -15.20 -9.02 33.69
N VAL C 717 -13.99 -9.46 33.99
CA VAL C 717 -13.67 -10.11 35.25
C VAL C 717 -12.55 -9.32 35.92
N SER C 718 -12.80 -8.87 37.14
CA SER C 718 -11.80 -8.12 37.91
C SER C 718 -12.09 -8.32 39.39
N ASN C 719 -11.30 -7.67 40.24
CA ASN C 719 -11.52 -7.79 41.68
C ASN C 719 -11.37 -6.45 42.40
N GLY C 720 -11.53 -5.34 41.68
CA GLY C 720 -11.43 -4.02 42.28
C GLY C 720 -12.76 -3.53 42.83
N GLY C 721 -12.75 -2.29 43.29
CA GLY C 721 -13.94 -1.65 43.82
C GLY C 721 -14.75 -0.97 42.73
N ASN C 722 -15.50 0.06 43.12
CA ASN C 722 -16.28 0.85 42.17
C ASN C 722 -16.18 2.34 42.50
N ASN C 723 -15.07 2.76 43.11
CA ASN C 723 -14.87 4.12 43.58
C ASN C 723 -13.46 4.54 43.13
N CYS C 724 -13.34 5.01 41.90
CA CYS C 724 -12.01 5.20 41.35
C CYS C 724 -11.77 6.57 40.74
N THR C 725 -12.76 7.12 40.03
CA THR C 725 -12.81 8.49 39.54
C THR C 725 -11.56 8.94 38.76
N THR C 726 -10.73 7.99 38.33
CA THR C 726 -9.54 8.30 37.56
C THR C 726 -9.40 7.29 36.43
N ALA C 727 -8.37 7.51 35.59
CA ALA C 727 -8.08 6.62 34.47
C ALA C 727 -6.59 6.53 34.26
N VAL C 728 -6.10 5.31 34.05
CA VAL C 728 -4.70 5.08 33.71
C VAL C 728 -4.52 4.31 32.42
N MET C 729 -5.52 3.53 31.99
CA MET C 729 -5.44 2.80 30.74
C MET C 729 -6.70 3.08 29.93
N THR C 730 -6.59 2.97 28.61
CA THR C 730 -7.69 3.28 27.72
C THR C 730 -7.88 2.13 26.75
N TYR C 731 -9.13 1.87 26.42
CA TYR C 731 -9.49 0.82 25.48
C TYR C 731 -10.56 1.41 24.56
N SER C 732 -11.23 0.55 23.78
CA SER C 732 -12.12 1.02 22.72
C SER C 732 -13.09 2.09 23.21
N ASN C 733 -13.91 1.77 24.21
CA ASN C 733 -14.93 2.71 24.67
C ASN C 733 -15.01 2.80 26.18
N PHE C 734 -13.96 2.42 26.90
CA PHE C 734 -13.93 2.56 28.35
C PHE C 734 -12.49 2.61 28.82
N GLY C 735 -12.30 3.07 30.05
CA GLY C 735 -10.97 3.20 30.61
C GLY C 735 -10.77 2.44 31.90
N ILE C 736 -9.89 1.45 31.89
CA ILE C 736 -9.58 0.67 33.08
C ILE C 736 -8.65 1.51 33.96
N CYS C 737 -9.07 1.74 35.20
CA CYS C 737 -8.29 2.59 36.09
C CYS C 737 -7.37 1.72 36.96
N ALA C 738 -6.83 2.31 38.03
CA ALA C 738 -5.73 1.70 38.76
C ALA C 738 -6.09 0.36 39.40
N ASP C 739 -7.27 0.26 40.03
CA ASP C 739 -7.61 -0.92 40.80
C ASP C 739 -8.46 -1.94 40.05
N GLY C 740 -8.94 -1.62 38.85
CA GLY C 740 -9.67 -2.61 38.08
C GLY C 740 -11.06 -2.20 37.66
N SER C 741 -11.62 -1.18 38.31
CA SER C 741 -12.98 -0.78 38.03
C SER C 741 -13.09 -0.13 36.65
N LEU C 742 -14.30 -0.18 36.09
CA LEU C 742 -14.57 0.40 34.78
C LEU C 742 -15.11 1.81 34.94
N ILE C 743 -14.72 2.68 34.01
CA ILE C 743 -15.18 4.07 33.99
C ILE C 743 -15.49 4.45 32.55
N PRO C 744 -16.70 4.90 32.24
CA PRO C 744 -17.01 5.32 30.87
C PRO C 744 -16.31 6.62 30.51
N VAL C 745 -16.08 6.79 29.21
CA VAL C 745 -15.40 7.97 28.69
C VAL C 745 -16.45 9.04 28.41
N ARG C 746 -16.08 10.29 28.70
CA ARG C 746 -16.98 11.43 28.57
C ARG C 746 -16.54 12.34 27.42
N PRO C 747 -17.47 13.03 26.77
CA PRO C 747 -17.10 13.97 25.71
C PRO C 747 -16.49 15.25 26.28
N ARG C 748 -16.10 16.13 25.36
CA ARG C 748 -15.46 17.39 25.72
C ARG C 748 -16.45 18.54 25.66
N ASN C 749 -16.46 19.36 26.71
CA ASN C 749 -17.34 20.52 26.77
C ASN C 749 -16.75 21.68 25.98
N SER C 750 -17.59 22.36 25.21
CA SER C 750 -17.18 23.53 24.44
C SER C 750 -18.42 24.30 24.03
N SER C 751 -18.45 25.59 24.33
CA SER C 751 -19.60 26.44 24.03
C SER C 751 -19.23 27.50 23.00
N ASP C 752 -20.22 27.89 22.20
CA ASP C 752 -20.00 28.85 21.14
C ASP C 752 -21.26 29.71 20.98
N ASN C 753 -21.05 30.93 20.49
CA ASN C 753 -22.14 31.86 20.20
C ASN C 753 -22.12 32.17 18.71
N GLY C 754 -23.29 32.11 18.08
CA GLY C 754 -23.39 32.24 16.64
C GLY C 754 -23.14 33.66 16.17
N ILE C 755 -23.31 33.84 14.86
CA ILE C 755 -23.07 35.14 14.24
C ILE C 755 -24.19 36.10 14.62
N SER C 756 -23.85 37.38 14.66
CA SER C 756 -24.83 38.40 15.00
C SER C 756 -25.82 38.59 13.86
N ALA C 757 -27.02 39.07 14.21
CA ALA C 757 -28.10 39.25 13.25
C ALA C 757 -28.66 40.67 13.37
N ILE C 758 -29.18 41.16 12.25
CA ILE C 758 -29.75 42.50 12.19
C ILE C 758 -31.10 42.48 12.89
N ILE C 759 -31.17 43.06 14.08
CA ILE C 759 -32.39 43.05 14.90
C ILE C 759 -32.28 44.15 15.93
N THR C 760 -33.43 44.65 16.38
CA THR C 760 -33.50 45.67 17.43
C THR C 760 -33.61 44.96 18.77
N ALA C 761 -32.46 44.59 19.32
CA ALA C 761 -32.39 43.86 20.58
C ALA C 761 -31.10 44.23 21.28
N ASN C 762 -30.72 43.43 22.28
CA ASN C 762 -29.48 43.63 23.01
C ASN C 762 -28.45 42.61 22.55
N LEU C 763 -27.29 43.09 22.13
CA LEU C 763 -26.22 42.25 21.60
C LEU C 763 -25.04 42.23 22.56
N SER C 764 -24.10 41.33 22.29
CA SER C 764 -22.88 41.20 23.07
C SER C 764 -21.69 41.30 22.12
N ILE C 765 -20.78 42.23 22.40
CA ILE C 765 -19.63 42.49 21.54
C ILE C 765 -18.37 42.35 22.40
N PRO C 766 -17.38 41.57 21.97
CA PRO C 766 -16.15 41.44 22.77
C PRO C 766 -15.45 42.77 22.93
N SER C 767 -14.89 42.98 24.12
CA SER C 767 -14.23 44.24 24.46
C SER C 767 -12.73 44.09 24.70
N ASN C 768 -12.33 43.22 25.62
CA ASN C 768 -10.93 43.01 25.94
C ASN C 768 -10.42 41.75 25.28
N TRP C 769 -9.10 41.68 25.08
CA TRP C 769 -8.50 40.61 24.30
C TRP C 769 -7.24 40.10 25.00
N THR C 770 -6.92 38.84 24.69
CA THR C 770 -5.68 38.22 25.15
C THR C 770 -5.18 37.30 24.05
N THR C 771 -3.91 36.91 24.13
CA THR C 771 -3.28 36.11 23.10
C THR C 771 -2.91 34.73 23.63
N SER C 772 -2.71 33.81 22.69
CA SER C 772 -2.29 32.46 23.00
C SER C 772 -1.53 31.92 21.80
N VAL C 773 -0.72 30.89 22.05
CA VAL C 773 0.15 30.32 21.03
C VAL C 773 -0.14 28.82 20.91
N GLN C 774 -0.30 28.35 19.68
CA GLN C 774 -0.52 26.94 19.40
C GLN C 774 0.51 26.47 18.38
N VAL C 775 0.80 25.17 18.40
CA VAL C 775 1.85 24.59 17.58
C VAL C 775 1.27 23.52 16.67
N GLU C 776 2.06 23.11 15.69
CA GLU C 776 1.66 22.08 14.72
C GLU C 776 2.90 21.55 14.03
N TYR C 777 2.92 20.24 13.76
CA TYR C 777 4.07 19.58 13.17
C TYR C 777 3.68 18.92 11.85
N LEU C 778 4.52 19.10 10.83
CA LEU C 778 4.33 18.49 9.53
C LEU C 778 5.64 17.88 9.06
N GLN C 779 5.53 16.85 8.23
CA GLN C 779 6.68 16.13 7.70
C GLN C 779 6.88 16.48 6.24
N ILE C 780 8.13 16.75 5.85
CA ILE C 780 8.43 17.15 4.48
C ILE C 780 9.42 16.24 3.78
N THR C 781 10.11 15.34 4.47
CA THR C 781 11.08 14.48 3.81
C THR C 781 11.30 13.22 4.65
N SER C 782 11.87 12.21 4.00
CA SER C 782 12.24 10.97 4.67
C SER C 782 13.71 10.66 4.43
N THR C 783 14.18 9.50 4.89
CA THR C 783 15.59 9.14 4.78
C THR C 783 15.81 8.22 3.59
N PRO C 784 16.70 8.59 2.67
CA PRO C 784 16.95 7.74 1.49
C PRO C 784 17.65 6.45 1.88
N ILE C 785 17.34 5.37 1.17
CA ILE C 785 17.92 4.06 1.39
C ILE C 785 18.46 3.52 0.08
N VAL C 786 19.69 3.01 0.10
CA VAL C 786 20.30 2.36 -1.04
C VAL C 786 20.80 0.99 -0.60
N VAL C 787 20.38 -0.05 -1.30
CA VAL C 787 20.73 -1.42 -0.93
C VAL C 787 21.60 -2.01 -2.04
N ASP C 788 22.41 -2.99 -1.65
CA ASP C 788 23.26 -3.71 -2.60
C ASP C 788 22.72 -5.12 -2.80
N CYS C 789 22.60 -5.53 -4.06
CA CYS C 789 21.99 -6.82 -4.38
C CYS C 789 22.89 -7.98 -3.98
N ALA C 790 24.09 -8.04 -4.54
CA ALA C 790 24.96 -9.20 -4.38
C ALA C 790 25.42 -9.41 -2.95
N THR C 791 25.71 -8.36 -2.20
CA THR C 791 26.15 -8.50 -0.82
C THR C 791 25.01 -8.94 0.10
N TYR C 792 23.82 -8.39 -0.10
CA TYR C 792 22.70 -8.79 0.74
C TYR C 792 22.24 -10.21 0.43
N VAL C 793 22.25 -10.62 -0.84
CA VAL C 793 21.79 -11.96 -1.19
C VAL C 793 22.67 -13.01 -0.54
N CYS C 794 23.98 -12.83 -0.58
CA CYS C 794 24.89 -13.69 0.16
C CYS C 794 26.13 -12.91 0.53
N ASN C 795 26.73 -13.25 1.67
CA ASN C 795 27.79 -12.46 2.26
C ASN C 795 29.11 -12.77 1.58
N GLY C 796 29.35 -12.12 0.44
CA GLY C 796 30.65 -12.13 -0.18
C GLY C 796 31.15 -13.48 -0.63
N ASN C 797 30.28 -14.43 -0.88
CA ASN C 797 30.75 -15.71 -1.38
C ASN C 797 31.06 -15.60 -2.87
N PRO C 798 32.25 -15.99 -3.32
CA PRO C 798 32.57 -15.87 -4.75
C PRO C 798 31.92 -16.95 -5.59
N ARG C 799 30.97 -17.69 -5.02
CA ARG C 799 30.25 -18.72 -5.75
C ARG C 799 28.81 -18.35 -6.04
N CYS C 800 28.23 -17.40 -5.32
CA CYS C 800 26.89 -16.94 -5.68
C CYS C 800 26.87 -16.28 -7.05
N LYS C 801 27.89 -15.48 -7.35
CA LYS C 801 27.89 -14.70 -8.58
C LYS C 801 27.84 -15.57 -9.83
N ASN C 802 28.25 -16.84 -9.72
CA ASN C 802 28.07 -17.75 -10.85
C ASN C 802 26.63 -18.20 -11.00
N LEU C 803 25.82 -18.07 -9.95
CA LEU C 803 24.42 -18.46 -10.03
C LEU C 803 23.49 -17.28 -10.25
N LEU C 804 23.85 -16.09 -9.76
CA LEU C 804 23.01 -14.92 -9.97
C LEU C 804 23.08 -14.37 -11.40
N LYS C 805 24.01 -14.88 -12.21
CA LYS C 805 24.05 -14.44 -13.61
C LYS C 805 22.79 -14.82 -14.35
N GLN C 806 22.19 -15.97 -14.02
CA GLN C 806 20.91 -16.35 -14.60
C GLN C 806 19.76 -15.48 -14.10
N TYR C 807 19.98 -14.72 -13.04
CA TYR C 807 19.01 -13.75 -12.53
C TYR C 807 19.52 -12.33 -12.76
N THR C 808 20.21 -12.11 -13.89
CA THR C 808 20.87 -10.83 -14.12
C THR C 808 19.90 -9.66 -14.22
N SER C 809 18.65 -9.91 -14.59
CA SER C 809 17.64 -8.87 -14.62
C SER C 809 16.76 -8.86 -13.37
N ALA C 810 17.03 -9.75 -12.42
CA ALA C 810 16.21 -9.83 -11.22
C ALA C 810 16.45 -8.66 -10.28
N CYS C 811 17.71 -8.26 -10.08
CA CYS C 811 18.01 -7.15 -9.18
C CYS C 811 18.71 -6.00 -9.91
N LYS C 812 18.85 -6.07 -11.22
CA LYS C 812 19.22 -4.88 -11.98
C LYS C 812 18.09 -3.86 -11.95
N THR C 813 16.86 -4.33 -11.71
CA THR C 813 15.70 -3.46 -11.65
C THR C 813 15.38 -3.00 -10.24
N ILE C 814 16.23 -3.28 -9.26
CA ILE C 814 15.99 -2.86 -7.89
C ILE C 814 16.84 -1.64 -7.53
N GLU C 815 18.14 -1.71 -7.81
CA GLU C 815 19.04 -0.62 -7.45
C GLU C 815 18.65 0.68 -8.14
N ASP C 816 18.36 0.62 -9.43
CA ASP C 816 17.90 1.79 -10.16
C ASP C 816 16.52 2.24 -9.74
N ALA C 817 15.61 1.30 -9.45
CA ALA C 817 14.29 1.67 -8.97
C ALA C 817 14.35 2.41 -7.64
N LEU C 818 15.34 2.12 -6.80
CA LEU C 818 15.53 2.86 -5.57
C LEU C 818 16.25 4.19 -5.79
N ARG C 819 17.34 4.19 -6.57
CA ARG C 819 18.10 5.42 -6.79
C ARG C 819 17.36 6.45 -7.61
N LEU C 820 16.36 6.05 -8.41
CA LEU C 820 15.56 7.02 -9.13
C LEU C 820 14.66 7.83 -8.21
N SER C 821 13.96 7.16 -7.29
CA SER C 821 13.17 7.87 -6.31
C SER C 821 14.04 8.67 -5.34
N ALA C 822 15.18 8.10 -4.93
CA ALA C 822 16.08 8.85 -4.08
C ALA C 822 16.59 10.12 -4.74
N HIS C 823 16.79 10.10 -6.06
CA HIS C 823 17.18 11.30 -6.78
C HIS C 823 16.01 12.26 -6.98
N LEU C 824 14.82 11.74 -7.24
CA LEU C 824 13.65 12.59 -7.40
C LEU C 824 13.30 13.33 -6.13
N GLU C 825 13.58 12.75 -4.97
CA GLU C 825 13.29 13.44 -3.71
C GLU C 825 14.08 14.74 -3.57
N THR C 826 15.37 14.71 -3.90
CA THR C 826 16.22 15.87 -3.71
C THR C 826 15.91 16.99 -4.70
N ASN C 827 15.48 16.64 -5.91
CA ASN C 827 15.12 17.67 -6.88
C ASN C 827 13.89 18.47 -6.46
N ASP C 828 13.07 17.93 -5.57
CA ASP C 828 11.92 18.63 -5.05
C ASP C 828 12.16 19.28 -3.69
N VAL C 829 12.92 18.62 -2.81
CA VAL C 829 13.18 19.21 -1.51
C VAL C 829 14.04 20.46 -1.64
N SER C 830 15.03 20.43 -2.51
CA SER C 830 15.94 21.56 -2.68
C SER C 830 15.35 22.68 -3.53
N SER C 831 14.17 22.48 -4.12
CA SER C 831 13.55 23.52 -4.93
C SER C 831 12.71 24.50 -4.12
N MET C 832 12.38 24.15 -2.88
CA MET C 832 11.59 25.05 -2.04
C MET C 832 12.43 25.83 -1.05
N LEU C 833 13.64 25.36 -0.74
CA LEU C 833 14.49 26.01 0.26
C LEU C 833 15.27 27.13 -0.40
N THR C 834 14.63 28.30 -0.49
CA THR C 834 15.24 29.48 -1.07
C THR C 834 16.11 30.17 -0.03
N PHE C 835 16.57 31.37 -0.34
CA PHE C 835 17.39 32.15 0.59
C PHE C 835 17.35 33.61 0.19
N ASP C 836 17.28 34.49 1.19
CA ASP C 836 17.34 35.92 0.99
C ASP C 836 18.47 36.51 1.83
N SER C 837 19.09 37.56 1.32
CA SER C 837 20.22 38.18 1.99
C SER C 837 19.85 39.41 2.80
N ASN C 838 19.09 40.34 2.22
CA ASN C 838 18.73 41.56 2.94
C ASN C 838 17.81 41.25 4.11
N ALA C 839 16.73 40.49 3.87
CA ALA C 839 15.83 40.13 4.95
C ALA C 839 16.49 39.26 6.00
N PHE C 840 17.54 38.52 5.64
CA PHE C 840 18.26 37.71 6.62
C PHE C 840 18.91 38.58 7.68
N SER C 841 19.46 39.73 7.27
CA SER C 841 20.19 40.60 8.18
C SER C 841 19.30 41.26 9.22
N LEU C 842 17.98 41.27 9.03
CA LEU C 842 17.06 41.89 9.96
C LEU C 842 16.54 40.92 11.02
N ALA C 843 17.06 39.69 11.05
CA ALA C 843 16.64 38.68 11.99
C ALA C 843 17.26 38.87 13.38
N ASN C 844 17.84 40.02 13.65
CA ASN C 844 18.50 40.24 14.93
C ASN C 844 17.48 40.59 16.01
N VAL C 845 17.85 40.30 17.25
CA VAL C 845 16.93 40.48 18.39
C VAL C 845 16.71 41.94 18.75
N THR C 846 17.57 42.84 18.28
CA THR C 846 17.44 44.26 18.61
C THR C 846 16.34 44.96 17.83
N SER C 847 15.77 44.30 16.83
CA SER C 847 14.77 44.92 15.96
C SER C 847 13.40 44.26 16.11
N PHE C 848 13.00 43.98 17.36
CA PHE C 848 11.70 43.37 17.59
C PHE C 848 10.96 44.01 18.76
N GLY C 849 11.19 45.29 19.03
CA GLY C 849 10.45 45.97 20.09
C GLY C 849 10.69 45.32 21.44
N ASP C 850 9.60 45.15 22.19
CA ASP C 850 9.65 44.54 23.52
C ASP C 850 9.08 43.13 23.53
N TYR C 851 9.06 42.46 22.37
CA TYR C 851 8.60 41.07 22.28
C TYR C 851 9.84 40.19 22.35
N ASN C 852 9.93 39.39 23.40
CA ASN C 852 11.14 38.58 23.59
C ASN C 852 11.09 37.30 22.76
N LEU C 853 11.68 37.35 21.57
CA LEU C 853 11.79 36.18 20.69
C LEU C 853 13.22 35.63 20.68
N SER C 854 13.97 35.84 21.76
CA SER C 854 15.36 35.44 21.80
C SER C 854 15.57 33.93 21.82
N SER C 855 14.51 33.16 22.05
CA SER C 855 14.62 31.71 22.07
C SER C 855 14.27 31.08 20.74
N VAL C 856 14.03 31.88 19.70
CA VAL C 856 13.63 31.39 18.39
C VAL C 856 14.66 31.74 17.32
N LEU C 857 15.24 32.94 17.39
CA LEU C 857 16.17 33.39 16.37
C LEU C 857 17.42 32.51 16.35
N PRO C 858 18.01 32.30 15.18
CA PRO C 858 19.22 31.48 15.10
C PRO C 858 20.42 32.15 15.76
N GLN C 859 21.33 31.31 16.26
CA GLN C 859 22.56 31.78 16.89
C GLN C 859 23.60 32.10 15.82
N ARG C 860 24.28 33.24 16.00
CA ARG C 860 25.12 33.76 14.93
C ARG C 860 26.50 33.11 14.90
N ASN C 861 27.32 33.33 15.93
CA ASN C 861 28.72 32.94 15.91
C ASN C 861 28.93 31.64 16.66
N ILE C 862 29.46 30.65 15.97
CA ILE C 862 29.81 29.35 16.55
C ILE C 862 31.32 29.10 16.44
N ARG C 863 32.06 30.13 16.04
CA ARG C 863 33.51 30.05 15.85
C ARG C 863 33.87 28.96 14.84
N SER C 864 33.08 28.87 13.77
CA SER C 864 33.32 27.90 12.72
C SER C 864 33.00 28.57 11.38
N SER C 865 33.07 27.79 10.30
CA SER C 865 32.77 28.28 8.96
C SER C 865 31.30 28.03 8.62
N ARG C 866 30.43 28.50 9.50
CA ARG C 866 28.99 28.36 9.33
C ARG C 866 28.33 29.69 9.60
N ILE C 867 27.50 30.15 8.66
CA ILE C 867 26.85 31.45 8.80
C ILE C 867 25.89 31.45 9.97
N ALA C 868 25.10 30.39 10.11
CA ALA C 868 24.13 30.32 11.20
C ALA C 868 23.88 28.86 11.54
N GLY C 869 23.69 28.59 12.83
CA GLY C 869 23.44 27.25 13.32
C GLY C 869 22.02 27.06 13.80
N ARG C 870 21.84 26.05 14.64
CA ARG C 870 20.53 25.75 15.19
C ARG C 870 20.07 26.88 16.11
N SER C 871 18.76 26.98 16.27
CA SER C 871 18.16 27.99 17.14
C SER C 871 18.24 27.51 18.59
N ALA C 872 17.71 28.32 19.51
CA ALA C 872 17.69 27.95 20.92
C ALA C 872 16.60 26.94 21.25
N LEU C 873 15.69 26.68 20.32
CA LEU C 873 14.60 25.73 20.55
C LEU C 873 14.83 24.39 19.88
N GLU C 874 15.51 24.37 18.74
CA GLU C 874 15.76 23.12 18.03
C GLU C 874 16.64 22.18 18.84
N ASP C 875 17.58 22.72 19.62
CA ASP C 875 18.43 21.88 20.44
C ASP C 875 17.63 21.12 21.49
N LEU C 876 16.60 21.75 22.04
CA LEU C 876 15.73 21.06 22.98
C LEU C 876 14.92 19.96 22.32
N LEU C 877 14.53 20.15 21.06
CA LEU C 877 13.80 19.10 20.35
C LEU C 877 14.70 17.92 20.01
N PHE C 878 15.89 18.20 19.48
CA PHE C 878 16.81 17.12 19.13
C PHE C 878 17.33 16.36 20.33
N SER C 879 17.34 17.00 21.51
CA SER C 879 17.78 16.29 22.72
C SER C 879 16.79 15.22 23.15
N LYS C 880 15.60 15.19 22.55
CA LYS C 880 14.55 14.28 23.01
C LYS C 880 14.62 12.93 22.32
N VAL C 881 14.47 12.91 21.00
CA VAL C 881 14.16 11.70 20.26
C VAL C 881 15.32 11.25 19.37
N VAL C 882 15.85 12.17 18.55
CA VAL C 882 16.78 11.77 17.50
C VAL C 882 18.04 11.11 18.06
N THR C 883 18.41 11.42 19.31
CA THR C 883 19.54 10.75 19.93
C THR C 883 19.27 9.27 20.20
N SER C 884 18.01 8.83 20.12
CA SER C 884 17.65 7.45 20.38
C SER C 884 17.38 6.66 19.09
N GLY C 885 17.47 7.31 17.93
CA GLY C 885 17.30 6.58 16.68
C GLY C 885 18.39 5.56 16.44
N LEU C 886 19.65 5.99 16.61
CA LEU C 886 20.82 5.12 16.66
C LEU C 886 21.12 4.43 15.33
N GLY C 887 20.27 4.60 14.33
CA GLY C 887 20.48 3.88 13.08
C GLY C 887 20.09 4.60 11.81
N THR C 888 19.75 5.89 11.90
CA THR C 888 19.27 6.62 10.75
C THR C 888 19.82 8.03 10.60
N VAL C 889 20.69 8.50 11.50
CA VAL C 889 21.13 9.89 11.51
C VAL C 889 22.65 9.94 11.55
N ASP C 890 23.22 10.78 10.68
CA ASP C 890 24.63 11.21 10.68
C ASP C 890 25.59 10.09 11.10
N VAL C 891 25.42 8.93 10.49
CA VAL C 891 26.34 7.82 10.72
C VAL C 891 27.58 8.02 9.85
N ASP C 892 28.74 7.67 10.39
CA ASP C 892 30.00 7.79 9.67
C ASP C 892 30.55 6.40 9.41
N TYR C 893 30.88 6.14 8.14
CA TYR C 893 31.38 4.84 7.72
C TYR C 893 32.90 4.75 7.75
N LYS C 894 33.58 5.79 8.21
CA LYS C 894 35.02 5.74 8.33
C LYS C 894 35.48 4.86 9.47
N SER C 895 34.59 4.49 10.39
CA SER C 895 34.95 3.74 11.57
C SER C 895 34.47 2.29 11.55
N CYS C 896 33.59 1.92 10.61
CA CYS C 896 33.09 0.56 10.54
C CYS C 896 34.02 -0.38 9.81
N THR C 897 35.29 -0.01 9.63
CA THR C 897 36.24 -0.83 8.89
C THR C 897 37.61 -0.86 9.57
N LYS C 898 37.65 -0.69 10.89
CA LYS C 898 38.89 -0.69 11.62
C LYS C 898 38.94 -1.68 12.78
N GLY C 899 37.82 -2.28 13.16
CA GLY C 899 37.82 -3.23 14.26
C GLY C 899 38.12 -2.59 15.60
N LEU C 900 38.85 -3.29 16.45
CA LEU C 900 39.28 -2.83 17.77
C LEU C 900 38.12 -2.58 18.72
N SER C 901 36.91 -3.01 18.36
CA SER C 901 35.72 -2.84 19.19
C SER C 901 34.58 -3.62 18.55
N ILE C 902 33.60 -3.99 19.38
CA ILE C 902 32.41 -4.66 18.88
C ILE C 902 31.63 -3.70 18.00
N ALA C 903 31.14 -4.19 16.88
CA ALA C 903 30.46 -3.34 15.90
C ALA C 903 29.20 -2.74 16.48
N ASP C 904 28.93 -1.49 16.09
CA ASP C 904 27.73 -0.80 16.51
C ASP C 904 26.52 -1.30 15.71
N LEU C 905 25.33 -0.81 16.07
CA LEU C 905 24.13 -1.18 15.34
C LEU C 905 24.16 -0.62 13.92
N ALA C 906 24.63 0.63 13.76
CA ALA C 906 24.69 1.21 12.43
C ALA C 906 25.70 0.52 11.54
N CYS C 907 26.88 0.18 12.08
CA CYS C 907 27.88 -0.52 11.29
C CYS C 907 27.54 -1.98 11.05
N ALA C 908 26.70 -2.58 11.90
CA ALA C 908 26.31 -3.97 11.70
C ALA C 908 25.44 -4.16 10.46
N GLN C 909 24.71 -3.12 10.05
CA GLN C 909 23.91 -3.19 8.83
C GLN C 909 24.72 -2.90 7.57
N TYR C 910 25.81 -2.13 7.70
CA TYR C 910 26.65 -1.85 6.55
C TYR C 910 27.32 -3.11 6.01
N TYR C 911 27.49 -4.13 6.84
CA TYR C 911 28.03 -5.41 6.36
C TYR C 911 27.01 -6.19 5.53
N ASN C 912 25.75 -5.74 5.50
CA ASN C 912 24.71 -6.37 4.70
C ASN C 912 24.29 -5.49 3.53
N GLY C 913 25.08 -4.47 3.23
CA GLY C 913 24.87 -3.64 2.06
C GLY C 913 23.85 -2.54 2.23
N ILE C 914 23.25 -2.39 3.39
CA ILE C 914 22.25 -1.35 3.60
C ILE C 914 22.97 -0.05 3.98
N MET C 915 22.83 0.96 3.13
CA MET C 915 23.52 2.24 3.31
C MET C 915 22.51 3.37 3.36
N VAL C 916 22.79 4.37 4.18
CA VAL C 916 21.91 5.53 4.36
C VAL C 916 22.63 6.75 3.81
N LEU C 917 22.06 7.34 2.76
CA LEU C 917 22.64 8.53 2.16
C LEU C 917 22.33 9.76 2.99
N PRO C 918 23.18 10.78 2.95
CA PRO C 918 22.89 12.03 3.64
C PRO C 918 21.78 12.80 2.92
N GLY C 919 21.09 13.64 3.70
CA GLY C 919 20.04 14.47 3.15
C GLY C 919 20.52 15.86 2.75
N VAL C 920 19.73 16.50 1.88
CA VAL C 920 20.07 17.84 1.41
C VAL C 920 19.92 18.85 2.54
N ALA C 921 18.83 18.76 3.30
CA ALA C 921 18.53 19.73 4.35
C ALA C 921 19.38 19.42 5.57
N ASP C 922 20.54 20.06 5.66
CA ASP C 922 21.41 19.93 6.82
C ASP C 922 21.06 21.02 7.84
N ALA C 923 21.91 21.17 8.86
CA ALA C 923 21.63 22.15 9.90
C ALA C 923 21.72 23.58 9.39
N GLU C 924 22.69 23.88 8.52
CA GLU C 924 22.93 25.25 8.11
C GLU C 924 21.83 25.77 7.19
N ARG C 925 21.45 24.99 6.18
CA ARG C 925 20.52 25.49 5.18
C ARG C 925 19.14 25.74 5.76
N MET C 926 18.69 24.87 6.66
CA MET C 926 17.44 25.11 7.37
C MET C 926 17.51 26.37 8.24
N ALA C 927 18.70 26.77 8.68
CA ALA C 927 18.86 27.99 9.45
C ALA C 927 18.97 29.23 8.57
N MET C 928 19.17 29.07 7.26
CA MET C 928 19.11 30.18 6.33
C MET C 928 17.73 30.35 5.71
N TYR C 929 17.00 29.26 5.49
CA TYR C 929 15.64 29.37 4.99
C TYR C 929 14.67 29.84 6.07
N THR C 930 14.81 29.33 7.30
CA THR C 930 13.92 29.74 8.38
C THR C 930 14.18 31.17 8.81
N GLY C 931 15.45 31.55 8.97
CA GLY C 931 15.78 32.89 9.40
C GLY C 931 15.41 33.96 8.40
N SER C 932 15.23 33.60 7.13
CA SER C 932 14.80 34.54 6.11
C SER C 932 13.31 34.78 6.12
N LEU C 933 12.54 34.00 6.88
CA LEU C 933 11.11 34.21 7.01
C LEU C 933 10.75 35.01 8.26
N ILE C 934 11.39 34.70 9.39
CA ILE C 934 11.12 35.43 10.62
C ILE C 934 11.51 36.90 10.47
N GLY C 935 12.52 37.18 9.65
CA GLY C 935 12.94 38.55 9.44
C GLY C 935 12.11 39.33 8.44
N GLY C 936 11.15 38.68 7.80
CA GLY C 936 10.32 39.36 6.83
C GLY C 936 9.19 40.17 7.41
N MET C 937 8.78 39.89 8.65
CA MET C 937 7.66 40.61 9.25
C MET C 937 8.00 42.09 9.44
N VAL C 938 9.21 42.38 9.91
CA VAL C 938 9.60 43.78 10.15
C VAL C 938 9.96 44.52 8.88
N LEU C 939 10.05 43.82 7.75
CA LEU C 939 10.42 44.45 6.48
C LEU C 939 9.17 45.08 5.87
N GLY C 940 8.92 46.34 6.22
CA GLY C 940 7.78 47.06 5.70
C GLY C 940 8.01 47.50 4.27
N GLY C 941 6.97 48.13 3.71
CA GLY C 941 7.02 48.59 2.34
C GLY C 941 7.69 49.93 2.20
N LEU C 942 8.79 50.14 2.92
CA LEU C 942 9.55 51.38 2.86
C LEU C 942 10.54 51.30 1.68
N THR C 943 11.51 52.20 1.66
CA THR C 943 12.51 52.24 0.60
C THR C 943 13.55 51.14 0.81
N SER C 944 14.66 51.24 0.09
CA SER C 944 15.57 50.12 -0.17
C SER C 944 15.70 49.14 1.00
N ALA C 945 16.18 49.62 2.16
CA ALA C 945 16.49 48.69 3.23
C ALA C 945 16.02 49.21 4.59
N ALA C 946 15.00 50.07 4.61
CA ALA C 946 14.49 50.55 5.87
C ALA C 946 13.66 49.46 6.56
N ALA C 947 13.66 49.50 7.88
CA ALA C 947 12.92 48.55 8.70
C ALA C 947 12.01 49.32 9.65
N ILE C 948 10.71 49.07 9.56
CA ILE C 948 9.72 49.70 10.43
C ILE C 948 9.76 49.03 11.79
N PRO C 949 9.43 49.73 12.87
CA PRO C 949 9.38 49.08 14.19
C PRO C 949 8.32 47.99 14.23
N PHE C 950 8.60 46.96 15.04
CA PHE C 950 7.67 45.85 15.14
C PHE C 950 6.37 46.21 15.85
N SER C 951 6.37 47.25 16.68
CA SER C 951 5.12 47.70 17.27
C SER C 951 4.15 48.25 16.23
N LEU C 952 4.66 48.66 15.07
CA LEU C 952 3.82 49.14 13.98
C LEU C 952 3.47 48.04 12.98
N ALA C 953 4.21 46.94 12.97
CA ALA C 953 3.89 45.82 12.09
C ALA C 953 2.64 45.07 12.51
N LEU C 954 2.17 45.26 13.75
CA LEU C 954 0.92 44.67 14.19
C LEU C 954 -0.26 45.59 13.96
N GLN C 955 -0.03 46.90 13.84
CA GLN C 955 -1.13 47.81 13.53
C GLN C 955 -1.67 47.56 12.13
N ALA C 956 -0.80 47.24 11.18
CA ALA C 956 -1.23 46.91 9.83
C ALA C 956 -1.88 45.54 9.74
N ARG C 957 -1.64 44.66 10.71
CA ARG C 957 -2.27 43.34 10.74
C ARG C 957 -3.52 43.30 11.60
N LEU C 958 -3.89 44.42 12.24
CA LEU C 958 -5.15 44.50 12.97
C LEU C 958 -6.22 45.28 12.21
N ASN C 959 -5.83 46.22 11.35
CA ASN C 959 -6.80 46.91 10.53
C ASN C 959 -7.50 45.97 9.55
N TYR C 960 -6.87 44.83 9.23
CA TYR C 960 -7.53 43.83 8.39
C TYR C 960 -8.78 43.29 9.06
N VAL C 961 -8.75 43.09 10.38
CA VAL C 961 -9.92 42.61 11.10
C VAL C 961 -10.97 43.70 11.19
N ALA C 962 -10.62 44.83 11.79
CA ALA C 962 -11.52 45.97 11.89
C ALA C 962 -10.69 47.23 12.07
N LEU C 963 -11.22 48.34 11.57
CA LEU C 963 -10.49 49.61 11.63
C LEU C 963 -10.37 50.09 13.07
N GLN C 964 -9.12 50.23 13.54
CA GLN C 964 -8.89 50.68 14.90
C GLN C 964 -9.20 52.17 15.01
N THR C 965 -10.06 52.53 15.95
CA THR C 965 -10.45 53.91 16.17
C THR C 965 -10.03 54.41 17.55
N ASP C 966 -8.83 54.04 17.97
CA ASP C 966 -8.25 54.50 19.24
C ASP C 966 -6.89 55.11 18.95
N VAL C 967 -6.77 56.42 19.22
CA VAL C 967 -5.53 57.13 18.94
C VAL C 967 -4.35 56.57 19.74
N LEU C 968 -4.55 56.30 21.02
CA LEU C 968 -3.51 55.76 21.89
C LEU C 968 -3.60 54.23 21.88
N GLN C 969 -2.46 53.58 21.71
CA GLN C 969 -2.41 52.12 21.66
C GLN C 969 -2.31 51.59 23.08
N GLU C 970 -3.41 51.00 23.56
CA GLU C 970 -3.42 50.35 24.86
C GLU C 970 -3.37 48.82 24.76
N ASN C 971 -3.76 48.26 23.62
CA ASN C 971 -3.76 46.81 23.47
C ASN C 971 -2.35 46.24 23.53
N GLN C 972 -1.38 46.92 22.93
CA GLN C 972 -0.01 46.43 22.87
C GLN C 972 0.66 46.38 24.23
N LYS C 973 0.12 47.07 25.24
CA LYS C 973 0.68 46.98 26.57
C LYS C 973 0.31 45.66 27.24
N ILE C 974 -0.85 45.10 26.89
CA ILE C 974 -1.26 43.83 27.49
C ILE C 974 -0.83 42.65 26.61
N LEU C 975 -0.81 42.85 25.29
CA LEU C 975 -0.46 41.74 24.40
C LEU C 975 0.97 41.27 24.62
N ALA C 976 1.92 42.19 24.82
CA ALA C 976 3.30 41.79 25.05
C ALA C 976 3.42 40.96 26.33
N ALA C 977 2.78 41.41 27.41
CA ALA C 977 2.82 40.69 28.67
C ALA C 977 2.15 39.33 28.58
N SER C 978 1.09 39.20 27.79
CA SER C 978 0.44 37.90 27.64
C SER C 978 1.15 36.99 26.64
N PHE C 979 2.03 37.53 25.79
CA PHE C 979 2.76 36.71 24.84
C PHE C 979 4.09 36.22 25.42
N ASN C 980 4.75 37.05 26.22
CA ASN C 980 6.02 36.65 26.82
C ASN C 980 5.85 35.45 27.74
N LYS C 981 4.78 35.42 28.54
CA LYS C 981 4.50 34.26 29.36
C LYS C 981 4.14 33.02 28.54
N ALA C 982 3.43 33.20 27.43
CA ALA C 982 3.09 32.07 26.57
C ALA C 982 4.33 31.42 25.96
N ILE C 983 5.31 32.24 25.55
CA ILE C 983 6.56 31.67 25.03
C ILE C 983 7.27 30.87 26.12
N ASN C 984 7.34 31.42 27.33
CA ASN C 984 8.03 30.73 28.42
C ASN C 984 7.34 29.43 28.80
N ASN C 985 6.01 29.40 28.79
CA ASN C 985 5.30 28.16 29.07
C ASN C 985 5.63 27.06 28.07
N ILE C 986 5.70 27.39 26.78
CA ILE C 986 6.01 26.38 25.77
C ILE C 986 7.46 25.90 25.90
N VAL C 987 8.40 26.83 26.10
CA VAL C 987 9.78 26.40 26.23
C VAL C 987 10.01 25.60 27.51
N ALA C 988 9.18 25.83 28.54
CA ALA C 988 9.25 24.98 29.73
C ALA C 988 8.59 23.64 29.49
N SER C 989 7.52 23.60 28.69
CA SER C 989 6.87 22.34 28.36
C SER C 989 7.75 21.42 27.54
N PHE C 990 8.57 21.97 26.65
CA PHE C 990 9.57 21.13 25.97
C PHE C 990 10.64 20.59 26.90
N SER C 991 10.75 21.10 28.12
CA SER C 991 11.80 20.67 29.04
C SER C 991 11.45 19.38 29.78
N SER C 992 10.47 18.63 29.30
CA SER C 992 10.02 17.34 29.82
C SER C 992 9.40 17.43 31.21
N VAL C 993 9.31 18.62 31.80
CA VAL C 993 8.60 18.81 33.06
C VAL C 993 7.13 18.90 32.73
N ASN C 994 6.41 17.79 32.82
CA ASN C 994 5.06 17.67 32.27
C ASN C 994 3.97 17.86 33.32
N ASP C 995 3.96 17.01 34.36
CA ASP C 995 2.85 17.00 35.31
C ASP C 995 2.79 18.25 36.18
N ALA C 996 3.90 18.97 36.35
CA ALA C 996 3.89 20.14 37.20
C ALA C 996 3.14 21.30 36.56
N ILE C 997 3.09 21.34 35.23
CA ILE C 997 2.45 22.44 34.50
C ILE C 997 1.16 22.00 33.84
N THR C 998 0.72 20.76 34.08
CA THR C 998 -0.57 20.32 33.55
C THR C 998 -1.74 21.07 34.17
N GLN C 999 -1.55 21.61 35.38
CA GLN C 999 -2.61 22.36 36.04
C GLN C 999 -2.73 23.79 35.51
N THR C 1000 -1.72 24.26 34.79
CA THR C 1000 -1.68 25.67 34.37
C THR C 1000 -2.78 26.00 33.36
N ALA C 1001 -2.76 25.35 32.20
CA ALA C 1001 -3.71 25.66 31.14
C ALA C 1001 -3.80 24.45 30.21
N GLU C 1002 -4.41 24.65 29.04
CA GLU C 1002 -4.59 23.61 28.05
C GLU C 1002 -3.57 23.68 26.91
N ALA C 1003 -2.49 24.45 27.10
CA ALA C 1003 -1.43 24.47 26.10
C ALA C 1003 -0.73 23.13 25.98
N ILE C 1004 -0.80 22.29 27.02
CA ILE C 1004 -0.24 20.96 26.96
C ILE C 1004 -0.95 20.07 25.95
N HIS C 1005 -2.26 20.30 25.75
CA HIS C 1005 -3.06 19.45 24.89
C HIS C 1005 -2.53 19.37 23.47
N THR C 1006 -1.83 20.40 23.01
CA THR C 1006 -1.27 20.37 21.66
C THR C 1006 0.18 19.89 21.65
N VAL C 1007 0.97 20.28 22.65
CA VAL C 1007 2.37 19.87 22.70
C VAL C 1007 2.53 18.37 22.90
N THR C 1008 1.63 17.73 23.66
CA THR C 1008 1.71 16.28 23.78
C THR C 1008 1.51 15.56 22.45
N ILE C 1009 0.53 15.98 21.66
CA ILE C 1009 0.33 15.38 20.34
C ILE C 1009 1.52 15.67 19.44
N ALA C 1010 2.04 16.90 19.49
CA ALA C 1010 3.20 17.24 18.67
C ALA C 1010 4.41 16.39 19.02
N LEU C 1011 4.61 16.06 20.30
CA LEU C 1011 5.72 15.20 20.69
C LEU C 1011 5.48 13.74 20.30
N ASN C 1012 4.25 13.25 20.48
CA ASN C 1012 3.94 11.88 20.09
C ASN C 1012 4.13 11.64 18.60
N LYS C 1013 3.74 12.60 17.77
CA LYS C 1013 3.94 12.45 16.33
C LYS C 1013 5.42 12.31 15.98
N ILE C 1014 6.27 13.14 16.58
CA ILE C 1014 7.70 13.07 16.31
C ILE C 1014 8.29 11.75 16.79
N GLN C 1015 7.83 11.26 17.95
CA GLN C 1015 8.32 9.96 18.41
C GLN C 1015 7.91 8.84 17.45
N ASP C 1016 6.66 8.86 17.00
CA ASP C 1016 6.17 7.81 16.11
C ASP C 1016 6.87 7.81 14.76
N VAL C 1017 7.15 8.99 14.20
CA VAL C 1017 7.77 9.03 12.88
C VAL C 1017 9.17 8.44 12.89
N VAL C 1018 9.83 8.39 14.05
CA VAL C 1018 11.14 7.76 14.16
C VAL C 1018 11.02 6.28 14.48
N ASN C 1019 10.11 5.91 15.38
CA ASN C 1019 9.92 4.50 15.69
C ASN C 1019 9.52 3.70 14.46
N GLN C 1020 8.60 4.22 13.65
CA GLN C 1020 8.18 3.52 12.44
C GLN C 1020 9.32 3.38 11.44
N GLN C 1021 10.16 4.41 11.31
CA GLN C 1021 11.31 4.31 10.41
C GLN C 1021 12.30 3.26 10.88
N GLY C 1022 12.53 3.16 12.19
CA GLY C 1022 13.44 2.15 12.70
C GLY C 1022 12.95 0.72 12.51
N SER C 1023 11.66 0.51 12.78
CA SER C 1023 11.10 -0.83 12.72
C SER C 1023 11.17 -1.45 11.33
N ALA C 1024 11.05 -0.65 10.27
CA ALA C 1024 11.07 -1.20 8.91
C ALA C 1024 12.41 -1.86 8.60
N LEU C 1025 13.52 -1.20 8.93
CA LEU C 1025 14.82 -1.80 8.72
C LEU C 1025 15.09 -2.95 9.69
N ASN C 1026 14.62 -2.80 10.94
CA ASN C 1026 14.78 -3.91 11.88
C ASN C 1026 14.07 -5.16 11.42
N HIS C 1027 12.95 -5.03 10.70
CA HIS C 1027 12.29 -6.20 10.14
C HIS C 1027 12.99 -6.75 8.91
N LEU C 1028 13.56 -5.89 8.07
CA LEU C 1028 14.23 -6.37 6.86
C LEU C 1028 15.50 -7.13 7.19
N THR C 1029 16.32 -6.61 8.10
CA THR C 1029 17.57 -7.28 8.41
C THR C 1029 17.39 -8.57 9.20
N SER C 1030 16.18 -8.85 9.67
CA SER C 1030 15.94 -10.03 10.51
C SER C 1030 15.42 -11.23 9.74
N GLN C 1031 15.28 -11.15 8.41
CA GLN C 1031 14.79 -12.26 7.61
C GLN C 1031 15.90 -13.08 7.00
N LEU C 1032 17.15 -12.78 7.30
CA LEU C 1032 18.26 -13.63 6.89
C LEU C 1032 18.45 -14.83 7.81
N ARG C 1033 17.83 -14.81 8.99
CA ARG C 1033 17.95 -15.94 9.90
C ARG C 1033 17.16 -17.14 9.42
N HIS C 1034 15.99 -16.92 8.83
CA HIS C 1034 15.09 -18.01 8.44
C HIS C 1034 15.71 -18.79 7.30
N ASN C 1035 16.20 -19.99 7.59
CA ASN C 1035 16.62 -20.89 6.54
C ASN C 1035 15.39 -21.48 5.86
N PHE C 1036 15.39 -21.44 4.53
CA PHE C 1036 14.32 -22.03 3.76
C PHE C 1036 14.54 -23.54 3.71
N GLN C 1037 13.83 -24.24 2.83
CA GLN C 1037 13.88 -25.69 2.85
C GLN C 1037 15.24 -26.18 2.35
N ALA C 1038 16.27 -25.91 3.14
CA ALA C 1038 17.64 -26.27 2.79
C ALA C 1038 18.30 -26.82 4.05
N ILE C 1039 19.62 -26.98 3.99
CA ILE C 1039 20.34 -27.56 5.12
C ILE C 1039 20.52 -26.53 6.23
N SER C 1040 21.05 -25.36 5.89
CA SER C 1040 21.32 -24.32 6.88
C SER C 1040 21.12 -22.96 6.25
N ASN C 1041 21.24 -21.92 7.07
CA ASN C 1041 21.02 -20.54 6.63
C ASN C 1041 22.32 -19.83 6.25
N SER C 1042 23.45 -20.52 6.25
CA SER C 1042 24.73 -19.95 5.85
C SER C 1042 25.28 -20.73 4.68
N ILE C 1043 25.64 -20.03 3.61
CA ILE C 1043 26.06 -20.68 2.37
C ILE C 1043 27.43 -21.35 2.50
N GLN C 1044 28.34 -20.78 3.30
CA GLN C 1044 29.63 -21.41 3.50
C GLN C 1044 29.49 -22.81 4.07
N ALA C 1045 28.56 -23.01 5.00
CA ALA C 1045 28.30 -24.35 5.52
C ALA C 1045 27.79 -25.29 4.44
N ILE C 1046 26.92 -24.81 3.55
CA ILE C 1046 26.42 -25.65 2.47
C ILE C 1046 27.55 -26.08 1.55
N TYR C 1047 28.44 -25.15 1.19
CA TYR C 1047 29.54 -25.52 0.30
C TYR C 1047 30.64 -26.30 1.02
N ASP C 1048 30.68 -26.27 2.34
CA ASP C 1048 31.66 -27.04 3.08
C ASP C 1048 31.29 -28.52 3.20
N ARG C 1049 30.00 -28.85 3.08
CA ARG C 1049 29.54 -30.22 3.26
C ARG C 1049 29.36 -30.96 1.94
N LEU C 1050 28.53 -30.45 1.05
CA LEU C 1050 28.24 -31.13 -0.21
C LEU C 1050 29.22 -30.70 -1.30
N ASP C 1051 29.24 -31.46 -2.38
CA ASP C 1051 30.10 -31.17 -3.51
C ASP C 1051 29.47 -30.07 -4.36
N SER C 1052 30.09 -29.77 -5.51
CA SER C 1052 29.62 -28.66 -6.34
C SER C 1052 28.35 -28.98 -7.09
N ILE C 1053 28.15 -30.24 -7.48
CA ILE C 1053 26.99 -30.60 -8.28
C ILE C 1053 25.70 -30.67 -7.47
N GLN C 1054 25.80 -30.71 -6.14
CA GLN C 1054 24.62 -30.85 -5.29
C GLN C 1054 24.28 -29.59 -4.52
N ALA C 1055 25.22 -28.65 -4.36
CA ALA C 1055 24.95 -27.45 -3.59
C ALA C 1055 24.19 -26.40 -4.40
N ASP C 1056 24.18 -26.54 -5.73
CA ASP C 1056 23.45 -25.60 -6.58
C ASP C 1056 21.94 -25.75 -6.45
N GLN C 1057 21.45 -26.95 -6.14
CA GLN C 1057 20.03 -27.13 -5.88
C GLN C 1057 19.62 -26.65 -4.50
N GLN C 1058 20.59 -26.33 -3.65
CA GLN C 1058 20.31 -25.80 -2.32
C GLN C 1058 20.43 -24.29 -2.25
N VAL C 1059 21.45 -23.72 -2.91
CA VAL C 1059 21.69 -22.28 -2.81
C VAL C 1059 20.52 -21.48 -3.39
N ASP C 1060 19.96 -21.95 -4.51
CA ASP C 1060 18.86 -21.25 -5.14
C ASP C 1060 17.62 -21.19 -4.27
N ARG C 1061 17.42 -22.17 -3.38
CA ARG C 1061 16.28 -22.12 -2.47
C ARG C 1061 16.37 -20.94 -1.51
N LEU C 1062 17.58 -20.52 -1.14
CA LEU C 1062 17.76 -19.30 -0.38
C LEU C 1062 17.72 -18.06 -1.26
N ILE C 1063 18.27 -18.16 -2.47
CA ILE C 1063 18.32 -17.01 -3.36
C ILE C 1063 16.92 -16.53 -3.71
N THR C 1064 16.03 -17.46 -4.06
CA THR C 1064 14.66 -17.09 -4.41
C THR C 1064 13.91 -16.47 -3.25
N GLY C 1065 14.09 -16.99 -2.03
CA GLY C 1065 13.45 -16.39 -0.88
C GLY C 1065 13.95 -14.99 -0.60
N ARG C 1066 15.26 -14.77 -0.66
CA ARG C 1066 15.79 -13.46 -0.35
C ARG C 1066 15.43 -12.42 -1.42
N LEU C 1067 15.36 -12.82 -2.69
CA LEU C 1067 14.93 -11.87 -3.71
C LEU C 1067 13.49 -11.43 -3.49
N ALA C 1068 12.60 -12.37 -3.16
CA ALA C 1068 11.22 -12.03 -2.84
C ALA C 1068 11.12 -11.18 -1.58
N ALA C 1069 12.02 -11.39 -0.62
CA ALA C 1069 12.06 -10.50 0.55
C ALA C 1069 12.47 -9.08 0.17
N LEU C 1070 13.43 -8.92 -0.74
CA LEU C 1070 13.80 -7.58 -1.18
C LEU C 1070 12.68 -6.88 -1.93
N ASN C 1071 11.96 -7.63 -2.77
CA ASN C 1071 10.90 -7.01 -3.58
C ASN C 1071 9.81 -6.39 -2.71
N ALA C 1072 9.40 -7.10 -1.64
CA ALA C 1072 8.37 -6.55 -0.76
C ALA C 1072 8.83 -5.30 -0.04
N PHE C 1073 10.11 -5.21 0.32
CA PHE C 1073 10.66 -4.01 0.94
C PHE C 1073 10.70 -2.83 -0.03
N VAL C 1074 11.06 -3.09 -1.28
CA VAL C 1074 11.05 -2.02 -2.28
C VAL C 1074 9.63 -1.52 -2.51
N SER C 1075 8.68 -2.44 -2.62
CA SER C 1075 7.28 -2.06 -2.83
C SER C 1075 6.70 -1.30 -1.64
N GLN C 1076 7.32 -1.39 -0.46
CA GLN C 1076 6.89 -0.61 0.68
C GLN C 1076 7.56 0.76 0.73
N VAL C 1077 8.85 0.83 0.39
CA VAL C 1077 9.54 2.12 0.37
C VAL C 1077 8.91 3.04 -0.68
N LEU C 1078 8.58 2.48 -1.85
CA LEU C 1078 7.93 3.29 -2.88
C LEU C 1078 6.58 3.83 -2.44
N ASN C 1079 5.79 3.04 -1.71
CA ASN C 1079 4.55 3.55 -1.15
C ASN C 1079 4.81 4.60 -0.08
N LYS C 1080 5.86 4.43 0.72
CA LYS C 1080 6.18 5.41 1.75
C LYS C 1080 6.53 6.77 1.17
N TYR C 1081 7.28 6.81 0.08
CA TYR C 1081 7.62 8.10 -0.52
C TYR C 1081 6.39 8.89 -0.98
N THR C 1082 5.29 8.20 -1.31
CA THR C 1082 4.14 8.91 -1.87
C THR C 1082 3.40 9.74 -0.83
N GLU C 1083 3.34 9.28 0.42
CA GLU C 1083 2.64 10.04 1.46
C GLU C 1083 3.32 11.38 1.74
N VAL C 1084 4.65 11.39 1.78
CA VAL C 1084 5.39 12.62 2.04
C VAL C 1084 5.14 13.64 0.92
N ARG C 1085 4.98 13.16 -0.32
CA ARG C 1085 4.69 14.07 -1.42
C ARG C 1085 3.39 14.82 -1.19
N GLY C 1086 2.33 14.11 -0.74
CA GLY C 1086 1.09 14.78 -0.43
C GLY C 1086 1.14 15.59 0.85
N SER C 1087 2.05 15.27 1.76
CA SER C 1087 2.21 16.04 2.98
C SER C 1087 2.99 17.34 2.75
N ARG C 1088 3.81 17.41 1.71
CA ARG C 1088 4.55 18.62 1.40
C ARG C 1088 3.68 19.74 0.83
N ARG C 1089 2.61 19.39 0.10
CA ARG C 1089 1.74 20.42 -0.44
C ARG C 1089 1.10 21.24 0.67
N LEU C 1090 0.66 20.59 1.74
CA LEU C 1090 0.08 21.32 2.86
C LEU C 1090 1.10 22.24 3.51
N ALA C 1091 2.34 21.78 3.66
CA ALA C 1091 3.39 22.61 4.25
C ALA C 1091 3.66 23.84 3.38
N GLN C 1092 3.74 23.66 2.06
CA GLN C 1092 3.91 24.82 1.18
C GLN C 1092 2.72 25.76 1.24
N GLN C 1093 1.50 25.23 1.25
CA GLN C 1093 0.31 26.06 1.27
C GLN C 1093 0.20 26.88 2.55
N LYS C 1094 0.50 26.28 3.70
CA LYS C 1094 0.48 27.03 4.94
C LYS C 1094 1.53 28.13 4.99
N ILE C 1095 2.74 27.86 4.49
CA ILE C 1095 3.75 28.91 4.42
C ILE C 1095 3.29 30.04 3.52
N ASN C 1096 2.68 29.69 2.39
CA ASN C 1096 2.17 30.72 1.48
C ASN C 1096 1.03 31.54 2.07
N GLU C 1097 0.19 30.95 2.91
CA GLU C 1097 -1.02 31.63 3.36
C GLU C 1097 -0.94 32.27 4.73
N CYS C 1098 -0.40 31.60 5.74
CA CYS C 1098 -0.37 32.15 7.10
C CYS C 1098 0.89 32.91 7.44
N VAL C 1099 1.99 32.67 6.72
CA VAL C 1099 3.24 33.33 7.05
C VAL C 1099 3.38 34.67 6.34
N LYS C 1100 2.91 34.78 5.11
CA LYS C 1100 3.12 35.97 4.29
C LYS C 1100 1.85 36.77 4.00
N SER C 1101 0.67 36.25 4.32
CA SER C 1101 -0.54 36.90 3.83
C SER C 1101 -1.66 37.11 4.85
N GLN C 1102 -1.60 36.51 6.04
CA GLN C 1102 -2.64 36.67 7.06
C GLN C 1102 -4.01 36.24 6.51
N SER C 1103 -4.11 34.94 6.23
CA SER C 1103 -5.35 34.38 5.73
C SER C 1103 -6.48 34.54 6.75
N ASN C 1104 -7.71 34.59 6.23
CA ASN C 1104 -8.89 34.86 7.05
C ASN C 1104 -9.88 33.71 7.05
N ARG C 1105 -9.50 32.52 6.58
CA ARG C 1105 -10.41 31.39 6.57
C ARG C 1105 -10.55 30.81 7.97
N TYR C 1106 -11.79 30.61 8.40
CA TYR C 1106 -12.04 30.06 9.73
C TYR C 1106 -11.58 28.61 9.81
N GLY C 1107 -11.16 28.21 11.01
CA GLY C 1107 -10.73 26.85 11.24
C GLY C 1107 -9.41 26.50 10.63
N PHE C 1108 -8.76 27.46 9.96
CA PHE C 1108 -7.46 27.26 9.36
C PHE C 1108 -6.50 27.65 10.48
N CYS C 1109 -5.23 27.98 10.20
CA CYS C 1109 -4.23 28.17 11.26
C CYS C 1109 -4.80 28.85 12.50
N GLY C 1110 -4.83 28.14 13.63
CA GLY C 1110 -5.41 28.66 14.86
C GLY C 1110 -6.92 28.72 14.81
N ASN C 1111 -7.62 28.39 15.90
CA ASN C 1111 -9.06 28.26 15.81
C ASN C 1111 -9.78 29.61 15.87
N GLY C 1112 -9.06 30.68 16.09
CA GLY C 1112 -9.66 31.99 16.22
C GLY C 1112 -9.19 32.97 15.16
N THR C 1113 -8.76 34.16 15.58
CA THR C 1113 -8.37 35.20 14.66
C THR C 1113 -6.86 35.22 14.56
N HIS C 1114 -6.35 34.97 13.35
CA HIS C 1114 -4.92 34.87 13.13
C HIS C 1114 -4.25 36.24 13.13
N ILE C 1115 -3.00 36.28 13.57
CA ILE C 1115 -2.23 37.52 13.58
C ILE C 1115 -0.93 37.34 12.78
N PHE C 1116 -0.10 36.39 13.22
CA PHE C 1116 1.11 36.04 12.47
C PHE C 1116 1.50 34.61 12.86
N SER C 1117 2.63 34.15 12.34
CA SER C 1117 3.11 32.81 12.61
C SER C 1117 4.63 32.77 12.52
N ILE C 1118 5.24 31.78 13.16
CA ILE C 1118 6.68 31.61 13.18
C ILE C 1118 6.99 30.16 12.82
N VAL C 1119 8.07 29.97 12.07
CA VAL C 1119 8.49 28.66 11.59
C VAL C 1119 9.79 28.27 12.28
N ASN C 1120 9.91 27.00 12.67
CA ASN C 1120 11.14 26.45 13.19
C ASN C 1120 11.28 25.02 12.70
N SER C 1121 12.53 24.54 12.65
CA SER C 1121 12.81 23.22 12.11
C SER C 1121 12.66 22.16 13.19
N ALA C 1122 12.65 20.90 12.76
CA ALA C 1122 12.41 19.73 13.60
C ALA C 1122 12.96 18.51 12.87
N PRO C 1123 12.98 17.32 13.49
CA PRO C 1123 13.44 16.13 12.74
C PRO C 1123 12.66 15.91 11.46
N ASP C 1124 13.34 16.08 10.32
CA ASP C 1124 12.79 15.96 8.97
C ASP C 1124 11.36 16.51 8.88
N GLY C 1125 11.22 17.78 9.26
CA GLY C 1125 9.92 18.41 9.21
C GLY C 1125 10.01 19.83 9.73
N LEU C 1126 8.84 20.45 9.85
CA LEU C 1126 8.71 21.82 10.32
C LEU C 1126 7.75 21.88 11.52
N LEU C 1127 7.93 22.91 12.32
CA LEU C 1127 7.09 23.12 13.51
C LEU C 1127 6.59 24.56 13.49
N PHE C 1128 5.30 24.74 13.29
CA PHE C 1128 4.71 26.07 13.21
C PHE C 1128 4.36 26.58 14.60
N LEU C 1129 4.22 27.90 14.72
CA LEU C 1129 3.87 28.57 15.97
C LEU C 1129 2.84 29.66 15.65
N HIS C 1130 1.57 29.30 15.70
CA HIS C 1130 0.51 30.25 15.41
C HIS C 1130 0.34 31.23 16.58
N THR C 1131 -0.37 32.32 16.30
CA THR C 1131 -0.64 33.35 17.31
C THR C 1131 -2.04 33.90 17.06
N VAL C 1132 -2.94 33.67 18.01
CA VAL C 1132 -4.34 34.04 17.82
C VAL C 1132 -4.79 34.96 18.96
N LEU C 1133 -6.05 35.40 18.91
CA LEU C 1133 -6.63 36.22 19.94
C LEU C 1133 -7.81 35.49 20.60
N LEU C 1134 -8.07 35.84 21.86
CA LEU C 1134 -9.17 35.24 22.60
C LEU C 1134 -9.87 36.32 23.41
N PRO C 1135 -11.18 36.44 23.28
CA PRO C 1135 -11.91 37.44 24.08
C PRO C 1135 -11.98 37.07 25.55
N THR C 1136 -12.01 38.09 26.38
CA THR C 1136 -12.13 37.91 27.83
C THR C 1136 -13.39 38.52 28.39
N ASP C 1137 -13.67 39.79 28.10
CA ASP C 1137 -14.83 40.49 28.61
C ASP C 1137 -15.75 40.91 27.47
N TYR C 1138 -17.04 41.00 27.79
CA TYR C 1138 -18.04 41.37 26.81
C TYR C 1138 -18.69 42.67 27.27
N LYS C 1139 -19.37 43.33 26.33
CA LYS C 1139 -20.13 44.53 26.65
C LYS C 1139 -21.53 44.45 26.05
N ASN C 1140 -22.50 45.00 26.76
CA ASN C 1140 -23.90 44.98 26.36
C ASN C 1140 -24.23 46.25 25.60
N VAL C 1141 -24.90 46.11 24.46
CA VAL C 1141 -25.17 47.21 23.54
C VAL C 1141 -26.64 47.18 23.16
N LYS C 1142 -27.28 48.36 23.19
CA LYS C 1142 -28.68 48.49 22.78
C LYS C 1142 -28.70 48.84 21.30
N ALA C 1143 -28.87 47.83 20.45
CA ALA C 1143 -28.77 48.02 19.01
C ALA C 1143 -30.05 48.62 18.45
N TRP C 1144 -30.00 48.91 17.14
CA TRP C 1144 -31.15 49.37 16.39
C TRP C 1144 -31.09 48.71 15.01
N SER C 1145 -31.93 49.18 14.08
CA SER C 1145 -31.97 48.59 12.76
C SER C 1145 -32.10 49.61 11.64
N GLY C 1146 -32.08 50.90 11.93
CA GLY C 1146 -32.18 51.90 10.89
C GLY C 1146 -33.01 53.08 11.36
N ILE C 1147 -32.94 54.16 10.57
CA ILE C 1147 -33.62 55.41 10.87
C ILE C 1147 -34.68 55.64 9.82
N CYS C 1148 -35.92 55.88 10.26
CA CYS C 1148 -37.04 56.18 9.37
C CYS C 1148 -37.52 57.59 9.68
N VAL C 1149 -37.30 58.51 8.74
CA VAL C 1149 -37.66 59.90 8.92
C VAL C 1149 -38.98 60.18 8.20
N ASP C 1150 -39.92 60.83 8.91
CA ASP C 1150 -41.21 61.23 8.36
C ASP C 1150 -42.03 60.05 7.87
N GLY C 1151 -41.76 58.86 8.42
CA GLY C 1151 -42.60 57.69 8.18
C GLY C 1151 -42.45 57.03 6.83
N ILE C 1152 -41.87 57.70 5.83
CA ILE C 1152 -41.79 57.12 4.50
C ILE C 1152 -40.35 56.95 4.04
N TYR C 1153 -39.50 57.94 4.31
CA TYR C 1153 -38.09 57.85 3.95
C TYR C 1153 -37.33 57.14 5.05
N GLY C 1154 -36.56 56.13 4.69
CA GLY C 1154 -35.79 55.35 5.65
C GLY C 1154 -34.33 55.23 5.24
N TYR C 1155 -33.46 55.12 6.23
CA TYR C 1155 -32.03 54.97 6.03
C TYR C 1155 -31.54 53.71 6.72
N VAL C 1156 -30.65 52.97 6.06
CA VAL C 1156 -29.97 51.84 6.66
C VAL C 1156 -28.48 51.92 6.36
N LEU C 1157 -27.70 51.19 7.14
CA LEU C 1157 -26.25 51.16 6.98
C LEU C 1157 -25.87 50.33 5.76
N ARG C 1158 -25.00 50.89 4.91
CA ARG C 1158 -24.65 50.20 3.67
C ARG C 1158 -23.84 48.93 3.95
N GLN C 1159 -22.81 49.03 4.77
CA GLN C 1159 -21.98 47.87 5.02
C GLN C 1159 -22.64 46.95 6.04
N PRO C 1160 -22.65 45.64 5.80
CA PRO C 1160 -23.34 44.73 6.72
C PRO C 1160 -22.52 44.36 7.94
N ASN C 1161 -21.44 45.09 8.21
CA ASN C 1161 -20.58 44.83 9.35
C ASN C 1161 -20.54 46.01 10.32
N LEU C 1162 -21.60 46.82 10.36
CA LEU C 1162 -21.68 47.96 11.26
C LEU C 1162 -22.97 47.89 12.06
N VAL C 1163 -22.89 48.33 13.31
CA VAL C 1163 -24.02 48.32 14.22
C VAL C 1163 -24.31 49.75 14.63
N LEU C 1164 -25.55 50.18 14.45
CA LEU C 1164 -25.98 51.49 14.92
C LEU C 1164 -26.69 51.33 16.25
N TYR C 1165 -26.16 51.99 17.28
CA TYR C 1165 -26.69 51.81 18.63
C TYR C 1165 -26.75 53.17 19.32
N SER C 1166 -27.46 53.20 20.44
CA SER C 1166 -27.64 54.44 21.19
C SER C 1166 -27.68 54.11 22.68
N ASP C 1167 -26.82 54.76 23.45
CA ASP C 1167 -26.82 54.66 24.90
C ASP C 1167 -27.18 56.03 25.46
N ASN C 1168 -28.15 56.05 26.39
CA ASN C 1168 -28.58 57.22 27.15
C ASN C 1168 -28.54 58.52 26.34
N GLY C 1169 -29.08 58.44 25.12
CA GLY C 1169 -29.35 59.63 24.34
C GLY C 1169 -28.37 59.95 23.23
N VAL C 1170 -27.24 59.25 23.13
CA VAL C 1170 -26.25 59.51 22.10
C VAL C 1170 -26.10 58.28 21.23
N PHE C 1171 -26.05 58.49 19.92
CA PHE C 1171 -25.96 57.42 18.93
C PHE C 1171 -24.51 57.29 18.46
N ARG C 1172 -24.06 56.04 18.33
CA ARG C 1172 -22.70 55.75 17.89
C ARG C 1172 -22.72 54.54 16.97
N VAL C 1173 -21.64 54.38 16.22
CA VAL C 1173 -21.49 53.28 15.25
C VAL C 1173 -20.21 52.54 15.59
N THR C 1174 -20.30 51.21 15.67
CA THR C 1174 -19.16 50.36 15.96
C THR C 1174 -19.18 49.14 15.04
N SER C 1175 -18.16 48.29 15.20
CA SER C 1175 -18.06 47.07 14.41
C SER C 1175 -18.79 45.93 15.11
N ARG C 1176 -18.75 44.74 14.50
CA ARG C 1176 -19.36 43.56 15.08
C ARG C 1176 -18.36 42.54 15.60
N VAL C 1177 -17.08 42.70 15.31
CA VAL C 1177 -16.06 41.78 15.78
C VAL C 1177 -15.33 42.34 16.99
N MET C 1178 -14.92 43.59 16.94
CA MET C 1178 -14.35 44.29 18.08
C MET C 1178 -15.27 45.45 18.48
N PHE C 1179 -14.90 46.12 19.56
CA PHE C 1179 -15.68 47.25 20.07
C PHE C 1179 -14.84 48.52 19.90
N GLN C 1180 -15.04 49.21 18.78
CA GLN C 1180 -14.32 50.44 18.46
C GLN C 1180 -15.34 51.53 18.13
N PRO C 1181 -15.90 52.20 19.12
CA PRO C 1181 -16.92 53.22 18.85
C PRO C 1181 -16.33 54.46 18.20
N ARG C 1182 -17.19 55.14 17.43
CA ARG C 1182 -16.85 56.43 16.85
C ARG C 1182 -18.16 57.16 16.55
N LEU C 1183 -18.06 58.25 15.80
CA LEU C 1183 -19.24 59.03 15.48
C LEU C 1183 -19.76 58.69 14.09
N PRO C 1184 -21.07 58.69 13.89
CA PRO C 1184 -21.61 58.41 12.56
C PRO C 1184 -21.48 59.62 11.64
N VAL C 1185 -21.38 59.33 10.34
CA VAL C 1185 -21.30 60.34 9.30
C VAL C 1185 -22.30 60.00 8.20
N LEU C 1186 -22.66 61.02 7.42
CA LEU C 1186 -23.66 60.84 6.37
C LEU C 1186 -23.21 59.87 5.28
N SER C 1187 -21.92 59.61 5.17
CA SER C 1187 -21.38 58.75 4.12
C SER C 1187 -21.55 57.27 4.41
N ASP C 1188 -22.39 56.89 5.39
CA ASP C 1188 -22.57 55.49 5.74
C ASP C 1188 -24.01 55.03 5.57
N PHE C 1189 -24.90 55.86 5.03
CA PHE C 1189 -26.32 55.55 4.97
C PHE C 1189 -26.81 55.57 3.53
N VAL C 1190 -27.72 54.66 3.20
CA VAL C 1190 -28.37 54.62 1.90
C VAL C 1190 -29.86 54.83 2.12
N GLN C 1191 -30.64 54.86 1.05
CA GLN C 1191 -32.07 55.18 1.14
C GLN C 1191 -32.87 53.90 0.85
N ILE C 1192 -33.69 53.51 1.82
CA ILE C 1192 -34.27 52.16 1.88
C ILE C 1192 -35.80 52.26 1.92
N TYR C 1193 -36.35 53.18 1.15
CA TYR C 1193 -37.72 53.70 1.30
C TYR C 1193 -38.80 52.67 1.64
N ASN C 1194 -39.82 53.16 2.37
CA ASN C 1194 -40.95 52.39 2.92
C ASN C 1194 -40.61 51.64 4.22
N CYS C 1195 -39.64 52.16 4.97
CA CYS C 1195 -39.75 52.27 6.42
C CYS C 1195 -40.35 51.09 7.18
N ASN C 1196 -39.66 49.96 7.27
CA ASN C 1196 -40.09 48.90 8.16
C ASN C 1196 -40.38 49.46 9.56
N VAL C 1197 -41.32 48.81 10.25
CA VAL C 1197 -41.91 49.41 11.45
C VAL C 1197 -40.91 49.51 12.62
N THR C 1198 -40.04 48.52 12.79
CA THR C 1198 -39.15 48.50 13.96
C THR C 1198 -37.93 49.40 13.76
N PHE C 1199 -38.16 50.65 13.41
CA PHE C 1199 -37.12 51.65 13.20
C PHE C 1199 -37.18 52.70 14.30
N VAL C 1200 -36.37 53.74 14.14
CA VAL C 1200 -36.35 54.86 15.07
C VAL C 1200 -37.23 55.97 14.51
N ASN C 1201 -38.22 56.41 15.28
CA ASN C 1201 -39.11 57.48 14.87
C ASN C 1201 -38.45 58.82 15.16
N ILE C 1202 -38.20 59.61 14.11
CA ILE C 1202 -37.58 60.92 14.26
C ILE C 1202 -37.97 61.80 13.07
N SER C 1203 -38.24 63.07 13.34
CA SER C 1203 -38.60 64.01 12.29
C SER C 1203 -37.34 64.60 11.65
N ARG C 1204 -37.51 65.15 10.44
CA ARG C 1204 -36.37 65.68 9.70
C ARG C 1204 -35.80 66.94 10.32
N VAL C 1205 -36.58 67.68 11.10
CA VAL C 1205 -36.07 68.89 11.73
C VAL C 1205 -35.04 68.56 12.81
N GLU C 1206 -35.04 67.34 13.34
CA GLU C 1206 -34.13 66.96 14.41
C GLU C 1206 -33.19 65.83 13.99
N LEU C 1207 -32.92 65.72 12.69
CA LEU C 1207 -32.04 64.66 12.20
C LEU C 1207 -30.58 64.90 12.58
N HIS C 1208 -30.19 66.15 12.83
CA HIS C 1208 -28.81 66.44 13.15
C HIS C 1208 -28.39 65.92 14.52
N THR C 1209 -29.33 65.51 15.37
CA THR C 1209 -28.99 65.01 16.69
C THR C 1209 -28.54 63.56 16.68
N VAL C 1210 -28.73 62.85 15.57
CA VAL C 1210 -28.25 61.49 15.43
C VAL C 1210 -27.13 61.40 14.41
N ILE C 1211 -27.18 62.21 13.35
CA ILE C 1211 -26.15 62.28 12.32
C ILE C 1211 -25.57 63.69 12.35
N PRO C 1212 -24.43 63.92 12.97
CA PRO C 1212 -23.76 65.21 12.87
C PRO C 1212 -23.21 65.39 11.46
N ASP C 1213 -22.74 66.61 11.18
CA ASP C 1213 -22.20 66.97 9.86
C ASP C 1213 -23.25 66.78 8.76
N TYR C 1214 -24.52 66.97 9.14
CA TYR C 1214 -25.63 66.93 8.18
C TYR C 1214 -26.54 68.10 8.45
N VAL C 1215 -26.93 68.82 7.40
CA VAL C 1215 -27.88 69.92 7.51
C VAL C 1215 -28.67 69.98 6.21
N ASP C 1216 -29.95 70.33 6.33
CA ASP C 1216 -30.78 70.53 5.15
C ASP C 1216 -30.41 71.84 4.48
N VAL C 1217 -29.96 71.74 3.23
CA VAL C 1217 -29.42 72.92 2.56
C VAL C 1217 -30.50 73.92 2.13
N ASN C 1218 -31.51 73.49 1.38
CA ASN C 1218 -32.52 74.44 0.94
C ASN C 1218 -33.38 74.91 2.10
N LYS C 1219 -33.67 74.05 3.06
CA LYS C 1219 -34.45 74.49 4.22
C LYS C 1219 -33.72 75.56 5.02
N THR C 1220 -32.40 75.45 5.19
CA THR C 1220 -31.65 76.49 5.88
C THR C 1220 -31.56 77.76 5.06
N LEU C 1221 -31.33 77.65 3.75
CA LEU C 1221 -31.25 78.86 2.94
C LEU C 1221 -32.63 79.48 2.72
N GLN C 1222 -33.69 78.73 3.01
CA GLN C 1222 -35.06 79.22 2.88
C GLN C 1222 -35.51 79.89 4.16
N GLU C 1223 -35.39 79.19 5.30
CA GLU C 1223 -35.73 79.73 6.60
C GLU C 1223 -34.98 81.03 6.80
N PHE C 1224 -33.80 81.12 6.19
CA PHE C 1224 -33.18 82.40 5.92
C PHE C 1224 -34.02 83.07 4.84
N ALA C 1225 -34.96 83.92 5.29
CA ALA C 1225 -35.98 84.61 4.48
C ALA C 1225 -37.21 83.76 4.13
N GLN C 1226 -37.46 82.67 4.85
CA GLN C 1226 -38.82 82.11 4.91
C GLN C 1226 -39.60 82.70 6.07
N ASN C 1227 -38.97 82.83 7.23
CA ASN C 1227 -39.46 83.70 8.30
C ASN C 1227 -39.00 85.12 8.05
N LEU C 1228 -39.59 85.74 7.01
CA LEU C 1228 -39.11 86.99 6.42
C LEU C 1228 -38.78 88.04 7.47
N PRO C 1229 -39.73 88.50 8.31
CA PRO C 1229 -39.41 89.58 9.24
C PRO C 1229 -38.71 89.10 10.51
N LYS C 1230 -39.05 87.89 10.98
CA LYS C 1230 -38.60 87.45 12.28
C LYS C 1230 -37.09 87.19 12.31
N TYR C 1231 -36.58 86.45 11.33
CA TYR C 1231 -35.17 86.13 11.29
C TYR C 1231 -34.60 86.48 9.93
N VAL C 1232 -33.51 87.25 9.91
CA VAL C 1232 -32.89 87.76 11.12
C VAL C 1232 -33.64 89.03 11.56
N LYS C 1233 -33.48 89.42 12.82
CA LYS C 1233 -34.17 90.58 13.34
C LYS C 1233 -33.72 91.84 12.59
N PRO C 1234 -34.61 92.81 12.43
CA PRO C 1234 -34.27 94.02 11.67
C PRO C 1234 -33.28 94.95 12.36
N ASN C 1235 -32.82 94.61 13.56
CA ASN C 1235 -31.80 95.39 14.26
C ASN C 1235 -30.39 95.01 13.85
N PHE C 1236 -30.23 94.01 12.98
CA PHE C 1236 -28.94 93.60 12.46
C PHE C 1236 -28.87 94.01 10.99
N ASP C 1237 -27.86 94.82 10.65
CA ASP C 1237 -27.73 95.38 9.31
C ASP C 1237 -26.25 95.63 9.05
N LEU C 1238 -25.93 95.83 7.77
CA LEU C 1238 -24.57 96.19 7.39
C LEU C 1238 -24.15 97.49 8.06
N THR C 1239 -22.90 97.51 8.52
CA THR C 1239 -22.36 98.73 9.12
C THR C 1239 -22.37 99.94 8.19
N PRO C 1240 -22.06 99.83 6.88
CA PRO C 1240 -22.12 101.04 6.04
C PRO C 1240 -23.48 101.71 6.03
N PHE C 1241 -24.58 100.95 6.06
CA PHE C 1241 -25.90 101.57 6.10
C PHE C 1241 -26.21 102.12 7.48
N ASN C 1242 -25.67 101.50 8.53
CA ASN C 1242 -25.60 102.11 9.86
C ASN C 1242 -26.99 102.40 10.44
N LEU C 1243 -27.98 101.57 10.10
CA LEU C 1243 -29.32 101.69 10.68
C LEU C 1243 -29.91 103.08 10.31
N THR C 1244 -30.96 103.63 10.96
CA THR C 1244 -31.70 103.18 12.13
C THR C 1244 -33.17 102.94 11.79
N TYR C 1245 -33.79 102.02 12.54
CA TYR C 1245 -35.21 101.72 12.36
C TYR C 1245 -35.93 102.00 13.67
N LEU C 1246 -37.23 101.68 13.69
CA LEU C 1246 -38.08 101.82 14.87
C LEU C 1246 -38.11 103.27 15.37
N ASN C 1247 -38.09 104.23 14.45
CA ASN C 1247 -38.18 105.64 14.79
C ASN C 1247 -39.44 106.30 14.25
N LEU C 1248 -40.55 105.56 14.21
CA LEU C 1248 -41.85 106.17 13.90
C LEU C 1248 -42.38 106.97 15.08
N SER C 1249 -41.97 106.61 16.29
CA SER C 1249 -42.47 107.28 17.49
C SER C 1249 -42.07 108.75 17.50
N SER C 1250 -40.87 109.06 17.03
CA SER C 1250 -40.44 110.46 16.98
C SER C 1250 -41.31 111.28 16.04
N GLU C 1251 -41.61 110.73 14.86
CA GLU C 1251 -42.49 111.43 13.92
C GLU C 1251 -43.88 111.60 14.50
N LEU C 1252 -44.40 110.56 15.15
CA LEU C 1252 -45.73 110.65 15.76
C LEU C 1252 -45.75 111.72 16.85
N LYS C 1253 -44.70 111.79 17.67
CA LYS C 1253 -44.64 112.77 18.73
C LYS C 1253 -44.55 114.19 18.17
N GLN C 1254 -43.75 114.37 17.12
CA GLN C 1254 -43.64 115.69 16.49
C GLN C 1254 -44.98 116.13 15.91
N LEU C 1255 -45.66 115.24 15.19
CA LEU C 1255 -46.96 115.58 14.62
C LEU C 1255 -47.97 115.89 15.71
N GLU C 1256 -48.00 115.09 16.78
CA GLU C 1256 -48.93 115.33 17.89
C GLU C 1256 -48.65 116.65 18.57
N ALA C 1257 -47.38 116.99 18.81
CA ALA C 1257 -47.05 118.26 19.43
C ALA C 1257 -47.47 119.43 18.56
N LYS C 1258 -47.20 119.35 17.25
CA LYS C 1258 -47.61 120.42 16.35
C LYS C 1258 -49.12 120.58 16.34
N THR C 1259 -49.84 119.45 16.27
CA THR C 1259 -51.30 119.49 16.24
C THR C 1259 -51.86 120.09 17.53
N ALA C 1260 -51.29 119.69 18.68
CA ALA C 1260 -51.77 120.21 19.96
C ALA C 1260 -51.51 121.70 20.09
N SER C 1261 -50.32 122.15 19.68
CA SER C 1261 -50.02 123.59 19.75
C SER C 1261 -50.97 124.38 18.85
N LEU C 1262 -51.18 123.90 17.62
CA LEU C 1262 -52.09 124.60 16.72
C LEU C 1262 -53.51 124.59 17.25
N PHE C 1263 -53.93 123.49 17.86
CA PHE C 1263 -55.28 123.39 18.40
C PHE C 1263 -55.47 124.37 19.56
N GLN C 1264 -54.49 124.45 20.46
CA GLN C 1264 -54.58 125.41 21.56
C GLN C 1264 -54.62 126.84 21.04
N THR C 1265 -53.77 127.15 20.04
CA THR C 1265 -53.78 128.49 19.46
C THR C 1265 -55.14 128.81 18.84
N THR C 1266 -55.72 127.85 18.11
CA THR C 1266 -57.01 128.08 17.48
C THR C 1266 -58.12 128.24 18.51
N VAL C 1267 -58.07 127.47 19.60
CA VAL C 1267 -59.08 127.60 20.64
C VAL C 1267 -59.00 128.98 21.30
N GLU C 1268 -57.78 129.44 21.61
CA GLU C 1268 -57.63 130.77 22.17
C GLU C 1268 -58.12 131.84 21.20
N LEU C 1269 -57.79 131.68 19.92
CA LEU C 1269 -58.24 132.63 18.91
C LEU C 1269 -59.76 132.66 18.82
N GLN C 1270 -60.40 131.49 18.86
CA GLN C 1270 -61.86 131.43 18.78
C GLN C 1270 -62.50 132.09 20.00
N GLY C 1271 -61.94 131.87 21.18
CA GLY C 1271 -62.45 132.56 22.36
C GLY C 1271 -62.33 134.06 22.23
N LEU C 1272 -61.18 134.53 21.72
CA LEU C 1272 -61.00 135.96 21.50
C LEU C 1272 -62.02 136.50 20.49
N ILE C 1273 -62.26 135.75 19.42
CA ILE C 1273 -63.22 136.18 18.40
C ILE C 1273 -64.61 136.29 19.00
N ASP C 1274 -65.01 135.31 19.80
CA ASP C 1274 -66.32 135.37 20.45
C ASP C 1274 -66.43 136.57 21.36
N GLN C 1275 -65.39 136.83 22.16
CA GLN C 1275 -65.43 137.97 23.07
C GLN C 1275 -65.56 139.28 22.31
N ILE C 1276 -64.79 139.44 21.23
CA ILE C 1276 -64.81 140.68 20.46
C ILE C 1276 -66.15 140.84 19.75
N ASN C 1277 -66.70 139.75 19.22
CA ASN C 1277 -68.02 139.77 18.62
C ASN C 1277 -69.05 140.27 19.62
N SER C 1278 -69.06 139.68 20.82
CA SER C 1278 -70.01 140.07 21.84
C SER C 1278 -69.85 141.54 22.23
N THR C 1279 -68.59 141.99 22.37
CA THR C 1279 -68.36 143.35 22.84
C THR C 1279 -68.78 144.39 21.79
N TYR C 1280 -68.44 144.15 20.51
CA TYR C 1280 -68.93 145.05 19.47
C TYR C 1280 -70.45 145.03 19.35
N VAL C 1281 -71.07 143.86 19.52
CA VAL C 1281 -72.54 143.83 19.53
C VAL C 1281 -73.07 144.72 20.65
N ASP C 1282 -72.47 144.60 21.84
CA ASP C 1282 -72.92 145.40 22.97
C ASP C 1282 -72.72 146.89 22.73
N LEU C 1283 -71.56 147.28 22.18
CA LEU C 1283 -71.28 148.68 21.94
C LEU C 1283 -72.22 149.28 20.89
N LYS C 1284 -72.46 148.54 19.80
CA LYS C 1284 -73.38 149.01 18.78
C LYS C 1284 -74.79 149.12 19.33
N LEU C 1285 -75.19 148.16 20.18
CA LEU C 1285 -76.51 148.24 20.81
C LEU C 1285 -76.61 149.46 21.72
N LEU C 1286 -75.56 149.75 22.47
CA LEU C 1286 -75.56 150.94 23.32
C LEU C 1286 -75.66 152.22 22.49
N ASN C 1287 -74.92 152.29 21.38
CA ASN C 1287 -74.98 153.46 20.51
C ASN C 1287 -76.38 153.64 19.94
N ARG C 1288 -76.98 152.54 19.46
CA ARG C 1288 -78.34 152.63 18.91
C ARG C 1288 -79.35 153.01 19.98
N PHE C 1289 -79.15 152.50 21.20
CA PHE C 1289 -80.06 152.84 22.30
C PHE C 1289 -79.96 154.33 22.64
N GLU C 1290 -78.75 154.86 22.71
CA GLU C 1290 -78.55 156.28 22.96
C GLU C 1290 -79.10 157.14 21.82
N ASN C 1291 -79.06 156.65 20.58
CA ASN C 1291 -79.67 157.39 19.48
C ASN C 1291 -81.19 157.31 19.53
N TYR C 1292 -81.73 156.21 20.07
CA TYR C 1292 -83.18 156.01 20.05
C TYR C 1292 -83.89 156.95 21.02
N ILE C 1293 -83.38 157.05 22.24
CA ILE C 1293 -84.06 157.80 23.30
C ILE C 1293 -83.76 159.29 23.14
N LYS C 1294 -84.57 160.11 23.82
CA LYS C 1294 -84.39 161.55 23.77
C LYS C 1294 -83.15 161.97 24.55
N TRP C 1295 -82.68 163.18 24.25
CA TRP C 1295 -81.41 163.64 24.82
C TRP C 1295 -81.49 164.06 26.29
N PRO C 1296 -82.45 164.89 26.75
CA PRO C 1296 -82.27 165.54 28.05
C PRO C 1296 -82.63 164.68 29.26
N TRP C 1297 -82.79 163.37 29.06
CA TRP C 1297 -83.02 162.48 30.20
C TRP C 1297 -81.71 162.25 30.96
#